data_5IDF
#
_entry.id   5IDF
#
_cell.length_a   1
_cell.length_b   1
_cell.length_c   1
_cell.angle_alpha   90
_cell.angle_beta   90
_cell.angle_gamma   90
#
_symmetry.space_group_name_H-M   'P 1'
#
loop_
_entity.id
_entity.type
_entity.pdbx_description
1 polymer 'Glutamate receptor 2'
2 polymer 'Glutamate receptor 3'
#
loop_
_entity_poly.entity_id
_entity_poly.type
_entity_poly.pdbx_seq_one_letter_code
_entity_poly.pdbx_strand_id
1 'polypeptide(L)'
;VEQKLISEEDLSSNSIQIGGLFPRGADQEYSAFRVGMVQFSTSEFRLTPHIDNLEVANSFAVTNAFCSQFSRGVYAIFGF
YDKKSVNTITSFCGTLHVSFITPSFPTDGTHPFVIQMRPDLKGALLSLIEYYQWDKFAYLYDSDRGLSTLQAVLDSAAEK
KWQVTAINVGNINNDKKDETYRSLFQDLELKKERRVILDCERDKVNDIVDQVITIGKHVKGYHYIIANLGFTDGDLLKIQ
FGGANVSGFQIVDYDDSLVSKFIERWSTLEEKEYPGAHTATIKYTSALTYDAVQVMTEAFRCLRKQRIEISRRGNAGDCL
ANPAVPWGQGVEIERALKQVQVEGLSGNIKFDQNGKRINYTINIMELKTNGPRKIGYWSEVDKMVVTLTELPSGNDTSGL
ENKTVVVTTILESPYVMMKKNHEMLEGNERYEGYCVDLAAEIAKHCGFKYKLTIVGDGKYGARDADTKIWNGMVGELVYG
KADIAIAPLTITLVREEVIDFSKPFMSLGISIMIKKPQKSKPGVFSFLDPLAYEIWMCIVFAYIGVSVVLFLVSRFSPYE
WHTEEFEDGRETQSSESTNEFGIFNSLWFSLGAFMQQGCDISPRSLSGRIVGGVWWFFTLIIISSYTANLAAFLTVERMV
SPIESAEDLSKQTEIAYGTLDSGSTKEFFRRSKIAVFDKMWTYMRSAEPSVFVRTTAEGVARVRKSKGKYAYLLESTMNE
YIEQRKPCDTMKVGGNLDSKGYGIATPKGSSLGTPVNLAVLKLSEQGVLDKLKNKWWYDKGECGAKDSGSKEKTSALSLS
NVAGVFYILVGGLGLAMLVALIEFCYKSRAEAKRMKVAKNPQNINPSSSQNSQNFATYKEGYNVYGIESVKI
;
A,C
2 'polypeptide(L)'
;GDYKDDDDKFPNTISIGGLFMRNTVQEHSAFRFAVQLYNTNQNTTEKPFHLNYHVDHLDSSNSFSVTNAFCSQFSRGVYA
IFGFYDQMSMNTLTSFCGALHTSFVTPSFPTDADVQFVIQMRPALKGAILSLLSYYKWEKFVYLYDTERGFSVLQAIMEA
AVQNNWQVTARSVGNIKDVQEFRRIIEEMDRRQEKRYLIDCEVERINTILEQVVILGKHSRGYHYMLANLGFTDILLERV
MHGGANITGFQIVNNENPMVQQFIQRWVRLDECEFPEAKNAPLKYTSALTHDAILVIAEAFRYLRRQRVDVSRRGSAGDC
LANPAVPWSQGIDIERALKMVQVQGMTGNIQFDTYGRRTNYTIDVYEMKVSGSRKAGYWNEYERFVPFSDQQISNDSSSS
ENRTIVVTTILESPYVMYKKNHEQLEGNERYEGYCVDLAYEIAKHVGIKYKLSIVGDGKYGARDPETKIWNGMVGELVYG
RADIAVAPLTITLVREEVIDFSKPFMSLGISIMIKKPQKSKPGVFSFLDPLAYEIWMCIVFAYIGVSVVLFLVSRFSPYE
WHLEDNNEEPRDPQSPPDPPNEFGIFNSLWFSLGAFMQQGCDISPRSLSGRIVGGVWWFFTLIIISSYTANLAAFLTVER
MVSPIESAEDLAKQTEIAYGTLDSGSTKEFFRRSKIAVYEKMWSYMKSAEPSVFTKTTADGVARVRKSKGKFAFLLESTM
NEYIEQRKPCDTMKVGGNLDSKGYGVATPKGSALGTPVNLAVLKLSEQGILDKLKNKWWYDKGECGAKDSGSKDKTSALS
LSNVAGVFYILVGGLGLAMMVALIEFCYKSRAESKRMKLTKNTQNFKPAPATNTQNYATYREGYNVYGTESVKI
;
B,D
#
# COMPACT_ATOMS: atom_id res chain seq x y z
N ASN A 14 6.50 -67.90 10.94
CA ASN A 14 7.26 -67.61 9.73
C ASN A 14 8.38 -66.60 10.02
N SER A 15 9.25 -66.40 9.03
CA SER A 15 10.38 -65.50 9.19
C SER A 15 10.53 -64.55 7.99
N ILE A 16 11.08 -63.38 8.26
CA ILE A 16 11.29 -62.38 7.23
C ILE A 16 12.76 -61.97 7.28
N GLN A 17 13.43 -61.98 6.14
CA GLN A 17 14.86 -61.64 6.07
C GLN A 17 15.08 -60.12 6.09
N ILE A 18 16.02 -59.65 6.92
CA ILE A 18 16.37 -58.25 6.94
C ILE A 18 17.88 -58.08 6.89
N GLY A 19 18.33 -56.91 6.47
CA GLY A 19 19.75 -56.60 6.51
C GLY A 19 20.08 -55.81 7.76
N GLY A 20 21.32 -55.92 8.22
CA GLY A 20 21.80 -55.13 9.34
C GLY A 20 23.20 -54.66 9.04
N LEU A 21 23.35 -53.34 8.87
CA LEU A 21 24.62 -52.73 8.49
C LEU A 21 25.18 -51.89 9.63
N PHE A 22 26.22 -52.42 10.26
CA PHE A 22 26.78 -51.87 11.49
C PHE A 22 28.18 -51.29 11.31
N PRO A 23 28.38 -50.07 11.82
CA PRO A 23 29.71 -49.44 11.73
C PRO A 23 30.66 -50.09 12.71
N ARG A 24 31.95 -50.00 12.42
CA ARG A 24 32.95 -50.43 13.37
C ARG A 24 32.77 -49.58 14.63
N GLY A 25 32.78 -50.21 15.79
CA GLY A 25 32.64 -49.48 17.05
C GLY A 25 31.22 -49.34 17.56
N ALA A 26 30.27 -49.93 16.84
CA ALA A 26 28.88 -49.91 17.29
C ALA A 26 28.60 -51.22 17.99
N ASP A 27 29.48 -51.57 18.93
CA ASP A 27 29.39 -52.85 19.64
C ASP A 27 28.14 -52.93 20.50
N GLN A 28 27.89 -51.89 21.30
CA GLN A 28 26.71 -51.95 22.18
C GLN A 28 25.42 -51.92 21.37
N GLU A 29 25.42 -51.19 20.25
CA GLU A 29 24.22 -51.16 19.41
C GLU A 29 23.94 -52.53 18.84
N TYR A 30 24.99 -53.26 18.44
CA TYR A 30 24.79 -54.62 17.97
C TYR A 30 24.26 -55.54 19.10
N SER A 31 24.78 -55.38 20.31
CA SER A 31 24.25 -56.17 21.42
C SER A 31 22.78 -55.86 21.63
N ALA A 32 22.44 -54.59 21.56
CA ALA A 32 21.03 -54.20 21.73
C ALA A 32 20.15 -54.77 20.61
N PHE A 33 20.69 -54.81 19.40
CA PHE A 33 19.99 -55.41 18.25
C PHE A 33 19.73 -56.89 18.52
N ARG A 34 20.77 -57.62 18.95
CA ARG A 34 20.61 -59.05 19.24
C ARG A 34 19.61 -59.30 20.37
N VAL A 35 19.68 -58.49 21.42
CA VAL A 35 18.74 -58.61 22.54
C VAL A 35 17.31 -58.32 22.09
N GLY A 36 17.15 -57.31 21.23
CA GLY A 36 15.86 -57.00 20.65
C GLY A 36 15.29 -58.17 19.86
N MET A 37 16.15 -58.81 19.06
CA MET A 37 15.71 -59.94 18.25
C MET A 37 15.16 -61.06 19.13
N VAL A 38 15.77 -61.27 20.29
CA VAL A 38 15.28 -62.29 21.21
C VAL A 38 13.97 -61.83 21.84
N GLN A 39 13.96 -60.60 22.37
CA GLN A 39 12.80 -60.08 23.06
C GLN A 39 11.53 -60.11 22.22
N PHE A 40 11.66 -59.70 20.97
CA PHE A 40 10.49 -59.47 20.13
C PHE A 40 10.13 -60.60 19.20
N SER A 41 10.95 -61.66 19.20
CA SER A 41 10.60 -62.85 18.43
C SER A 41 9.48 -63.59 19.13
N THR A 42 8.71 -64.35 18.37
CA THR A 42 7.74 -65.26 18.95
C THR A 42 7.83 -66.60 18.23
N SER A 43 7.12 -67.60 18.74
CA SER A 43 7.11 -68.90 18.08
C SER A 43 6.44 -68.80 16.72
N GLU A 44 5.70 -67.72 16.50
CA GLU A 44 4.89 -67.57 15.29
C GLU A 44 5.52 -66.63 14.26
N PHE A 45 6.41 -65.77 14.71
CA PHE A 45 7.07 -64.84 13.79
C PHE A 45 8.42 -64.35 14.31
N ARG A 46 9.42 -64.33 13.41
CA ARG A 46 10.74 -63.83 13.76
C ARG A 46 11.38 -63.14 12.56
N LEU A 47 12.33 -62.25 12.85
CA LEU A 47 13.17 -61.65 11.83
C LEU A 47 14.46 -62.45 11.69
N THR A 48 14.94 -62.59 10.46
CA THR A 48 16.21 -63.27 10.19
C THR A 48 17.20 -62.27 9.62
N PRO A 49 18.12 -61.79 10.46
CA PRO A 49 19.02 -60.72 9.99
C PRO A 49 20.27 -61.26 9.31
N HIS A 50 20.79 -60.46 8.38
CA HIS A 50 22.07 -60.73 7.75
C HIS A 50 22.94 -59.52 7.99
N ILE A 51 24.01 -59.72 8.76
CA ILE A 51 24.79 -58.61 9.30
C ILE A 51 26.07 -58.35 8.50
N ASP A 52 26.26 -57.11 8.06
CA ASP A 52 27.51 -56.68 7.40
C ASP A 52 28.14 -55.62 8.26
N ASN A 53 29.48 -55.60 8.33
CA ASN A 53 30.12 -54.60 9.17
C ASN A 53 31.03 -53.71 8.34
N LEU A 54 30.72 -52.41 8.30
CA LEU A 54 31.31 -51.53 7.28
C LEU A 54 31.78 -50.17 7.80
N GLU A 55 32.67 -49.54 7.02
CA GLU A 55 33.13 -48.18 7.30
C GLU A 55 32.06 -47.24 6.78
N VAL A 56 31.22 -46.73 7.67
CA VAL A 56 30.10 -45.89 7.24
C VAL A 56 30.52 -44.57 6.59
N ALA A 57 31.74 -44.11 6.86
CA ALA A 57 32.21 -42.87 6.23
C ALA A 57 32.60 -43.04 4.77
N ASN A 58 32.66 -44.29 4.29
CA ASN A 58 33.15 -44.59 2.95
C ASN A 58 31.96 -44.95 2.06
N SER A 59 31.59 -44.03 1.16
CA SER A 59 30.36 -44.20 0.38
C SER A 59 30.45 -45.40 -0.56
N PHE A 60 31.65 -45.70 -1.05
CA PHE A 60 31.81 -46.87 -1.90
C PHE A 60 31.47 -48.14 -1.10
N ALA A 61 31.99 -48.24 0.12
CA ALA A 61 31.75 -49.40 0.96
C ALA A 61 30.28 -49.50 1.38
N VAL A 62 29.66 -48.35 1.64
CA VAL A 62 28.25 -48.32 1.99
C VAL A 62 27.39 -48.76 0.80
N THR A 63 27.77 -48.32 -0.39
CA THR A 63 27.09 -48.74 -1.60
C THR A 63 27.19 -50.24 -1.73
N ASN A 64 28.39 -50.79 -1.53
CA ASN A 64 28.56 -52.22 -1.68
C ASN A 64 27.69 -52.99 -0.69
N ALA A 65 27.64 -52.53 0.55
CA ALA A 65 26.87 -53.21 1.58
C ALA A 65 25.37 -53.16 1.30
N PHE A 66 24.89 -51.99 0.94
CA PHE A 66 23.48 -51.79 0.69
C PHE A 66 23.07 -52.66 -0.50
N CYS A 67 23.89 -52.65 -1.53
CA CYS A 67 23.54 -53.38 -2.75
C CYS A 67 23.58 -54.88 -2.54
N SER A 68 24.50 -55.35 -1.69
CA SER A 68 24.56 -56.76 -1.35
C SER A 68 23.28 -57.21 -0.64
N GLN A 69 22.77 -56.36 0.23
CA GLN A 69 21.50 -56.66 0.92
C GLN A 69 20.32 -56.66 -0.05
N PHE A 70 20.26 -55.66 -0.91
CA PHE A 70 19.28 -55.61 -1.99
C PHE A 70 19.32 -56.91 -2.79
N SER A 71 20.53 -57.37 -3.10
CA SER A 71 20.72 -58.60 -3.88
C SER A 71 20.14 -59.81 -3.19
N ARG A 72 20.34 -59.88 -1.87
CA ARG A 72 19.88 -61.02 -1.09
C ARG A 72 18.35 -61.08 -1.01
N GLY A 73 17.70 -59.94 -1.22
CA GLY A 73 16.24 -59.88 -1.23
C GLY A 73 15.61 -59.70 0.13
N VAL A 74 16.04 -58.67 0.86
CA VAL A 74 15.57 -58.40 2.21
C VAL A 74 14.34 -57.50 2.19
N TYR A 75 13.53 -57.61 3.25
CA TYR A 75 12.35 -56.79 3.42
C TYR A 75 12.70 -55.37 3.86
N ALA A 76 13.81 -55.25 4.56
CA ALA A 76 14.27 -53.94 5.02
C ALA A 76 15.74 -54.05 5.42
N ILE A 77 16.40 -52.89 5.46
CA ILE A 77 17.76 -52.86 5.95
C ILE A 77 17.79 -51.95 7.17
N PHE A 78 18.25 -52.49 8.29
CA PHE A 78 18.56 -51.66 9.45
C PHE A 78 20.00 -51.26 9.37
N GLY A 79 20.31 -49.99 9.57
CA GLY A 79 21.70 -49.60 9.53
C GLY A 79 21.97 -48.17 9.93
N PHE A 80 23.22 -47.76 9.66
CA PHE A 80 23.71 -46.46 10.06
C PHE A 80 24.28 -45.71 8.85
N TYR A 81 24.33 -44.39 8.93
CA TYR A 81 25.08 -43.59 7.95
C TYR A 81 25.78 -42.45 8.64
N ASP A 82 26.64 -41.75 7.92
CA ASP A 82 27.13 -40.50 8.50
C ASP A 82 26.99 -39.40 7.47
N LYS A 83 27.55 -38.23 7.79
CA LYS A 83 27.44 -37.07 6.91
C LYS A 83 27.87 -37.40 5.48
N LYS A 84 28.93 -38.21 5.36
CA LYS A 84 29.51 -38.48 4.05
C LYS A 84 28.71 -39.52 3.25
N SER A 85 27.94 -40.38 3.94
CA SER A 85 27.25 -41.48 3.27
C SER A 85 25.73 -41.39 3.25
N VAL A 86 25.16 -40.39 3.92
CA VAL A 86 23.71 -40.30 4.00
C VAL A 86 23.07 -40.18 2.61
N ASN A 87 23.71 -39.47 1.68
CA ASN A 87 23.14 -39.35 0.34
C ASN A 87 23.15 -40.65 -0.46
N THR A 88 24.16 -41.49 -0.22
CA THR A 88 24.13 -42.82 -0.80
C THR A 88 22.89 -43.60 -0.33
N ILE A 89 22.65 -43.57 0.98
CA ILE A 89 21.52 -44.32 1.54
C ILE A 89 20.20 -43.79 1.01
N THR A 90 20.00 -42.47 1.06
CA THR A 90 18.73 -41.92 0.62
C THR A 90 18.48 -42.15 -0.87
N SER A 91 19.52 -41.97 -1.68
CA SER A 91 19.34 -42.16 -3.12
C SER A 91 19.11 -43.63 -3.46
N PHE A 92 19.87 -44.54 -2.84
CA PHE A 92 19.69 -45.96 -3.13
C PHE A 92 18.36 -46.52 -2.62
N CYS A 93 17.98 -46.15 -1.40
CA CYS A 93 16.68 -46.54 -0.86
C CYS A 93 15.58 -46.10 -1.77
N GLY A 94 15.64 -44.82 -2.11
CA GLY A 94 14.60 -44.19 -2.91
C GLY A 94 14.50 -44.77 -4.31
N THR A 95 15.63 -45.15 -4.88
CA THR A 95 15.66 -45.71 -6.23
C THR A 95 15.26 -47.18 -6.24
N LEU A 96 15.84 -47.96 -5.35
CA LEU A 96 15.60 -49.41 -5.36
C LEU A 96 14.31 -49.82 -4.65
N HIS A 97 13.76 -48.89 -3.85
CA HIS A 97 12.51 -49.09 -3.14
C HIS A 97 12.64 -50.16 -2.07
N VAL A 98 13.70 -50.03 -1.28
CA VAL A 98 13.97 -50.89 -0.14
C VAL A 98 14.05 -49.98 1.08
N SER A 99 13.26 -50.30 2.11
CA SER A 99 13.20 -49.45 3.29
C SER A 99 14.44 -49.58 4.16
N PHE A 100 14.93 -48.43 4.65
CA PHE A 100 16.11 -48.38 5.51
C PHE A 100 15.67 -47.75 6.82
N ILE A 101 15.88 -48.46 7.93
CA ILE A 101 15.49 -47.98 9.27
C ILE A 101 16.77 -47.74 10.06
N THR A 102 16.87 -46.60 10.72
CA THR A 102 18.18 -46.16 11.21
C THR A 102 18.08 -45.34 12.48
N PRO A 103 19.08 -45.47 13.37
CA PRO A 103 19.16 -44.56 14.51
C PRO A 103 20.06 -43.34 14.24
N SER A 104 20.50 -43.16 13.00
CA SER A 104 21.44 -42.08 12.68
C SER A 104 20.76 -40.73 12.67
N PHE A 105 21.54 -39.66 12.53
CA PHE A 105 20.99 -38.31 12.59
C PHE A 105 19.91 -38.16 11.52
N PRO A 106 18.75 -37.59 11.90
CA PRO A 106 17.66 -37.45 10.90
C PRO A 106 17.99 -36.38 9.86
N THR A 107 17.52 -36.59 8.63
CA THR A 107 17.87 -35.67 7.56
C THR A 107 16.95 -34.47 7.60
N ASP A 108 17.49 -33.30 7.25
CA ASP A 108 16.72 -32.06 7.29
C ASP A 108 15.53 -32.09 6.32
N GLY A 109 15.73 -32.65 5.14
CA GLY A 109 14.69 -32.72 4.14
C GLY A 109 13.91 -34.02 4.13
N THR A 110 13.08 -34.19 3.10
CA THR A 110 12.22 -35.36 2.94
C THR A 110 12.83 -36.44 2.02
N HIS A 111 12.74 -37.70 2.42
CA HIS A 111 13.29 -38.80 1.62
C HIS A 111 12.54 -40.10 1.84
N PRO A 112 11.90 -40.59 0.78
CA PRO A 112 11.07 -41.81 0.87
C PRO A 112 11.93 -43.04 1.18
N PHE A 113 11.29 -44.04 1.79
CA PHE A 113 11.94 -45.32 2.09
C PHE A 113 12.98 -45.20 3.19
N VAL A 114 12.89 -44.13 3.98
CA VAL A 114 13.75 -43.99 5.15
C VAL A 114 12.90 -43.83 6.42
N ILE A 115 13.17 -44.68 7.40
CA ILE A 115 12.51 -44.60 8.70
C ILE A 115 13.54 -44.13 9.72
N GLN A 116 13.33 -42.93 10.27
CA GLN A 116 14.30 -42.30 11.17
C GLN A 116 13.89 -42.54 12.59
N MET A 117 14.57 -43.47 13.28
CA MET A 117 14.26 -43.76 14.68
C MET A 117 14.59 -42.57 15.59
N ARG A 118 15.59 -41.75 15.20
CA ARG A 118 16.06 -40.69 16.11
C ARG A 118 15.22 -39.42 16.02
N PRO A 119 14.65 -38.98 17.15
CA PRO A 119 13.92 -37.71 17.12
C PRO A 119 14.85 -36.53 16.79
N ASP A 120 14.27 -35.50 16.18
CA ASP A 120 15.04 -34.30 15.91
C ASP A 120 15.42 -33.63 17.23
N LEU A 121 16.62 -33.08 17.28
CA LEU A 121 17.10 -32.40 18.49
C LEU A 121 17.03 -30.87 18.38
N LYS A 122 17.04 -30.35 17.15
CA LYS A 122 17.16 -28.90 16.95
C LYS A 122 16.07 -28.10 17.65
N GLY A 123 14.83 -28.57 17.54
CA GLY A 123 13.72 -27.88 18.18
C GLY A 123 13.90 -27.72 19.69
N ALA A 124 14.25 -28.81 20.34
CA ALA A 124 14.42 -28.80 21.79
C ALA A 124 15.61 -27.94 22.20
N LEU A 125 16.68 -27.98 21.40
CA LEU A 125 17.85 -27.15 21.70
C LEU A 125 17.55 -25.65 21.61
N LEU A 126 16.91 -25.23 20.52
CA LEU A 126 16.53 -23.82 20.38
C LEU A 126 15.65 -23.40 21.56
N SER A 127 14.69 -24.26 21.92
CA SER A 127 13.80 -23.96 23.03
C SER A 127 14.55 -23.84 24.36
N LEU A 128 15.56 -24.70 24.58
CA LEU A 128 16.32 -24.66 25.82
C LEU A 128 17.18 -23.39 25.94
N ILE A 129 17.78 -22.98 24.83
CA ILE A 129 18.52 -21.71 24.81
C ILE A 129 17.62 -20.56 25.23
N GLU A 130 16.41 -20.53 24.69
CA GLU A 130 15.41 -19.50 25.04
C GLU A 130 14.98 -19.60 26.49
N TYR A 131 14.79 -20.84 26.94
CA TYR A 131 14.34 -21.12 28.30
C TYR A 131 15.28 -20.54 29.34
N TYR A 132 16.59 -20.66 29.09
CA TYR A 132 17.60 -20.09 29.98
C TYR A 132 17.82 -18.60 29.71
N GLN A 133 17.14 -18.07 28.70
CA GLN A 133 17.25 -16.65 28.34
C GLN A 133 18.68 -16.24 28.01
N TRP A 134 19.40 -17.12 27.35
CA TRP A 134 20.73 -16.80 26.85
C TRP A 134 20.66 -15.79 25.70
N ASP A 135 21.60 -14.83 25.67
CA ASP A 135 21.66 -13.93 24.52
C ASP A 135 23.05 -13.90 23.89
N LYS A 136 23.97 -14.67 24.46
CA LYS A 136 25.35 -14.70 24.00
C LYS A 136 25.96 -16.01 24.47
N PHE A 137 26.58 -16.76 23.56
CA PHE A 137 27.16 -18.05 23.91
C PHE A 137 28.13 -18.56 22.87
N ALA A 138 28.99 -19.49 23.26
CA ALA A 138 29.83 -20.20 22.31
C ALA A 138 29.10 -21.44 21.82
N TYR A 139 29.28 -21.79 20.55
CA TYR A 139 28.72 -23.01 20.01
C TYR A 139 29.87 -23.83 19.48
N LEU A 140 30.22 -24.88 20.20
CA LEU A 140 31.33 -25.76 19.83
C LEU A 140 30.78 -26.93 19.04
N TYR A 141 31.11 -26.97 17.74
CA TYR A 141 30.60 -28.01 16.85
C TYR A 141 31.71 -28.85 16.24
N ASP A 142 31.31 -29.90 15.52
CA ASP A 142 32.27 -30.76 14.85
C ASP A 142 31.84 -30.90 13.39
N SER A 143 32.62 -30.34 12.46
CA SER A 143 32.17 -30.28 11.07
C SER A 143 31.99 -31.66 10.45
N ASP A 144 32.76 -32.64 10.90
CA ASP A 144 32.62 -33.99 10.34
C ASP A 144 31.33 -34.65 10.78
N ARG A 145 30.78 -34.14 11.88
CA ARG A 145 29.54 -34.65 12.45
C ARG A 145 28.35 -34.05 11.69
N GLY A 146 28.47 -32.77 11.36
CA GLY A 146 27.44 -32.12 10.58
C GLY A 146 27.15 -30.74 11.14
N LEU A 147 26.56 -29.88 10.32
CA LEU A 147 26.38 -28.50 10.72
C LEU A 147 24.91 -28.08 10.81
N SER A 148 24.00 -29.02 10.56
CA SER A 148 22.57 -28.72 10.51
C SER A 148 22.06 -28.06 11.79
N THR A 149 22.50 -28.53 12.94
CA THR A 149 22.01 -27.97 14.19
C THR A 149 22.59 -26.57 14.41
N LEU A 150 23.88 -26.41 14.16
CA LEU A 150 24.48 -25.09 14.19
C LEU A 150 23.71 -24.13 13.27
N GLN A 151 23.37 -24.59 12.06
CA GLN A 151 22.67 -23.72 11.13
C GLN A 151 21.30 -23.28 11.66
N ALA A 152 20.62 -24.19 12.35
CA ALA A 152 19.33 -23.87 12.94
C ALA A 152 19.50 -22.77 13.97
N VAL A 153 20.55 -22.89 14.78
CA VAL A 153 20.83 -21.88 15.79
C VAL A 153 21.19 -20.54 15.15
N LEU A 154 22.06 -20.57 14.14
CA LEU A 154 22.40 -19.32 13.46
C LEU A 154 21.19 -18.69 12.78
N ASP A 155 20.30 -19.51 12.21
CA ASP A 155 19.12 -18.99 11.53
C ASP A 155 18.23 -18.23 12.52
N SER A 156 18.14 -18.75 13.74
CA SER A 156 17.27 -18.13 14.76
C SER A 156 17.93 -16.96 15.48
N ALA A 157 19.25 -16.85 15.39
CA ALA A 157 20.00 -15.86 16.17
C ALA A 157 19.58 -14.41 15.95
N ALA A 158 19.24 -14.05 14.72
CA ALA A 158 18.80 -12.67 14.45
C ALA A 158 17.49 -12.37 15.17
N GLU A 159 16.50 -13.22 14.95
CA GLU A 159 15.17 -13.04 15.53
C GLU A 159 15.19 -13.11 17.04
N LYS A 160 16.06 -13.96 17.58
CA LYS A 160 16.08 -14.21 19.02
C LYS A 160 17.09 -13.32 19.75
N LYS A 161 17.85 -12.53 18.98
CA LYS A 161 18.92 -11.71 19.52
C LYS A 161 20.00 -12.52 20.24
N TRP A 162 20.66 -13.41 19.49
CA TRP A 162 21.74 -14.21 20.04
C TRP A 162 23.05 -13.83 19.40
N GLN A 163 24.08 -13.63 20.22
CA GLN A 163 25.43 -13.42 19.72
C GLN A 163 26.16 -14.74 19.84
N VAL A 164 26.25 -15.46 18.73
CA VAL A 164 26.86 -16.78 18.73
C VAL A 164 28.31 -16.70 18.27
N THR A 165 29.19 -17.38 19.01
CA THR A 165 30.56 -17.56 18.55
C THR A 165 30.75 -19.03 18.25
N ALA A 166 30.83 -19.36 16.96
CA ALA A 166 30.86 -20.75 16.54
C ALA A 166 32.29 -21.21 16.32
N ILE A 167 32.64 -22.33 16.96
CA ILE A 167 34.00 -22.85 16.92
C ILE A 167 33.98 -24.35 16.61
N ASN A 168 34.70 -24.73 15.57
CA ASN A 168 34.77 -26.11 15.13
C ASN A 168 35.79 -26.89 15.96
N VAL A 169 35.33 -27.57 17.00
CA VAL A 169 36.25 -28.35 17.80
C VAL A 169 36.52 -29.72 17.18
N GLY A 170 35.95 -29.98 16.00
CA GLY A 170 36.29 -31.16 15.24
C GLY A 170 37.73 -31.07 14.77
N ASN A 171 38.29 -29.86 14.84
CA ASN A 171 39.68 -29.60 14.44
C ASN A 171 40.63 -29.52 15.63
N ILE A 172 40.17 -29.96 16.80
CA ILE A 172 40.95 -29.79 18.03
C ILE A 172 42.22 -30.66 18.07
N ASN A 173 42.27 -31.64 17.18
CA ASN A 173 43.45 -32.49 17.06
C ASN A 173 44.04 -32.48 15.65
N ASN A 174 43.43 -31.68 14.78
CA ASN A 174 43.81 -31.57 13.37
C ASN A 174 44.91 -30.57 13.08
N ASP A 175 45.11 -30.32 11.80
CA ASP A 175 46.07 -29.30 11.39
C ASP A 175 45.54 -27.94 11.80
N LYS A 176 44.22 -27.81 11.89
CA LYS A 176 43.59 -26.58 12.34
C LYS A 176 43.55 -26.53 13.86
N LYS A 177 44.32 -27.41 14.49
CA LYS A 177 44.37 -27.52 15.95
C LYS A 177 44.78 -26.22 16.64
N ASP A 178 45.87 -25.62 16.21
CA ASP A 178 46.34 -24.40 16.84
C ASP A 178 45.35 -23.26 16.60
N GLU A 179 44.69 -23.31 15.45
CA GLU A 179 43.64 -22.34 15.13
C GLU A 179 42.46 -22.55 16.06
N THR A 180 42.20 -23.81 16.37
CA THR A 180 41.07 -24.16 17.23
C THR A 180 41.33 -23.70 18.66
N TYR A 181 42.57 -23.88 19.12
CA TYR A 181 42.93 -23.42 20.46
C TYR A 181 42.95 -21.91 20.53
N ARG A 182 43.39 -21.27 19.45
CA ARG A 182 43.38 -19.82 19.43
C ARG A 182 41.96 -19.32 19.52
N SER A 183 41.04 -19.99 18.82
CA SER A 183 39.64 -19.61 18.84
C SER A 183 39.01 -19.78 20.23
N LEU A 184 39.27 -20.93 20.85
CA LEU A 184 38.79 -21.19 22.20
C LEU A 184 39.37 -20.15 23.15
N PHE A 185 40.65 -19.85 23.00
CA PHE A 185 41.30 -18.87 23.86
C PHE A 185 40.67 -17.48 23.70
N GLN A 186 40.47 -17.04 22.47
CA GLN A 186 39.91 -15.71 22.28
C GLN A 186 38.51 -15.58 22.87
N ASP A 187 37.71 -16.62 22.75
CA ASP A 187 36.34 -16.56 23.28
C ASP A 187 36.29 -16.69 24.80
N LEU A 188 37.05 -17.62 25.37
CA LEU A 188 36.98 -17.91 26.81
C LEU A 188 37.83 -16.97 27.67
N GLU A 189 38.99 -16.57 27.15
CA GLU A 189 39.90 -15.72 27.91
C GLU A 189 39.69 -14.24 27.57
N LEU A 190 39.71 -13.91 26.28
CA LEU A 190 39.60 -12.50 25.89
C LEU A 190 38.17 -11.99 26.07
N LYS A 191 37.19 -12.76 25.62
CA LYS A 191 35.79 -12.33 25.66
C LYS A 191 35.03 -12.84 26.89
N LYS A 192 35.71 -13.63 27.72
CA LYS A 192 35.13 -14.10 28.97
C LYS A 192 33.80 -14.84 28.81
N GLU A 193 33.66 -15.59 27.73
CA GLU A 193 32.41 -16.32 27.54
C GLU A 193 32.30 -17.42 28.59
N ARG A 194 31.09 -17.61 29.09
CA ARG A 194 30.82 -18.62 30.12
C ARG A 194 29.64 -19.54 29.79
N ARG A 195 28.94 -19.25 28.69
CA ARG A 195 27.85 -20.12 28.25
C ARG A 195 28.32 -20.85 27.01
N VAL A 196 28.27 -22.18 27.06
CA VAL A 196 28.91 -23.01 26.03
C VAL A 196 27.99 -24.14 25.61
N ILE A 197 27.74 -24.25 24.31
CA ILE A 197 26.97 -25.37 23.81
C ILE A 197 27.94 -26.33 23.16
N LEU A 198 27.84 -27.60 23.53
CA LEU A 198 28.71 -28.65 22.98
C LEU A 198 27.90 -29.57 22.09
N ASP A 199 28.14 -29.47 20.79
CA ASP A 199 27.43 -30.27 19.80
C ASP A 199 28.44 -31.27 19.26
N CYS A 200 28.48 -32.46 19.86
CA CYS A 200 29.54 -33.42 19.55
C CYS A 200 29.11 -34.85 19.88
N GLU A 201 29.94 -35.80 19.49
CA GLU A 201 29.78 -37.19 19.85
C GLU A 201 29.75 -37.31 21.37
N ARG A 202 28.82 -38.09 21.91
CA ARG A 202 28.63 -38.09 23.37
C ARG A 202 29.90 -38.49 24.13
N ASP A 203 30.65 -39.44 23.58
CA ASP A 203 31.85 -39.90 24.29
C ASP A 203 33.04 -38.97 24.07
N LYS A 204 32.82 -37.84 23.41
CA LYS A 204 33.86 -36.82 23.27
C LYS A 204 33.66 -35.64 24.21
N VAL A 205 32.54 -35.61 24.92
CA VAL A 205 32.24 -34.48 25.78
C VAL A 205 33.35 -34.22 26.80
N ASN A 206 33.74 -35.23 27.54
CA ASN A 206 34.72 -34.98 28.60
C ASN A 206 36.07 -34.52 28.05
N ASP A 207 36.47 -35.03 26.88
CA ASP A 207 37.73 -34.62 26.27
C ASP A 207 37.70 -33.16 25.85
N ILE A 208 36.59 -32.71 25.29
CA ILE A 208 36.45 -31.31 24.90
C ILE A 208 36.38 -30.42 26.13
N VAL A 209 35.57 -30.81 27.11
CA VAL A 209 35.47 -30.07 28.35
C VAL A 209 36.84 -29.95 29.03
N ASP A 210 37.58 -31.05 29.07
CA ASP A 210 38.89 -31.01 29.72
C ASP A 210 39.75 -29.91 29.11
N GLN A 211 39.67 -29.79 27.78
CA GLN A 211 40.46 -28.77 27.09
C GLN A 211 39.94 -27.37 27.44
N VAL A 212 38.62 -27.21 27.43
CA VAL A 212 38.01 -25.92 27.79
C VAL A 212 38.47 -25.48 29.17
N ILE A 213 38.52 -26.42 30.10
CA ILE A 213 38.90 -26.10 31.48
C ILE A 213 40.35 -25.62 31.61
N THR A 214 41.25 -26.17 30.78
CA THR A 214 42.65 -25.75 30.85
C THR A 214 42.85 -24.39 30.21
N ILE A 215 41.92 -24.00 29.35
CA ILE A 215 42.02 -22.77 28.56
C ILE A 215 41.31 -21.59 29.20
N GLY A 216 40.14 -21.84 29.81
CA GLY A 216 39.33 -20.77 30.35
C GLY A 216 39.73 -20.39 31.76
N LYS A 217 38.88 -19.61 32.42
CA LYS A 217 39.14 -19.14 33.77
C LYS A 217 37.82 -18.98 34.51
N HIS A 218 37.86 -19.06 35.84
CA HIS A 218 36.62 -19.06 36.64
C HIS A 218 35.68 -20.11 36.05
N VAL A 219 36.22 -21.28 35.75
CA VAL A 219 35.46 -22.29 35.02
C VAL A 219 34.28 -22.84 35.84
N LYS A 220 34.35 -22.68 37.16
CA LYS A 220 33.24 -23.12 38.01
C LYS A 220 31.95 -22.40 37.64
N GLY A 221 32.09 -21.21 37.05
CA GLY A 221 30.95 -20.38 36.72
C GLY A 221 30.35 -20.63 35.34
N TYR A 222 30.94 -21.55 34.58
CA TYR A 222 30.42 -21.88 33.25
C TYR A 222 29.07 -22.58 33.29
N HIS A 223 28.34 -22.50 32.20
CA HIS A 223 27.11 -23.28 32.02
C HIS A 223 27.17 -23.94 30.66
N TYR A 224 27.29 -25.26 30.64
CA TYR A 224 27.33 -26.01 29.40
C TYR A 224 25.96 -26.54 29.05
N ILE A 225 25.61 -26.55 27.77
CA ILE A 225 24.48 -27.35 27.31
C ILE A 225 25.07 -28.44 26.45
N ILE A 226 24.82 -29.70 26.80
CA ILE A 226 25.30 -30.82 25.97
C ILE A 226 24.25 -31.12 24.92
N ALA A 227 24.53 -30.70 23.68
CA ALA A 227 23.55 -30.86 22.62
C ALA A 227 23.66 -32.26 22.03
N ASN A 228 23.00 -33.21 22.69
CA ASN A 228 23.11 -34.62 22.34
C ASN A 228 21.95 -35.28 23.07
N LEU A 229 21.40 -36.35 22.51
CA LEU A 229 20.20 -36.95 23.10
C LEU A 229 20.49 -37.95 24.22
N GLY A 230 21.77 -38.09 24.58
CA GLY A 230 22.17 -39.04 25.60
C GLY A 230 22.90 -38.37 26.76
N PHE A 231 22.23 -37.46 27.44
CA PHE A 231 22.84 -36.74 28.55
C PHE A 231 23.58 -37.67 29.51
N THR A 232 22.94 -38.76 29.92
CA THR A 232 23.53 -39.60 30.97
C THR A 232 24.26 -40.83 30.41
N ASP A 233 24.54 -40.80 29.11
CA ASP A 233 25.21 -41.94 28.47
C ASP A 233 26.65 -42.09 28.93
N GLY A 234 27.24 -40.99 29.39
CA GLY A 234 28.58 -41.01 29.95
C GLY A 234 28.56 -40.51 31.39
N ASP A 235 29.66 -40.75 32.11
CA ASP A 235 29.75 -40.30 33.50
C ASP A 235 29.59 -38.79 33.59
N LEU A 236 28.72 -38.35 34.50
CA LEU A 236 28.56 -36.92 34.74
C LEU A 236 28.99 -36.60 36.15
N LEU A 237 30.21 -36.11 36.28
CA LEU A 237 30.76 -35.79 37.58
C LEU A 237 31.12 -34.32 37.61
N LYS A 238 30.38 -33.55 38.41
CA LYS A 238 30.60 -32.11 38.53
C LYS A 238 32.09 -31.77 38.62
N ILE A 239 32.83 -32.60 39.34
CA ILE A 239 34.27 -32.39 39.48
C ILE A 239 34.97 -32.42 38.12
N GLN A 240 34.52 -33.30 37.23
CA GLN A 240 35.04 -33.39 35.87
C GLN A 240 34.70 -32.12 35.09
N PHE A 241 33.60 -31.47 35.47
CA PHE A 241 33.17 -30.24 34.82
C PHE A 241 33.67 -29.01 35.54
N GLY A 242 34.56 -29.22 36.50
CA GLY A 242 35.15 -28.12 37.24
C GLY A 242 34.16 -27.33 38.08
N GLY A 243 33.04 -27.95 38.41
CA GLY A 243 32.02 -27.31 39.24
C GLY A 243 30.94 -26.52 38.51
N ALA A 244 30.99 -26.51 37.18
CA ALA A 244 30.06 -25.75 36.36
C ALA A 244 28.63 -26.30 36.39
N ASN A 245 27.67 -25.51 35.92
CA ASN A 245 26.32 -26.01 35.63
C ASN A 245 26.33 -26.76 34.29
N VAL A 246 25.58 -27.87 34.21
CA VAL A 246 25.55 -28.66 32.97
C VAL A 246 24.10 -29.06 32.67
N SER A 247 23.64 -28.76 31.46
CA SER A 247 22.27 -29.10 31.06
C SER A 247 22.31 -29.96 29.80
N GLY A 248 21.24 -30.71 29.57
CA GLY A 248 21.20 -31.54 28.39
C GLY A 248 19.86 -32.19 28.16
N PHE A 249 19.89 -33.24 27.34
CA PHE A 249 18.66 -33.82 26.80
C PHE A 249 18.73 -35.34 26.93
N GLN A 250 17.59 -35.97 27.13
CA GLN A 250 17.55 -37.42 27.33
C GLN A 250 16.24 -37.97 26.74
N ILE A 251 16.34 -39.00 25.90
CA ILE A 251 15.12 -39.61 25.34
C ILE A 251 14.82 -40.95 25.98
N VAL A 252 15.80 -41.51 26.69
CA VAL A 252 15.59 -42.74 27.45
C VAL A 252 15.35 -42.38 28.92
N ASP A 253 14.13 -42.62 29.41
CA ASP A 253 13.76 -42.20 30.76
C ASP A 253 13.83 -43.39 31.71
N TYR A 254 14.83 -43.41 32.60
CA TYR A 254 15.06 -44.57 33.46
C TYR A 254 13.97 -44.74 34.52
N ASP A 255 13.10 -43.75 34.65
CA ASP A 255 11.94 -43.88 35.53
C ASP A 255 10.79 -44.65 34.88
N ASP A 256 10.80 -44.74 33.55
CA ASP A 256 9.80 -45.52 32.80
C ASP A 256 9.90 -46.99 33.21
N SER A 257 8.79 -47.63 33.54
CA SER A 257 8.84 -49.05 33.90
C SER A 257 9.43 -49.90 32.76
N LEU A 258 9.11 -49.54 31.53
CA LEU A 258 9.62 -50.29 30.38
C LEU A 258 11.16 -50.24 30.38
N VAL A 259 11.70 -49.07 30.67
CA VAL A 259 13.15 -48.91 30.63
C VAL A 259 13.82 -49.57 31.83
N SER A 260 13.24 -49.38 33.01
CA SER A 260 13.87 -49.98 34.19
C SER A 260 13.82 -51.51 34.11
N LYS A 261 12.74 -52.07 33.58
CA LYS A 261 12.67 -53.52 33.36
C LYS A 261 13.73 -53.98 32.37
N PHE A 262 13.90 -53.24 31.28
CA PHE A 262 14.94 -53.55 30.31
C PHE A 262 16.31 -53.57 31.00
N ILE A 263 16.60 -52.52 31.77
CA ILE A 263 17.91 -52.39 32.39
C ILE A 263 18.13 -53.50 33.41
N GLU A 264 17.07 -53.92 34.10
CA GLU A 264 17.22 -55.01 35.06
C GLU A 264 17.74 -56.27 34.36
N ARG A 265 17.26 -56.51 33.14
CA ARG A 265 17.73 -57.65 32.34
C ARG A 265 19.10 -57.40 31.71
N TRP A 266 19.28 -56.22 31.11
CA TRP A 266 20.51 -55.86 30.39
C TRP A 266 21.73 -55.84 31.30
N SER A 267 21.51 -55.43 32.54
CA SER A 267 22.59 -55.21 33.49
C SER A 267 23.29 -56.49 33.96
N THR A 268 22.71 -57.66 33.66
CA THR A 268 23.36 -58.92 34.04
C THR A 268 23.89 -59.73 32.86
N LEU A 269 23.66 -59.26 31.64
CA LEU A 269 24.22 -59.91 30.48
C LEU A 269 25.75 -59.87 30.55
N GLU A 270 26.38 -60.96 30.17
CA GLU A 270 27.82 -61.10 30.30
C GLU A 270 28.50 -60.20 29.27
N GLU A 271 29.46 -59.39 29.71
CA GLU A 271 30.02 -58.33 28.85
C GLU A 271 30.87 -58.84 27.69
N LYS A 272 31.51 -60.00 27.85
CA LYS A 272 32.27 -60.56 26.74
C LYS A 272 31.33 -61.00 25.62
N GLU A 273 30.26 -61.69 26.00
CA GLU A 273 29.29 -62.22 25.06
C GLU A 273 28.44 -61.11 24.43
N TYR A 274 28.13 -60.09 25.23
CA TYR A 274 27.30 -58.96 24.80
C TYR A 274 28.04 -57.66 25.04
N PRO A 275 28.97 -57.33 24.14
CA PRO A 275 29.79 -56.12 24.32
C PRO A 275 28.93 -54.90 24.59
N GLY A 276 29.32 -54.13 25.60
CA GLY A 276 28.58 -52.93 25.95
C GLY A 276 27.44 -53.13 26.93
N ALA A 277 27.11 -54.38 27.24
CA ALA A 277 26.03 -54.64 28.20
C ALA A 277 26.57 -54.72 29.63
N HIS A 278 25.76 -55.25 30.55
CA HIS A 278 26.17 -55.33 31.96
C HIS A 278 26.37 -53.93 32.52
N THR A 279 25.55 -53.00 32.06
CA THR A 279 25.62 -51.60 32.46
C THR A 279 24.28 -51.16 33.05
N ALA A 280 24.28 -50.07 33.82
CA ALA A 280 23.03 -49.54 34.36
C ALA A 280 22.39 -48.54 33.41
N THR A 281 23.11 -48.19 32.35
CA THR A 281 22.55 -47.29 31.34
C THR A 281 22.74 -47.90 29.97
N ILE A 282 22.00 -47.39 29.00
CA ILE A 282 22.16 -47.82 27.61
C ILE A 282 22.27 -46.59 26.72
N LYS A 283 23.23 -46.59 25.79
CA LYS A 283 23.39 -45.41 24.93
C LYS A 283 22.12 -45.18 24.11
N TYR A 284 21.76 -43.92 23.89
CA TYR A 284 20.51 -43.66 23.20
C TYR A 284 20.45 -44.32 21.82
N THR A 285 21.59 -44.40 21.15
CA THR A 285 21.62 -45.08 19.85
C THR A 285 21.38 -46.59 19.96
N SER A 286 21.83 -47.20 21.05
CA SER A 286 21.55 -48.61 21.28
C SER A 286 20.10 -48.81 21.62
N ALA A 287 19.54 -47.89 22.42
CA ALA A 287 18.10 -47.93 22.75
C ALA A 287 17.26 -47.82 21.47
N LEU A 288 17.64 -46.88 20.60
CA LEU A 288 16.94 -46.76 19.32
C LEU A 288 17.07 -47.99 18.44
N THR A 289 18.20 -48.69 18.56
CA THR A 289 18.43 -49.92 17.78
C THR A 289 17.48 -51.05 18.25
N TYR A 290 17.41 -51.24 19.56
CA TYR A 290 16.44 -52.15 20.16
C TYR A 290 15.01 -51.78 19.77
N ASP A 291 14.68 -50.49 19.84
CA ASP A 291 13.34 -50.06 19.45
C ASP A 291 13.06 -50.34 17.97
N ALA A 292 14.10 -50.21 17.13
CA ALA A 292 13.93 -50.49 15.70
C ALA A 292 13.51 -51.94 15.48
N VAL A 293 14.04 -52.86 16.29
CA VAL A 293 13.62 -54.26 16.16
C VAL A 293 12.14 -54.41 16.49
N GLN A 294 11.68 -53.72 17.54
CA GLN A 294 10.24 -53.72 17.85
C GLN A 294 9.42 -53.17 16.68
N VAL A 295 9.85 -52.04 16.13
CA VAL A 295 9.12 -51.44 15.00
C VAL A 295 9.04 -52.40 13.81
N MET A 296 10.17 -52.99 13.42
CA MET A 296 10.16 -53.91 12.27
C MET A 296 9.26 -55.11 12.56
N THR A 297 9.32 -55.61 13.79
CA THR A 297 8.51 -56.76 14.19
C THR A 297 7.02 -56.44 14.08
N GLU A 298 6.61 -55.30 14.62
CA GLU A 298 5.21 -54.89 14.55
C GLU A 298 4.76 -54.63 13.10
N ALA A 299 5.65 -54.05 12.30
CA ALA A 299 5.32 -53.76 10.91
C ALA A 299 5.14 -55.02 10.09
N PHE A 300 6.02 -56.00 10.30
CA PHE A 300 6.14 -57.12 9.39
C PHE A 300 5.29 -58.33 9.76
N ARG A 301 4.92 -58.44 11.04
CA ARG A 301 4.28 -59.68 11.48
C ARG A 301 2.97 -59.94 10.73
N CYS A 302 2.39 -58.88 10.11
CA CYS A 302 1.10 -59.02 9.42
C CYS A 302 1.30 -59.05 7.93
N LEU A 303 2.44 -58.74 7.39
CA LEU A 303 2.66 -58.75 5.94
C LEU A 303 2.54 -60.17 5.37
N ARG A 304 2.27 -60.25 4.07
CA ARG A 304 2.06 -61.52 3.39
C ARG A 304 3.24 -62.48 3.58
N LYS A 305 2.93 -63.74 3.89
CA LYS A 305 3.95 -64.77 3.98
C LYS A 305 4.33 -65.27 2.60
N GLN A 306 5.23 -64.55 1.93
CA GLN A 306 5.71 -64.96 0.62
C GLN A 306 6.24 -66.38 0.66
N ARG A 307 6.15 -67.09 -0.47
CA ARG A 307 6.59 -68.48 -0.53
C ARG A 307 8.02 -68.66 -0.02
N ILE A 308 8.19 -69.59 0.92
CA ILE A 308 9.50 -69.83 1.54
C ILE A 308 10.59 -70.06 0.48
N GLU A 309 11.48 -69.08 0.35
CA GLU A 309 12.56 -69.16 -0.63
C GLU A 309 13.91 -69.35 0.06
N ILE A 310 14.95 -69.60 -0.74
CA ILE A 310 16.29 -69.76 -0.23
C ILE A 310 17.02 -68.42 -0.15
N SER A 311 17.71 -68.18 0.95
CA SER A 311 18.48 -66.96 1.12
C SER A 311 19.93 -67.17 0.72
N ARG A 312 20.41 -66.37 -0.23
CA ARG A 312 21.76 -66.55 -0.77
C ARG A 312 22.60 -65.28 -0.62
N ARG A 313 23.89 -65.47 -0.34
CA ARG A 313 24.84 -64.36 -0.30
C ARG A 313 24.56 -63.38 -1.43
N GLY A 314 24.68 -62.09 -1.15
CA GLY A 314 24.35 -61.08 -2.13
C GLY A 314 25.51 -60.67 -3.01
N ASN A 315 25.17 -60.16 -4.19
CA ASN A 315 26.16 -59.64 -5.12
C ASN A 315 25.92 -58.16 -5.35
N ALA A 316 26.87 -57.32 -4.92
CA ALA A 316 26.66 -55.87 -5.00
C ALA A 316 26.35 -55.41 -6.43
N GLY A 317 26.91 -56.11 -7.40
CA GLY A 317 26.69 -55.75 -8.80
C GLY A 317 25.23 -55.77 -9.21
N ASP A 318 24.39 -56.42 -8.40
CA ASP A 318 22.96 -56.49 -8.73
C ASP A 318 22.31 -55.11 -8.66
N CYS A 319 22.98 -54.14 -8.02
CA CYS A 319 22.46 -52.78 -8.04
C CYS A 319 22.34 -52.26 -9.47
N LEU A 320 23.20 -52.75 -10.34
CA LEU A 320 23.18 -52.31 -11.72
C LEU A 320 22.60 -53.37 -12.66
N ALA A 321 22.64 -54.63 -12.22
CA ALA A 321 22.21 -55.74 -13.07
C ALA A 321 20.71 -56.01 -12.96
N ASN A 322 20.16 -55.80 -11.77
CA ASN A 322 18.76 -56.12 -11.49
C ASN A 322 17.92 -54.84 -11.43
N PRO A 323 16.64 -54.93 -11.79
CA PRO A 323 15.78 -53.75 -11.69
C PRO A 323 15.40 -53.47 -10.25
N ALA A 324 14.96 -52.24 -10.00
CA ALA A 324 14.47 -51.86 -8.68
C ALA A 324 13.26 -52.71 -8.28
N VAL A 325 13.04 -52.86 -6.97
CA VAL A 325 11.80 -53.47 -6.51
C VAL A 325 10.63 -52.65 -7.02
N PRO A 326 9.63 -53.30 -7.63
CA PRO A 326 8.50 -52.48 -8.10
C PRO A 326 7.95 -51.61 -6.98
N TRP A 327 7.72 -50.34 -7.30
CA TRP A 327 7.36 -49.37 -6.28
C TRP A 327 6.13 -49.81 -5.48
N GLY A 328 5.13 -50.34 -6.17
CA GLY A 328 3.92 -50.81 -5.52
C GLY A 328 4.16 -51.91 -4.49
N GLN A 329 5.21 -52.69 -4.70
CA GLN A 329 5.62 -53.73 -3.75
C GLN A 329 6.35 -53.11 -2.56
N GLY A 330 7.36 -52.32 -2.84
CA GLY A 330 8.17 -51.75 -1.77
C GLY A 330 7.38 -50.80 -0.88
N VAL A 331 6.44 -50.06 -1.46
CA VAL A 331 5.71 -49.05 -0.69
C VAL A 331 4.83 -49.71 0.39
N GLU A 332 4.40 -50.94 0.15
CA GLU A 332 3.62 -51.62 1.19
C GLU A 332 4.43 -51.85 2.46
N ILE A 333 5.72 -52.16 2.30
CA ILE A 333 6.59 -52.36 3.46
C ILE A 333 6.90 -51.02 4.13
N GLU A 334 7.20 -50.02 3.32
CA GLU A 334 7.46 -48.68 3.82
C GLU A 334 6.30 -48.19 4.67
N ARG A 335 5.08 -48.36 4.15
CA ARG A 335 3.91 -47.87 4.84
C ARG A 335 3.65 -48.63 6.12
N ALA A 336 3.93 -49.92 6.11
CA ALA A 336 3.74 -50.76 7.30
C ALA A 336 4.65 -50.25 8.40
N LEU A 337 5.89 -49.93 8.05
CA LEU A 337 6.82 -49.39 9.05
C LEU A 337 6.33 -48.05 9.58
N LYS A 338 5.91 -47.16 8.69
CA LYS A 338 5.52 -45.81 9.13
C LYS A 338 4.23 -45.78 9.93
N GLN A 339 3.43 -46.83 9.83
CA GLN A 339 2.15 -46.90 10.55
C GLN A 339 2.30 -47.43 11.98
N VAL A 340 3.49 -47.93 12.31
CA VAL A 340 3.68 -48.50 13.64
C VAL A 340 3.52 -47.45 14.71
N GLN A 341 2.81 -47.82 15.78
CA GLN A 341 2.68 -46.99 16.97
C GLN A 341 2.94 -47.88 18.17
N VAL A 342 4.09 -47.69 18.82
CA VAL A 342 4.45 -48.52 19.96
C VAL A 342 5.13 -47.67 21.01
N GLU A 343 5.26 -48.20 22.22
CA GLU A 343 6.08 -47.58 23.25
C GLU A 343 7.39 -48.36 23.34
N GLY A 344 8.50 -47.66 23.37
CA GLY A 344 9.80 -48.33 23.45
C GLY A 344 10.71 -47.65 24.46
N LEU A 345 11.98 -48.00 24.42
CA LEU A 345 12.94 -47.40 25.33
C LEU A 345 13.03 -45.89 25.12
N SER A 346 12.81 -45.45 23.88
CA SER A 346 12.85 -44.02 23.55
C SER A 346 11.49 -43.35 23.63
N GLY A 347 10.60 -43.96 24.41
CA GLY A 347 9.28 -43.39 24.67
C GLY A 347 8.25 -43.71 23.61
N ASN A 348 7.36 -42.77 23.35
CA ASN A 348 6.32 -42.97 22.37
C ASN A 348 6.90 -42.90 20.97
N ILE A 349 6.69 -43.97 20.19
CA ILE A 349 7.22 -44.06 18.82
C ILE A 349 6.07 -43.98 17.82
N LYS A 350 6.09 -42.94 16.99
CA LYS A 350 5.08 -42.73 15.98
C LYS A 350 5.81 -41.98 14.87
N PHE A 351 5.44 -42.25 13.62
CA PHE A 351 6.09 -41.62 12.48
C PHE A 351 5.14 -40.79 11.64
N ASP A 352 5.64 -39.72 11.04
CA ASP A 352 4.86 -39.02 10.01
C ASP A 352 5.06 -39.68 8.65
N GLN A 353 4.46 -39.13 7.60
CA GLN A 353 4.50 -39.76 6.28
C GLN A 353 5.89 -39.78 5.65
N ASN A 354 6.83 -39.05 6.24
CA ASN A 354 8.20 -39.02 5.75
C ASN A 354 9.15 -39.79 6.65
N GLY A 355 8.60 -40.60 7.55
CA GLY A 355 9.44 -41.44 8.38
C GLY A 355 10.12 -40.71 9.54
N LYS A 356 9.66 -39.51 9.86
CA LYS A 356 10.23 -38.76 10.98
C LYS A 356 9.43 -39.04 12.26
N ARG A 357 10.12 -39.16 13.40
CA ARG A 357 9.42 -39.34 14.68
C ARG A 357 8.56 -38.12 14.94
N ILE A 358 7.32 -38.36 15.35
CA ILE A 358 6.44 -37.29 15.84
C ILE A 358 5.81 -37.70 17.16
N ASN A 359 5.25 -36.72 17.86
CA ASN A 359 4.62 -36.98 19.16
C ASN A 359 5.58 -37.59 20.18
N TYR A 360 6.86 -37.26 20.06
CA TYR A 360 7.86 -37.76 21.01
C TYR A 360 8.07 -36.73 22.10
N THR A 361 8.80 -37.11 23.15
CA THR A 361 9.11 -36.17 24.22
C THR A 361 10.60 -36.29 24.51
N ILE A 362 11.26 -35.14 24.65
CA ILE A 362 12.66 -35.13 25.06
C ILE A 362 12.74 -34.59 26.47
N ASN A 363 13.31 -35.36 27.39
CA ASN A 363 13.47 -34.87 28.76
C ASN A 363 14.61 -33.87 28.85
N ILE A 364 14.38 -32.82 29.63
CA ILE A 364 15.42 -31.81 29.82
C ILE A 364 16.07 -32.05 31.18
N MET A 365 17.39 -32.18 31.17
CA MET A 365 18.14 -32.58 32.36
C MET A 365 19.13 -31.54 32.85
N GLU A 366 19.40 -31.54 34.15
CA GLU A 366 20.48 -30.75 34.72
C GLU A 366 21.31 -31.60 35.65
N LEU A 367 22.59 -31.30 35.77
CA LEU A 367 23.43 -32.06 36.68
C LEU A 367 23.32 -31.40 38.06
N LYS A 368 22.70 -32.11 39.00
CA LYS A 368 22.49 -31.56 40.34
C LYS A 368 23.43 -32.18 41.36
N THR A 369 23.29 -31.75 42.62
CA THR A 369 24.10 -32.26 43.71
C THR A 369 24.14 -33.77 43.72
N ASN A 370 22.95 -34.38 43.72
CA ASN A 370 22.82 -35.82 43.82
C ASN A 370 22.99 -36.55 42.48
N GLY A 371 23.26 -35.80 41.42
CA GLY A 371 23.43 -36.38 40.10
C GLY A 371 22.47 -35.77 39.08
N PRO A 372 22.42 -36.34 37.87
CA PRO A 372 21.56 -35.78 36.83
C PRO A 372 20.10 -35.89 37.24
N ARG A 373 19.33 -34.84 36.95
CA ARG A 373 17.93 -34.83 37.32
C ARG A 373 17.09 -34.25 36.19
N LYS A 374 15.89 -34.80 36.01
CA LYS A 374 14.98 -34.26 35.00
C LYS A 374 14.33 -33.03 35.57
N ILE A 375 14.53 -31.89 34.91
CA ILE A 375 13.95 -30.64 35.40
C ILE A 375 12.73 -30.24 34.56
N GLY A 376 12.52 -30.93 33.45
CA GLY A 376 11.42 -30.58 32.56
C GLY A 376 11.40 -31.43 31.33
N TYR A 377 10.61 -31.04 30.34
CA TYR A 377 10.53 -31.81 29.10
C TYR A 377 10.13 -30.92 27.92
N TRP A 378 10.38 -31.43 26.71
CA TRP A 378 10.01 -30.76 25.47
C TRP A 378 9.22 -31.76 24.64
N SER A 379 7.98 -31.44 24.33
CA SER A 379 7.18 -32.35 23.52
C SER A 379 7.13 -31.85 22.09
N GLU A 380 7.19 -32.77 21.14
CA GLU A 380 7.20 -32.41 19.73
C GLU A 380 5.91 -31.69 19.31
N VAL A 381 4.79 -32.03 19.95
CA VAL A 381 3.53 -31.38 19.58
C VAL A 381 3.44 -29.91 20.00
N ASP A 382 4.06 -29.57 21.13
CA ASP A 382 3.95 -28.20 21.70
C ASP A 382 5.19 -27.35 21.45
N LYS A 383 6.36 -28.00 21.42
CA LYS A 383 7.63 -27.35 21.08
C LYS A 383 8.07 -26.22 22.03
N MET A 384 7.85 -26.43 23.33
CA MET A 384 8.41 -25.53 24.33
C MET A 384 8.92 -26.33 25.53
N VAL A 385 9.85 -25.76 26.27
CA VAL A 385 10.31 -26.41 27.50
C VAL A 385 9.28 -26.19 28.59
N VAL A 386 8.79 -27.29 29.16
CA VAL A 386 7.84 -27.27 30.27
C VAL A 386 8.59 -27.69 31.52
N THR A 387 8.44 -26.90 32.60
CA THR A 387 9.15 -27.16 33.85
C THR A 387 8.40 -28.13 34.76
N LEU A 388 9.13 -29.08 35.36
CA LEU A 388 8.54 -30.08 36.26
C LEU A 388 8.83 -29.73 37.72
N THR A 389 7.91 -30.06 38.61
CA THR A 389 8.18 -29.91 40.04
C THR A 389 9.08 -31.05 40.52
N THR A 404 8.59 -8.14 44.84
CA THR A 404 8.59 -6.71 44.41
C THR A 404 7.95 -6.53 43.05
N VAL A 405 6.97 -5.65 43.01
CA VAL A 405 6.21 -5.35 41.80
C VAL A 405 7.04 -4.60 40.73
N VAL A 406 7.16 -5.17 39.53
CA VAL A 406 7.91 -4.52 38.44
C VAL A 406 6.96 -3.58 37.69
N VAL A 407 7.17 -2.28 37.88
CA VAL A 407 6.31 -1.30 37.22
C VAL A 407 6.98 -0.84 35.94
N THR A 408 6.35 -1.07 34.79
CA THR A 408 6.93 -0.57 33.55
C THR A 408 6.35 0.82 33.25
N THR A 409 7.20 1.74 32.81
CA THR A 409 6.75 3.06 32.52
C THR A 409 7.61 3.66 31.41
N ILE A 410 7.25 4.86 30.95
CA ILE A 410 7.96 5.50 29.84
C ILE A 410 8.49 6.89 30.20
N LEU A 411 9.65 7.26 29.63
CA LEU A 411 10.21 8.57 29.93
C LEU A 411 9.52 9.62 29.07
N GLU A 412 8.46 10.20 29.63
CA GLU A 412 7.67 11.21 28.95
C GLU A 412 7.34 12.31 29.98
N SER A 413 7.73 13.54 29.68
CA SER A 413 7.46 14.68 30.57
C SER A 413 5.99 15.12 30.50
N PRO A 414 5.37 15.43 31.65
CA PRO A 414 5.96 15.43 33.00
C PRO A 414 5.61 14.18 33.83
N TYR A 415 5.25 13.10 33.16
CA TYR A 415 4.88 11.83 33.82
C TYR A 415 6.05 11.14 34.52
N VAL A 416 7.15 10.95 33.80
CA VAL A 416 8.36 10.33 34.36
C VAL A 416 9.55 11.04 33.70
N MET A 417 10.39 11.62 34.55
CA MET A 417 11.53 12.36 34.06
C MET A 417 12.72 12.00 34.91
N MET A 418 13.90 12.14 34.34
CA MET A 418 15.11 11.84 35.07
C MET A 418 15.39 13.05 35.92
N LYS A 419 15.58 12.89 37.23
CA LYS A 419 15.93 14.06 38.04
C LYS A 419 17.28 14.59 37.49
N LYS A 420 17.54 15.88 37.72
CA LYS A 420 18.77 16.48 37.22
C LYS A 420 20.05 15.88 37.79
N ASN A 421 19.97 15.37 39.01
CA ASN A 421 21.13 14.76 39.65
C ASN A 421 21.02 13.22 39.75
N HIS A 422 20.45 12.59 38.70
CA HIS A 422 20.22 11.11 38.75
C HIS A 422 21.50 10.32 39.04
N GLU A 423 22.63 10.82 38.61
CA GLU A 423 23.87 10.21 39.01
C GLU A 423 24.12 10.70 40.45
N MET A 424 23.80 9.81 41.38
CA MET A 424 23.95 9.96 42.81
C MET A 424 22.78 9.18 43.40
N LEU A 425 21.80 8.94 42.52
CA LEU A 425 20.62 8.25 42.85
C LEU A 425 20.54 6.91 42.15
N GLU A 426 19.89 6.02 42.87
CA GLU A 426 19.67 4.66 42.42
C GLU A 426 18.18 4.37 42.61
N GLY A 427 17.71 3.33 41.92
CA GLY A 427 16.34 2.92 42.05
C GLY A 427 15.31 3.92 41.65
N ASN A 428 14.20 3.87 42.36
CA ASN A 428 13.05 4.75 42.13
C ASN A 428 13.35 6.24 42.29
N GLU A 429 14.38 6.55 43.09
CA GLU A 429 14.83 7.91 43.34
C GLU A 429 15.39 8.67 42.14
N ARG A 430 15.81 7.94 41.11
CA ARG A 430 16.35 8.56 39.89
C ARG A 430 15.30 9.36 39.11
N TYR A 431 14.03 9.02 39.32
CA TYR A 431 12.90 9.61 38.61
C TYR A 431 11.95 10.48 39.43
N GLU A 432 11.23 11.34 38.73
CA GLU A 432 10.24 12.24 39.32
C GLU A 432 9.16 12.54 38.25
N GLY A 433 7.98 12.92 38.70
CA GLY A 433 6.92 13.22 37.77
C GLY A 433 5.56 12.81 38.26
N TYR A 434 4.53 13.14 37.47
CA TYR A 434 3.15 12.80 37.78
C TYR A 434 2.96 11.29 38.05
N CYS A 435 3.51 10.46 37.16
CA CYS A 435 3.40 9.02 37.27
C CYS A 435 4.27 8.37 38.37
N VAL A 436 5.33 9.06 38.78
CA VAL A 436 6.21 8.56 39.86
C VAL A 436 5.41 8.74 41.15
N ASP A 437 4.77 9.90 41.26
CA ASP A 437 3.95 10.20 42.41
C ASP A 437 2.76 9.28 42.43
N LEU A 438 2.11 9.09 41.28
CA LEU A 438 0.94 8.22 41.18
C LEU A 438 1.27 6.77 41.55
N ALA A 439 2.48 6.31 41.20
CA ALA A 439 2.94 4.96 41.52
C ALA A 439 3.08 4.77 43.05
N ALA A 440 3.63 5.79 43.71
CA ALA A 440 3.81 5.76 45.15
C ALA A 440 2.45 5.69 45.86
N GLU A 441 1.50 6.47 45.34
CA GLU A 441 0.14 6.49 45.88
C GLU A 441 -0.59 5.15 45.73
N ILE A 442 -0.55 4.54 44.55
CA ILE A 442 -1.26 3.27 44.37
C ILE A 442 -0.56 2.10 45.08
N ALA A 443 0.77 2.16 45.16
CA ALA A 443 1.54 1.13 45.85
C ALA A 443 1.16 1.16 47.33
N LYS A 444 1.04 2.38 47.87
CA LYS A 444 0.68 2.60 49.26
C LYS A 444 -0.74 2.12 49.55
N HIS A 445 -1.66 2.51 48.68
CA HIS A 445 -3.06 2.15 48.82
C HIS A 445 -3.32 0.68 48.57
N CYS A 446 -2.45 0.04 47.80
CA CYS A 446 -2.59 -1.39 47.50
C CYS A 446 -1.72 -2.24 48.41
N GLY A 447 -0.76 -1.61 49.09
CA GLY A 447 0.12 -2.35 49.97
C GLY A 447 1.16 -3.25 49.32
N PHE A 448 1.99 -2.67 48.45
CA PHE A 448 3.04 -3.42 47.78
C PHE A 448 4.26 -2.53 47.59
N LYS A 449 5.41 -3.20 47.49
CA LYS A 449 6.71 -2.56 47.27
C LYS A 449 6.93 -2.73 45.77
N TYR A 450 7.57 -1.77 45.10
CA TYR A 450 7.77 -1.86 43.66
C TYR A 450 9.11 -1.29 43.15
N LYS A 451 9.40 -1.58 41.88
CA LYS A 451 10.62 -1.13 41.20
C LYS A 451 10.22 -0.51 39.87
N LEU A 452 10.54 0.77 39.71
CA LEU A 452 10.25 1.50 38.49
C LEU A 452 11.26 1.15 37.40
N THR A 453 10.76 0.71 36.25
CA THR A 453 11.66 0.39 35.14
C THR A 453 11.17 1.03 33.87
N ILE A 454 12.07 1.68 33.15
CA ILE A 454 11.71 2.32 31.89
C ILE A 454 11.60 1.24 30.81
N VAL A 455 10.54 1.33 30.00
CA VAL A 455 10.30 0.36 28.96
C VAL A 455 11.49 0.29 28.00
N GLY A 456 12.01 -0.93 27.85
CA GLY A 456 13.15 -1.19 26.99
C GLY A 456 13.13 -0.56 25.63
N ASP A 457 12.05 -0.76 24.84
CA ASP A 457 11.99 -0.18 23.49
C ASP A 457 11.43 1.24 23.43
N GLY A 458 11.10 1.80 24.60
CA GLY A 458 10.59 3.16 24.65
C GLY A 458 9.27 3.41 23.97
N LYS A 459 8.49 2.35 23.77
CA LYS A 459 7.20 2.43 23.11
C LYS A 459 6.03 2.23 24.06
N TYR A 460 4.84 2.60 23.60
CA TYR A 460 3.60 2.50 24.37
C TYR A 460 2.97 1.10 24.29
N GLY A 461 2.78 0.60 23.08
CA GLY A 461 2.21 -0.72 22.91
C GLY A 461 1.30 -0.85 21.71
N ALA A 462 1.81 -1.46 20.65
CA ALA A 462 1.05 -1.70 19.42
C ALA A 462 1.39 -3.14 18.97
N ARG A 463 0.49 -3.77 18.25
CA ARG A 463 0.70 -5.14 17.77
C ARG A 463 1.09 -5.14 16.32
N ASP A 464 2.28 -5.66 16.00
CA ASP A 464 2.70 -5.69 14.60
C ASP A 464 1.66 -6.52 13.83
N ALA A 465 1.14 -5.96 12.74
CA ALA A 465 0.13 -6.67 11.96
C ALA A 465 0.64 -8.00 11.35
N ASP A 466 1.91 -8.04 10.97
CA ASP A 466 2.53 -9.23 10.39
C ASP A 466 3.05 -10.23 11.44
N THR A 467 4.03 -9.84 12.26
CA THR A 467 4.57 -10.76 13.26
C THR A 467 3.56 -11.05 14.38
N LYS A 468 2.51 -10.21 14.45
CA LYS A 468 1.47 -10.34 15.45
C LYS A 468 2.02 -10.16 16.88
N ILE A 469 3.20 -9.57 17.02
CA ILE A 469 3.75 -9.37 18.36
C ILE A 469 3.61 -7.95 18.94
N TRP A 470 3.34 -7.92 20.25
CA TRP A 470 3.17 -6.68 21.00
C TRP A 470 4.48 -6.04 21.42
N ASN A 471 4.57 -4.73 21.23
CA ASN A 471 5.75 -3.98 21.64
C ASN A 471 5.43 -3.07 22.84
N GLY A 472 6.41 -2.25 23.22
CA GLY A 472 6.24 -1.29 24.30
C GLY A 472 5.83 -1.82 25.65
N MET A 473 5.16 -0.96 26.42
CA MET A 473 4.71 -1.33 27.74
C MET A 473 3.67 -2.44 27.70
N VAL A 474 2.82 -2.44 26.67
CA VAL A 474 1.79 -3.47 26.53
C VAL A 474 2.49 -4.81 26.33
N GLY A 475 3.52 -4.83 25.49
CA GLY A 475 4.27 -6.05 25.24
C GLY A 475 4.87 -6.61 26.51
N GLU A 476 5.45 -5.73 27.34
CA GLU A 476 6.05 -6.15 28.61
C GLU A 476 5.04 -6.77 29.56
N LEU A 477 3.76 -6.37 29.49
CA LEU A 477 2.72 -6.96 30.36
C LEU A 477 2.23 -8.29 29.80
N VAL A 478 1.96 -8.31 28.49
CA VAL A 478 1.48 -9.48 27.75
C VAL A 478 2.47 -10.66 27.83
N TYR A 479 3.76 -10.33 27.76
CA TYR A 479 4.80 -11.34 27.76
C TYR A 479 5.39 -11.71 29.13
N GLY A 480 4.89 -11.06 30.16
CA GLY A 480 5.30 -11.34 31.52
C GLY A 480 6.57 -10.70 32.02
N LYS A 481 7.08 -9.68 31.33
CA LYS A 481 8.31 -9.01 31.74
C LYS A 481 8.05 -7.89 32.79
N ALA A 482 6.78 -7.53 33.01
CA ALA A 482 6.41 -6.52 34.00
C ALA A 482 5.04 -6.89 34.54
N ASP A 483 4.70 -6.47 35.76
CA ASP A 483 3.38 -6.82 36.25
C ASP A 483 2.38 -5.67 36.37
N ILE A 484 2.82 -4.46 36.01
CA ILE A 484 1.93 -3.28 36.07
C ILE A 484 2.56 -2.13 35.28
N ALA A 485 1.71 -1.37 34.59
CA ALA A 485 2.18 -0.23 33.82
C ALA A 485 1.55 1.04 34.36
N ILE A 486 2.36 1.92 34.93
CA ILE A 486 1.83 3.20 35.43
C ILE A 486 2.47 4.27 34.52
N ALA A 487 1.70 4.69 33.52
CA ALA A 487 2.17 5.68 32.54
C ALA A 487 1.04 6.34 31.75
N PRO A 488 1.38 7.32 30.90
CA PRO A 488 0.34 7.98 30.10
C PRO A 488 -0.02 7.07 28.91
N LEU A 489 -0.64 5.94 29.23
CA LEU A 489 -1.06 4.91 28.27
C LEU A 489 -2.56 4.99 28.08
N THR A 490 -2.98 5.30 26.85
CA THR A 490 -4.38 5.41 26.52
C THR A 490 -5.11 4.06 26.52
N ILE A 491 -6.32 4.07 27.09
CA ILE A 491 -7.20 2.91 27.12
C ILE A 491 -7.85 2.81 25.71
N THR A 492 -7.47 1.76 24.98
CA THR A 492 -7.99 1.54 23.63
C THR A 492 -8.52 0.09 23.59
N LEU A 493 -9.44 -0.16 22.66
CA LEU A 493 -10.05 -1.48 22.48
C LEU A 493 -9.02 -2.57 22.23
N VAL A 494 -8.21 -2.36 21.20
CA VAL A 494 -7.18 -3.30 20.81
C VAL A 494 -6.27 -3.69 22.01
N ARG A 495 -5.91 -2.75 22.87
CA ARG A 495 -5.08 -3.04 24.04
C ARG A 495 -5.89 -3.75 25.14
N GLU A 496 -7.14 -3.33 25.30
CA GLU A 496 -8.03 -3.90 26.30
C GLU A 496 -8.33 -5.36 26.04
N GLU A 497 -8.25 -5.76 24.78
CA GLU A 497 -8.50 -7.14 24.42
C GLU A 497 -7.37 -8.06 24.91
N VAL A 498 -6.18 -7.49 25.19
CA VAL A 498 -5.01 -8.25 25.66
C VAL A 498 -4.50 -7.93 27.08
N ILE A 499 -4.84 -6.77 27.61
CA ILE A 499 -4.44 -6.43 28.98
C ILE A 499 -5.62 -5.84 29.75
N ASP A 500 -5.46 -5.66 31.05
CA ASP A 500 -6.52 -5.07 31.88
C ASP A 500 -6.18 -3.61 32.16
N PHE A 501 -7.19 -2.74 32.17
CA PHE A 501 -7.04 -1.35 32.41
C PHE A 501 -7.93 -0.85 33.54
N SER A 502 -7.37 -0.02 34.42
CA SER A 502 -8.17 0.53 35.49
C SER A 502 -9.02 1.63 34.81
N LYS A 503 -9.88 2.25 35.60
CA LYS A 503 -10.68 3.37 35.10
C LYS A 503 -9.61 4.45 34.90
N PRO A 504 -9.85 5.40 33.96
CA PRO A 504 -8.92 6.50 33.64
C PRO A 504 -8.52 7.43 34.80
N PHE A 505 -7.22 7.70 34.93
CA PHE A 505 -6.74 8.58 36.00
C PHE A 505 -6.58 10.00 35.46
N MET A 506 -6.74 10.13 34.15
CA MET A 506 -6.61 11.42 33.48
C MET A 506 -7.29 11.38 32.11
N SER A 507 -8.01 12.46 31.78
CA SER A 507 -8.73 12.62 30.53
C SER A 507 -7.91 13.39 29.53
N LEU A 508 -8.21 13.19 28.27
CA LEU A 508 -7.54 13.91 27.17
C LEU A 508 -8.34 13.81 25.86
N GLY A 509 -7.89 14.61 24.90
CA GLY A 509 -8.51 14.62 23.59
C GLY A 509 -7.61 15.34 22.61
N ILE A 510 -7.90 15.19 21.32
CA ILE A 510 -7.13 15.86 20.29
C ILE A 510 -7.38 17.37 20.39
N SER A 511 -6.30 18.13 20.37
CA SER A 511 -6.34 19.60 20.47
C SER A 511 -5.34 20.16 19.47
N ILE A 512 -5.35 21.49 19.37
CA ILE A 512 -4.47 22.23 18.44
C ILE A 512 -3.37 23.04 19.14
N MET A 513 -2.13 22.87 18.66
CA MET A 513 -0.99 23.60 19.14
C MET A 513 -0.53 24.57 18.06
N ILE A 514 -0.48 25.87 18.38
CA ILE A 514 -0.02 26.88 17.42
C ILE A 514 1.11 27.64 18.08
N LYS A 515 1.94 28.19 17.22
CA LYS A 515 2.98 29.08 17.69
C LYS A 515 2.21 30.37 18.02
N LYS A 516 2.43 31.00 19.17
CA LYS A 516 1.67 32.23 19.48
C LYS A 516 1.82 33.29 18.38
N LYS A 519 1.68 38.31 24.60
CA LYS A 519 0.78 39.37 25.04
C LYS A 519 1.52 40.65 25.42
N SER A 520 2.62 40.91 24.72
CA SER A 520 3.39 42.13 24.94
C SER A 520 3.93 42.66 23.61
N LYS A 521 3.72 43.95 23.36
CA LYS A 521 4.19 44.57 22.13
C LYS A 521 4.08 46.09 22.19
N PRO A 522 4.96 46.73 22.97
CA PRO A 522 4.99 48.19 23.06
C PRO A 522 5.54 48.82 21.79
N GLY A 523 6.80 49.25 21.84
CA GLY A 523 7.43 49.90 20.70
C GLY A 523 6.77 51.23 20.39
N VAL A 524 7.42 52.31 20.81
CA VAL A 524 6.92 53.66 20.55
C VAL A 524 6.84 53.90 19.03
N PHE A 525 7.36 52.96 18.26
CA PHE A 525 7.37 53.05 16.81
C PHE A 525 6.01 52.73 16.19
N SER A 526 5.01 52.46 17.02
CA SER A 526 3.65 52.26 16.55
C SER A 526 2.91 53.60 16.56
N PHE A 527 3.60 54.64 17.00
CA PHE A 527 3.06 55.98 17.06
C PHE A 527 3.64 56.83 15.93
N LEU A 528 4.85 56.46 15.50
CA LEU A 528 5.52 57.16 14.41
C LEU A 528 5.09 56.59 13.06
N ASP A 529 4.38 55.47 13.09
CA ASP A 529 3.93 54.81 11.87
C ASP A 529 2.69 55.46 11.28
N PRO A 530 1.63 55.64 12.10
CA PRO A 530 0.40 56.25 11.61
C PRO A 530 0.73 57.49 10.80
N LEU A 531 1.37 58.46 11.42
CA LEU A 531 1.80 59.61 10.67
C LEU A 531 3.28 59.43 10.36
N ALA A 532 3.56 59.32 9.06
CA ALA A 532 4.87 58.99 8.52
C ALA A 532 5.89 60.01 8.99
N TYR A 533 7.14 59.55 9.13
CA TYR A 533 8.23 60.43 9.54
C TYR A 533 8.35 61.61 8.58
N GLU A 534 8.09 61.34 7.30
CA GLU A 534 8.17 62.37 6.27
C GLU A 534 7.11 63.43 6.49
N ILE A 535 5.95 62.99 6.98
CA ILE A 535 4.84 63.89 7.21
C ILE A 535 5.05 64.73 8.47
N TRP A 536 5.59 64.11 9.53
CA TRP A 536 5.90 64.84 10.75
C TRP A 536 6.89 65.96 10.44
N MET A 537 7.77 65.70 9.47
CA MET A 537 8.79 66.67 9.08
C MET A 537 8.15 67.88 8.40
N CYS A 538 7.41 67.61 7.32
CA CYS A 538 6.79 68.68 6.55
C CYS A 538 5.83 69.51 7.38
N ILE A 539 5.10 68.87 8.28
CA ILE A 539 4.17 69.57 9.16
C ILE A 539 4.92 70.50 10.10
N VAL A 540 6.20 70.22 10.31
CA VAL A 540 7.06 71.05 11.14
C VAL A 540 7.69 72.16 10.30
N PHE A 541 8.04 71.84 9.06
CA PHE A 541 8.59 72.83 8.14
C PHE A 541 7.54 73.90 7.81
N ALA A 542 6.32 73.45 7.56
CA ALA A 542 5.21 74.37 7.31
C ALA A 542 4.84 75.09 8.61
N TYR A 543 5.14 74.44 9.73
CA TYR A 543 4.88 75.04 11.04
C TYR A 543 5.70 76.32 11.22
N ILE A 544 7.00 76.21 11.02
CA ILE A 544 7.88 77.38 11.09
C ILE A 544 7.70 78.22 9.84
N GLY A 545 7.12 77.62 8.80
CA GLY A 545 6.86 78.33 7.55
C GLY A 545 5.72 79.31 7.69
N VAL A 546 4.90 79.12 8.72
CA VAL A 546 3.79 80.01 9.00
C VAL A 546 4.18 81.03 10.07
N SER A 547 4.96 80.58 11.05
CA SER A 547 5.42 81.45 12.12
C SER A 547 6.41 82.49 11.59
N VAL A 548 6.93 82.26 10.39
CA VAL A 548 7.84 83.19 9.76
C VAL A 548 7.07 84.16 8.85
N VAL A 549 5.98 83.66 8.26
CA VAL A 549 5.11 84.50 7.45
C VAL A 549 4.37 85.51 8.32
N LEU A 550 3.89 85.03 9.46
CA LEU A 550 3.24 85.89 10.44
C LEU A 550 4.25 86.88 11.02
N PHE A 551 5.49 86.43 11.15
CA PHE A 551 6.56 87.26 11.69
C PHE A 551 6.83 88.47 10.80
N LEU A 552 6.51 88.34 9.52
CA LEU A 552 6.72 89.43 8.56
C LEU A 552 5.54 90.40 8.57
N VAL A 553 4.45 90.00 9.22
CA VAL A 553 3.25 90.82 9.28
C VAL A 553 3.41 91.96 10.28
N SER A 554 3.83 91.63 11.48
CA SER A 554 4.02 92.63 12.54
C SER A 554 5.12 93.63 12.17
N PRO A 603 -6.14 91.77 15.43
CA PRO A 603 -7.56 91.82 15.04
C PRO A 603 -7.77 91.30 13.62
N ARG A 604 -8.53 92.05 12.82
CA ARG A 604 -8.88 91.62 11.47
C ARG A 604 -7.85 92.06 10.43
N SER A 605 -6.61 91.62 10.61
CA SER A 605 -5.56 91.87 9.61
C SER A 605 -5.68 90.84 8.50
N LEU A 606 -6.51 91.15 7.51
CA LEU A 606 -6.84 90.22 6.43
C LEU A 606 -5.65 89.39 5.95
N SER A 607 -4.49 90.04 5.83
CA SER A 607 -3.28 89.36 5.38
C SER A 607 -3.02 88.09 6.18
N GLY A 608 -2.54 88.27 7.41
CA GLY A 608 -2.24 87.14 8.28
C GLY A 608 -3.48 86.43 8.77
N ARG A 609 -4.65 87.01 8.48
CA ARG A 609 -5.92 86.42 8.89
C ARG A 609 -6.20 85.12 8.14
N ILE A 610 -6.11 85.17 6.81
CA ILE A 610 -6.34 83.99 6.00
C ILE A 610 -5.25 82.95 6.21
N VAL A 611 -4.10 83.40 6.68
CA VAL A 611 -3.01 82.49 7.02
C VAL A 611 -3.40 81.59 8.19
N GLY A 612 -3.98 82.20 9.22
CA GLY A 612 -4.45 81.45 10.38
C GLY A 612 -5.59 80.52 10.03
N GLY A 613 -6.42 80.94 9.08
CA GLY A 613 -7.54 80.14 8.64
C GLY A 613 -7.11 78.94 7.81
N VAL A 614 -6.24 79.20 6.83
CA VAL A 614 -5.74 78.14 5.96
C VAL A 614 -4.88 77.15 6.75
N TRP A 615 -4.07 77.66 7.67
CA TRP A 615 -3.25 76.80 8.52
C TRP A 615 -4.12 75.93 9.41
N TRP A 616 -5.26 76.49 9.83
CA TRP A 616 -6.21 75.74 10.65
C TRP A 616 -6.86 74.63 9.85
N PHE A 617 -7.25 74.94 8.62
CA PHE A 617 -7.83 73.96 7.72
C PHE A 617 -6.81 72.87 7.39
N PHE A 618 -5.55 73.27 7.33
CA PHE A 618 -4.46 72.34 7.05
C PHE A 618 -4.28 71.33 8.18
N THR A 619 -4.18 71.83 9.41
CA THR A 619 -4.01 70.96 10.57
C THR A 619 -5.26 70.13 10.84
N LEU A 620 -6.41 70.67 10.46
CA LEU A 620 -7.67 69.95 10.60
C LEU A 620 -7.64 68.66 9.78
N ILE A 621 -7.22 68.77 8.54
CA ILE A 621 -7.12 67.62 7.64
C ILE A 621 -6.13 66.58 8.18
N ILE A 622 -4.97 67.06 8.63
CA ILE A 622 -3.93 66.17 9.15
C ILE A 622 -4.38 65.37 10.36
N ILE A 623 -4.91 66.07 11.38
CA ILE A 623 -5.37 65.41 12.58
C ILE A 623 -6.54 64.46 12.29
N SER A 624 -7.32 64.79 11.27
CA SER A 624 -8.40 63.93 10.83
C SER A 624 -7.83 62.68 10.17
N SER A 625 -6.79 62.87 9.37
CA SER A 625 -6.12 61.75 8.71
C SER A 625 -5.47 60.83 9.73
N TYR A 626 -4.78 61.42 10.70
CA TYR A 626 -4.14 60.64 11.76
C TYR A 626 -5.17 59.80 12.51
N THR A 627 -6.29 60.42 12.85
CA THR A 627 -7.35 59.73 13.58
C THR A 627 -7.94 58.58 12.77
N ALA A 628 -8.29 58.86 11.52
CA ALA A 628 -8.86 57.85 10.64
C ALA A 628 -7.90 56.69 10.43
N ASN A 629 -6.65 57.01 10.10
CA ASN A 629 -5.64 56.00 9.87
C ASN A 629 -5.37 55.14 11.09
N LEU A 630 -5.33 55.78 12.26
CA LEU A 630 -5.10 55.07 13.51
C LEU A 630 -6.23 54.10 13.81
N ALA A 631 -7.41 54.41 13.29
CA ALA A 631 -8.59 53.55 13.48
C ALA A 631 -8.49 52.26 12.67
N ALA A 632 -7.98 52.35 11.44
CA ALA A 632 -7.90 51.14 10.61
C ALA A 632 -6.93 50.13 11.22
N PHE A 633 -5.85 50.64 11.82
CA PHE A 633 -4.85 49.78 12.44
C PHE A 633 -5.40 49.12 13.71
N LEU A 634 -6.41 49.73 14.30
CA LEU A 634 -7.03 49.19 15.50
C LEU A 634 -8.23 48.33 15.14
N THR A 635 -8.90 48.68 14.05
CA THR A 635 -10.03 47.90 13.57
C THR A 635 -9.56 46.53 13.08
N VAL A 636 -8.48 46.54 12.29
CA VAL A 636 -7.90 45.30 11.79
C VAL A 636 -7.26 44.50 12.93
N GLU A 637 -6.74 45.21 13.92
CA GLU A 637 -6.10 44.58 15.07
C GLU A 637 -7.14 43.74 15.79
N ARG A 638 -8.39 44.15 15.69
CA ARG A 638 -9.43 43.36 16.31
C ARG A 638 -9.95 42.29 15.39
N MET A 639 -9.95 42.57 14.09
CA MET A 639 -10.36 41.60 13.09
C MET A 639 -9.63 40.27 13.25
N VAL A 640 -8.33 40.34 13.53
CA VAL A 640 -7.53 39.15 13.73
C VAL A 640 -8.09 38.32 14.88
N SER A 641 -8.87 37.30 14.53
CA SER A 641 -9.50 36.45 15.54
C SER A 641 -8.63 35.25 15.86
N PRO A 642 -3.02 33.06 13.42
CA PRO A 642 -4.45 33.39 13.36
C PRO A 642 -5.37 32.16 13.25
N ILE A 643 -5.25 31.25 14.22
CA ILE A 643 -6.04 30.02 14.27
C ILE A 643 -6.52 29.86 15.72
N GLU A 644 -7.80 29.55 15.88
CA GLU A 644 -8.40 29.36 17.20
C GLU A 644 -9.21 28.08 17.33
N SER A 645 -9.35 27.33 16.24
CA SER A 645 -10.13 26.09 16.26
C SER A 645 -9.84 25.19 15.06
N ALA A 646 -10.39 23.97 15.09
CA ALA A 646 -10.27 23.01 14.00
C ALA A 646 -10.98 23.61 12.81
N GLU A 647 -12.13 24.22 13.05
CA GLU A 647 -12.88 24.84 11.99
C GLU A 647 -12.06 25.91 11.28
N ASP A 648 -11.29 26.70 12.05
CA ASP A 648 -10.42 27.75 11.48
C ASP A 648 -9.42 27.08 10.55
N LEU A 649 -8.79 26.03 11.08
CA LEU A 649 -7.80 25.26 10.34
C LEU A 649 -8.39 24.73 9.04
N SER A 650 -9.54 24.03 9.18
CA SER A 650 -10.23 23.39 8.04
C SER A 650 -10.56 24.28 6.84
N LYS A 651 -10.72 25.55 7.13
CA LYS A 651 -11.05 26.58 6.18
C LYS A 651 -9.95 27.21 5.30
N GLN A 652 -8.71 26.86 5.60
CA GLN A 652 -7.64 27.48 4.86
C GLN A 652 -6.41 26.68 4.48
N THR A 653 -5.40 27.39 3.98
CA THR A 653 -4.12 26.74 3.59
C THR A 653 -2.87 27.66 3.60
N GLU A 654 -2.90 28.65 4.48
CA GLU A 654 -1.76 29.54 4.64
C GLU A 654 -0.91 28.88 5.72
N ILE A 655 -1.63 28.33 6.70
CA ILE A 655 -1.05 27.62 7.82
C ILE A 655 -1.27 26.13 7.57
N ALA A 656 -0.18 25.40 7.35
CA ALA A 656 -0.28 23.96 7.16
C ALA A 656 -0.52 23.31 8.53
N TYR A 657 -1.06 22.12 8.53
CA TYR A 657 -1.31 21.43 9.78
C TYR A 657 -1.32 19.94 9.56
N GLY A 658 -0.77 19.21 10.52
CA GLY A 658 -0.68 17.76 10.44
C GLY A 658 -0.77 17.08 11.79
N THR A 659 -0.54 15.78 11.80
CA THR A 659 -0.64 14.96 12.99
C THR A 659 0.51 13.96 12.93
N LEU A 660 0.66 13.18 14.00
CA LEU A 660 1.68 12.13 14.06
C LEU A 660 1.44 11.28 12.81
N ASP A 661 2.52 10.78 12.18
CA ASP A 661 2.40 10.00 10.93
C ASP A 661 1.72 8.65 11.02
N SER A 662 1.62 8.13 12.25
CA SER A 662 0.97 6.85 12.50
C SER A 662 0.40 7.02 13.90
N GLY A 663 -0.73 6.39 14.19
CA GLY A 663 -1.31 6.51 15.53
C GLY A 663 -2.79 6.84 15.53
N SER A 664 -3.37 6.97 16.72
CA SER A 664 -4.81 7.25 16.83
C SER A 664 -5.34 8.60 16.34
N THR A 665 -4.48 9.63 16.35
CA THR A 665 -4.93 10.95 15.92
C THR A 665 -5.03 10.93 14.41
N LYS A 666 -4.06 10.32 13.73
CA LYS A 666 -4.12 10.24 12.27
C LYS A 666 -5.36 9.45 11.86
N GLU A 667 -5.55 8.30 12.49
CA GLU A 667 -6.71 7.45 12.23
C GLU A 667 -8.04 8.18 12.48
N PHE A 668 -8.16 8.91 13.58
CA PHE A 668 -9.37 9.67 13.90
C PHE A 668 -9.86 10.45 12.68
N PHE A 669 -8.94 11.20 12.06
CA PHE A 669 -9.26 11.99 10.87
C PHE A 669 -9.53 11.14 9.63
N ARG A 670 -8.77 10.06 9.48
CA ARG A 670 -8.95 9.17 8.34
C ARG A 670 -10.33 8.53 8.31
N ARG A 671 -10.80 8.12 9.50
CA ARG A 671 -12.09 7.47 9.64
C ARG A 671 -13.30 8.37 9.86
N SER A 672 -13.09 9.57 10.37
CA SER A 672 -14.18 10.51 10.67
C SER A 672 -15.21 10.76 9.57
N LYS A 673 -16.46 10.90 10.01
CA LYS A 673 -17.56 11.16 9.09
C LYS A 673 -18.12 12.58 9.33
N ILE A 674 -17.48 13.33 10.22
CA ILE A 674 -17.86 14.70 10.54
C ILE A 674 -17.28 15.58 9.44
N ALA A 675 -18.09 16.49 8.90
CA ALA A 675 -17.66 17.35 7.80
C ALA A 675 -16.36 18.14 8.02
N VAL A 676 -16.21 18.82 9.15
CA VAL A 676 -14.97 19.58 9.42
C VAL A 676 -13.76 18.65 9.40
N PHE A 677 -13.84 17.55 10.17
CA PHE A 677 -12.74 16.59 10.25
C PHE A 677 -12.42 15.88 8.91
N ASP A 678 -13.44 15.63 8.09
CA ASP A 678 -13.24 14.99 6.78
C ASP A 678 -12.56 15.98 5.79
N LYS A 679 -12.85 17.28 5.96
CA LYS A 679 -12.24 18.32 5.14
C LYS A 679 -10.77 18.41 5.51
N MET A 680 -10.50 18.32 6.82
CA MET A 680 -9.14 18.38 7.31
C MET A 680 -8.35 17.15 6.90
N TRP A 681 -9.03 16.02 6.75
CA TRP A 681 -8.34 14.81 6.34
C TRP A 681 -7.97 14.85 4.86
N THR A 682 -8.90 15.20 3.98
CA THR A 682 -8.56 15.21 2.56
C THR A 682 -7.42 16.23 2.25
N TYR A 683 -7.33 17.30 3.06
CA TYR A 683 -6.26 18.27 2.91
C TYR A 683 -4.94 17.65 3.35
N MET A 684 -4.93 17.13 4.58
CA MET A 684 -3.73 16.55 5.17
C MET A 684 -3.09 15.42 4.38
N ARG A 685 -3.89 14.44 3.96
CA ARG A 685 -3.37 13.30 3.21
C ARG A 685 -2.70 13.65 1.88
N SER A 686 -3.03 14.81 1.32
CA SER A 686 -2.46 15.22 0.03
C SER A 686 -1.51 16.42 0.13
N ALA A 687 -1.39 17.00 1.32
CA ALA A 687 -0.54 18.16 1.54
C ALA A 687 0.89 17.84 1.21
N GLU A 688 1.54 18.79 0.54
CA GLU A 688 2.94 18.69 0.15
C GLU A 688 3.62 20.03 0.37
N PRO A 689 4.79 20.04 1.07
CA PRO A 689 5.40 18.85 1.65
C PRO A 689 4.60 18.25 2.83
N SER A 690 4.86 16.98 3.11
CA SER A 690 4.18 16.27 4.19
C SER A 690 3.98 17.00 5.50
N VAL A 691 2.73 17.03 5.96
CA VAL A 691 2.39 17.65 7.23
C VAL A 691 2.45 16.65 8.41
N PHE A 692 2.74 15.37 8.12
CA PHE A 692 2.86 14.33 9.13
C PHE A 692 4.28 14.23 9.69
N VAL A 693 4.37 14.02 11.00
CA VAL A 693 5.65 13.94 11.71
C VAL A 693 5.93 12.54 12.27
N ARG A 694 7.20 12.16 12.35
CA ARG A 694 7.59 10.85 12.85
C ARG A 694 7.38 10.74 14.37
N THR A 695 7.69 11.80 15.09
CA THR A 695 7.53 11.83 16.54
C THR A 695 6.72 13.04 17.00
N THR A 696 6.29 12.98 18.25
CA THR A 696 5.53 14.06 18.88
C THR A 696 6.47 15.25 19.07
N ALA A 697 7.70 14.98 19.51
CA ALA A 697 8.69 16.03 19.71
C ALA A 697 8.93 16.79 18.39
N GLU A 698 8.84 16.09 17.25
CA GLU A 698 9.04 16.70 15.94
C GLU A 698 7.89 17.65 15.62
N GLY A 699 6.69 17.23 15.96
CA GLY A 699 5.51 18.04 15.74
C GLY A 699 5.55 19.31 16.56
N VAL A 700 6.11 19.24 17.78
CA VAL A 700 6.24 20.42 18.63
C VAL A 700 7.35 21.34 18.08
N ALA A 701 8.48 20.75 17.73
CA ALA A 701 9.61 21.48 17.15
C ALA A 701 9.21 22.14 15.82
N ARG A 702 8.36 21.47 15.05
CA ARG A 702 7.90 21.98 13.75
C ARG A 702 7.06 23.21 13.95
N VAL A 703 6.22 23.19 14.98
CA VAL A 703 5.37 24.35 15.31
C VAL A 703 6.29 25.52 15.66
N ARG A 704 7.23 25.24 16.56
CA ARG A 704 8.18 26.24 17.04
C ARG A 704 9.15 26.83 16.01
N LYS A 705 9.46 26.06 14.98
CA LYS A 705 10.42 26.47 13.95
C LYS A 705 9.83 26.80 12.59
N SER A 706 8.51 26.79 12.47
CA SER A 706 7.87 27.07 11.19
C SER A 706 7.37 28.51 10.98
N LYS A 707 7.79 29.41 11.86
CA LYS A 707 7.45 30.84 11.78
C LYS A 707 5.97 31.18 11.61
N GLY A 708 5.12 30.48 12.36
CA GLY A 708 3.68 30.67 12.31
C GLY A 708 2.94 29.97 11.18
N LYS A 709 3.64 29.11 10.44
CA LYS A 709 3.03 28.43 9.29
C LYS A 709 2.66 26.96 9.50
N TYR A 710 2.77 26.49 10.75
CA TYR A 710 2.42 25.12 11.05
C TYR A 710 1.70 24.98 12.39
N ALA A 711 0.60 24.23 12.37
CA ALA A 711 -0.19 23.94 13.55
C ALA A 711 -0.13 22.41 13.72
N TYR A 712 -0.05 21.95 14.96
CA TYR A 712 0.03 20.52 15.21
C TYR A 712 -1.17 19.99 16.02
N LEU A 713 -1.73 18.88 15.56
CA LEU A 713 -2.83 18.20 16.22
C LEU A 713 -2.23 17.12 17.11
N LEU A 714 -2.33 17.29 18.43
CA LEU A 714 -1.78 16.34 19.41
C LEU A 714 -2.71 16.18 20.61
N GLU A 715 -2.34 15.34 21.57
CA GLU A 715 -3.15 15.16 22.78
C GLU A 715 -3.13 16.41 23.65
N SER A 716 -4.31 16.76 24.18
CA SER A 716 -4.48 17.95 25.03
C SER A 716 -3.54 18.04 26.23
N THR A 717 -3.26 16.90 26.85
CA THR A 717 -2.39 16.84 28.02
C THR A 717 -1.00 17.34 27.65
N MET A 718 -0.45 16.82 26.55
CA MET A 718 0.87 17.24 26.07
C MET A 718 0.86 18.73 25.65
N ASN A 719 -0.14 19.13 24.87
CA ASN A 719 -0.28 20.50 24.38
C ASN A 719 -0.26 21.49 25.58
N GLU A 720 -1.08 21.23 26.61
CA GLU A 720 -1.12 22.12 27.77
C GLU A 720 0.15 22.09 28.63
N TYR A 721 0.91 21.00 28.54
CA TYR A 721 2.15 20.92 29.29
C TYR A 721 3.23 21.78 28.61
N ILE A 722 3.37 21.67 27.29
CA ILE A 722 4.35 22.46 26.51
C ILE A 722 4.04 23.96 26.62
N GLU A 723 2.76 24.29 26.72
CA GLU A 723 2.35 25.68 26.84
C GLU A 723 2.93 26.32 28.13
N GLN A 724 3.23 25.49 29.11
CA GLN A 724 3.79 25.96 30.38
C GLN A 724 5.31 25.83 30.46
N ARG A 725 5.95 25.54 29.34
CA ARG A 725 7.40 25.38 29.26
C ARG A 725 8.05 26.51 28.47
N LYS A 726 9.24 26.92 28.89
CA LYS A 726 9.95 27.95 28.15
C LYS A 726 10.36 27.23 26.84
N PRO A 727 10.52 27.98 25.73
CA PRO A 727 10.39 29.43 25.55
C PRO A 727 8.99 30.09 25.60
N CYS A 728 7.97 29.36 26.04
CA CYS A 728 6.64 29.95 26.17
C CYS A 728 6.13 30.59 24.87
N ASP A 729 6.38 29.89 23.76
CA ASP A 729 5.98 30.34 22.44
C ASP A 729 4.90 29.52 21.76
N THR A 730 4.27 28.61 22.50
CA THR A 730 3.21 27.79 21.91
C THR A 730 1.91 28.08 22.64
N MET A 731 0.80 27.70 22.01
CA MET A 731 -0.50 27.91 22.62
C MET A 731 -1.47 26.84 22.19
N LYS A 732 -2.31 26.44 23.14
CA LYS A 732 -3.35 25.44 22.93
C LYS A 732 -4.64 26.18 22.57
N VAL A 733 -5.24 25.84 21.43
CA VAL A 733 -6.48 26.50 21.01
C VAL A 733 -7.62 25.52 20.67
N GLY A 734 -8.86 25.96 20.85
CA GLY A 734 -10.01 25.13 20.55
C GLY A 734 -10.32 24.05 21.58
N GLY A 735 -11.54 23.52 21.53
CA GLY A 735 -11.90 22.48 22.46
C GLY A 735 -11.36 21.18 21.92
N ASN A 736 -11.30 20.17 22.78
CA ASN A 736 -10.85 18.83 22.40
C ASN A 736 -11.76 18.30 21.29
N LEU A 737 -11.16 17.60 20.35
CA LEU A 737 -11.87 17.00 19.21
C LEU A 737 -12.50 15.65 19.55
N ASP A 738 -11.98 14.98 20.58
CA ASP A 738 -12.51 13.69 21.02
C ASP A 738 -12.23 13.52 22.51
N SER A 739 -12.56 12.35 23.06
CA SER A 739 -12.30 12.05 24.48
C SER A 739 -11.74 10.63 24.64
N LYS A 740 -10.59 10.55 25.32
CA LYS A 740 -9.88 9.31 25.60
C LYS A 740 -9.48 9.42 27.07
N GLY A 741 -8.79 8.40 27.56
CA GLY A 741 -8.32 8.41 28.93
C GLY A 741 -7.09 7.56 29.12
N TYR A 742 -6.22 7.94 30.07
CA TYR A 742 -5.04 7.13 30.40
C TYR A 742 -5.50 6.21 31.53
N GLY A 743 -4.96 5.00 31.55
CA GLY A 743 -5.29 4.04 32.59
C GLY A 743 -4.05 3.25 32.99
N ILE A 744 -4.06 2.70 34.21
CA ILE A 744 -2.96 1.86 34.68
C ILE A 744 -3.31 0.46 34.18
N ALA A 745 -2.34 -0.22 33.58
CA ALA A 745 -2.56 -1.55 33.00
C ALA A 745 -1.87 -2.69 33.77
N THR A 746 -2.44 -3.89 33.67
CA THR A 746 -1.90 -5.10 34.32
C THR A 746 -2.19 -6.27 33.40
N PRO A 747 -1.42 -7.38 33.52
CA PRO A 747 -1.68 -8.54 32.66
C PRO A 747 -3.11 -9.04 32.96
N LYS A 748 -3.74 -9.70 32.00
CA LYS A 748 -5.09 -10.21 32.26
C LYS A 748 -5.09 -11.27 33.36
N GLY A 749 -6.10 -11.19 34.22
CA GLY A 749 -6.21 -12.11 35.34
C GLY A 749 -5.26 -11.81 36.47
N SER A 750 -4.59 -10.66 36.43
CA SER A 750 -3.64 -10.29 37.48
C SER A 750 -4.32 -10.10 38.83
N SER A 751 -3.65 -10.50 39.91
CA SER A 751 -4.21 -10.35 41.25
C SER A 751 -4.18 -8.89 41.70
N LEU A 752 -3.45 -8.05 40.98
CA LEU A 752 -3.32 -6.63 41.30
C LEU A 752 -4.45 -5.76 40.71
N GLY A 753 -5.10 -6.23 39.65
CA GLY A 753 -6.15 -5.47 38.99
C GLY A 753 -7.30 -4.86 39.78
N THR A 754 -7.95 -5.62 40.66
CA THR A 754 -9.09 -5.10 41.42
C THR A 754 -8.70 -3.95 42.32
N PRO A 755 -7.65 -4.17 43.12
CA PRO A 755 -7.17 -3.19 44.08
C PRO A 755 -6.69 -1.92 43.44
N VAL A 756 -5.99 -2.07 42.31
CA VAL A 756 -5.44 -0.93 41.62
C VAL A 756 -6.55 -0.05 41.03
N ASN A 757 -7.62 -0.66 40.54
CA ASN A 757 -8.72 0.11 39.99
C ASN A 757 -9.40 0.89 41.15
N LEU A 758 -9.67 0.21 42.26
CA LEU A 758 -10.31 0.85 43.40
C LEU A 758 -9.47 2.02 43.88
N ALA A 759 -8.14 1.88 43.82
CA ALA A 759 -7.24 2.94 44.25
C ALA A 759 -7.36 4.21 43.41
N VAL A 760 -7.60 4.04 42.13
CA VAL A 760 -7.74 5.17 41.20
C VAL A 760 -9.02 5.94 41.49
N LEU A 761 -10.11 5.21 41.78
CA LEU A 761 -11.40 5.83 42.10
C LEU A 761 -11.26 6.67 43.36
N LYS A 762 -10.63 6.07 44.36
CA LYS A 762 -10.34 6.71 45.64
C LYS A 762 -9.49 8.00 45.48
N LEU A 763 -8.32 7.89 44.84
CA LEU A 763 -7.44 9.03 44.62
C LEU A 763 -8.18 10.13 43.88
N SER A 764 -9.01 9.74 42.92
CA SER A 764 -9.79 10.74 42.19
C SER A 764 -10.77 11.47 43.12
N GLU A 765 -11.52 10.70 43.89
CA GLU A 765 -12.50 11.21 44.84
C GLU A 765 -11.90 12.07 45.97
N GLN A 766 -10.69 11.74 46.42
CA GLN A 766 -9.98 12.50 47.45
C GLN A 766 -9.46 13.80 46.82
N GLY A 767 -9.56 13.88 45.50
CA GLY A 767 -9.08 15.04 44.75
C GLY A 767 -7.58 14.97 44.52
N VAL A 768 -6.95 13.84 44.78
CA VAL A 768 -5.50 13.72 44.61
C VAL A 768 -4.98 13.77 43.17
N LEU A 769 -5.68 13.14 42.23
CA LEU A 769 -5.24 13.17 40.83
C LEU A 769 -5.22 14.60 40.31
N ASP A 770 -6.20 15.43 40.72
CA ASP A 770 -6.23 16.83 40.28
C ASP A 770 -5.07 17.60 40.89
N LYS A 771 -4.72 17.28 42.13
CA LYS A 771 -3.60 17.95 42.80
C LYS A 771 -2.31 17.67 42.06
N LEU A 772 -2.16 16.40 41.65
CA LEU A 772 -0.98 15.93 40.95
C LEU A 772 -0.83 16.59 39.57
N LYS A 773 -1.95 16.75 38.85
CA LYS A 773 -1.87 17.37 37.54
C LYS A 773 -1.50 18.85 37.66
N ASN A 774 -2.09 19.54 38.64
CA ASN A 774 -1.79 20.95 38.85
C ASN A 774 -0.34 21.11 39.28
N LYS A 775 0.13 20.22 40.14
CA LYS A 775 1.51 20.30 40.59
C LYS A 775 2.51 20.22 39.44
N TRP A 776 2.33 19.24 38.56
CA TRP A 776 3.28 19.04 37.47
C TRP A 776 3.08 19.88 36.23
N TRP A 777 1.85 20.35 36.00
CA TRP A 777 1.56 21.20 34.85
C TRP A 777 1.68 22.68 35.17
N TYR A 778 1.06 23.12 36.26
CA TYR A 778 1.00 24.54 36.62
C TYR A 778 1.97 25.01 37.72
N ASP A 779 2.01 24.42 38.91
CA ASP A 779 2.93 24.93 39.93
C ASP A 779 4.37 24.96 39.44
N LYS A 780 4.75 23.92 38.70
CA LYS A 780 6.12 23.81 38.16
C LYS A 780 6.23 24.44 36.75
N GLY A 781 5.20 25.22 36.39
CA GLY A 781 5.15 25.89 35.10
C GLY A 781 6.13 27.05 35.05
N GLU A 782 6.58 27.36 33.84
CA GLU A 782 7.56 28.42 33.58
C GLU A 782 7.00 29.62 32.82
N CYS A 783 5.70 29.61 32.55
CA CYS A 783 5.08 30.69 31.79
C CYS A 783 3.99 31.45 32.57
N LYS A 793 -5.99 38.38 30.40
CA LYS A 793 -5.74 39.61 31.16
C LYS A 793 -5.41 40.77 30.24
N THR A 794 -5.47 40.53 28.93
CA THR A 794 -5.21 41.57 27.94
C THR A 794 -6.33 41.61 26.91
N SER A 795 -6.99 42.76 26.81
CA SER A 795 -8.13 42.91 25.91
C SER A 795 -8.25 44.30 25.31
N ALA A 796 -8.29 45.31 26.19
CA ALA A 796 -8.52 46.69 25.76
C ALA A 796 -7.27 47.34 25.17
N LEU A 797 -7.25 48.67 25.19
CA LEU A 797 -6.13 49.44 24.64
C LEU A 797 -4.92 49.44 25.57
N SER A 798 -3.73 49.44 24.98
CA SER A 798 -2.48 49.38 25.75
C SER A 798 -2.03 50.76 26.18
N LEU A 799 -1.02 50.80 27.05
CA LEU A 799 -0.46 52.05 27.56
C LEU A 799 0.78 52.44 26.77
N SER A 800 1.41 51.45 26.15
CA SER A 800 2.65 51.65 25.41
C SER A 800 2.63 52.88 24.50
N ASN A 801 1.76 52.87 23.51
CA ASN A 801 1.66 53.98 22.56
C ASN A 801 1.39 55.30 23.25
N VAL A 802 0.42 55.31 24.16
CA VAL A 802 0.05 56.52 24.88
C VAL A 802 1.21 57.04 25.71
N ALA A 803 2.07 56.13 26.18
CA ALA A 803 3.21 56.48 27.01
C ALA A 803 4.18 57.40 26.27
N GLY A 804 4.43 57.09 25.00
CA GLY A 804 5.34 57.89 24.20
C GLY A 804 4.94 59.36 24.14
N VAL A 805 3.65 59.62 24.25
CA VAL A 805 3.13 60.98 24.22
C VAL A 805 3.25 61.64 25.59
N PHE A 806 3.40 60.83 26.63
CA PHE A 806 3.59 61.34 27.98
C PHE A 806 5.01 61.85 28.18
N TYR A 807 5.98 61.13 27.62
CA TYR A 807 7.38 61.52 27.73
C TYR A 807 7.67 62.82 26.98
N ILE A 808 7.04 63.00 25.83
CA ILE A 808 7.21 64.22 25.04
C ILE A 808 6.54 65.40 25.74
N LEU A 809 5.58 65.11 26.61
CA LEU A 809 4.91 66.13 27.39
C LEU A 809 5.81 66.63 28.51
N VAL A 810 6.29 65.70 29.34
CA VAL A 810 7.19 66.04 30.44
C VAL A 810 8.44 66.72 29.91
N GLY A 811 8.87 66.30 28.71
CA GLY A 811 10.02 66.91 28.06
C GLY A 811 9.74 68.36 27.71
N GLY A 812 8.51 68.64 27.30
CA GLY A 812 8.09 69.99 26.99
C GLY A 812 7.98 70.84 28.25
N LEU A 813 7.51 70.23 29.33
CA LEU A 813 7.41 70.91 30.61
C LEU A 813 8.80 71.28 31.12
N GLY A 814 9.74 70.34 30.98
CA GLY A 814 11.10 70.58 31.40
C GLY A 814 11.76 71.67 30.59
N LEU A 815 11.50 71.67 29.28
CA LEU A 815 12.02 72.70 28.40
C LEU A 815 11.51 74.08 28.81
N ALA A 816 10.25 74.12 29.25
CA ALA A 816 9.65 75.37 29.70
C ALA A 816 10.23 75.80 31.04
N MET A 817 10.43 74.84 31.93
CA MET A 817 11.02 75.12 33.23
C MET A 817 12.45 75.66 33.06
N LEU A 818 13.04 75.36 31.91
CA LEU A 818 14.38 75.84 31.59
C LEU A 818 14.32 77.24 31.00
N VAL A 819 13.34 77.47 30.13
CA VAL A 819 13.15 78.78 29.50
C VAL A 819 12.68 79.79 30.54
N ALA A 820 11.98 79.31 31.56
CA ALA A 820 11.50 80.17 32.64
C ALA A 820 12.67 80.71 33.46
N LEU A 821 13.54 79.81 33.90
CA LEU A 821 14.69 80.19 34.73
C LEU A 821 15.55 81.25 34.06
N ILE A 822 15.85 81.06 32.78
CA ILE A 822 16.71 81.99 32.05
C ILE A 822 16.06 83.38 31.94
N GLU A 823 14.74 83.42 31.78
CA GLU A 823 14.03 84.69 31.67
C GLU A 823 14.17 85.52 32.93
N PHE A 824 14.01 84.88 34.09
CA PHE A 824 14.15 85.57 35.37
C PHE A 824 15.58 86.03 35.59
N CYS A 825 16.53 85.31 34.98
CA CYS A 825 17.94 85.65 35.11
C CYS A 825 18.30 86.91 34.33
N TYR A 826 17.85 86.99 33.08
CA TYR A 826 18.10 88.15 32.25
C TYR A 826 17.47 89.40 32.85
N LYS A 827 16.27 89.25 33.40
CA LYS A 827 15.57 90.37 34.02
C LYS A 827 16.26 90.81 35.31
N ASN B 12 47.55 -46.56 -29.23
CA ASN B 12 46.65 -46.79 -30.36
C ASN B 12 45.37 -45.97 -30.26
N THR B 13 44.37 -46.50 -29.55
CA THR B 13 43.22 -45.71 -29.11
C THR B 13 43.14 -45.65 -27.58
N ILE B 14 43.10 -44.43 -27.05
CA ILE B 14 42.93 -44.19 -25.61
C ILE B 14 41.51 -43.66 -25.37
N SER B 15 40.72 -44.39 -24.61
CA SER B 15 39.37 -43.94 -24.28
C SER B 15 39.33 -43.34 -22.90
N ILE B 16 38.62 -42.23 -22.76
CA ILE B 16 38.36 -41.67 -21.44
C ILE B 16 36.84 -41.53 -21.19
N GLY B 17 36.46 -41.40 -19.92
CA GLY B 17 35.07 -41.17 -19.55
C GLY B 17 34.85 -39.67 -19.40
N GLY B 18 33.61 -39.22 -19.54
CA GLY B 18 33.29 -37.82 -19.36
C GLY B 18 32.02 -37.75 -18.53
N LEU B 19 32.12 -37.25 -17.29
CA LEU B 19 30.96 -37.14 -16.42
C LEU B 19 30.48 -35.70 -16.30
N PHE B 20 29.40 -35.37 -16.99
CA PHE B 20 28.90 -34.00 -17.01
C PHE B 20 27.66 -33.82 -16.14
N MET B 21 27.52 -32.62 -15.60
CA MET B 21 26.44 -32.28 -14.69
C MET B 21 25.46 -31.30 -15.31
N ARG B 22 24.56 -30.83 -14.46
CA ARG B 22 23.69 -29.73 -14.82
C ARG B 22 24.52 -28.45 -15.00
N ASN B 23 24.14 -27.66 -16.00
CA ASN B 23 24.81 -26.41 -16.33
C ASN B 23 26.29 -26.54 -16.65
N THR B 24 26.64 -27.59 -17.40
CA THR B 24 28.00 -27.75 -17.93
C THR B 24 27.97 -27.88 -19.45
N VAL B 25 26.96 -27.28 -20.07
CA VAL B 25 26.82 -27.37 -21.52
C VAL B 25 28.03 -26.80 -22.26
N GLN B 26 28.43 -25.57 -21.93
CA GLN B 26 29.57 -24.98 -22.60
C GLN B 26 30.85 -25.80 -22.36
N GLU B 27 31.07 -26.26 -21.13
CA GLU B 27 32.23 -27.11 -20.83
C GLU B 27 32.20 -28.42 -21.64
N HIS B 28 31.02 -29.00 -21.79
CA HIS B 28 30.83 -30.15 -22.67
C HIS B 28 31.29 -29.81 -24.11
N SER B 29 30.80 -28.71 -24.64
CA SER B 29 31.25 -28.24 -25.96
C SER B 29 32.76 -28.02 -26.02
N ALA B 30 33.36 -27.43 -24.98
CA ALA B 30 34.80 -27.20 -24.95
C ALA B 30 35.56 -28.53 -24.91
N PHE B 31 34.99 -29.51 -24.23
CA PHE B 31 35.52 -30.88 -24.14
C PHE B 31 35.55 -31.57 -25.53
N ARG B 32 34.42 -31.60 -26.24
CA ARG B 32 34.40 -32.17 -27.60
C ARG B 32 35.45 -31.49 -28.43
N PHE B 33 35.45 -30.17 -28.41
CA PHE B 33 36.32 -29.39 -29.28
C PHE B 33 37.79 -29.59 -29.02
N ALA B 34 38.19 -29.59 -27.75
CA ALA B 34 39.59 -29.83 -27.41
C ALA B 34 40.03 -31.24 -27.81
N VAL B 35 39.17 -32.24 -27.60
CA VAL B 35 39.46 -33.58 -28.08
C VAL B 35 39.55 -33.57 -29.61
N GLN B 36 38.62 -32.88 -30.26
CA GLN B 36 38.69 -32.71 -31.71
C GLN B 36 40.02 -32.12 -32.18
N LEU B 37 40.45 -31.01 -31.57
CA LEU B 37 41.76 -30.41 -31.88
C LEU B 37 42.92 -31.39 -31.70
N TYR B 38 42.86 -32.18 -30.64
CA TYR B 38 43.93 -33.16 -30.41
C TYR B 38 44.02 -34.19 -31.55
N ASN B 39 42.87 -34.64 -32.04
CA ASN B 39 42.83 -35.71 -33.02
C ASN B 39 43.10 -35.20 -34.44
N THR B 40 42.72 -33.97 -34.72
CA THR B 40 42.90 -33.44 -36.07
C THR B 40 44.27 -32.80 -36.25
N ASN B 41 45.10 -32.84 -35.22
CA ASN B 41 46.47 -32.36 -35.36
C ASN B 41 47.19 -33.21 -36.41
N GLN B 42 47.87 -32.54 -37.34
CA GLN B 42 48.58 -33.22 -38.44
C GLN B 42 49.79 -33.97 -37.94
N ASN B 43 50.70 -33.22 -37.31
CA ASN B 43 51.86 -33.75 -36.62
C ASN B 43 51.67 -35.00 -35.86
N THR B 44 52.21 -36.11 -36.33
CA THR B 44 51.97 -37.39 -35.67
C THR B 44 52.78 -37.57 -34.40
N THR B 45 53.80 -36.73 -34.20
CA THR B 45 54.59 -36.79 -32.97
C THR B 45 53.71 -36.34 -31.81
N GLU B 46 52.84 -35.37 -32.08
CA GLU B 46 51.96 -34.81 -31.06
C GLU B 46 50.69 -35.66 -30.89
N LYS B 47 50.45 -36.59 -31.81
CA LYS B 47 49.21 -37.35 -31.82
C LYS B 47 49.40 -38.84 -32.06
N PRO B 48 50.20 -39.50 -31.20
CA PRO B 48 50.58 -40.91 -31.36
C PRO B 48 49.43 -41.88 -31.22
N PHE B 49 48.36 -41.47 -30.54
CA PHE B 49 47.18 -42.31 -30.34
C PHE B 49 45.95 -41.48 -30.67
N HIS B 50 44.87 -42.16 -30.97
CA HIS B 50 43.57 -41.56 -31.13
C HIS B 50 42.87 -41.47 -29.77
N LEU B 51 42.25 -40.34 -29.48
CA LEU B 51 41.61 -40.14 -28.20
C LEU B 51 40.09 -40.24 -28.32
N ASN B 52 39.51 -41.21 -27.62
CA ASN B 52 38.07 -41.47 -27.63
C ASN B 52 37.47 -41.14 -26.27
N TYR B 53 36.18 -40.82 -26.25
CA TYR B 53 35.48 -40.66 -24.99
C TYR B 53 34.03 -41.13 -25.05
N HIS B 54 33.49 -41.46 -23.88
CA HIS B 54 32.06 -41.67 -23.74
C HIS B 54 31.53 -40.77 -22.63
N VAL B 55 30.44 -40.06 -22.93
CA VAL B 55 29.84 -39.11 -22.02
C VAL B 55 28.62 -39.67 -21.32
N ASP B 56 28.51 -39.42 -20.02
CA ASP B 56 27.28 -39.66 -19.29
C ASP B 56 26.85 -38.36 -18.60
N HIS B 57 25.58 -38.02 -18.71
CA HIS B 57 25.06 -36.87 -17.97
C HIS B 57 24.48 -37.33 -16.65
N LEU B 58 24.82 -36.64 -15.57
CA LEU B 58 24.36 -37.02 -14.22
C LEU B 58 23.68 -35.90 -13.46
N ASP B 59 22.57 -36.23 -12.79
CA ASP B 59 21.83 -35.26 -11.97
C ASP B 59 22.57 -34.72 -10.73
N SER B 60 23.19 -35.62 -9.95
CA SER B 60 24.00 -35.23 -8.80
C SER B 60 23.19 -34.99 -7.54
N SER B 61 21.89 -34.91 -7.70
CA SER B 61 20.99 -34.72 -6.58
C SER B 61 21.06 -35.98 -5.75
N ASN B 62 21.39 -37.08 -6.44
CA ASN B 62 21.40 -38.39 -5.84
C ASN B 62 22.75 -39.13 -5.86
N SER B 63 23.21 -39.54 -4.68
CA SER B 63 24.35 -40.44 -4.53
C SER B 63 24.16 -41.80 -5.28
N PHE B 64 22.92 -42.26 -5.40
CA PHE B 64 22.62 -43.48 -6.14
C PHE B 64 22.83 -43.28 -7.64
N SER B 65 22.31 -42.16 -8.14
CA SER B 65 22.37 -41.82 -9.56
C SER B 65 23.83 -41.68 -9.98
N VAL B 66 24.61 -41.06 -9.09
CA VAL B 66 26.02 -40.80 -9.33
C VAL B 66 26.83 -42.10 -9.35
N THR B 67 26.62 -42.97 -8.38
CA THR B 67 27.38 -44.22 -8.32
C THR B 67 27.15 -45.06 -9.58
N ASN B 68 25.89 -45.08 -10.02
CA ASN B 68 25.50 -45.81 -11.20
C ASN B 68 26.15 -45.29 -12.48
N ALA B 69 26.30 -43.96 -12.59
CA ALA B 69 26.90 -43.38 -13.78
C ALA B 69 28.38 -43.63 -13.77
N PHE B 70 29.01 -43.49 -12.61
CA PHE B 70 30.41 -43.82 -12.52
C PHE B 70 30.69 -45.29 -12.86
N CYS B 71 29.93 -46.19 -12.24
CA CYS B 71 30.13 -47.63 -12.46
C CYS B 71 29.89 -48.05 -13.91
N SER B 72 28.88 -47.46 -14.55
CA SER B 72 28.64 -47.69 -15.97
C SER B 72 29.91 -47.33 -16.78
N GLN B 73 30.39 -46.11 -16.65
CA GLN B 73 31.61 -45.70 -17.35
C GLN B 73 32.80 -46.57 -16.99
N PHE B 74 32.88 -46.97 -15.73
CA PHE B 74 33.97 -47.82 -15.28
C PHE B 74 33.96 -49.20 -15.95
N SER B 75 32.78 -49.78 -16.17
CA SER B 75 32.74 -51.13 -16.74
C SER B 75 33.12 -51.11 -18.23
N ARG B 76 32.95 -49.97 -18.89
CA ARG B 76 33.43 -49.83 -20.26
C ARG B 76 34.96 -49.88 -20.39
N GLY B 77 35.67 -49.67 -19.29
CA GLY B 77 37.12 -49.78 -19.30
C GLY B 77 37.95 -48.52 -19.59
N VAL B 78 37.43 -47.36 -19.22
CA VAL B 78 38.13 -46.09 -19.44
C VAL B 78 39.53 -46.01 -18.78
N TYR B 79 40.45 -45.25 -19.38
CA TYR B 79 41.79 -45.04 -18.82
C TYR B 79 41.90 -43.86 -17.85
N ALA B 80 40.87 -43.01 -17.83
CA ALA B 80 40.76 -41.87 -16.92
C ALA B 80 39.38 -41.28 -17.08
N ILE B 81 38.93 -40.49 -16.10
CA ILE B 81 37.63 -39.82 -16.19
C ILE B 81 37.75 -38.30 -16.12
N PHE B 82 37.16 -37.60 -17.09
CA PHE B 82 37.04 -36.16 -16.98
C PHE B 82 35.66 -35.88 -16.47
N GLY B 83 35.53 -34.95 -15.54
CA GLY B 83 34.22 -34.68 -15.01
C GLY B 83 34.09 -33.60 -13.96
N PHE B 84 32.86 -33.49 -13.45
CA PHE B 84 32.48 -32.45 -12.52
C PHE B 84 31.88 -33.10 -11.31
N TYR B 85 32.15 -32.52 -10.14
CA TYR B 85 31.37 -32.84 -8.96
C TYR B 85 30.87 -31.56 -8.29
N ASP B 86 29.85 -31.70 -7.45
CA ASP B 86 29.49 -30.62 -6.53
C ASP B 86 29.62 -31.12 -5.09
N GLN B 87 29.11 -30.33 -4.14
CA GLN B 87 29.25 -30.63 -2.72
C GLN B 87 28.59 -31.97 -2.37
N MET B 88 27.45 -32.25 -2.99
CA MET B 88 26.79 -33.51 -2.77
C MET B 88 27.46 -34.75 -3.42
N SER B 89 28.00 -34.61 -4.63
CA SER B 89 28.49 -35.78 -5.35
C SER B 89 29.98 -36.07 -5.18
N MET B 90 30.71 -35.11 -4.63
CA MET B 90 32.15 -35.18 -4.54
C MET B 90 32.66 -36.44 -3.82
N ASN B 91 32.11 -36.73 -2.65
CA ASN B 91 32.59 -37.87 -1.89
C ASN B 91 32.45 -39.20 -2.66
N THR B 92 31.29 -39.42 -3.26
CA THR B 92 31.06 -40.59 -4.08
C THR B 92 32.12 -40.74 -5.16
N LEU B 93 32.24 -39.73 -6.01
CA LEU B 93 33.13 -39.80 -7.17
C LEU B 93 34.57 -39.97 -6.74
N THR B 94 35.03 -39.17 -5.80
CA THR B 94 36.45 -39.26 -5.42
C THR B 94 36.79 -40.54 -4.64
N SER B 95 35.83 -41.10 -3.91
CA SER B 95 36.06 -42.33 -3.14
C SER B 95 36.13 -43.56 -4.07
N PHE B 96 35.20 -43.63 -5.03
CA PHE B 96 35.26 -44.66 -6.05
C PHE B 96 36.52 -44.54 -6.89
N CYS B 97 36.90 -43.31 -7.29
CA CYS B 97 38.09 -43.16 -8.12
C CYS B 97 39.31 -43.58 -7.33
N GLY B 98 39.32 -43.21 -6.06
CA GLY B 98 40.41 -43.60 -5.19
C GLY B 98 40.49 -45.10 -4.96
N ALA B 99 39.35 -45.75 -4.76
CA ALA B 99 39.37 -47.19 -4.48
C ALA B 99 39.75 -48.00 -5.72
N LEU B 100 39.31 -47.55 -6.89
CA LEU B 100 39.57 -48.28 -8.12
C LEU B 100 40.80 -47.75 -8.88
N HIS B 101 41.61 -46.93 -8.22
CA HIS B 101 42.82 -46.39 -8.83
C HIS B 101 42.58 -45.83 -10.22
N THR B 102 41.46 -45.15 -10.38
CA THR B 102 41.07 -44.56 -11.64
C THR B 102 41.11 -43.03 -11.55
N SER B 103 41.88 -42.38 -12.41
CA SER B 103 42.13 -40.95 -12.26
C SER B 103 41.00 -40.06 -12.73
N PHE B 104 40.54 -39.18 -11.85
CA PHE B 104 39.47 -38.23 -12.12
C PHE B 104 40.10 -36.84 -12.39
N VAL B 105 39.84 -36.25 -13.54
CA VAL B 105 40.44 -34.97 -13.91
C VAL B 105 39.31 -33.94 -13.97
N THR B 106 39.38 -32.90 -13.14
CA THR B 106 38.21 -32.05 -12.94
C THR B 106 38.49 -30.55 -12.88
N PRO B 107 37.56 -29.73 -13.42
CA PRO B 107 37.60 -28.28 -13.31
C PRO B 107 36.88 -27.78 -12.05
N SER B 108 36.30 -28.71 -11.30
CA SER B 108 35.51 -28.35 -10.13
C SER B 108 36.38 -27.79 -8.99
N PHE B 109 35.73 -27.30 -7.95
CA PHE B 109 36.43 -26.76 -6.79
C PHE B 109 37.43 -27.81 -6.24
N PRO B 110 38.64 -27.38 -5.88
CA PRO B 110 39.59 -28.39 -5.37
C PRO B 110 39.10 -28.94 -4.02
N THR B 111 39.34 -30.21 -3.75
CA THR B 111 38.83 -30.80 -2.51
C THR B 111 39.42 -30.15 -1.26
N ASP B 112 38.62 -30.08 -0.19
CA ASP B 112 39.13 -29.59 1.10
C ASP B 112 40.19 -30.58 1.62
N ALA B 113 39.92 -31.88 1.48
CA ALA B 113 40.83 -32.93 1.95
C ALA B 113 41.88 -33.32 0.92
N ASP B 114 42.97 -33.91 1.39
CA ASP B 114 44.01 -34.43 0.52
C ASP B 114 43.61 -35.82 0.08
N VAL B 115 43.31 -35.99 -1.21
CA VAL B 115 42.92 -37.29 -1.73
C VAL B 115 43.86 -37.70 -2.84
N GLN B 116 43.78 -38.98 -3.23
CA GLN B 116 44.55 -39.48 -4.35
C GLN B 116 43.61 -39.68 -5.55
N PHE B 117 44.19 -39.80 -6.74
CA PHE B 117 43.47 -40.10 -7.99
C PHE B 117 42.49 -39.01 -8.44
N VAL B 118 42.70 -37.79 -7.95
CA VAL B 118 41.93 -36.64 -8.42
C VAL B 118 42.87 -35.55 -8.86
N ILE B 119 42.87 -35.26 -10.15
CA ILE B 119 43.69 -34.17 -10.66
C ILE B 119 42.78 -32.97 -10.77
N GLN B 120 43.06 -31.96 -9.95
CA GLN B 120 42.19 -30.79 -9.85
C GLN B 120 42.74 -29.60 -10.65
N MET B 121 42.15 -29.40 -11.82
CA MET B 121 42.61 -28.36 -12.74
C MET B 121 42.51 -26.94 -12.18
N ARG B 122 41.57 -26.70 -11.25
CA ARG B 122 41.33 -25.36 -10.77
C ARG B 122 42.20 -25.07 -9.54
N PRO B 123 43.02 -24.02 -9.61
CA PRO B 123 43.85 -23.58 -8.48
C PRO B 123 43.04 -23.14 -7.26
N ALA B 124 43.62 -23.32 -6.08
CA ALA B 124 43.09 -22.78 -4.84
C ALA B 124 43.04 -21.25 -4.87
N LEU B 125 42.01 -20.67 -4.27
CA LEU B 125 41.88 -19.22 -4.27
C LEU B 125 42.33 -18.56 -2.96
N LYS B 126 42.38 -19.34 -1.89
CA LYS B 126 42.63 -18.78 -0.56
C LYS B 126 43.95 -18.03 -0.39
N GLY B 127 45.04 -18.53 -0.94
CA GLY B 127 46.33 -17.86 -0.78
C GLY B 127 46.29 -16.47 -1.38
N ALA B 128 45.62 -16.33 -2.52
CA ALA B 128 45.54 -15.02 -3.19
C ALA B 128 44.64 -14.08 -2.40
N ILE B 129 43.55 -14.62 -1.84
CA ILE B 129 42.65 -13.81 -1.05
C ILE B 129 43.36 -13.26 0.19
N LEU B 130 44.12 -14.12 0.88
CA LEU B 130 44.82 -13.66 2.08
C LEU B 130 45.88 -12.61 1.75
N SER B 131 46.61 -12.80 0.67
CA SER B 131 47.62 -11.83 0.29
C SER B 131 47.01 -10.46 -0.02
N LEU B 132 45.89 -10.44 -0.73
CA LEU B 132 45.24 -9.17 -1.09
C LEU B 132 44.57 -8.49 0.12
N LEU B 133 44.08 -9.28 1.07
CA LEU B 133 43.56 -8.70 2.31
C LEU B 133 44.68 -7.98 3.04
N SER B 134 45.86 -8.59 3.05
CA SER B 134 47.04 -7.95 3.62
C SER B 134 47.49 -6.70 2.82
N TYR B 135 47.43 -6.77 1.50
CA TYR B 135 47.81 -5.64 0.63
C TYR B 135 46.93 -4.44 0.89
N TYR B 136 45.61 -4.68 0.99
CA TYR B 136 44.67 -3.61 1.29
C TYR B 136 44.59 -3.22 2.78
N LYS B 137 45.22 -4.00 3.65
CA LYS B 137 45.20 -3.73 5.09
C LYS B 137 43.77 -3.80 5.65
N TRP B 138 42.96 -4.71 5.14
CA TRP B 138 41.66 -4.93 5.75
C TRP B 138 41.82 -5.55 7.14
N GLU B 139 41.30 -4.87 8.15
CA GLU B 139 41.38 -5.37 9.50
C GLU B 139 39.98 -5.43 10.03
N LYS B 140 39.08 -4.73 9.36
CA LYS B 140 37.66 -4.81 9.64
C LYS B 140 36.85 -4.96 8.34
N PHE B 141 36.06 -6.04 8.23
CA PHE B 141 35.27 -6.26 7.02
C PHE B 141 34.17 -7.28 7.18
N VAL B 142 33.30 -7.30 6.18
CA VAL B 142 32.21 -8.26 6.11
C VAL B 142 32.64 -9.39 5.21
N TYR B 143 32.27 -10.61 5.59
CA TYR B 143 32.56 -11.79 4.81
C TYR B 143 31.28 -12.56 4.53
N LEU B 144 30.82 -12.50 3.30
CA LEU B 144 29.61 -13.21 2.91
C LEU B 144 30.06 -14.43 2.12
N TYR B 145 29.51 -15.59 2.45
CA TYR B 145 29.99 -16.83 1.82
C TYR B 145 28.90 -17.85 1.67
N ASP B 146 28.99 -18.66 0.62
CA ASP B 146 28.24 -19.90 0.54
C ASP B 146 29.27 -21.02 0.60
N THR B 147 28.84 -22.28 0.70
CA THR B 147 29.83 -23.35 0.81
C THR B 147 29.88 -24.26 -0.42
N GLU B 148 29.39 -23.77 -1.55
CA GLU B 148 29.36 -24.54 -2.79
C GLU B 148 30.73 -24.99 -3.29
N ARG B 149 31.78 -24.25 -2.93
CA ARG B 149 33.14 -24.56 -3.35
C ARG B 149 34.05 -24.99 -2.19
N GLY B 150 33.45 -25.49 -1.11
CA GLY B 150 34.22 -26.04 0.00
C GLY B 150 34.23 -25.12 1.20
N PHE B 151 34.76 -25.64 2.31
CA PHE B 151 34.88 -24.91 3.56
C PHE B 151 36.27 -24.32 3.74
N SER B 152 37.15 -24.55 2.77
CA SER B 152 38.55 -24.18 2.89
C SER B 152 38.81 -22.67 3.04
N VAL B 153 38.21 -21.85 2.17
CA VAL B 153 38.36 -20.41 2.28
C VAL B 153 37.76 -19.88 3.58
N LEU B 154 36.52 -20.27 3.88
CA LEU B 154 35.89 -19.89 5.14
C LEU B 154 36.81 -20.19 6.34
N GLN B 155 37.35 -21.40 6.39
CA GLN B 155 38.17 -21.80 7.53
C GLN B 155 39.46 -20.99 7.57
N ALA B 156 40.04 -20.72 6.40
CA ALA B 156 41.24 -19.88 6.32
C ALA B 156 41.01 -18.44 6.79
N ILE B 157 39.86 -17.86 6.46
CA ILE B 157 39.51 -16.49 6.86
C ILE B 157 39.29 -16.39 8.36
N MET B 158 38.48 -17.29 8.92
CA MET B 158 38.24 -17.37 10.37
C MET B 158 39.54 -17.47 11.18
N GLU B 159 40.47 -18.31 10.72
CA GLU B 159 41.70 -18.51 11.47
C GLU B 159 42.63 -17.32 11.34
N ALA B 160 42.65 -16.70 10.16
CA ALA B 160 43.48 -15.53 9.94
C ALA B 160 42.94 -14.36 10.72
N ALA B 161 41.62 -14.32 10.87
CA ALA B 161 41.00 -13.29 11.68
C ALA B 161 41.53 -13.39 13.11
N VAL B 162 41.66 -14.60 13.64
CA VAL B 162 42.27 -14.79 14.97
C VAL B 162 43.73 -14.36 14.96
N GLN B 163 44.52 -14.95 14.07
CA GLN B 163 45.97 -14.75 14.07
C GLN B 163 46.38 -13.30 13.84
N ASN B 164 45.53 -12.54 13.16
CA ASN B 164 45.85 -11.16 12.79
C ASN B 164 44.99 -10.16 13.56
N ASN B 165 44.22 -10.66 14.52
CA ASN B 165 43.21 -9.86 15.20
C ASN B 165 42.49 -8.91 14.25
N TRP B 166 41.72 -9.48 13.33
CA TRP B 166 40.83 -8.72 12.49
C TRP B 166 39.46 -8.73 13.11
N GLN B 167 38.62 -7.76 12.71
CA GLN B 167 37.20 -7.78 13.06
C GLN B 167 36.36 -8.16 11.83
N VAL B 168 36.17 -9.47 11.63
CA VAL B 168 35.41 -9.96 10.50
C VAL B 168 34.00 -10.30 10.92
N THR B 169 33.02 -9.73 10.22
CA THR B 169 31.63 -10.08 10.44
C THR B 169 31.18 -11.01 9.32
N ALA B 170 30.98 -12.28 9.67
CA ALA B 170 30.82 -13.35 8.70
C ALA B 170 29.38 -13.81 8.68
N ARG B 171 28.85 -14.00 7.47
CA ARG B 171 27.48 -14.44 7.29
C ARG B 171 27.39 -15.50 6.21
N SER B 172 26.86 -16.66 6.59
CA SER B 172 26.52 -17.71 5.63
C SER B 172 25.24 -17.31 4.91
N VAL B 173 25.31 -17.15 3.60
CA VAL B 173 24.16 -16.68 2.84
C VAL B 173 23.79 -17.63 1.71
N GLY B 174 24.31 -18.86 1.77
CA GLY B 174 24.06 -19.83 0.72
C GLY B 174 22.64 -20.37 0.70
N ASN B 175 21.88 -20.13 1.77
CA ASN B 175 20.49 -20.61 1.82
C ASN B 175 19.44 -19.51 1.64
N ILE B 176 19.88 -18.27 1.46
CA ILE B 176 18.97 -17.15 1.25
C ILE B 176 18.21 -17.20 -0.09
N LYS B 177 16.90 -17.34 -0.03
CA LYS B 177 16.07 -17.38 -1.23
C LYS B 177 15.31 -16.05 -1.40
N ASP B 178 15.19 -15.31 -0.30
CA ASP B 178 14.49 -14.02 -0.34
C ASP B 178 15.44 -12.81 -0.33
N VAL B 179 15.48 -12.09 -1.45
CA VAL B 179 16.43 -10.98 -1.64
C VAL B 179 16.35 -9.89 -0.58
N GLN B 180 15.19 -9.75 0.04
CA GLN B 180 15.03 -8.84 1.19
C GLN B 180 16.06 -9.21 2.26
N GLU B 181 16.38 -10.48 2.38
CA GLU B 181 17.31 -10.90 3.40
C GLU B 181 18.69 -10.31 3.17
N PHE B 182 19.08 -10.17 1.90
CA PHE B 182 20.38 -9.55 1.57
C PHE B 182 20.38 -8.08 1.96
N ARG B 183 19.24 -7.41 1.80
CA ARG B 183 19.17 -5.99 2.12
C ARG B 183 19.19 -5.78 3.64
N ARG B 184 18.54 -6.67 4.36
CA ARG B 184 18.55 -6.59 5.81
C ARG B 184 19.96 -6.77 6.35
N ILE B 185 20.68 -7.74 5.80
CA ILE B 185 22.07 -7.97 6.18
C ILE B 185 22.94 -6.73 5.94
N ILE B 186 22.79 -6.14 4.76
CA ILE B 186 23.59 -4.97 4.39
C ILE B 186 23.27 -3.77 5.28
N GLU B 187 22.01 -3.60 5.62
CA GLU B 187 21.64 -2.51 6.51
C GLU B 187 22.30 -2.70 7.89
N GLU B 188 22.23 -3.92 8.42
CA GLU B 188 22.90 -4.21 9.68
C GLU B 188 24.41 -3.94 9.60
N MET B 189 25.02 -4.27 8.47
CA MET B 189 26.45 -3.97 8.27
C MET B 189 26.68 -2.45 8.19
N ASP B 190 25.71 -1.74 7.65
CA ASP B 190 25.79 -0.28 7.54
C ASP B 190 25.89 0.33 8.92
N ARG B 191 25.02 -0.14 9.81
CA ARG B 191 25.00 0.32 11.21
C ARG B 191 26.28 -0.01 11.96
N ARG B 192 27.13 -0.86 11.38
CA ARG B 192 28.46 -1.06 11.94
C ARG B 192 29.54 -0.30 11.17
N GLN B 193 29.14 0.54 10.23
CA GLN B 193 30.07 1.28 9.38
C GLN B 193 30.99 0.40 8.53
N GLU B 194 30.45 -0.71 8.05
CA GLU B 194 31.22 -1.58 7.16
C GLU B 194 31.28 -0.96 5.77
N LYS B 195 32.48 -0.89 5.22
CA LYS B 195 32.69 -0.36 3.88
C LYS B 195 33.31 -1.42 2.96
N ARG B 196 33.90 -2.45 3.57
CA ARG B 196 34.66 -3.46 2.85
C ARG B 196 34.06 -4.86 2.93
N TYR B 197 33.87 -5.47 1.77
CA TYR B 197 33.18 -6.75 1.63
C TYR B 197 34.02 -7.77 0.88
N LEU B 198 34.22 -8.92 1.50
CA LEU B 198 34.78 -10.10 0.87
C LEU B 198 33.60 -10.99 0.56
N ILE B 199 33.39 -11.33 -0.71
CA ILE B 199 32.24 -12.14 -1.09
C ILE B 199 32.77 -13.42 -1.72
N ASP B 200 32.55 -14.54 -1.03
CA ASP B 200 33.03 -15.86 -1.44
C ASP B 200 31.77 -16.70 -1.74
N CYS B 201 31.16 -16.45 -2.89
CA CYS B 201 29.91 -17.09 -3.27
C CYS B 201 29.98 -17.55 -4.72
N GLU B 202 29.02 -18.38 -5.13
CA GLU B 202 28.84 -18.69 -6.54
C GLU B 202 28.54 -17.39 -7.33
N VAL B 203 29.03 -17.29 -8.55
CA VAL B 203 28.80 -16.12 -9.40
C VAL B 203 27.34 -15.68 -9.42
N GLU B 204 26.44 -16.64 -9.59
CA GLU B 204 25.01 -16.37 -9.62
C GLU B 204 24.58 -15.59 -8.37
N ARG B 205 25.05 -16.04 -7.21
CA ARG B 205 24.73 -15.43 -5.92
C ARG B 205 25.44 -14.08 -5.70
N ILE B 206 26.66 -13.95 -6.21
CA ILE B 206 27.34 -12.66 -6.24
C ILE B 206 26.57 -11.65 -7.08
N ASN B 207 26.01 -12.11 -8.19
CA ASN B 207 25.24 -11.23 -9.06
C ASN B 207 24.00 -10.68 -8.33
N THR B 208 23.38 -11.55 -7.54
CA THR B 208 22.19 -11.25 -6.77
C THR B 208 22.47 -10.21 -5.69
N ILE B 209 23.61 -10.38 -5.02
CA ILE B 209 24.07 -9.44 -4.01
C ILE B 209 24.42 -8.09 -4.62
N LEU B 210 25.17 -8.08 -5.72
CA LEU B 210 25.51 -6.82 -6.36
C LEU B 210 24.26 -6.11 -6.82
N GLU B 211 23.26 -6.86 -7.28
CA GLU B 211 22.00 -6.26 -7.70
C GLU B 211 21.27 -5.57 -6.54
N GLN B 212 21.23 -6.20 -5.36
CA GLN B 212 20.60 -5.59 -4.18
C GLN B 212 21.39 -4.35 -3.80
N VAL B 213 22.68 -4.38 -4.03
CA VAL B 213 23.51 -3.23 -3.75
C VAL B 213 23.07 -2.03 -4.62
N VAL B 214 22.65 -2.32 -5.85
CA VAL B 214 22.28 -1.27 -6.80
C VAL B 214 20.89 -0.74 -6.46
N ILE B 215 19.98 -1.65 -6.15
CA ILE B 215 18.63 -1.29 -5.76
C ILE B 215 18.65 -0.36 -4.54
N LEU B 216 19.41 -0.75 -3.52
CA LEU B 216 19.55 0.06 -2.31
C LEU B 216 19.97 1.50 -2.63
N GLY B 217 20.97 1.65 -3.49
CA GLY B 217 21.60 2.95 -3.72
C GLY B 217 22.65 3.30 -2.67
N LYS B 218 23.49 4.28 -2.99
CA LYS B 218 24.50 4.76 -2.05
C LYS B 218 25.34 3.64 -1.42
N HIS B 219 25.42 2.50 -2.09
CA HIS B 219 26.36 1.47 -1.65
C HIS B 219 27.49 1.22 -2.64
N SER B 220 27.74 2.22 -3.48
CA SER B 220 28.84 2.14 -4.43
C SER B 220 30.06 2.98 -4.01
N ARG B 221 29.98 4.30 -4.13
CA ARG B 221 31.12 5.14 -3.76
C ARG B 221 31.47 4.97 -2.28
N GLY B 222 32.76 4.89 -1.97
CA GLY B 222 33.20 4.65 -0.61
C GLY B 222 33.19 3.19 -0.18
N TYR B 223 32.66 2.30 -1.03
CA TYR B 223 32.67 0.85 -0.75
C TYR B 223 33.72 0.06 -1.56
N HIS B 224 34.16 -1.07 -1.01
CA HIS B 224 35.10 -1.96 -1.70
C HIS B 224 34.61 -3.42 -1.63
N TYR B 225 34.33 -4.01 -2.79
CA TYR B 225 33.90 -5.39 -2.87
C TYR B 225 35.03 -6.22 -3.40
N MET B 226 35.45 -7.20 -2.62
CA MET B 226 36.45 -8.14 -3.12
C MET B 226 35.72 -9.44 -3.44
N LEU B 227 35.73 -9.78 -4.73
CA LEU B 227 34.90 -10.87 -5.22
C LEU B 227 35.76 -12.12 -5.43
N ALA B 228 35.66 -13.06 -4.49
CA ALA B 228 36.52 -14.24 -4.50
C ALA B 228 35.85 -15.35 -5.31
N ASN B 229 36.00 -15.29 -6.62
CA ASN B 229 35.48 -16.30 -7.52
C ASN B 229 36.21 -16.16 -8.84
N LEU B 230 36.81 -17.25 -9.31
CA LEU B 230 37.60 -17.19 -10.54
C LEU B 230 36.72 -16.91 -11.76
N GLY B 231 35.41 -16.85 -11.55
CA GLY B 231 34.47 -16.59 -12.63
C GLY B 231 34.25 -15.09 -12.84
N PHE B 232 35.29 -14.32 -12.55
CA PHE B 232 35.20 -12.86 -12.61
C PHE B 232 34.45 -12.37 -13.87
N THR B 233 34.84 -12.83 -15.04
CA THR B 233 34.24 -12.30 -16.28
C THR B 233 32.74 -12.58 -16.42
N ASP B 234 32.18 -13.45 -15.61
CA ASP B 234 30.73 -13.71 -15.68
C ASP B 234 29.91 -12.95 -14.62
N ILE B 235 30.62 -12.22 -13.77
CA ILE B 235 30.00 -11.41 -12.74
C ILE B 235 29.46 -10.14 -13.41
N LEU B 236 28.21 -9.80 -13.09
CA LEU B 236 27.54 -8.60 -13.62
C LEU B 236 27.76 -7.41 -12.68
N LEU B 237 28.80 -6.63 -12.93
CA LEU B 237 29.22 -5.63 -11.97
C LEU B 237 29.28 -4.22 -12.53
N GLU B 238 28.78 -4.04 -13.75
CA GLU B 238 28.89 -2.76 -14.42
C GLU B 238 28.12 -1.63 -13.70
N ARG B 239 26.92 -1.90 -13.24
CA ARG B 239 26.16 -0.86 -12.56
C ARG B 239 26.91 -0.39 -11.30
N VAL B 240 27.54 -1.33 -10.59
CA VAL B 240 28.28 -1.00 -9.37
C VAL B 240 29.57 -0.24 -9.68
N MET B 241 30.25 -0.60 -10.76
CA MET B 241 31.39 0.15 -11.24
C MET B 241 31.02 1.61 -11.56
N HIS B 242 29.83 1.83 -12.13
CA HIS B 242 29.47 3.20 -12.55
C HIS B 242 29.20 4.14 -11.38
N GLY B 243 29.09 3.60 -10.18
CA GLY B 243 28.69 4.38 -9.02
C GLY B 243 29.87 4.75 -8.14
N GLY B 244 31.05 4.30 -8.51
CA GLY B 244 32.27 4.70 -7.82
C GLY B 244 32.87 3.72 -6.83
N ALA B 245 32.25 2.55 -6.69
CA ALA B 245 32.78 1.48 -5.86
C ALA B 245 34.16 1.03 -6.30
N ASN B 246 34.96 0.52 -5.37
CA ASN B 246 36.13 -0.27 -5.72
C ASN B 246 35.74 -1.73 -5.87
N ILE B 247 36.27 -2.39 -6.90
CA ILE B 247 36.10 -3.82 -6.99
C ILE B 247 37.43 -4.52 -7.25
N THR B 248 37.67 -5.62 -6.53
CA THR B 248 38.84 -6.46 -6.83
C THR B 248 38.41 -7.87 -7.27
N GLY B 249 38.97 -8.34 -8.37
CA GLY B 249 38.62 -9.64 -8.91
C GLY B 249 39.84 -10.50 -9.24
N PHE B 250 39.59 -11.76 -9.59
CA PHE B 250 40.65 -12.74 -9.81
C PHE B 250 40.38 -13.57 -11.09
N GLN B 251 41.43 -13.80 -11.89
CA GLN B 251 41.30 -14.60 -13.10
C GLN B 251 42.53 -15.47 -13.31
N ILE B 252 42.36 -16.59 -13.99
CA ILE B 252 43.52 -17.42 -14.32
C ILE B 252 43.65 -17.56 -15.83
N VAL B 253 42.76 -16.86 -16.56
CA VAL B 253 42.75 -16.82 -18.01
C VAL B 253 43.14 -15.42 -18.52
N ASN B 254 44.19 -15.32 -19.29
CA ASN B 254 44.59 -14.04 -19.85
C ASN B 254 44.14 -13.93 -21.31
N ASN B 255 43.20 -13.04 -21.61
CA ASN B 255 42.77 -12.93 -23.02
C ASN B 255 43.82 -12.37 -23.98
N GLU B 256 44.94 -11.86 -23.46
CA GLU B 256 46.04 -11.43 -24.32
C GLU B 256 47.00 -12.60 -24.63
N ASN B 257 46.89 -13.70 -23.88
CA ASN B 257 47.69 -14.89 -24.16
C ASN B 257 47.37 -15.42 -25.56
N PRO B 258 48.40 -15.57 -26.41
CA PRO B 258 48.14 -15.95 -27.80
C PRO B 258 47.41 -17.29 -27.89
N MET B 259 47.67 -18.17 -26.93
CA MET B 259 47.00 -19.47 -26.90
C MET B 259 45.48 -19.31 -26.69
N VAL B 260 45.09 -18.43 -25.79
CA VAL B 260 43.69 -18.16 -25.56
C VAL B 260 43.11 -17.54 -26.82
N GLN B 261 43.82 -16.55 -27.36
CA GLN B 261 43.38 -15.88 -28.58
C GLN B 261 43.09 -16.87 -29.70
N GLN B 262 44.01 -17.80 -29.92
CA GLN B 262 43.88 -18.76 -31.02
C GLN B 262 42.70 -19.70 -30.80
N PHE B 263 42.54 -20.18 -29.57
CA PHE B 263 41.40 -21.02 -29.24
C PHE B 263 40.11 -20.27 -29.56
N ILE B 264 39.99 -19.06 -29.01
CA ILE B 264 38.76 -18.28 -29.12
C ILE B 264 38.32 -18.02 -30.57
N GLN B 265 39.30 -17.75 -31.43
CA GLN B 265 39.00 -17.38 -32.82
C GLN B 265 38.43 -18.59 -33.54
N ARG B 266 38.92 -19.78 -33.21
CA ARG B 266 38.36 -21.01 -33.77
C ARG B 266 37.03 -21.29 -33.10
N TRP B 267 37.01 -21.12 -31.79
CA TRP B 267 35.85 -21.46 -30.97
C TRP B 267 34.57 -20.75 -31.41
N VAL B 268 34.67 -19.46 -31.72
CA VAL B 268 33.47 -18.70 -32.07
C VAL B 268 33.03 -18.95 -33.52
N ARG B 269 33.84 -19.72 -34.25
CA ARG B 269 33.45 -20.10 -35.60
C ARG B 269 32.75 -21.47 -35.67
N LEU B 270 32.72 -22.21 -34.55
CA LEU B 270 32.00 -23.48 -34.48
C LEU B 270 30.48 -23.27 -34.54
N ASP B 271 29.76 -24.18 -35.20
CA ASP B 271 28.30 -24.01 -35.34
C ASP B 271 27.53 -24.46 -34.09
N GLU B 272 26.48 -23.71 -33.77
CA GLU B 272 25.78 -23.86 -32.49
C GLU B 272 25.15 -25.26 -32.30
N CYS B 273 25.05 -26.02 -33.39
CA CYS B 273 24.47 -27.37 -33.33
C CYS B 273 25.44 -28.38 -32.72
N GLU B 274 26.66 -28.45 -33.27
CA GLU B 274 27.63 -29.39 -32.75
C GLU B 274 28.21 -28.86 -31.44
N PHE B 275 28.18 -27.54 -31.25
CA PHE B 275 28.87 -26.89 -30.13
C PHE B 275 28.06 -25.81 -29.43
N PRO B 276 26.99 -26.21 -28.73
CA PRO B 276 26.15 -25.24 -28.01
C PRO B 276 26.94 -24.40 -26.98
N GLU B 277 26.56 -23.13 -26.86
CA GLU B 277 27.16 -22.19 -25.92
C GLU B 277 28.48 -21.60 -26.37
N ALA B 278 28.84 -21.78 -27.63
CA ALA B 278 30.10 -21.20 -28.11
C ALA B 278 29.92 -19.80 -28.69
N LYS B 279 28.69 -19.44 -29.06
CA LYS B 279 28.44 -18.17 -29.73
C LYS B 279 27.47 -17.24 -29.00
N ASN B 280 26.67 -17.80 -28.10
CA ASN B 280 25.72 -16.98 -27.34
C ASN B 280 26.15 -16.75 -25.90
N ALA B 281 27.43 -17.02 -25.61
CA ALA B 281 27.94 -16.86 -24.25
C ALA B 281 29.45 -16.70 -24.23
N PRO B 282 29.94 -15.72 -23.47
CA PRO B 282 31.39 -15.61 -23.36
C PRO B 282 31.95 -16.88 -22.75
N LEU B 283 33.24 -17.14 -22.97
CA LEU B 283 33.83 -18.38 -22.52
C LEU B 283 33.99 -18.38 -21.00
N LYS B 284 33.41 -19.38 -20.33
CA LYS B 284 33.60 -19.52 -18.89
C LYS B 284 35.00 -20.06 -18.59
N TYR B 285 35.58 -19.66 -17.46
CA TYR B 285 36.95 -20.09 -17.13
C TYR B 285 37.00 -21.61 -16.94
N THR B 286 35.87 -22.21 -16.55
CA THR B 286 35.82 -23.66 -16.39
C THR B 286 35.87 -24.40 -17.72
N SER B 287 35.44 -23.70 -18.78
CA SER B 287 35.59 -24.21 -20.14
C SER B 287 37.06 -24.18 -20.57
N ALA B 288 37.76 -23.10 -20.24
CA ALA B 288 39.21 -23.05 -20.48
C ALA B 288 39.96 -24.18 -19.71
N LEU B 289 39.61 -24.39 -18.44
CA LEU B 289 40.10 -25.54 -17.65
C LEU B 289 39.74 -26.91 -18.25
N THR B 290 38.58 -27.02 -18.90
CA THR B 290 38.16 -28.25 -19.59
C THR B 290 39.08 -28.53 -20.79
N HIS B 291 39.35 -27.48 -21.57
CA HIS B 291 40.35 -27.56 -22.61
C HIS B 291 41.72 -27.94 -22.05
N ASP B 292 42.12 -27.32 -20.94
CA ASP B 292 43.44 -27.60 -20.40
C ASP B 292 43.53 -29.01 -19.87
N ALA B 293 42.40 -29.54 -19.41
CA ALA B 293 42.35 -30.90 -18.91
C ALA B 293 42.69 -31.91 -20.03
N ILE B 294 42.23 -31.62 -21.25
CA ILE B 294 42.53 -32.47 -22.39
C ILE B 294 44.03 -32.36 -22.78
N LEU B 295 44.59 -31.16 -22.66
CA LEU B 295 46.05 -30.97 -22.83
C LEU B 295 46.85 -31.83 -21.84
N VAL B 296 46.41 -31.87 -20.59
CA VAL B 296 47.08 -32.66 -19.55
C VAL B 296 46.92 -34.17 -19.73
N ILE B 297 45.74 -34.62 -20.15
CA ILE B 297 45.53 -36.02 -20.42
C ILE B 297 46.35 -36.46 -21.65
N ALA B 298 46.30 -35.68 -22.72
CA ALA B 298 47.09 -35.99 -23.90
C ALA B 298 48.57 -36.11 -23.54
N GLU B 299 49.10 -35.10 -22.85
CA GLU B 299 50.51 -35.12 -22.45
C GLU B 299 50.88 -36.34 -21.61
N ALA B 300 50.06 -36.70 -20.63
CA ALA B 300 50.31 -37.85 -19.78
C ALA B 300 50.41 -39.16 -20.57
N PHE B 301 49.50 -39.37 -21.53
CA PHE B 301 49.55 -40.60 -22.31
C PHE B 301 50.66 -40.60 -23.37
N ARG B 302 50.99 -39.42 -23.91
CA ARG B 302 52.16 -39.29 -24.79
C ARG B 302 53.43 -39.66 -24.03
N TYR B 303 53.48 -39.29 -22.77
CA TYR B 303 54.59 -39.66 -21.89
C TYR B 303 54.62 -41.16 -21.62
N LEU B 304 53.51 -41.75 -21.18
CA LEU B 304 53.46 -43.20 -20.94
C LEU B 304 53.88 -44.03 -22.18
N ARG B 305 53.52 -43.56 -23.37
CA ARG B 305 53.89 -44.23 -24.60
C ARG B 305 55.41 -44.13 -24.82
N ARG B 306 55.90 -42.90 -24.84
CA ARG B 306 57.33 -42.61 -24.90
C ARG B 306 58.12 -43.56 -24.00
N GLN B 307 57.61 -43.78 -22.80
CA GLN B 307 58.28 -44.60 -21.80
C GLN B 307 57.94 -46.07 -21.94
N ARG B 308 57.23 -46.42 -23.01
CA ARG B 308 56.94 -47.82 -23.28
C ARG B 308 56.25 -48.52 -22.08
N VAL B 309 55.65 -47.73 -21.19
CA VAL B 309 54.77 -48.25 -20.15
C VAL B 309 53.45 -48.67 -20.81
N ASP B 310 52.96 -49.88 -20.51
CA ASP B 310 51.70 -50.31 -21.09
C ASP B 310 50.53 -50.09 -20.13
N VAL B 311 49.31 -50.28 -20.62
CA VAL B 311 48.08 -50.10 -19.83
C VAL B 311 46.90 -50.85 -20.48
N SER B 312 46.34 -51.84 -19.79
CA SER B 312 45.31 -52.69 -20.39
C SER B 312 43.91 -52.62 -19.74
N ARG B 313 43.88 -52.87 -18.43
CA ARG B 313 42.66 -52.90 -17.60
C ARG B 313 42.60 -54.21 -16.80
N SER B 316 37.35 -56.65 -19.70
CA SER B 316 38.26 -56.26 -18.63
C SER B 316 37.83 -54.95 -17.97
N ALA B 317 38.26 -54.76 -16.73
CA ALA B 317 37.81 -53.66 -15.87
C ALA B 317 36.71 -54.22 -14.98
N GLY B 318 35.56 -54.51 -15.56
CA GLY B 318 34.51 -55.27 -14.90
C GLY B 318 33.60 -54.49 -13.96
N ASP B 319 33.33 -55.11 -12.83
CA ASP B 319 32.33 -54.65 -11.89
C ASP B 319 32.98 -53.72 -10.87
N CYS B 320 32.46 -52.50 -10.73
CA CYS B 320 33.07 -51.54 -9.81
C CYS B 320 32.95 -51.96 -8.34
N LEU B 321 31.92 -52.74 -8.02
CA LEU B 321 31.79 -53.29 -6.69
C LEU B 321 32.33 -54.72 -6.55
N ALA B 322 33.13 -55.16 -7.52
CA ALA B 322 33.75 -56.47 -7.39
C ALA B 322 34.47 -56.52 -6.05
N ASN B 323 34.26 -57.59 -5.30
CA ASN B 323 34.89 -57.73 -4.00
C ASN B 323 35.65 -59.04 -3.87
N PRO B 324 36.98 -58.96 -3.73
CA PRO B 324 37.64 -57.65 -3.84
C PRO B 324 37.81 -57.34 -5.33
N ALA B 325 37.98 -56.09 -5.75
CA ALA B 325 38.33 -54.94 -4.91
C ALA B 325 39.82 -54.68 -5.13
N VAL B 326 40.36 -55.30 -6.18
CA VAL B 326 41.75 -55.10 -6.56
C VAL B 326 41.88 -54.18 -7.80
N PRO B 327 42.47 -52.99 -7.59
CA PRO B 327 42.62 -52.00 -8.66
C PRO B 327 43.75 -52.41 -9.61
N TRP B 328 43.66 -52.01 -10.87
CA TRP B 328 44.70 -52.34 -11.82
C TRP B 328 46.00 -51.64 -11.48
N SER B 329 47.12 -52.31 -11.75
CA SER B 329 48.45 -51.79 -11.44
C SER B 329 48.87 -50.63 -12.35
N GLN B 330 48.26 -50.51 -13.52
CA GLN B 330 48.61 -49.37 -14.37
C GLN B 330 48.06 -48.08 -13.78
N GLY B 331 47.04 -48.22 -12.93
CA GLY B 331 46.36 -47.09 -12.31
C GLY B 331 47.33 -46.07 -11.75
N ILE B 332 48.23 -46.54 -10.89
CA ILE B 332 49.27 -45.74 -10.27
C ILE B 332 50.12 -44.99 -11.31
N ASP B 333 50.51 -45.66 -12.39
CA ASP B 333 51.34 -45.03 -13.42
C ASP B 333 50.61 -43.92 -14.16
N ILE B 334 49.34 -44.13 -14.46
CA ILE B 334 48.54 -43.10 -15.11
C ILE B 334 48.44 -41.87 -14.20
N GLU B 335 48.05 -42.07 -12.95
CA GLU B 335 48.00 -40.98 -11.98
C GLU B 335 49.33 -40.22 -11.91
N ARG B 336 50.40 -40.96 -11.68
CA ARG B 336 51.75 -40.41 -11.72
C ARG B 336 52.00 -39.62 -13.02
N ALA B 337 51.60 -40.19 -14.16
CA ALA B 337 51.82 -39.50 -15.43
C ALA B 337 51.02 -38.18 -15.48
N LEU B 338 49.80 -38.22 -14.97
CA LEU B 338 48.95 -37.03 -14.93
C LEU B 338 49.52 -35.92 -14.05
N LYS B 339 49.99 -36.31 -12.86
CA LYS B 339 50.46 -35.34 -11.86
C LYS B 339 51.84 -34.75 -12.15
N MET B 340 52.64 -35.40 -13.00
CA MET B 340 53.97 -34.88 -13.26
C MET B 340 54.01 -33.88 -14.41
N VAL B 341 52.93 -33.74 -15.18
CA VAL B 341 53.03 -32.89 -16.36
C VAL B 341 53.37 -31.44 -16.03
N GLN B 342 54.02 -30.79 -16.97
CA GLN B 342 54.17 -29.36 -16.96
C GLN B 342 53.88 -28.86 -18.36
N VAL B 343 52.67 -28.35 -18.58
CA VAL B 343 52.30 -27.83 -19.89
C VAL B 343 51.78 -26.39 -19.79
N GLN B 344 51.83 -25.66 -20.89
CA GLN B 344 51.26 -24.33 -20.94
C GLN B 344 49.90 -24.43 -21.59
N GLY B 345 48.89 -23.85 -20.95
CA GLY B 345 47.54 -23.93 -21.47
C GLY B 345 46.84 -22.58 -21.40
N MET B 346 45.53 -22.59 -21.62
CA MET B 346 44.76 -21.38 -21.51
C MET B 346 44.83 -20.79 -20.09
N THR B 347 45.06 -21.63 -19.09
CA THR B 347 45.16 -21.11 -17.73
C THR B 347 46.61 -20.99 -17.25
N GLY B 348 47.50 -20.66 -18.20
CA GLY B 348 48.91 -20.46 -17.91
C GLY B 348 49.69 -21.75 -17.67
N ASN B 349 50.71 -21.66 -16.83
CA ASN B 349 51.51 -22.82 -16.51
C ASN B 349 50.72 -23.81 -15.66
N ILE B 350 50.69 -25.06 -16.12
CA ILE B 350 49.93 -26.11 -15.46
C ILE B 350 50.88 -27.15 -14.86
N GLN B 351 50.85 -27.29 -13.54
CA GLN B 351 51.64 -28.30 -12.84
C GLN B 351 50.85 -28.70 -11.63
N PHE B 352 51.20 -29.84 -11.06
CA PHE B 352 50.44 -30.45 -9.97
C PHE B 352 51.38 -30.99 -8.87
N ASP B 353 50.91 -30.97 -7.61
CA ASP B 353 51.61 -31.61 -6.50
C ASP B 353 51.06 -33.04 -6.27
N THR B 354 51.52 -33.70 -5.21
CA THR B 354 51.18 -35.12 -4.98
C THR B 354 49.70 -35.37 -4.70
N TYR B 355 48.98 -34.30 -4.37
CA TYR B 355 47.54 -34.39 -4.12
C TYR B 355 46.70 -33.93 -5.30
N GLY B 356 47.33 -33.79 -6.47
CA GLY B 356 46.62 -33.40 -7.67
C GLY B 356 46.21 -31.95 -7.68
N ARG B 357 46.84 -31.15 -6.85
CA ARG B 357 46.51 -29.72 -6.80
C ARG B 357 47.43 -28.91 -7.68
N ARG B 358 46.85 -27.94 -8.40
CA ARG B 358 47.65 -27.00 -9.17
C ARG B 358 48.76 -26.44 -8.28
N THR B 359 49.98 -26.42 -8.82
CA THR B 359 51.10 -25.79 -8.13
C THR B 359 51.80 -24.92 -9.16
N ASN B 360 52.48 -23.89 -8.72
CA ASN B 360 53.17 -22.98 -9.61
C ASN B 360 52.24 -22.43 -10.68
N TYR B 361 51.03 -22.07 -10.24
CA TYR B 361 50.04 -21.41 -11.07
C TYR B 361 50.10 -19.90 -10.81
N THR B 362 49.51 -19.12 -11.71
CA THR B 362 49.45 -17.67 -11.55
C THR B 362 47.99 -17.20 -11.51
N ILE B 363 47.66 -16.37 -10.53
CA ILE B 363 46.35 -15.71 -10.53
C ILE B 363 46.46 -14.21 -10.85
N ASP B 364 45.83 -13.75 -11.92
CA ASP B 364 45.85 -12.30 -12.26
C ASP B 364 44.88 -11.54 -11.38
N VAL B 365 45.31 -10.40 -10.85
CA VAL B 365 44.50 -9.61 -9.94
C VAL B 365 43.95 -8.36 -10.65
N TYR B 366 42.63 -8.18 -10.62
CA TYR B 366 42.00 -7.06 -11.32
C TYR B 366 41.41 -6.06 -10.36
N GLU B 367 41.58 -4.79 -10.70
CA GLU B 367 41.03 -3.70 -9.91
C GLU B 367 40.12 -2.82 -10.73
N MET B 368 38.90 -2.64 -10.25
CA MET B 368 37.98 -1.67 -10.84
C MET B 368 37.74 -0.52 -9.87
N LYS B 369 38.03 0.67 -10.37
CA LYS B 369 37.89 1.89 -9.58
C LYS B 369 37.19 2.96 -10.44
N VAL B 370 36.88 4.11 -9.84
CA VAL B 370 36.22 5.16 -10.60
C VAL B 370 37.16 5.67 -11.69
N SER B 371 38.47 5.55 -11.48
CA SER B 371 39.48 5.91 -12.50
C SER B 371 39.69 4.89 -13.62
N GLY B 372 39.00 3.75 -13.56
CA GLY B 372 39.07 2.77 -14.63
C GLY B 372 39.33 1.34 -14.15
N SER B 373 39.52 0.44 -15.10
CA SER B 373 39.72 -0.97 -14.83
C SER B 373 41.04 -1.43 -15.38
N ARG B 374 41.72 -2.28 -14.64
CA ARG B 374 43.02 -2.76 -15.09
C ARG B 374 43.45 -3.98 -14.28
N LYS B 375 44.33 -4.76 -14.88
CA LYS B 375 45.06 -5.78 -14.17
C LYS B 375 46.03 -5.06 -13.22
N ALA B 376 45.86 -5.26 -11.92
CA ALA B 376 46.60 -4.52 -10.91
C ALA B 376 47.86 -5.27 -10.49
N GLY B 377 47.94 -6.54 -10.90
CA GLY B 377 49.11 -7.35 -10.60
C GLY B 377 48.81 -8.82 -10.69
N TYR B 378 49.72 -9.64 -10.19
CA TYR B 378 49.53 -11.09 -10.22
C TYR B 378 49.92 -11.73 -8.88
N TRP B 379 49.50 -12.97 -8.67
CA TRP B 379 49.80 -13.70 -7.45
C TRP B 379 50.26 -15.09 -7.86
N ASN B 380 51.39 -15.54 -7.32
CA ASN B 380 51.76 -16.94 -7.35
C ASN B 380 52.29 -17.34 -5.97
N GLU B 381 52.47 -18.65 -5.74
CA GLU B 381 52.88 -19.19 -4.45
C GLU B 381 54.23 -18.69 -3.96
N TYR B 382 55.12 -18.39 -4.90
CA TYR B 382 56.47 -18.00 -4.55
C TYR B 382 56.55 -16.52 -4.17
N GLU B 383 56.16 -15.63 -5.06
CA GLU B 383 56.30 -14.20 -4.79
C GLU B 383 55.08 -13.56 -4.17
N ARG B 384 54.01 -14.35 -3.98
CA ARG B 384 52.74 -13.85 -3.46
C ARG B 384 52.25 -12.65 -4.30
N PHE B 385 51.65 -11.63 -3.70
CA PHE B 385 51.11 -10.52 -4.49
C PHE B 385 52.15 -9.54 -4.94
N VAL B 386 52.22 -9.36 -6.25
CA VAL B 386 53.13 -8.41 -6.86
C VAL B 386 52.31 -7.38 -7.65
N PRO B 387 52.20 -6.16 -7.13
CA PRO B 387 51.46 -5.16 -7.91
C PRO B 387 52.35 -4.52 -8.96
N PHE B 388 51.78 -4.09 -10.08
CA PHE B 388 52.53 -3.25 -11.03
C PHE B 388 51.74 -2.01 -11.43
N THR B 404 39.38 16.31 -23.89
CA THR B 404 38.59 17.48 -23.46
C THR B 404 37.09 17.19 -23.57
N ILE B 405 36.36 17.40 -22.46
CA ILE B 405 34.91 17.25 -22.42
C ILE B 405 34.22 18.41 -23.10
N VAL B 406 33.35 18.13 -24.05
CA VAL B 406 32.56 19.19 -24.65
C VAL B 406 31.29 19.42 -23.81
N VAL B 407 31.20 20.62 -23.24
CA VAL B 407 30.07 21.00 -22.39
C VAL B 407 29.11 21.87 -23.19
N THR B 408 27.88 21.39 -23.39
CA THR B 408 26.87 22.22 -24.05
C THR B 408 26.15 23.05 -22.99
N THR B 409 25.92 24.32 -23.31
CA THR B 409 25.19 25.18 -22.41
C THR B 409 24.43 26.22 -23.23
N ILE B 410 23.82 27.18 -22.55
CA ILE B 410 22.89 28.10 -23.20
C ILE B 410 23.06 29.50 -22.60
N LEU B 411 22.96 30.53 -23.45
CA LEU B 411 23.09 31.92 -22.99
C LEU B 411 21.76 32.33 -22.36
N GLU B 412 21.77 32.44 -21.04
CA GLU B 412 20.58 32.70 -20.25
C GLU B 412 21.04 33.29 -18.94
N SER B 413 20.67 34.53 -18.65
CA SER B 413 21.11 35.18 -17.42
C SER B 413 20.32 34.66 -16.21
N PRO B 414 20.98 34.49 -15.06
CA PRO B 414 22.40 34.71 -14.77
C PRO B 414 23.24 33.44 -14.85
N TYR B 415 22.81 32.45 -15.63
CA TYR B 415 23.50 31.16 -15.69
C TYR B 415 24.76 31.21 -16.56
N VAL B 416 24.61 31.75 -17.75
CA VAL B 416 25.71 31.94 -18.68
C VAL B 416 25.47 33.25 -19.41
N MET B 417 26.45 34.15 -19.33
CA MET B 417 26.36 35.46 -19.94
C MET B 417 27.72 35.79 -20.60
N TYR B 418 27.73 36.65 -21.66
CA TYR B 418 28.99 37.12 -22.21
C TYR B 418 29.69 38.03 -21.23
N LYS B 419 30.95 37.76 -20.97
CA LYS B 419 31.74 38.60 -20.07
C LYS B 419 31.99 39.98 -20.67
N LYS B 420 32.19 40.95 -19.78
CA LYS B 420 32.73 42.22 -20.17
C LYS B 420 34.05 41.97 -20.90
N ASN B 421 34.18 42.54 -22.09
CA ASN B 421 35.37 42.43 -22.93
C ASN B 421 35.68 41.03 -23.49
N HIS B 422 34.63 40.22 -23.61
CA HIS B 422 34.73 38.85 -24.17
C HIS B 422 35.42 38.78 -25.54
N GLU B 423 35.26 39.81 -26.37
CA GLU B 423 35.89 39.83 -27.71
C GLU B 423 37.42 39.78 -27.67
N GLN B 424 38.02 40.17 -26.53
CA GLN B 424 39.47 40.09 -26.33
C GLN B 424 39.84 38.86 -25.53
N LEU B 425 38.88 38.01 -25.20
CA LEU B 425 39.13 36.76 -24.48
C LEU B 425 38.86 35.57 -25.40
N GLU B 426 39.28 34.40 -24.96
CA GLU B 426 39.16 33.18 -25.77
C GLU B 426 38.65 32.00 -24.95
N GLY B 427 37.97 31.08 -25.64
CA GLY B 427 37.54 29.83 -25.03
C GLY B 427 36.61 30.07 -23.85
N ASN B 428 36.84 29.34 -22.77
CA ASN B 428 35.96 29.37 -21.59
C ASN B 428 35.89 30.73 -20.91
N GLU B 429 36.95 31.52 -21.11
CA GLU B 429 37.08 32.83 -20.51
C GLU B 429 36.11 33.88 -21.08
N ARG B 430 35.43 33.57 -22.17
CA ARG B 430 34.45 34.49 -22.75
C ARG B 430 33.17 34.61 -21.93
N TYR B 431 32.91 33.63 -21.06
CA TYR B 431 31.61 33.49 -20.41
C TYR B 431 31.72 33.63 -18.90
N GLU B 432 30.63 34.07 -18.28
CA GLU B 432 30.52 34.06 -16.82
C GLU B 432 29.10 33.75 -16.39
N GLY B 433 28.96 33.41 -15.12
CA GLY B 433 27.64 33.17 -14.55
C GLY B 433 27.60 31.96 -13.65
N TYR B 434 26.41 31.67 -13.12
CA TYR B 434 26.20 30.56 -12.19
C TYR B 434 26.67 29.23 -12.76
N CYS B 435 26.28 28.93 -14.00
CA CYS B 435 26.63 27.63 -14.60
C CYS B 435 28.09 27.56 -15.08
N VAL B 436 28.70 28.71 -15.36
CA VAL B 436 30.15 28.77 -15.70
C VAL B 436 30.97 28.41 -14.46
N ASP B 437 30.58 28.98 -13.31
CA ASP B 437 31.17 28.63 -12.01
C ASP B 437 30.90 27.17 -11.66
N LEU B 438 29.68 26.69 -11.90
CA LEU B 438 29.34 25.30 -11.61
C LEU B 438 30.16 24.36 -12.49
N ALA B 439 30.29 24.67 -13.78
CA ALA B 439 31.08 23.83 -14.68
C ALA B 439 32.52 23.69 -14.17
N TYR B 440 33.12 24.80 -13.74
CA TYR B 440 34.49 24.75 -13.21
C TYR B 440 34.59 23.85 -11.97
N GLU B 441 33.60 23.92 -11.07
CA GLU B 441 33.59 23.07 -9.86
C GLU B 441 33.41 21.59 -10.19
N ILE B 442 32.49 21.27 -11.09
CA ILE B 442 32.26 19.88 -11.50
C ILE B 442 33.53 19.32 -12.13
N ALA B 443 34.11 20.09 -13.05
CA ALA B 443 35.31 19.64 -13.78
C ALA B 443 36.46 19.35 -12.81
N LYS B 444 36.63 20.24 -11.82
CA LYS B 444 37.64 20.07 -10.78
C LYS B 444 37.44 18.79 -9.98
N HIS B 445 36.21 18.57 -9.54
CA HIS B 445 35.90 17.40 -8.71
C HIS B 445 35.98 16.08 -9.49
N VAL B 446 35.59 16.09 -10.78
CA VAL B 446 35.64 14.88 -11.60
C VAL B 446 37.00 14.71 -12.23
N GLY B 447 37.79 15.76 -12.33
CA GLY B 447 39.15 15.68 -12.83
C GLY B 447 39.29 15.74 -14.34
N ILE B 448 38.43 16.56 -15.05
CA ILE B 448 38.57 16.62 -16.51
C ILE B 448 38.75 18.05 -16.97
N LYS B 449 39.36 18.14 -18.18
CA LYS B 449 39.45 19.37 -18.96
C LYS B 449 38.18 19.51 -19.80
N TYR B 450 37.76 20.73 -20.06
CA TYR B 450 36.49 20.96 -20.77
C TYR B 450 36.44 22.23 -21.60
N LYS B 451 35.53 22.23 -22.57
CA LYS B 451 35.29 23.35 -23.47
C LYS B 451 33.79 23.70 -23.43
N LEU B 452 33.46 24.91 -22.98
CA LEU B 452 32.09 25.41 -23.00
C LEU B 452 31.68 25.74 -24.43
N SER B 453 30.58 25.13 -24.91
CA SER B 453 30.03 25.43 -26.23
C SER B 453 28.56 25.82 -26.12
N ILE B 454 28.23 27.01 -26.57
CA ILE B 454 26.84 27.49 -26.56
C ILE B 454 26.03 26.75 -27.62
N VAL B 455 24.90 26.15 -27.20
CA VAL B 455 24.04 25.41 -28.10
C VAL B 455 23.60 26.32 -29.27
N GLY B 456 23.69 25.80 -30.49
CA GLY B 456 23.51 26.62 -31.69
C GLY B 456 22.13 27.22 -31.86
N ASP B 457 21.09 26.42 -31.61
CA ASP B 457 19.72 26.88 -31.78
C ASP B 457 19.14 27.65 -30.56
N GLY B 458 19.90 27.75 -29.48
CA GLY B 458 19.47 28.48 -28.28
C GLY B 458 18.28 27.86 -27.56
N LYS B 459 18.14 26.54 -27.64
CA LYS B 459 16.99 25.85 -27.08
C LYS B 459 17.39 24.87 -25.99
N TYR B 460 16.44 24.58 -25.10
CA TYR B 460 16.67 23.67 -23.99
C TYR B 460 16.63 22.24 -24.47
N GLY B 461 15.52 21.84 -25.08
CA GLY B 461 15.45 20.50 -25.66
C GLY B 461 14.08 19.90 -25.62
N ALA B 462 13.51 19.75 -26.81
CA ALA B 462 12.19 19.20 -27.02
C ALA B 462 12.18 18.40 -28.32
N ARG B 463 11.29 17.42 -28.44
CA ARG B 463 11.14 16.67 -29.69
C ARG B 463 10.33 17.48 -30.69
N ASP B 464 10.84 17.63 -31.90
CA ASP B 464 10.10 18.29 -32.98
C ASP B 464 8.82 17.51 -33.19
N PRO B 465 7.70 18.22 -33.31
CA PRO B 465 6.40 17.59 -33.50
C PRO B 465 6.35 16.73 -34.75
N GLU B 466 6.97 17.21 -35.87
CA GLU B 466 6.88 16.54 -37.16
C GLU B 466 7.85 15.38 -37.25
N THR B 467 9.11 15.64 -36.92
CA THR B 467 10.17 14.64 -37.16
C THR B 467 10.50 13.81 -35.93
N LYS B 468 10.05 14.25 -34.76
CA LYS B 468 10.40 13.65 -33.47
C LYS B 468 11.91 13.73 -33.15
N ILE B 469 12.63 14.57 -33.88
CA ILE B 469 14.05 14.82 -33.62
C ILE B 469 14.19 15.84 -32.47
N TRP B 470 15.13 15.57 -31.57
CA TRP B 470 15.40 16.46 -30.45
C TRP B 470 16.17 17.70 -30.88
N ASN B 471 15.75 18.86 -30.40
CA ASN B 471 16.49 20.10 -30.59
C ASN B 471 17.28 20.47 -29.33
N GLY B 472 17.91 21.62 -29.36
CA GLY B 472 18.55 22.18 -28.16
C GLY B 472 19.68 21.35 -27.58
N MET B 473 19.90 21.55 -26.28
CA MET B 473 20.98 20.88 -25.57
C MET B 473 20.75 19.38 -25.49
N VAL B 474 19.51 18.96 -25.30
CA VAL B 474 19.18 17.53 -25.31
C VAL B 474 19.61 16.91 -26.66
N GLY B 475 19.28 17.57 -27.76
CA GLY B 475 19.75 17.17 -29.10
C GLY B 475 21.27 16.99 -29.20
N GLU B 476 22.01 17.94 -28.67
CA GLU B 476 23.47 17.88 -28.71
C GLU B 476 23.96 16.62 -27.99
N LEU B 477 23.28 16.22 -26.92
CA LEU B 477 23.69 15.02 -26.18
C LEU B 477 23.28 13.73 -26.90
N VAL B 478 22.02 13.66 -27.36
CA VAL B 478 21.50 12.40 -27.91
C VAL B 478 22.09 12.09 -29.30
N TYR B 479 22.55 13.12 -30.02
CA TYR B 479 23.15 12.93 -31.35
C TYR B 479 24.67 13.11 -31.37
N GLY B 480 25.30 12.96 -30.21
CA GLY B 480 26.75 12.77 -30.11
C GLY B 480 27.63 13.99 -30.32
N ARG B 481 27.08 15.20 -30.06
CA ARG B 481 27.82 16.44 -30.31
C ARG B 481 28.43 16.99 -29.06
N ALA B 482 27.94 16.63 -27.90
CA ALA B 482 28.45 17.14 -26.63
C ALA B 482 28.47 16.01 -25.62
N ASP B 483 29.34 16.13 -24.63
CA ASP B 483 29.55 15.09 -23.63
C ASP B 483 28.69 15.29 -22.37
N ILE B 484 28.25 16.53 -22.16
CA ILE B 484 27.56 16.91 -20.92
C ILE B 484 26.86 18.26 -21.13
N ALA B 485 25.72 18.44 -20.47
CA ALA B 485 25.01 19.73 -20.48
C ALA B 485 24.99 20.27 -19.06
N VAL B 486 25.58 21.44 -18.87
CA VAL B 486 25.53 22.19 -17.62
C VAL B 486 24.81 23.51 -17.79
N ALA B 487 23.56 23.50 -17.42
CA ALA B 487 22.61 24.57 -17.77
C ALA B 487 21.37 24.41 -16.89
N PRO B 488 20.50 25.44 -16.85
CA PRO B 488 19.24 25.31 -16.13
C PRO B 488 18.25 24.43 -16.90
N LEU B 489 18.55 23.14 -16.98
CA LEU B 489 17.78 22.17 -17.76
C LEU B 489 16.93 21.38 -16.77
N THR B 490 15.62 21.50 -16.91
CA THR B 490 14.68 20.90 -15.97
C THR B 490 14.66 19.39 -16.12
N ILE B 491 14.69 18.71 -14.98
CA ILE B 491 14.54 17.26 -14.93
C ILE B 491 13.09 16.88 -15.25
N THR B 492 12.88 16.26 -16.42
CA THR B 492 11.53 15.90 -16.87
C THR B 492 11.49 14.46 -17.36
N LEU B 493 10.32 13.84 -17.29
CA LEU B 493 10.14 12.46 -17.76
C LEU B 493 10.58 12.29 -19.21
N VAL B 494 10.09 13.15 -20.09
CA VAL B 494 10.38 13.01 -21.52
C VAL B 494 11.89 13.04 -21.81
N ARG B 495 12.63 13.84 -21.04
CA ARG B 495 14.07 13.91 -21.19
C ARG B 495 14.80 12.74 -20.51
N GLU B 496 14.34 12.32 -19.32
CA GLU B 496 14.98 11.22 -18.58
C GLU B 496 14.88 9.89 -19.32
N GLU B 497 13.93 9.79 -20.25
CA GLU B 497 13.83 8.62 -21.11
C GLU B 497 15.00 8.50 -22.10
N VAL B 498 15.66 9.61 -22.42
CA VAL B 498 16.71 9.64 -23.47
C VAL B 498 18.11 10.08 -23.01
N ILE B 499 18.19 10.81 -21.89
CA ILE B 499 19.48 11.18 -21.28
C ILE B 499 19.41 10.91 -19.78
N ASP B 500 20.55 10.98 -19.10
CA ASP B 500 20.60 10.76 -17.66
C ASP B 500 20.80 12.14 -16.97
N PHE B 501 20.05 12.39 -15.91
CA PHE B 501 20.23 13.62 -15.12
C PHE B 501 20.90 13.32 -13.79
N SER B 502 21.81 14.20 -13.38
CA SER B 502 22.26 14.24 -11.98
C SER B 502 21.08 14.56 -11.08
N LYS B 503 21.25 14.38 -9.77
CA LYS B 503 20.31 14.93 -8.80
C LYS B 503 20.28 16.45 -8.98
N PRO B 504 19.19 17.11 -8.55
CA PRO B 504 19.10 18.54 -8.84
C PRO B 504 20.24 19.34 -8.24
N PHE B 505 20.79 20.29 -8.99
CA PHE B 505 21.76 21.24 -8.44
C PHE B 505 21.06 22.53 -7.98
N MET B 506 19.82 22.71 -8.41
CA MET B 506 18.98 23.84 -8.03
C MET B 506 17.52 23.41 -8.00
N SER B 507 16.83 23.73 -6.92
CA SER B 507 15.41 23.45 -6.80
C SER B 507 14.65 24.71 -7.17
N LEU B 508 13.44 24.53 -7.65
CA LEU B 508 12.61 25.66 -8.02
C LEU B 508 11.17 25.21 -8.11
N GLY B 509 10.27 26.16 -8.22
CA GLY B 509 8.86 25.83 -8.32
C GLY B 509 8.07 26.93 -8.99
N ILE B 510 6.81 26.63 -9.28
CA ILE B 510 5.92 27.63 -9.81
C ILE B 510 5.68 28.70 -8.72
N SER B 511 5.66 29.95 -9.15
CA SER B 511 5.60 31.07 -8.22
C SER B 511 4.80 32.23 -8.83
N ILE B 512 4.33 33.12 -7.97
CA ILE B 512 3.52 34.26 -8.38
C ILE B 512 4.38 35.52 -8.47
N MET B 513 4.31 36.19 -9.63
CA MET B 513 4.94 37.50 -9.81
C MET B 513 3.86 38.56 -9.88
N ILE B 514 4.02 39.62 -9.08
CA ILE B 514 3.12 40.79 -9.12
C ILE B 514 3.94 42.09 -9.26
N LYS B 515 3.31 43.14 -9.77
CA LYS B 515 3.88 44.48 -9.65
C LYS B 515 3.80 44.88 -8.16
N LYS B 516 4.85 45.48 -7.63
CA LYS B 516 4.82 45.94 -6.26
C LYS B 516 3.66 46.89 -6.06
N GLY B 523 -2.04 60.24 -6.48
CA GLY B 523 -3.28 60.81 -6.94
C GLY B 523 -3.98 61.62 -5.87
N VAL B 524 -3.85 62.94 -5.95
CA VAL B 524 -4.50 63.84 -5.00
C VAL B 524 -6.01 63.64 -5.03
N PHE B 525 -6.48 62.85 -5.99
CA PHE B 525 -7.91 62.59 -6.15
C PHE B 525 -8.45 61.58 -5.13
N SER B 526 -7.59 61.13 -4.22
CA SER B 526 -8.02 60.26 -3.14
C SER B 526 -8.39 61.11 -1.93
N PHE B 527 -8.24 62.42 -2.08
CA PHE B 527 -8.58 63.38 -1.04
C PHE B 527 -9.89 64.09 -1.38
N LEU B 528 -10.17 64.18 -2.68
CA LEU B 528 -11.39 64.81 -3.16
C LEU B 528 -12.53 63.81 -3.19
N ASP B 529 -12.22 62.53 -2.98
CA ASP B 529 -13.21 61.47 -3.01
C ASP B 529 -13.99 61.37 -1.69
N PRO B 530 -13.27 61.27 -0.57
CA PRO B 530 -13.94 61.17 0.74
C PRO B 530 -15.06 62.19 0.84
N LEU B 531 -14.72 63.46 0.72
CA LEU B 531 -15.75 64.47 0.69
C LEU B 531 -15.96 64.86 -0.77
N ALA B 532 -17.17 64.57 -1.24
CA ALA B 532 -17.57 64.71 -2.63
C ALA B 532 -17.39 66.13 -3.10
N TYR B 533 -17.09 66.29 -4.38
CA TYR B 533 -16.93 67.62 -4.96
C TYR B 533 -18.18 68.47 -4.73
N GLU B 534 -19.33 67.82 -4.77
CA GLU B 534 -20.60 68.49 -4.59
C GLU B 534 -20.71 69.02 -3.16
N ILE B 535 -20.14 68.28 -2.22
CA ILE B 535 -20.19 68.64 -0.82
C ILE B 535 -19.20 69.77 -0.49
N TRP B 536 -18.02 69.72 -1.09
CA TRP B 536 -17.04 70.79 -0.91
C TRP B 536 -17.63 72.10 -1.42
N MET B 537 -18.46 72.02 -2.45
CA MET B 537 -19.08 73.20 -3.03
C MET B 537 -20.09 73.81 -2.06
N CYS B 538 -21.06 73.02 -1.65
CA CYS B 538 -22.12 73.49 -0.76
C CYS B 538 -21.57 74.01 0.56
N ILE B 539 -20.53 73.36 1.08
CA ILE B 539 -19.92 73.79 2.33
C ILE B 539 -19.24 75.15 2.14
N VAL B 540 -18.95 75.49 0.90
CA VAL B 540 -18.36 76.79 0.58
C VAL B 540 -19.46 77.83 0.33
N PHE B 541 -20.56 77.38 -0.28
CA PHE B 541 -21.70 78.25 -0.51
C PHE B 541 -22.33 78.67 0.82
N ALA B 542 -22.48 77.70 1.72
CA ALA B 542 -22.99 77.98 3.06
C ALA B 542 -21.96 78.76 3.86
N TYR B 543 -20.70 78.60 3.49
CA TYR B 543 -19.60 79.33 4.13
C TYR B 543 -19.77 80.83 3.93
N ILE B 544 -19.90 81.24 2.68
CA ILE B 544 -20.14 82.65 2.36
C ILE B 544 -21.59 83.02 2.69
N GLY B 545 -22.43 81.99 2.84
CA GLY B 545 -23.82 82.19 3.19
C GLY B 545 -23.99 82.60 4.63
N VAL B 546 -22.96 82.33 5.43
CA VAL B 546 -22.97 82.71 6.84
C VAL B 546 -22.21 84.02 7.04
N SER B 547 -21.13 84.20 6.28
CA SER B 547 -20.34 85.41 6.36
C SER B 547 -21.12 86.62 5.81
N VAL B 548 -22.19 86.33 5.08
CA VAL B 548 -23.04 87.39 4.55
C VAL B 548 -24.19 87.68 5.51
N VAL B 549 -24.64 86.65 6.22
CA VAL B 549 -25.68 86.82 7.22
C VAL B 549 -25.14 87.58 8.42
N LEU B 550 -23.92 87.24 8.82
CA LEU B 550 -23.24 87.96 9.89
C LEU B 550 -22.93 89.39 9.46
N PHE B 551 -22.65 89.55 8.17
CA PHE B 551 -22.35 90.87 7.60
C PHE B 551 -23.53 91.81 7.73
N LEU B 552 -24.73 91.26 7.78
CA LEU B 552 -25.94 92.07 7.91
C LEU B 552 -26.24 92.40 9.36
N VAL B 553 -25.52 91.76 10.27
CA VAL B 553 -25.72 91.98 11.70
C VAL B 553 -25.07 93.30 12.16
N SER B 554 -23.81 93.48 11.80
CA SER B 554 -23.08 94.68 12.18
C SER B 554 -23.68 95.93 11.53
N PRO B 605 -20.12 90.51 21.38
CA PRO B 605 -20.51 89.87 22.64
C PRO B 605 -21.72 88.96 22.47
N ARG B 606 -22.69 89.08 23.36
CA ARG B 606 -23.87 88.23 23.35
C ARG B 606 -24.99 88.78 22.48
N SER B 607 -24.71 88.96 21.19
CA SER B 607 -25.73 89.36 20.23
C SER B 607 -26.52 88.13 19.80
N LEU B 608 -27.55 87.80 20.56
CA LEU B 608 -28.32 86.57 20.37
C LEU B 608 -28.55 86.23 18.89
N SER B 609 -28.87 87.24 18.09
CA SER B 609 -29.11 87.05 16.67
C SER B 609 -27.98 86.26 16.01
N GLY B 610 -26.85 86.93 15.79
CA GLY B 610 -25.70 86.29 15.16
C GLY B 610 -25.03 85.27 16.06
N ARG B 611 -25.47 85.21 17.31
CA ARG B 611 -24.90 84.28 18.27
C ARG B 611 -25.26 82.84 17.92
N ILE B 612 -26.55 82.58 17.71
CA ILE B 612 -27.01 81.24 17.35
C ILE B 612 -26.50 80.84 15.97
N VAL B 613 -26.18 81.84 15.16
CA VAL B 613 -25.62 81.60 13.83
C VAL B 613 -24.24 80.95 13.96
N GLY B 614 -23.42 81.49 14.86
CA GLY B 614 -22.10 80.95 15.10
C GLY B 614 -22.16 79.57 15.73
N GLY B 615 -23.19 79.34 16.54
CA GLY B 615 -23.38 78.06 17.19
C GLY B 615 -23.85 76.99 16.22
N VAL B 616 -24.86 77.32 15.42
CA VAL B 616 -25.40 76.39 14.44
C VAL B 616 -24.37 76.08 13.35
N TRP B 617 -23.64 77.10 12.92
CA TRP B 617 -22.58 76.92 11.93
C TRP B 617 -21.48 76.02 12.48
N TRP B 618 -21.23 76.13 13.78
CA TRP B 618 -20.23 75.31 14.43
C TRP B 618 -20.69 73.85 14.48
N PHE B 619 -21.95 73.65 14.82
CA PHE B 619 -22.53 72.31 14.86
C PHE B 619 -22.56 71.72 13.45
N PHE B 620 -22.72 72.57 12.46
CA PHE B 620 -22.74 72.16 11.06
C PHE B 620 -21.37 71.64 10.63
N THR B 621 -20.33 72.43 10.87
CA THR B 621 -18.98 72.05 10.50
C THR B 621 -18.49 70.86 11.33
N LEU B 622 -19.00 70.74 12.55
CA LEU B 622 -18.66 69.63 13.42
C LEU B 622 -19.08 68.31 12.78
N ILE B 623 -20.31 68.26 12.29
CA ILE B 623 -20.84 67.07 11.64
C ILE B 623 -20.04 66.73 10.39
N ILE B 624 -19.75 67.74 9.58
CA ILE B 624 -19.01 67.53 8.34
C ILE B 624 -17.61 66.96 8.56
N ILE B 625 -16.84 67.61 9.43
CA ILE B 625 -15.49 67.15 9.72
C ILE B 625 -15.51 65.75 10.36
N SER B 626 -16.57 65.45 11.09
CA SER B 626 -16.75 64.13 11.68
C SER B 626 -17.03 63.11 10.58
N SER B 627 -17.87 63.51 9.62
CA SER B 627 -18.19 62.65 8.48
C SER B 627 -16.95 62.38 7.65
N TYR B 628 -16.18 63.43 7.37
CA TYR B 628 -14.95 63.30 6.59
C TYR B 628 -13.99 62.33 7.27
N THR B 629 -13.84 62.47 8.59
CA THR B 629 -12.94 61.62 9.34
C THR B 629 -13.39 60.16 9.32
N ALA B 630 -14.67 59.95 9.61
CA ALA B 630 -15.24 58.61 9.62
C ALA B 630 -15.11 57.94 8.25
N ASN B 631 -15.51 58.65 7.21
CA ASN B 631 -15.47 58.13 5.84
C ASN B 631 -14.04 57.81 5.41
N LEU B 632 -13.11 58.68 5.77
CA LEU B 632 -11.71 58.48 5.42
C LEU B 632 -11.14 57.25 6.09
N ALA B 633 -11.71 56.89 7.24
CA ALA B 633 -11.29 55.70 7.94
C ALA B 633 -11.70 54.42 7.19
N ALA B 634 -12.74 54.52 6.38
CA ALA B 634 -13.32 53.35 5.72
C ALA B 634 -12.42 52.76 4.62
N PHE B 635 -11.98 53.62 3.70
CA PHE B 635 -11.14 53.18 2.59
C PHE B 635 -9.85 52.53 3.09
N LEU B 636 -9.30 53.08 4.17
CA LEU B 636 -8.03 52.62 4.71
C LEU B 636 -8.19 51.39 5.58
N THR B 637 -9.45 51.04 5.88
CA THR B 637 -9.73 49.86 6.68
C THR B 637 -9.97 48.63 5.81
N VAL B 638 -11.01 48.69 4.98
CA VAL B 638 -11.34 47.59 4.09
C VAL B 638 -10.34 47.50 2.93
N GLU B 639 -10.25 48.58 2.17
CA GLU B 639 -9.30 48.67 1.06
C GLU B 639 -9.43 47.54 0.05
N ARG B 640 -10.61 47.44 -0.56
CA ARG B 640 -10.83 46.44 -1.61
C ARG B 640 -10.46 47.02 -2.98
N MET B 641 -9.79 46.21 -3.80
CA MET B 641 -9.29 46.68 -5.08
C MET B 641 -10.35 46.64 -6.18
N PRO B 644 -2.37 44.16 -4.34
CA PRO B 644 -2.86 43.62 -3.08
C PRO B 644 -3.09 42.10 -3.13
N ILE B 645 -2.02 41.34 -3.32
CA ILE B 645 -2.06 39.88 -3.42
C ILE B 645 -0.84 39.32 -2.68
N GLU B 646 -1.07 38.39 -1.77
CA GLU B 646 0.02 37.80 -0.99
C GLU B 646 0.13 36.26 -1.08
N SER B 647 -0.81 35.61 -1.75
CA SER B 647 -0.84 34.15 -1.81
C SER B 647 -1.62 33.67 -3.01
N ALA B 648 -1.42 32.40 -3.39
CA ALA B 648 -2.24 31.77 -4.41
C ALA B 648 -3.70 31.72 -3.94
N GLU B 649 -3.89 31.48 -2.64
CA GLU B 649 -5.24 31.47 -2.06
C GLU B 649 -5.94 32.80 -2.34
N ASP B 650 -5.28 33.92 -2.03
CA ASP B 650 -5.82 35.25 -2.37
C ASP B 650 -6.22 35.35 -3.83
N LEU B 651 -5.29 35.03 -4.73
CA LEU B 651 -5.58 35.11 -6.18
C LEU B 651 -6.82 34.31 -6.53
N ALA B 652 -6.93 33.07 -5.98
CA ALA B 652 -7.98 32.14 -6.37
C ALA B 652 -9.34 32.67 -5.99
N LYS B 653 -9.44 33.46 -4.95
CA LYS B 653 -10.74 33.90 -4.41
C LYS B 653 -11.31 35.11 -5.13
N GLN B 654 -10.58 35.68 -6.09
CA GLN B 654 -10.99 36.94 -6.72
C GLN B 654 -10.77 36.89 -8.22
N THR B 655 -11.33 37.88 -8.92
CA THR B 655 -11.18 37.98 -10.37
C THR B 655 -10.77 39.38 -10.87
N GLU B 656 -10.73 40.38 -10.00
CA GLU B 656 -10.36 41.73 -10.45
C GLU B 656 -8.90 41.79 -10.93
N ILE B 657 -8.04 41.03 -10.27
CA ILE B 657 -6.67 40.88 -10.71
C ILE B 657 -6.61 39.57 -11.48
N ALA B 658 -6.41 39.67 -12.80
CA ALA B 658 -6.30 38.49 -13.65
C ALA B 658 -4.92 37.89 -13.45
N TYR B 659 -4.79 36.63 -13.81
CA TYR B 659 -3.53 35.90 -13.66
C TYR B 659 -3.44 34.73 -14.63
N GLY B 660 -2.24 34.47 -15.12
CA GLY B 660 -2.04 33.43 -16.10
C GLY B 660 -0.60 32.95 -16.21
N THR B 661 -0.35 32.21 -17.29
CA THR B 661 0.91 31.50 -17.49
C THR B 661 1.28 31.58 -18.97
N LEU B 662 2.48 31.08 -19.29
CA LEU B 662 2.84 30.76 -20.68
C LEU B 662 1.74 29.89 -21.28
N ASP B 663 1.44 30.09 -22.56
CA ASP B 663 0.33 29.39 -23.23
C ASP B 663 0.60 27.92 -23.50
N SER B 664 1.84 27.49 -23.36
CA SER B 664 2.14 26.06 -23.39
C SER B 664 3.29 25.79 -22.45
N GLY B 665 3.50 24.52 -22.12
CA GLY B 665 4.59 24.15 -21.25
C GLY B 665 4.11 23.74 -19.88
N SER B 666 5.09 23.42 -19.03
CA SER B 666 4.86 22.73 -17.76
C SER B 666 4.02 23.50 -16.74
N THR B 667 4.08 24.83 -16.76
CA THR B 667 3.35 25.62 -15.76
C THR B 667 1.85 25.50 -16.00
N LYS B 668 1.43 25.67 -17.24
CA LYS B 668 0.03 25.47 -17.63
C LYS B 668 -0.43 24.04 -17.30
N GLU B 669 0.41 23.06 -17.68
CA GLU B 669 0.11 21.65 -17.42
C GLU B 669 -0.05 21.31 -15.92
N PHE B 670 0.74 21.95 -15.06
CA PHE B 670 0.61 21.76 -13.60
C PHE B 670 -0.82 22.06 -13.15
N PHE B 671 -1.33 23.21 -13.57
CA PHE B 671 -2.67 23.63 -13.19
C PHE B 671 -3.73 22.73 -13.82
N ARG B 672 -3.55 22.40 -15.10
CA ARG B 672 -4.51 21.52 -15.77
C ARG B 672 -4.64 20.17 -15.07
N ARG B 673 -3.53 19.66 -14.54
CA ARG B 673 -3.50 18.31 -13.95
C ARG B 673 -3.78 18.25 -12.45
N SER B 674 -3.72 19.39 -11.77
CA SER B 674 -3.74 19.39 -10.30
C SER B 674 -5.09 18.96 -9.75
N LYS B 675 -5.03 18.13 -8.70
CA LYS B 675 -6.19 17.73 -7.94
C LYS B 675 -6.27 18.49 -6.61
N ILE B 676 -5.39 19.46 -6.40
CA ILE B 676 -5.40 20.25 -5.19
C ILE B 676 -6.45 21.34 -5.39
N ALA B 677 -7.31 21.54 -4.40
CA ALA B 677 -8.50 22.39 -4.55
C ALA B 677 -8.15 23.79 -5.04
N VAL B 678 -7.16 24.44 -4.42
CA VAL B 678 -6.83 25.83 -4.77
C VAL B 678 -6.35 25.93 -6.22
N TYR B 679 -5.51 24.95 -6.66
CA TYR B 679 -4.97 25.01 -8.02
C TYR B 679 -6.01 24.58 -9.03
N GLU B 680 -6.92 23.68 -8.65
CA GLU B 680 -8.01 23.35 -9.56
C GLU B 680 -8.91 24.53 -9.78
N LYS B 681 -9.17 25.32 -8.73
CA LYS B 681 -9.97 26.55 -8.84
C LYS B 681 -9.30 27.56 -9.74
N MET B 682 -7.99 27.72 -9.56
CA MET B 682 -7.19 28.59 -10.42
C MET B 682 -7.23 28.15 -11.90
N TRP B 683 -7.13 26.85 -12.16
CA TRP B 683 -7.18 26.34 -13.52
C TRP B 683 -8.52 26.59 -14.18
N SER B 684 -9.62 26.37 -13.41
CA SER B 684 -10.98 26.61 -13.90
C SER B 684 -11.14 28.04 -14.35
N TYR B 685 -10.64 28.99 -13.55
CA TYR B 685 -10.65 30.42 -13.92
C TYR B 685 -9.79 30.70 -15.16
N MET B 686 -8.51 30.31 -15.12
CA MET B 686 -7.57 30.68 -16.17
C MET B 686 -8.00 30.17 -17.54
N LYS B 687 -8.51 28.91 -17.63
CA LYS B 687 -8.78 28.34 -18.94
C LYS B 687 -9.96 29.03 -19.58
N SER B 688 -10.86 29.64 -18.82
CA SER B 688 -12.05 30.30 -19.37
C SER B 688 -11.94 31.83 -19.46
N ALA B 689 -10.91 32.43 -18.87
CA ALA B 689 -10.81 33.89 -18.78
C ALA B 689 -10.70 34.57 -20.15
N GLU B 690 -11.34 35.72 -20.26
CA GLU B 690 -11.36 36.53 -21.47
C GLU B 690 -11.17 37.97 -21.03
N PRO B 691 -10.24 38.71 -21.65
CA PRO B 691 -9.32 38.27 -22.69
C PRO B 691 -8.35 37.22 -22.15
N SER B 692 -7.70 36.49 -23.04
CA SER B 692 -6.82 35.39 -22.63
C SER B 692 -5.80 35.86 -21.60
N VAL B 693 -5.62 35.07 -20.55
CA VAL B 693 -4.59 35.33 -19.54
C VAL B 693 -3.25 34.67 -19.88
N PHE B 694 -3.19 33.97 -21.03
CA PHE B 694 -1.97 33.26 -21.41
C PHE B 694 -1.11 34.15 -22.30
N THR B 695 0.24 33.97 -22.20
CA THR B 695 1.19 34.74 -23.00
C THR B 695 2.10 33.82 -23.76
N LYS B 696 2.83 34.37 -24.78
CA LYS B 696 3.67 33.56 -25.66
C LYS B 696 5.06 33.43 -25.09
N THR B 697 5.55 34.41 -24.36
CA THR B 697 6.90 34.45 -23.85
C THR B 697 6.95 35.02 -22.44
N THR B 698 8.01 34.69 -21.71
CA THR B 698 8.25 35.28 -20.39
C THR B 698 8.25 36.80 -20.45
N ALA B 699 8.96 37.36 -21.43
CA ALA B 699 9.01 38.82 -21.62
C ALA B 699 7.62 39.43 -21.73
N ASP B 700 6.70 38.77 -22.48
CA ASP B 700 5.31 39.24 -22.61
C ASP B 700 4.61 39.20 -21.28
N GLY B 701 4.76 38.10 -20.55
CA GLY B 701 4.15 37.96 -19.23
C GLY B 701 4.62 39.03 -18.26
N VAL B 702 5.92 39.26 -18.20
CA VAL B 702 6.52 40.23 -17.30
C VAL B 702 6.12 41.66 -17.68
N ALA B 703 6.15 41.97 -18.97
CA ALA B 703 5.64 43.26 -19.46
C ALA B 703 4.19 43.48 -19.06
N ARG B 704 3.38 42.43 -19.20
CA ARG B 704 1.96 42.51 -18.84
C ARG B 704 1.77 42.82 -17.36
N VAL B 705 2.58 42.22 -16.49
CA VAL B 705 2.55 42.55 -15.06
C VAL B 705 2.88 44.03 -14.86
N ARG B 706 3.89 44.51 -15.58
CA ARG B 706 4.39 45.87 -15.36
C ARG B 706 3.47 46.97 -15.86
N LYS B 707 2.71 46.71 -16.91
CA LYS B 707 1.96 47.76 -17.60
C LYS B 707 0.43 47.67 -17.51
N SER B 708 -0.10 46.71 -16.75
CA SER B 708 -1.56 46.52 -16.70
C SER B 708 -2.22 47.08 -15.45
N LYS B 709 -1.62 48.13 -14.87
CA LYS B 709 -2.24 48.85 -13.76
C LYS B 709 -2.64 47.90 -12.62
N GLY B 710 -1.76 46.98 -12.29
CA GLY B 710 -1.98 46.06 -11.17
C GLY B 710 -3.08 45.05 -11.40
N LYS B 711 -3.51 44.88 -12.65
CA LYS B 711 -4.60 43.96 -12.95
C LYS B 711 -4.10 42.64 -13.52
N PHE B 712 -2.77 42.34 -13.44
CA PHE B 712 -2.28 41.04 -13.90
C PHE B 712 -1.16 40.54 -13.02
N ALA B 713 -1.27 39.25 -12.64
CA ALA B 713 -0.19 38.54 -11.96
C ALA B 713 0.25 37.42 -12.89
N PHE B 714 1.55 37.13 -12.90
CA PHE B 714 2.11 36.12 -13.80
C PHE B 714 2.68 34.96 -13.03
N LEU B 715 2.36 33.76 -13.47
CA LEU B 715 2.83 32.55 -12.79
C LEU B 715 3.99 31.96 -13.59
N LEU B 716 5.15 31.84 -12.94
CA LEU B 716 6.35 31.34 -13.59
C LEU B 716 7.33 30.73 -12.59
N GLU B 717 8.39 30.18 -13.14
CA GLU B 717 9.43 29.53 -12.32
C GLU B 717 10.09 30.50 -11.33
N SER B 718 10.29 30.02 -10.11
CA SER B 718 10.75 30.86 -9.01
C SER B 718 12.11 31.50 -9.26
N THR B 719 13.01 30.77 -9.92
CA THR B 719 14.36 31.24 -10.22
C THR B 719 14.35 32.51 -11.08
N MET B 720 13.55 32.48 -12.13
CA MET B 720 13.39 33.63 -13.01
C MET B 720 12.67 34.76 -12.28
N ASN B 721 11.61 34.45 -11.54
CA ASN B 721 10.86 35.44 -10.72
C ASN B 721 11.81 36.17 -9.75
N GLU B 722 12.61 35.38 -9.03
CA GLU B 722 13.61 35.90 -8.09
C GLU B 722 14.68 36.75 -8.77
N TYR B 723 15.10 36.33 -9.96
CA TYR B 723 16.10 37.08 -10.71
C TYR B 723 15.58 38.45 -11.13
N ILE B 724 14.36 38.47 -11.68
CA ILE B 724 13.75 39.71 -12.16
C ILE B 724 13.46 40.69 -11.01
N GLU B 725 13.09 40.14 -9.85
CA GLU B 725 12.91 40.90 -8.62
C GLU B 725 14.20 41.65 -8.20
N GLN B 726 15.37 41.12 -8.57
CA GLN B 726 16.66 41.76 -8.25
C GLN B 726 17.29 42.56 -9.40
N ARG B 727 16.53 42.80 -10.48
CA ARG B 727 17.01 43.68 -11.57
C ARG B 727 16.16 44.94 -11.64
N LYS B 728 16.76 46.02 -12.12
CA LYS B 728 16.02 47.22 -12.48
C LYS B 728 14.96 46.87 -13.51
N PRO B 729 13.79 47.53 -13.47
CA PRO B 729 13.39 48.67 -12.64
C PRO B 729 12.88 48.37 -11.21
N CYS B 730 13.15 47.18 -10.67
CA CYS B 730 12.85 46.87 -9.26
C CYS B 730 11.39 47.13 -8.91
N ASP B 731 10.49 46.72 -9.79
CA ASP B 731 9.06 47.00 -9.60
C ASP B 731 8.20 45.73 -9.51
N THR B 732 8.83 44.56 -9.53
CA THR B 732 8.09 43.30 -9.37
C THR B 732 8.60 42.58 -8.14
N MET B 733 7.84 41.57 -7.71
CA MET B 733 8.28 40.73 -6.63
C MET B 733 7.57 39.40 -6.64
N LYS B 734 8.21 38.42 -6.03
CA LYS B 734 7.65 37.11 -5.83
C LYS B 734 6.81 37.12 -4.57
N VAL B 735 5.60 36.57 -4.64
CA VAL B 735 4.75 36.46 -3.47
C VAL B 735 4.32 35.02 -3.23
N GLY B 736 4.22 34.65 -1.95
CA GLY B 736 3.86 33.31 -1.56
C GLY B 736 5.07 32.40 -1.69
N GLY B 737 4.94 31.16 -1.25
CA GLY B 737 5.98 30.20 -1.46
C GLY B 737 5.87 29.63 -2.85
N ASN B 738 6.69 28.64 -3.14
CA ASN B 738 6.58 27.90 -4.38
C ASN B 738 5.33 27.02 -4.31
N LEU B 739 4.67 26.87 -5.44
CA LEU B 739 3.43 26.08 -5.54
C LEU B 739 3.69 24.60 -5.85
N ASP B 740 4.88 24.30 -6.35
CA ASP B 740 5.29 22.92 -6.59
C ASP B 740 6.82 22.86 -6.49
N SER B 741 7.38 21.71 -6.83
CA SER B 741 8.81 21.51 -6.73
C SER B 741 9.29 20.78 -7.97
N LYS B 742 10.33 21.32 -8.58
CA LYS B 742 11.08 20.61 -9.61
C LYS B 742 12.55 21.02 -9.50
N GLY B 743 13.39 20.45 -10.34
CA GLY B 743 14.82 20.70 -10.25
C GLY B 743 15.51 20.84 -11.59
N TYR B 744 16.60 21.61 -11.59
CA TYR B 744 17.54 21.62 -12.71
C TYR B 744 18.62 20.57 -12.41
N GLY B 745 19.02 19.82 -13.43
CA GLY B 745 20.06 18.82 -13.31
C GLY B 745 21.09 18.91 -14.42
N VAL B 746 22.30 18.37 -14.14
CA VAL B 746 23.29 18.13 -15.17
C VAL B 746 22.97 16.88 -15.96
N ALA B 747 23.04 16.96 -17.26
CA ALA B 747 22.63 15.87 -18.13
C ALA B 747 23.82 15.27 -18.86
N THR B 748 23.85 13.94 -18.92
CA THR B 748 24.86 13.20 -19.66
C THR B 748 24.17 12.21 -20.61
N PRO B 749 24.81 11.93 -21.76
CA PRO B 749 24.25 10.93 -22.67
C PRO B 749 24.25 9.55 -22.02
N LYS B 750 23.29 8.72 -22.39
CA LYS B 750 23.24 7.35 -21.92
C LYS B 750 24.56 6.65 -22.22
N GLY B 751 25.07 5.94 -21.21
CA GLY B 751 26.32 5.22 -21.31
C GLY B 751 27.59 6.03 -21.01
N SER B 752 27.45 7.31 -20.67
CA SER B 752 28.60 8.17 -20.34
C SER B 752 29.36 7.64 -19.13
N ALA B 753 30.72 7.62 -19.21
CA ALA B 753 31.51 7.25 -18.04
C ALA B 753 31.52 8.34 -17.01
N LEU B 754 30.98 9.53 -17.32
CA LEU B 754 30.91 10.67 -16.39
C LEU B 754 29.72 10.64 -15.43
N GLY B 755 28.73 9.79 -15.74
CA GLY B 755 27.45 9.83 -15.04
C GLY B 755 27.60 9.82 -13.52
N THR B 756 28.27 8.81 -12.99
CA THR B 756 28.40 8.63 -11.55
C THR B 756 29.13 9.77 -10.87
N PRO B 757 30.32 10.11 -11.40
CA PRO B 757 31.16 11.14 -10.80
C PRO B 757 30.44 12.49 -10.77
N VAL B 758 29.74 12.80 -11.86
CA VAL B 758 28.99 14.06 -11.94
C VAL B 758 27.88 14.12 -10.88
N ASN B 759 27.15 13.02 -10.71
CA ASN B 759 26.09 12.95 -9.70
C ASN B 759 26.63 13.16 -8.27
N LEU B 760 27.72 12.46 -7.96
CA LEU B 760 28.33 12.59 -6.63
C LEU B 760 28.89 14.01 -6.41
N ALA B 761 29.42 14.62 -7.45
CA ALA B 761 29.94 15.97 -7.38
C ALA B 761 28.84 16.95 -7.01
N VAL B 762 27.68 16.80 -7.65
CA VAL B 762 26.54 17.67 -7.37
C VAL B 762 26.08 17.55 -5.92
N LEU B 763 25.97 16.32 -5.43
CA LEU B 763 25.55 16.09 -4.04
C LEU B 763 26.56 16.65 -3.05
N LYS B 764 27.86 16.53 -3.38
CA LYS B 764 28.92 17.07 -2.52
C LYS B 764 28.83 18.60 -2.44
N LEU B 765 28.74 19.26 -3.59
CA LEU B 765 28.64 20.72 -3.64
C LEU B 765 27.40 21.25 -2.91
N SER B 766 26.29 20.54 -3.04
CA SER B 766 25.08 20.86 -2.32
C SER B 766 25.31 20.77 -0.80
N GLU B 767 25.80 19.62 -0.34
CA GLU B 767 25.97 19.38 1.10
C GLU B 767 27.04 20.27 1.75
N GLN B 768 28.01 20.69 0.96
CA GLN B 768 29.03 21.62 1.43
C GLN B 768 28.57 23.08 1.49
N GLY B 769 27.41 23.38 0.92
CA GLY B 769 26.86 24.73 0.96
C GLY B 769 27.33 25.63 -0.17
N ILE B 770 28.11 25.06 -1.12
CA ILE B 770 28.66 25.79 -2.26
C ILE B 770 27.56 26.24 -3.20
N LEU B 771 26.59 25.39 -3.50
CA LEU B 771 25.52 25.77 -4.44
C LEU B 771 24.65 26.90 -3.89
N ASP B 772 24.34 26.89 -2.57
CA ASP B 772 23.59 27.98 -1.94
C ASP B 772 24.33 29.31 -2.10
N LYS B 773 25.63 29.27 -1.83
CA LYS B 773 26.49 30.44 -1.88
C LYS B 773 26.53 30.97 -3.32
N LEU B 774 26.64 30.06 -4.27
CA LEU B 774 26.70 30.40 -5.68
C LEU B 774 25.40 31.06 -6.14
N LYS B 775 24.26 30.53 -5.69
CA LYS B 775 22.97 31.16 -6.02
C LYS B 775 22.92 32.57 -5.43
N ASN B 776 23.33 32.71 -4.18
CA ASN B 776 23.34 34.02 -3.54
C ASN B 776 24.20 35.03 -4.29
N LYS B 777 25.35 34.56 -4.78
CA LYS B 777 26.27 35.39 -5.55
C LYS B 777 25.57 35.98 -6.78
N TRP B 778 25.00 35.12 -7.62
CA TRP B 778 24.52 35.55 -8.93
C TRP B 778 23.14 36.21 -8.91
N TRP B 779 22.33 35.91 -7.90
CA TRP B 779 21.01 36.53 -7.74
C TRP B 779 21.04 37.80 -6.89
N TYR B 780 21.75 37.73 -5.74
CA TYR B 780 21.69 38.80 -4.72
C TYR B 780 22.94 39.66 -4.63
N ASP B 781 24.12 39.05 -4.55
CA ASP B 781 25.37 39.84 -4.57
C ASP B 781 25.49 40.70 -5.83
N LYS B 782 25.05 40.16 -6.98
CA LYS B 782 25.07 40.91 -8.23
C LYS B 782 23.75 41.63 -8.51
N GLY B 783 22.84 41.65 -7.53
CA GLY B 783 21.52 42.26 -7.69
C GLY B 783 21.57 43.78 -7.77
N GLU B 784 20.45 44.38 -8.18
CA GLU B 784 20.38 45.82 -8.44
C GLU B 784 19.34 46.53 -7.57
N CYS B 785 18.63 45.79 -6.74
CA CYS B 785 17.48 46.34 -5.99
C CYS B 785 17.73 46.25 -4.50
N LYS B 795 -2.89 41.71 4.68
CA LYS B 795 -3.15 42.85 5.54
C LYS B 795 -2.33 44.08 5.13
N THR B 796 -2.63 45.22 5.74
CA THR B 796 -1.91 46.45 5.45
C THR B 796 -1.61 47.22 6.74
N SER B 797 -0.42 47.78 6.82
CA SER B 797 0.00 48.52 8.01
C SER B 797 0.94 49.68 7.67
N ALA B 798 0.43 50.68 6.96
CA ALA B 798 1.22 51.84 6.58
C ALA B 798 0.37 53.00 6.12
N LEU B 799 0.86 54.22 6.34
CA LEU B 799 0.18 55.43 5.88
C LEU B 799 1.12 56.26 5.02
N SER B 800 0.62 56.74 3.87
CA SER B 800 1.46 57.38 2.88
C SER B 800 1.51 58.90 3.04
N LEU B 801 2.44 59.52 2.31
CA LEU B 801 2.60 60.97 2.33
C LEU B 801 1.85 61.62 1.17
N SER B 802 1.62 60.84 0.12
CA SER B 802 0.98 61.32 -1.09
C SER B 802 -0.25 62.20 -0.82
N ASN B 803 -1.28 61.61 -0.23
CA ASN B 803 -2.52 62.33 0.05
C ASN B 803 -2.28 63.57 0.90
N VAL B 804 -1.51 63.40 1.98
CA VAL B 804 -1.23 64.51 2.89
C VAL B 804 -0.47 65.63 2.17
N ALA B 805 0.32 65.27 1.17
CA ALA B 805 1.12 66.23 0.42
C ALA B 805 0.24 67.24 -0.31
N GLY B 806 -0.85 66.77 -0.90
CA GLY B 806 -1.77 67.64 -1.61
C GLY B 806 -2.29 68.77 -0.75
N VAL B 807 -2.38 68.53 0.55
CA VAL B 807 -2.87 69.52 1.50
C VAL B 807 -1.76 70.49 1.88
N PHE B 808 -0.52 70.07 1.68
CA PHE B 808 0.64 70.92 1.96
C PHE B 808 0.81 71.97 0.87
N TYR B 809 0.58 71.59 -0.38
CA TYR B 809 0.72 72.50 -1.50
C TYR B 809 -0.35 73.60 -1.47
N ILE B 810 -1.56 73.23 -1.05
CA ILE B 810 -2.65 74.19 -0.95
C ILE B 810 -2.40 75.15 0.22
N LEU B 811 -1.59 74.71 1.17
CA LEU B 811 -1.21 75.56 2.31
C LEU B 811 -0.21 76.62 1.88
N VAL B 812 0.90 76.17 1.30
CA VAL B 812 1.93 77.09 0.80
C VAL B 812 1.33 78.05 -0.21
N GLY B 813 0.37 77.57 -0.99
CA GLY B 813 -0.32 78.40 -1.96
C GLY B 813 -1.11 79.50 -1.27
N GLY B 814 -1.70 79.17 -0.13
CA GLY B 814 -2.43 80.14 0.67
C GLY B 814 -1.50 81.15 1.31
N LEU B 815 -0.34 80.67 1.75
CA LEU B 815 0.67 81.54 2.34
C LEU B 815 1.19 82.54 1.30
N GLY B 816 1.42 82.04 0.08
CA GLY B 816 1.88 82.88 -1.00
C GLY B 816 0.85 83.92 -1.39
N LEU B 817 -0.42 83.51 -1.40
CA LEU B 817 -1.52 84.42 -1.70
C LEU B 817 -1.57 85.54 -0.67
N ALA B 818 -1.31 85.19 0.58
CA ALA B 818 -1.30 86.17 1.66
C ALA B 818 -0.11 87.10 1.55
N MET B 819 1.05 86.54 1.22
CA MET B 819 2.26 87.32 1.02
C MET B 819 2.08 88.32 -0.12
N MET B 820 1.12 88.01 -1.02
CA MET B 820 0.80 88.91 -2.12
C MET B 820 -0.16 89.98 -1.68
N VAL B 821 -1.16 89.59 -0.90
CA VAL B 821 -2.15 90.52 -0.39
C VAL B 821 -1.51 91.49 0.60
N ALA B 822 -0.47 91.03 1.28
CA ALA B 822 0.25 91.86 2.24
C ALA B 822 0.99 92.99 1.53
N LEU B 823 1.74 92.64 0.50
CA LEU B 823 2.54 93.62 -0.25
C LEU B 823 1.67 94.74 -0.80
N ILE B 824 0.54 94.39 -1.40
CA ILE B 824 -0.34 95.38 -2.00
C ILE B 824 -0.92 96.34 -0.96
N GLU B 825 -1.22 95.81 0.23
CA GLU B 825 -1.77 96.63 1.31
C GLU B 825 -0.80 97.73 1.73
N PHE B 826 0.46 97.38 1.88
CA PHE B 826 1.50 98.34 2.25
C PHE B 826 1.71 99.36 1.15
N CYS B 827 1.44 98.96 -0.08
CA CYS B 827 1.60 99.84 -1.24
C CYS B 827 0.52 100.92 -1.28
N TYR B 828 -0.74 100.51 -1.09
CA TYR B 828 -1.85 101.45 -1.09
C TYR B 828 -1.71 102.46 0.04
N LYS B 829 -1.26 101.99 1.20
CA LYS B 829 -1.06 102.84 2.36
C LYS B 829 0.09 103.82 2.15
N ASN C 14 23.37 -44.53 -42.02
CA ASN C 14 22.77 -45.29 -40.92
C ASN C 14 21.31 -44.91 -40.73
N SER C 15 20.61 -45.68 -39.88
CA SER C 15 19.20 -45.44 -39.64
C SER C 15 18.86 -45.44 -38.14
N ILE C 16 17.82 -44.69 -37.79
CA ILE C 16 17.39 -44.59 -36.41
C ILE C 16 15.91 -44.94 -36.38
N GLN C 17 15.50 -45.84 -35.48
CA GLN C 17 14.11 -46.27 -35.39
C GLN C 17 13.26 -45.25 -34.62
N ILE C 18 12.08 -44.91 -35.15
CA ILE C 18 11.16 -44.03 -34.44
C ILE C 18 9.76 -44.61 -34.46
N GLY C 19 8.92 -44.19 -33.52
CA GLY C 19 7.52 -44.58 -33.52
C GLY C 19 6.69 -43.51 -34.18
N GLY C 20 5.55 -43.91 -34.75
CA GLY C 20 4.60 -42.97 -35.31
C GLY C 20 3.21 -43.41 -34.94
N LEU C 21 2.53 -42.63 -34.10
CA LEU C 21 1.22 -42.95 -33.59
C LEU C 21 0.16 -42.00 -34.14
N PHE C 22 -0.66 -42.53 -35.05
CA PHE C 22 -1.59 -41.74 -35.84
C PHE C 22 -3.05 -42.05 -35.52
N PRO C 23 -3.85 -40.99 -35.32
CA PRO C 23 -5.26 -41.18 -35.03
C PRO C 23 -5.99 -41.57 -36.29
N ARG C 24 -7.13 -42.22 -36.12
CA ARG C 24 -7.99 -42.50 -37.25
C ARG C 24 -8.42 -41.15 -37.83
N GLY C 25 -8.36 -41.01 -39.14
CA GLY C 25 -8.76 -39.78 -39.79
C GLY C 25 -7.65 -38.77 -40.01
N ALA C 26 -6.43 -39.14 -39.63
CA ALA C 26 -5.29 -38.26 -39.86
C ALA C 26 -4.60 -38.72 -41.13
N ASP C 27 -5.39 -38.89 -42.19
CA ASP C 27 -4.88 -39.41 -43.45
C ASP C 27 -3.89 -38.47 -44.10
N GLN C 28 -4.24 -37.18 -44.19
CA GLN C 28 -3.32 -36.24 -44.83
C GLN C 28 -2.06 -36.06 -44.02
N GLU C 29 -2.18 -36.10 -42.69
CA GLU C 29 -0.99 -35.97 -41.85
C GLU C 29 -0.04 -37.14 -42.09
N TYR C 30 -0.60 -38.35 -42.24
CA TYR C 30 0.25 -39.49 -42.56
C TYR C 30 0.91 -39.33 -43.95
N SER C 31 0.18 -38.82 -44.94
CA SER C 31 0.79 -38.59 -46.23
C SER C 31 1.94 -37.59 -46.11
N ALA C 32 1.71 -36.55 -45.32
CA ALA C 32 2.75 -35.55 -45.12
C ALA C 32 3.97 -36.14 -44.42
N PHE C 33 3.72 -37.03 -43.47
CA PHE C 33 4.79 -37.75 -42.76
C PHE C 33 5.61 -38.57 -43.75
N ARG C 34 4.93 -39.34 -44.60
CA ARG C 34 5.63 -40.16 -45.60
C ARG C 34 6.43 -39.31 -46.58
N VAL C 35 5.85 -38.20 -47.03
CA VAL C 35 6.54 -37.29 -47.95
C VAL C 35 7.76 -36.67 -47.28
N GLY C 36 7.62 -36.31 -46.00
CA GLY C 36 8.73 -35.80 -45.21
C GLY C 36 9.86 -36.81 -45.12
N MET C 37 9.52 -38.07 -44.89
CA MET C 37 10.54 -39.11 -44.77
C MET C 37 11.36 -39.22 -46.05
N VAL C 38 10.69 -39.05 -47.20
CA VAL C 38 11.41 -39.09 -48.47
C VAL C 38 12.27 -37.84 -48.63
N GLN C 39 11.66 -36.68 -48.40
CA GLN C 39 12.35 -35.40 -48.60
C GLN C 39 13.64 -35.29 -47.79
N PHE C 40 13.56 -35.70 -46.52
CA PHE C 40 14.65 -35.44 -45.59
C PHE C 40 15.61 -36.59 -45.38
N SER C 41 15.33 -37.72 -46.02
CA SER C 41 16.28 -38.83 -45.98
C SER C 41 17.47 -38.50 -46.86
N THR C 42 18.61 -39.10 -46.55
CA THR C 42 19.76 -39.02 -47.43
C THR C 42 20.38 -40.40 -47.56
N SER C 43 21.35 -40.55 -48.45
CA SER C 43 22.02 -41.84 -48.59
C SER C 43 22.82 -42.16 -47.34
N GLU C 44 23.04 -41.15 -46.50
CA GLU C 44 23.90 -41.31 -45.33
C GLU C 44 23.12 -41.44 -44.03
N PHE C 45 21.88 -40.98 -44.01
CA PHE C 45 21.06 -41.09 -42.82
C PHE C 45 19.56 -41.08 -43.12
N ARG C 46 18.83 -41.97 -42.45
CA ARG C 46 17.37 -42.02 -42.61
C ARG C 46 16.72 -42.43 -41.30
N LEU C 47 15.45 -42.07 -41.15
CA LEU C 47 14.62 -42.53 -40.05
C LEU C 47 13.84 -43.77 -40.50
N THR C 48 13.69 -44.73 -39.59
CA THR C 48 12.90 -45.92 -39.85
C THR C 48 11.69 -45.95 -38.93
N PRO C 49 10.52 -45.58 -39.45
CA PRO C 49 9.35 -45.46 -38.59
C PRO C 49 8.59 -46.75 -38.42
N HIS C 50 7.94 -46.90 -37.27
CA HIS C 50 7.03 -48.00 -37.00
C HIS C 50 5.69 -47.38 -36.64
N ILE C 51 4.69 -47.62 -37.49
CA ILE C 51 3.44 -46.88 -37.43
C ILE C 51 2.33 -47.68 -36.76
N ASP C 52 1.71 -47.10 -35.73
CA ASP C 52 0.54 -47.68 -35.08
C ASP C 52 -0.64 -46.75 -35.28
N ASN C 53 -1.84 -47.30 -35.46
CA ASN C 53 -2.99 -46.44 -35.70
C ASN C 53 -4.03 -46.63 -34.61
N LEU C 54 -4.30 -45.57 -33.84
CA LEU C 54 -5.03 -45.72 -32.58
C LEU C 54 -6.13 -44.68 -32.33
N GLU C 55 -7.04 -45.01 -31.42
CA GLU C 55 -8.08 -44.10 -30.98
C GLU C 55 -7.44 -43.20 -29.92
N VAL C 56 -7.08 -41.98 -30.31
CA VAL C 56 -6.37 -41.09 -29.40
C VAL C 56 -7.19 -40.66 -28.19
N ALA C 57 -8.51 -40.73 -28.28
CA ALA C 57 -9.36 -40.37 -27.15
C ALA C 57 -9.39 -41.44 -26.04
N ASN C 58 -8.81 -42.60 -26.31
CA ASN C 58 -8.89 -43.75 -25.40
C ASN C 58 -7.54 -43.93 -24.73
N SER C 59 -7.45 -43.55 -23.45
CA SER C 59 -6.15 -43.54 -22.77
C SER C 59 -5.56 -44.93 -22.63
N PHE C 60 -6.41 -45.95 -22.50
CA PHE C 60 -5.89 -47.32 -22.43
C PHE C 60 -5.19 -47.67 -23.75
N ALA C 61 -5.82 -47.34 -24.87
CA ALA C 61 -5.25 -47.64 -26.18
C ALA C 61 -3.99 -46.83 -26.44
N VAL C 62 -3.96 -45.58 -25.98
CA VAL C 62 -2.78 -44.74 -26.12
C VAL C 62 -1.63 -45.29 -25.28
N THR C 63 -1.96 -45.76 -24.08
CA THR C 63 -0.96 -46.38 -23.23
C THR C 63 -0.38 -47.59 -23.93
N ASN C 64 -1.25 -48.42 -24.51
CA ASN C 64 -0.76 -49.62 -25.17
C ASN C 64 0.17 -49.27 -26.33
N ALA C 65 -0.20 -48.27 -27.12
CA ALA C 65 0.61 -47.89 -28.28
C ALA C 65 1.96 -47.33 -27.86
N PHE C 66 1.95 -46.44 -26.88
CA PHE C 66 3.16 -45.79 -26.43
C PHE C 66 4.10 -46.84 -25.86
N CYS C 67 3.55 -47.75 -25.07
CA CYS C 67 4.37 -48.75 -24.40
C CYS C 67 4.94 -49.75 -25.40
N SER C 68 4.19 -50.06 -26.44
CA SER C 68 4.67 -50.95 -27.49
C SER C 68 5.88 -50.33 -28.20
N GLN C 69 5.82 -49.02 -28.42
CA GLN C 69 6.96 -48.32 -29.05
C GLN C 69 8.18 -48.28 -28.12
N PHE C 70 7.94 -47.98 -26.85
CA PHE C 70 8.98 -48.06 -25.82
C PHE C 70 9.64 -49.44 -25.85
N SER C 71 8.82 -50.48 -25.96
CA SER C 71 9.30 -51.86 -25.98
C SER C 71 10.22 -52.12 -27.17
N ARG C 72 9.84 -51.59 -28.31
CA ARG C 72 10.61 -51.79 -29.54
C ARG C 72 11.98 -51.12 -29.48
N GLY C 73 12.11 -50.10 -28.64
CA GLY C 73 13.37 -49.41 -28.46
C GLY C 73 13.62 -48.27 -29.45
N VAL C 74 12.68 -47.35 -29.54
CA VAL C 74 12.75 -46.24 -30.48
C VAL C 74 13.45 -45.04 -29.87
N TYR C 75 14.04 -44.21 -30.74
CA TYR C 75 14.70 -42.98 -30.32
C TYR C 75 13.71 -41.89 -29.96
N ALA C 76 12.55 -41.93 -30.60
CA ALA C 76 11.50 -40.96 -30.32
C ALA C 76 10.18 -41.48 -30.85
N ILE C 77 9.09 -40.92 -30.34
CA ILE C 77 7.78 -41.26 -30.85
C ILE C 77 7.16 -39.98 -31.39
N PHE C 78 6.79 -39.99 -32.67
CA PHE C 78 5.97 -38.94 -33.23
C PHE C 78 4.53 -39.33 -33.09
N GLY C 79 3.67 -38.45 -32.60
CA GLY C 79 2.29 -38.82 -32.49
C GLY C 79 1.36 -37.70 -32.09
N PHE C 80 0.13 -38.09 -31.77
CA PHE C 80 -0.93 -37.16 -31.44
C PHE C 80 -1.56 -37.51 -30.08
N TYR C 81 -2.18 -36.52 -29.45
CA TYR C 81 -3.02 -36.79 -28.27
C TYR C 81 -4.25 -35.92 -28.31
N ASP C 82 -5.20 -36.17 -27.41
CA ASP C 82 -6.26 -35.19 -27.28
C ASP C 82 -6.43 -34.85 -25.81
N LYS C 83 -7.47 -34.09 -25.50
CA LYS C 83 -7.74 -33.66 -24.13
C LYS C 83 -7.73 -34.82 -23.15
N LYS C 84 -8.30 -35.95 -23.58
CA LYS C 84 -8.46 -37.09 -22.70
C LYS C 84 -7.17 -37.90 -22.50
N SER C 85 -6.26 -37.82 -23.46
CA SER C 85 -5.05 -38.67 -23.42
C SER C 85 -3.74 -37.92 -23.22
N VAL C 86 -3.78 -36.59 -23.18
CA VAL C 86 -2.54 -35.83 -23.06
C VAL C 86 -1.78 -36.17 -21.77
N ASN C 87 -2.50 -36.42 -20.68
CA ASN C 87 -1.81 -36.77 -19.43
C ASN C 87 -1.13 -38.14 -19.47
N THR C 88 -1.70 -39.08 -20.21
CA THR C 88 -1.00 -40.33 -20.43
C THR C 88 0.34 -40.09 -21.12
N ILE C 89 0.33 -39.29 -22.19
CA ILE C 89 1.55 -39.03 -22.94
C ILE C 89 2.59 -38.33 -22.08
N THR C 90 2.19 -37.25 -21.40
CA THR C 90 3.15 -36.50 -20.61
C THR C 90 3.73 -37.32 -19.46
N SER C 91 2.88 -38.09 -18.79
CA SER C 91 3.36 -38.89 -17.66
C SER C 91 4.25 -40.04 -18.15
N PHE C 92 3.86 -40.72 -19.22
CA PHE C 92 4.68 -41.81 -19.73
C PHE C 92 6.01 -41.36 -20.34
N CYS C 93 5.97 -40.29 -21.12
CA CYS C 93 7.20 -39.70 -21.65
C CYS C 93 8.14 -39.36 -20.55
N GLY C 94 7.61 -38.63 -19.58
CA GLY C 94 8.39 -38.13 -18.47
C GLY C 94 8.97 -39.22 -17.60
N THR C 95 8.23 -40.31 -17.44
CA THR C 95 8.67 -41.42 -16.62
C THR C 95 9.67 -42.31 -17.35
N LEU C 96 9.32 -42.69 -18.58
CA LEU C 96 10.17 -43.63 -19.32
C LEU C 96 11.36 -42.98 -20.00
N HIS C 97 11.32 -41.65 -20.13
CA HIS C 97 12.38 -40.85 -20.71
C HIS C 97 12.56 -41.14 -22.19
N VAL C 98 11.42 -41.11 -22.89
CA VAL C 98 11.35 -41.27 -24.32
C VAL C 98 10.68 -40.02 -24.88
N SER C 99 11.34 -39.36 -25.82
CA SER C 99 10.82 -38.10 -26.36
C SER C 99 9.62 -38.31 -27.27
N PHE C 100 8.62 -37.44 -27.11
CA PHE C 100 7.41 -37.49 -27.92
C PHE C 100 7.30 -36.15 -28.65
N ILE C 101 7.23 -36.19 -29.97
CA ILE C 101 7.15 -34.98 -30.80
C ILE C 101 5.78 -34.97 -31.46
N THR C 102 5.07 -33.84 -31.41
CA THR C 102 3.64 -33.86 -31.72
C THR C 102 3.15 -32.56 -32.34
N PRO C 103 2.17 -32.65 -33.24
CA PRO C 103 1.51 -31.43 -33.71
C PRO C 103 0.25 -31.09 -32.92
N SER C 104 0.00 -31.79 -31.83
CA SER C 104 -1.25 -31.61 -31.07
C SER C 104 -1.23 -30.31 -30.27
N PHE C 105 -2.35 -29.96 -29.66
CA PHE C 105 -2.45 -28.71 -28.92
C PHE C 105 -1.38 -28.66 -27.84
N PRO C 106 -0.65 -27.53 -27.74
CA PRO C 106 0.42 -27.45 -26.74
C PRO C 106 -0.15 -27.36 -25.32
N THR C 107 0.56 -27.94 -24.35
CA THR C 107 0.05 -27.98 -22.99
C THR C 107 0.34 -26.67 -22.30
N ASP C 108 -0.58 -26.26 -21.42
CA ASP C 108 -0.43 -24.99 -20.71
C ASP C 108 0.80 -24.97 -19.80
N GLY C 109 1.06 -26.09 -19.13
CA GLY C 109 2.20 -26.17 -18.23
C GLY C 109 3.44 -26.77 -18.84
N THR C 110 4.42 -27.06 -18.00
CA THR C 110 5.72 -27.60 -18.41
C THR C 110 5.79 -29.13 -18.26
N HIS C 111 6.35 -29.81 -19.28
CA HIS C 111 6.46 -31.27 -19.25
C HIS C 111 7.66 -31.76 -20.05
N PRO C 112 8.62 -32.38 -19.37
CA PRO C 112 9.85 -32.85 -20.02
C PRO C 112 9.58 -33.96 -21.02
N PHE C 113 10.45 -34.09 -22.00
CA PHE C 113 10.38 -35.15 -23.01
C PHE C 113 9.22 -34.97 -23.97
N VAL C 114 8.70 -33.75 -24.05
CA VAL C 114 7.68 -33.41 -25.04
C VAL C 114 8.14 -32.27 -25.93
N ILE C 115 8.10 -32.49 -27.24
CA ILE C 115 8.43 -31.46 -28.22
C ILE C 115 7.14 -31.05 -28.92
N GLN C 116 6.73 -29.80 -28.72
CA GLN C 116 5.44 -29.32 -29.23
C GLN C 116 5.66 -28.57 -30.52
N MET C 117 5.33 -29.21 -31.65
CA MET C 117 5.48 -28.54 -32.94
C MET C 117 4.53 -27.36 -33.11
N ARG C 118 3.37 -27.41 -32.44
CA ARG C 118 2.33 -26.40 -32.68
C ARG C 118 2.56 -25.13 -31.83
N PRO C 119 2.67 -23.97 -32.49
CA PRO C 119 2.78 -22.73 -31.71
C PRO C 119 1.51 -22.46 -30.89
N ASP C 120 1.69 -21.77 -29.78
CA ASP C 120 0.54 -21.38 -28.97
C ASP C 120 -0.31 -20.39 -29.76
N LEU C 121 -1.63 -20.50 -29.62
CA LEU C 121 -2.54 -19.60 -30.32
C LEU C 121 -3.11 -18.52 -29.40
N LYS C 122 -3.14 -18.77 -28.09
CA LYS C 122 -3.83 -17.88 -27.17
C LYS C 122 -3.33 -16.44 -27.21
N GLY C 123 -2.01 -16.28 -27.26
CA GLY C 123 -1.43 -14.94 -27.32
C GLY C 123 -1.91 -14.13 -28.51
N ALA C 124 -1.87 -14.75 -29.67
CA ALA C 124 -2.27 -14.06 -30.90
C ALA C 124 -3.77 -13.77 -30.89
N LEU C 125 -4.57 -14.68 -30.35
CA LEU C 125 -6.01 -14.46 -30.27
C LEU C 125 -6.37 -13.28 -29.37
N LEU C 126 -5.79 -13.25 -28.16
CA LEU C 126 -6.03 -12.13 -27.25
C LEU C 126 -5.64 -10.83 -27.93
N SER C 127 -4.48 -10.82 -28.59
CA SER C 127 -4.02 -9.63 -29.27
C SER C 127 -4.96 -9.19 -30.41
N LEU C 128 -5.52 -10.15 -31.14
CA LEU C 128 -6.43 -9.82 -32.24
C LEU C 128 -7.75 -9.23 -31.74
N ILE C 129 -8.27 -9.77 -30.64
CA ILE C 129 -9.47 -9.20 -30.02
C ILE C 129 -9.24 -7.74 -29.67
N GLU C 130 -8.08 -7.45 -29.07
CA GLU C 130 -7.70 -6.07 -28.73
C GLU C 130 -7.52 -5.20 -29.95
N TYR C 131 -6.90 -5.77 -30.98
CA TYR C 131 -6.61 -5.08 -32.22
C TYR C 131 -7.88 -4.54 -32.88
N TYR C 132 -8.94 -5.34 -32.86
CA TYR C 132 -10.23 -4.93 -33.40
C TYR C 132 -11.03 -4.08 -32.40
N GLN C 133 -10.48 -3.91 -31.20
CA GLN C 133 -11.12 -3.12 -30.15
C GLN C 133 -12.51 -3.63 -29.77
N TRP C 134 -12.66 -4.95 -29.77
CA TRP C 134 -13.88 -5.57 -29.31
C TRP C 134 -14.06 -5.38 -27.80
N ASP C 135 -15.28 -5.14 -27.35
CA ASP C 135 -15.55 -5.10 -25.91
C ASP C 135 -16.68 -6.05 -25.50
N LYS C 136 -17.26 -6.72 -26.48
CA LYS C 136 -18.40 -7.60 -26.25
C LYS C 136 -18.45 -8.59 -27.40
N PHE C 137 -18.53 -9.88 -27.09
CA PHE C 137 -18.55 -10.90 -28.14
C PHE C 137 -19.01 -12.25 -27.64
N ALA C 138 -19.45 -13.11 -28.56
CA ALA C 138 -19.72 -14.49 -28.21
C ALA C 138 -18.45 -15.31 -28.40
N TYR C 139 -18.26 -16.31 -27.55
CA TYR C 139 -17.14 -17.23 -27.69
C TYR C 139 -17.73 -18.63 -27.80
N LEU C 140 -17.71 -19.16 -29.01
CA LEU C 140 -18.24 -20.49 -29.28
C LEU C 140 -17.12 -21.51 -29.17
N TYR C 141 -17.18 -22.36 -28.15
CA TYR C 141 -16.12 -23.34 -27.91
C TYR C 141 -16.63 -24.78 -27.95
N ASP C 142 -15.72 -25.73 -27.87
CA ASP C 142 -16.08 -27.14 -27.87
C ASP C 142 -15.39 -27.80 -26.67
N SER C 143 -16.16 -28.22 -25.68
CA SER C 143 -15.55 -28.69 -24.43
C SER C 143 -14.69 -29.94 -24.63
N ASP C 144 -15.03 -30.77 -25.62
CA ASP C 144 -14.24 -31.98 -25.86
C ASP C 144 -12.88 -31.64 -26.46
N ARG C 145 -12.79 -30.46 -27.05
CA ARG C 145 -11.58 -29.98 -27.67
C ARG C 145 -10.66 -29.39 -26.61
N GLY C 146 -11.25 -28.69 -25.66
CA GLY C 146 -10.48 -28.15 -24.55
C GLY C 146 -10.90 -26.73 -24.25
N LEU C 147 -10.61 -26.26 -23.04
CA LEU C 147 -11.12 -24.97 -22.62
C LEU C 147 -10.01 -23.96 -22.33
N SER C 148 -8.75 -24.36 -22.54
CA SER C 148 -7.61 -23.52 -22.19
C SER C 148 -7.65 -22.15 -22.85
N THR C 149 -8.04 -22.10 -24.12
CA THR C 149 -8.07 -20.82 -24.82
C THR C 149 -9.21 -19.95 -24.32
N LEU C 150 -10.38 -20.55 -24.14
CA LEU C 150 -11.49 -19.84 -23.51
C LEU C 150 -11.06 -19.28 -22.16
N GLN C 151 -10.36 -20.08 -21.36
CA GLN C 151 -9.95 -19.61 -20.04
C GLN C 151 -9.01 -18.40 -20.12
N ALA C 152 -8.13 -18.40 -21.11
CA ALA C 152 -7.23 -17.28 -21.30
C ALA C 152 -8.02 -16.02 -21.60
N VAL C 153 -9.04 -16.16 -22.45
CA VAL C 153 -9.90 -15.03 -22.77
C VAL C 153 -10.68 -14.56 -21.56
N LEU C 154 -11.27 -15.49 -20.81
CA LEU C 154 -12.00 -15.09 -19.60
C LEU C 154 -11.07 -14.43 -18.56
N ASP C 155 -9.84 -14.93 -18.45
CA ASP C 155 -8.89 -14.37 -17.48
C ASP C 155 -8.60 -12.90 -17.83
N SER C 156 -8.50 -12.60 -19.11
CA SER C 156 -8.17 -11.24 -19.55
C SER C 156 -9.39 -10.30 -19.60
N ALA C 157 -10.59 -10.88 -19.59
CA ALA C 157 -11.80 -10.09 -19.79
C ALA C 157 -12.03 -8.95 -18.79
N ALA C 158 -11.67 -9.18 -17.52
CA ALA C 158 -11.82 -8.11 -16.52
C ALA C 158 -10.91 -6.93 -16.82
N GLU C 159 -9.62 -7.22 -17.00
CA GLU C 159 -8.62 -6.18 -17.26
C GLU C 159 -8.88 -5.47 -18.57
N LYS C 160 -9.37 -6.20 -19.56
CA LYS C 160 -9.53 -5.64 -20.90
C LYS C 160 -10.93 -5.07 -21.14
N LYS C 161 -11.80 -5.25 -20.15
CA LYS C 161 -13.21 -4.85 -20.27
C LYS C 161 -13.94 -5.55 -21.40
N TRP C 162 -14.00 -6.88 -21.32
CA TRP C 162 -14.72 -7.67 -22.31
C TRP C 162 -15.94 -8.32 -21.69
N GLN C 163 -17.08 -8.21 -22.39
CA GLN C 163 -18.28 -8.92 -21.98
C GLN C 163 -18.38 -10.15 -22.87
N VAL C 164 -17.96 -11.29 -22.32
CA VAL C 164 -17.94 -12.52 -23.09
C VAL C 164 -19.18 -13.36 -22.82
N THR C 165 -19.80 -13.86 -23.88
CA THR C 165 -20.86 -14.85 -23.73
C THR C 165 -20.35 -16.17 -24.27
N ALA C 166 -20.06 -17.11 -23.37
CA ALA C 166 -19.41 -18.35 -23.78
C ALA C 166 -20.45 -19.44 -23.98
N ILE C 167 -20.39 -20.08 -25.15
CA ILE C 167 -21.37 -21.10 -25.53
C ILE C 167 -20.65 -22.33 -26.07
N ASN C 168 -20.94 -23.47 -25.47
CA ASN C 168 -20.33 -24.75 -25.84
C ASN C 168 -21.05 -25.35 -27.06
N VAL C 169 -20.54 -25.09 -28.26
CA VAL C 169 -21.16 -25.66 -29.44
C VAL C 169 -20.70 -27.10 -29.68
N GLY C 170 -19.88 -27.63 -28.77
CA GLY C 170 -19.55 -29.04 -28.81
C GLY C 170 -20.78 -29.87 -28.50
N ASN C 171 -21.81 -29.20 -27.97
CA ASN C 171 -23.08 -29.85 -27.63
C ASN C 171 -24.16 -29.60 -28.67
N ILE C 172 -23.77 -29.11 -29.84
CA ILE C 172 -24.75 -28.70 -30.86
C ILE C 172 -25.50 -29.88 -31.48
N ASN C 173 -24.97 -31.09 -31.27
CA ASN C 173 -25.64 -32.30 -31.73
C ASN C 173 -25.92 -33.28 -30.61
N ASN C 174 -25.58 -32.88 -29.39
CA ASN C 174 -25.72 -33.70 -28.19
C ASN C 174 -27.07 -33.61 -27.52
N ASP C 175 -27.14 -34.19 -26.33
CA ASP C 175 -28.35 -34.10 -25.53
C ASP C 175 -28.55 -32.66 -25.09
N LYS C 176 -27.44 -31.93 -24.96
CA LYS C 176 -27.49 -30.51 -24.63
C LYS C 176 -27.73 -29.67 -25.87
N LYS C 177 -28.15 -30.33 -26.94
CA LYS C 177 -28.39 -29.67 -28.23
C LYS C 177 -29.43 -28.55 -28.15
N ASP C 178 -30.59 -28.83 -27.57
CA ASP C 178 -31.64 -27.83 -27.49
C ASP C 178 -31.20 -26.68 -26.58
N GLU C 179 -30.40 -27.01 -25.58
CA GLU C 179 -29.82 -26.00 -24.69
C GLU C 179 -28.85 -25.14 -25.48
N THR C 180 -28.13 -25.78 -26.39
CA THR C 180 -27.13 -25.08 -27.18
C THR C 180 -27.80 -24.12 -28.15
N TYR C 181 -28.89 -24.57 -28.76
CA TYR C 181 -29.64 -23.71 -29.67
C TYR C 181 -30.32 -22.59 -28.92
N ARG C 182 -30.80 -22.87 -27.72
CA ARG C 182 -31.42 -21.83 -26.92
C ARG C 182 -30.38 -20.77 -26.58
N SER C 183 -29.16 -21.21 -26.27
CA SER C 183 -28.08 -20.29 -25.95
C SER C 183 -27.70 -19.42 -27.14
N LEU C 184 -27.53 -20.05 -28.30
CA LEU C 184 -27.23 -19.32 -29.53
C LEU C 184 -28.35 -18.33 -29.83
N PHE C 185 -29.58 -18.77 -29.66
CA PHE C 185 -30.73 -17.91 -29.92
C PHE C 185 -30.75 -16.69 -28.99
N GLN C 186 -30.54 -16.92 -27.69
CA GLN C 186 -30.58 -15.80 -26.76
C GLN C 186 -29.51 -14.77 -27.05
N ASP C 187 -28.32 -15.22 -27.44
CA ASP C 187 -27.23 -14.29 -27.71
C ASP C 187 -27.39 -13.56 -29.05
N LEU C 188 -27.75 -14.31 -30.10
CA LEU C 188 -27.82 -13.73 -31.46
C LEU C 188 -29.12 -12.98 -31.75
N GLU C 189 -30.23 -13.49 -31.21
CA GLU C 189 -31.53 -12.88 -31.47
C GLU C 189 -31.93 -11.90 -30.39
N LEU C 190 -31.87 -12.33 -29.13
CA LEU C 190 -32.29 -11.46 -28.04
C LEU C 190 -31.29 -10.35 -27.78
N LYS C 191 -30.00 -10.70 -27.71
CA LYS C 191 -28.96 -9.73 -27.39
C LYS C 191 -28.27 -9.13 -28.61
N LYS C 192 -28.68 -9.57 -29.80
CA LYS C 192 -28.18 -9.01 -31.05
C LYS C 192 -26.65 -9.03 -31.18
N GLU C 193 -26.02 -10.07 -30.65
CA GLU C 193 -24.57 -10.13 -30.77
C GLU C 193 -24.18 -10.34 -32.22
N ARG C 194 -23.10 -9.67 -32.63
CA ARG C 194 -22.62 -9.75 -34.01
C ARG C 194 -21.12 -10.05 -34.11
N ARG C 195 -20.43 -10.10 -32.98
CA ARG C 195 -19.02 -10.47 -32.96
C ARG C 195 -18.91 -11.85 -32.35
N VAL C 196 -18.31 -12.77 -33.11
CA VAL C 196 -18.34 -14.18 -32.75
C VAL C 196 -16.97 -14.82 -32.92
N ILE C 197 -16.47 -15.47 -31.87
CA ILE C 197 -15.22 -16.19 -31.97
C ILE C 197 -15.57 -17.66 -32.03
N LEU C 198 -15.00 -18.35 -33.03
CA LEU C 198 -15.22 -19.78 -33.20
C LEU C 198 -13.95 -20.55 -32.88
N ASP C 199 -13.99 -21.26 -31.75
CA ASP C 199 -12.85 -22.03 -31.30
C ASP C 199 -13.22 -23.50 -31.47
N CYS C 200 -12.85 -24.08 -32.61
CA CYS C 200 -13.32 -25.40 -32.97
C CYS C 200 -12.39 -26.07 -33.97
N GLU C 201 -12.65 -27.34 -34.23
CA GLU C 201 -11.97 -28.10 -35.28
C GLU C 201 -12.15 -27.38 -36.61
N ARG C 202 -11.08 -27.25 -37.39
CA ARG C 202 -11.16 -26.41 -38.58
C ARG C 202 -12.24 -26.87 -39.56
N ASP C 203 -12.42 -28.19 -39.68
CA ASP C 203 -13.41 -28.70 -40.64
C ASP C 203 -14.82 -28.68 -40.08
N LYS C 204 -15.00 -28.09 -38.89
CA LYS C 204 -16.34 -27.90 -38.34
C LYS C 204 -16.83 -26.46 -38.46
N VAL C 205 -15.96 -25.58 -38.94
CA VAL C 205 -16.34 -24.17 -39.02
C VAL C 205 -17.61 -23.95 -39.84
N ASN C 206 -17.64 -24.49 -41.05
CA ASN C 206 -18.79 -24.18 -41.89
C ASN C 206 -20.10 -24.75 -41.32
N ASP C 207 -20.03 -25.90 -40.66
CA ASP C 207 -21.22 -26.49 -40.04
C ASP C 207 -21.76 -25.62 -38.90
N ILE C 208 -20.87 -25.09 -38.08
CA ILE C 208 -21.28 -24.22 -36.99
C ILE C 208 -21.81 -22.90 -37.55
N VAL C 209 -21.08 -22.32 -38.49
CA VAL C 209 -21.53 -21.08 -39.13
C VAL C 209 -22.91 -21.26 -39.77
N ASP C 210 -23.11 -22.38 -40.46
CA ASP C 210 -24.40 -22.60 -41.11
C ASP C 210 -25.52 -22.51 -40.09
N GLN C 211 -25.29 -23.08 -38.90
CA GLN C 211 -26.29 -23.04 -37.86
C GLN C 211 -26.49 -21.62 -37.35
N VAL C 212 -25.39 -20.91 -37.12
CA VAL C 212 -25.47 -19.52 -36.67
C VAL C 212 -26.30 -18.68 -37.64
N ILE C 213 -26.11 -18.91 -38.93
CA ILE C 213 -26.82 -18.13 -39.95
C ILE C 213 -28.33 -18.37 -39.95
N THR C 214 -28.75 -19.60 -39.63
CA THR C 214 -30.18 -19.90 -39.60
C THR C 214 -30.84 -19.33 -38.35
N ILE C 215 -30.02 -19.07 -37.33
CA ILE C 215 -30.50 -18.62 -36.02
C ILE C 215 -30.50 -17.11 -35.86
N GLY C 216 -29.46 -16.46 -36.38
CA GLY C 216 -29.27 -15.04 -36.19
C GLY C 216 -30.04 -14.21 -37.20
N LYS C 217 -29.73 -12.92 -37.25
CA LYS C 217 -30.40 -11.99 -38.17
C LYS C 217 -29.42 -10.90 -38.57
N HIS C 218 -29.64 -10.28 -39.74
CA HIS C 218 -28.69 -9.32 -40.27
C HIS C 218 -27.30 -9.95 -40.26
N VAL C 219 -27.23 -11.21 -40.68
CA VAL C 219 -25.99 -11.97 -40.54
C VAL C 219 -24.86 -11.42 -41.41
N LYS C 220 -25.22 -10.65 -42.44
CA LYS C 220 -24.19 -10.03 -43.27
C LYS C 220 -23.30 -9.12 -42.45
N GLY C 221 -23.82 -8.61 -41.34
CA GLY C 221 -23.11 -7.67 -40.50
C GLY C 221 -22.24 -8.30 -39.42
N TYR C 222 -22.24 -9.63 -39.32
CA TYR C 222 -21.40 -10.32 -38.34
C TYR C 222 -19.91 -10.20 -38.63
N HIS C 223 -19.11 -10.38 -37.60
CA HIS C 223 -17.66 -10.48 -37.75
C HIS C 223 -17.19 -11.68 -36.96
N TYR C 224 -16.73 -12.71 -37.67
CA TYR C 224 -16.24 -13.93 -37.04
C TYR C 224 -14.72 -13.86 -36.90
N ILE C 225 -14.19 -14.38 -35.79
CA ILE C 225 -12.76 -14.68 -35.73
C ILE C 225 -12.68 -16.20 -35.65
N ILE C 226 -11.98 -16.82 -36.59
CA ILE C 226 -11.79 -18.27 -36.55
C ILE C 226 -10.55 -18.56 -35.72
N ALA C 227 -10.75 -19.03 -34.49
CA ALA C 227 -9.64 -19.25 -33.59
C ALA C 227 -9.03 -20.62 -33.85
N ASN C 228 -8.16 -20.67 -34.85
CA ASN C 228 -7.59 -21.93 -35.32
C ASN C 228 -6.41 -21.50 -36.18
N LEU C 229 -5.35 -22.32 -36.23
CA LEU C 229 -4.13 -21.91 -36.93
C LEU C 229 -4.16 -22.19 -38.43
N GLY C 230 -5.29 -22.69 -38.94
CA GLY C 230 -5.41 -23.02 -40.34
C GLY C 230 -6.55 -22.27 -41.01
N PHE C 231 -6.45 -20.95 -41.03
CA PHE C 231 -7.50 -20.13 -41.65
C PHE C 231 -7.92 -20.65 -43.02
N THR C 232 -6.97 -20.93 -43.88
CA THR C 232 -7.30 -21.27 -45.27
C THR C 232 -7.34 -22.78 -45.53
N ASP C 233 -7.36 -23.56 -44.46
CA ASP C 233 -7.36 -25.02 -44.59
C ASP C 233 -8.67 -25.54 -45.20
N GLY C 234 -9.73 -24.78 -45.05
CA GLY C 234 -11.00 -25.11 -45.68
C GLY C 234 -11.45 -23.99 -46.60
N ASP C 235 -12.43 -24.28 -47.45
CA ASP C 235 -12.95 -23.28 -48.38
C ASP C 235 -13.48 -22.06 -47.63
N LEU C 236 -13.06 -20.88 -48.07
CA LEU C 236 -13.56 -19.63 -47.49
C LEU C 236 -14.32 -18.87 -48.54
N LEU C 237 -15.64 -19.00 -48.50
CA LEU C 237 -16.48 -18.34 -49.48
C LEU C 237 -17.43 -17.42 -48.74
N LYS C 238 -17.25 -16.11 -48.92
CA LYS C 238 -18.08 -15.10 -48.28
C LYS C 238 -19.56 -15.48 -48.32
N ILE C 239 -19.99 -16.05 -49.44
CA ILE C 239 -21.38 -16.47 -49.58
C ILE C 239 -21.76 -17.50 -48.53
N GLN C 240 -20.83 -18.40 -48.22
CA GLN C 240 -21.02 -19.41 -47.17
C GLN C 240 -21.12 -18.74 -45.80
N PHE C 241 -20.48 -17.57 -45.67
CA PHE C 241 -20.52 -16.83 -44.42
C PHE C 241 -21.62 -15.78 -44.41
N GLY C 242 -22.49 -15.84 -45.41
CA GLY C 242 -23.61 -14.93 -45.50
C GLY C 242 -23.21 -13.47 -45.67
N GLY C 243 -22.00 -13.23 -46.18
CA GLY C 243 -21.52 -11.88 -46.44
C GLY C 243 -20.78 -11.20 -45.29
N ALA C 244 -20.60 -11.91 -44.19
CA ALA C 244 -19.95 -11.36 -42.99
C ALA C 244 -18.45 -11.11 -43.18
N ASN C 245 -17.86 -10.33 -42.26
CA ASN C 245 -16.40 -10.24 -42.15
C ASN C 245 -15.86 -11.48 -41.45
N VAL C 246 -14.70 -11.99 -41.89
CA VAL C 246 -14.12 -13.20 -41.28
C VAL C 246 -12.62 -12.99 -41.09
N SER C 247 -12.13 -13.19 -39.87
CA SER C 247 -10.70 -13.03 -39.59
C SER C 247 -10.16 -14.32 -39.01
N GLY C 248 -8.84 -14.50 -39.10
CA GLY C 248 -8.25 -15.70 -38.55
C GLY C 248 -6.74 -15.68 -38.59
N PHE C 249 -6.18 -16.88 -38.46
CA PHE C 249 -4.74 -17.04 -38.20
C PHE C 249 -4.18 -18.11 -39.14
N GLN C 250 -2.93 -17.94 -39.54
CA GLN C 250 -2.30 -18.86 -40.47
C GLN C 250 -0.81 -18.98 -40.15
N ILE C 251 -0.31 -20.21 -40.00
CA ILE C 251 1.12 -20.39 -39.74
C ILE C 251 1.86 -20.92 -40.97
N VAL C 252 1.11 -21.38 -41.96
CA VAL C 252 1.69 -21.79 -43.23
C VAL C 252 1.50 -20.66 -44.24
N ASP C 253 2.59 -20.04 -44.68
CA ASP C 253 2.51 -18.86 -45.54
C ASP C 253 2.79 -19.27 -46.99
N TYR C 254 1.76 -19.27 -47.83
CA TYR C 254 1.92 -19.77 -49.21
C TYR C 254 2.77 -18.85 -50.09
N ASP C 255 3.10 -17.68 -49.58
CA ASP C 255 4.03 -16.79 -50.26
C ASP C 255 5.49 -17.16 -50.02
N ASP C 256 5.75 -17.92 -48.95
CA ASP C 256 7.09 -18.43 -48.65
C ASP C 256 7.56 -19.33 -49.80
N SER C 257 8.77 -19.13 -50.31
CA SER C 257 9.27 -20.01 -51.37
C SER C 257 9.31 -21.47 -50.92
N LEU C 258 9.65 -21.71 -49.67
CA LEU C 258 9.72 -23.07 -49.17
C LEU C 258 8.34 -23.73 -49.29
N VAL C 259 7.30 -22.98 -48.96
CA VAL C 259 5.96 -23.53 -48.97
C VAL C 259 5.44 -23.69 -50.39
N SER C 260 5.67 -22.67 -51.23
CA SER C 260 5.17 -22.79 -52.60
C SER C 260 5.88 -23.92 -53.36
N LYS C 261 7.17 -24.11 -53.10
CA LYS C 261 7.89 -25.25 -53.69
C LYS C 261 7.31 -26.57 -53.21
N PHE C 262 7.04 -26.68 -51.91
CA PHE C 262 6.41 -27.88 -51.37
C PHE C 262 5.08 -28.15 -52.09
N ILE C 263 4.25 -27.13 -52.20
CA ILE C 263 2.92 -27.30 -52.78
C ILE C 263 3.02 -27.67 -54.26
N GLU C 264 4.02 -27.14 -54.96
CA GLU C 264 4.20 -27.50 -56.36
C GLU C 264 4.40 -29.02 -56.50
N ARG C 265 5.13 -29.61 -55.56
CA ARG C 265 5.35 -31.05 -55.54
C ARG C 265 4.13 -31.83 -55.02
N TRP C 266 3.57 -31.36 -53.89
CA TRP C 266 2.45 -32.03 -53.22
C TRP C 266 1.20 -32.09 -54.09
N SER C 267 1.01 -31.05 -54.89
CA SER C 267 -0.21 -30.89 -55.67
C SER C 267 -0.36 -31.90 -56.82
N THR C 268 0.70 -32.64 -57.14
CA THR C 268 0.60 -33.64 -58.19
C THR C 268 0.68 -35.09 -57.69
N LEU C 269 0.90 -35.27 -56.40
CA LEU C 269 0.87 -36.60 -55.83
C LEU C 269 -0.51 -37.22 -56.02
N GLU C 270 -0.54 -38.51 -56.35
CA GLU C 270 -1.77 -39.18 -56.66
C GLU C 270 -2.59 -39.37 -55.38
N GLU C 271 -3.87 -38.99 -55.42
CA GLU C 271 -4.66 -38.91 -54.19
C GLU C 271 -5.01 -40.27 -53.56
N LYS C 272 -5.10 -41.31 -54.38
CA LYS C 272 -5.35 -42.63 -53.82
C LYS C 272 -4.14 -43.11 -53.03
N GLU C 273 -2.96 -42.94 -53.62
CA GLU C 273 -1.70 -43.38 -53.02
C GLU C 273 -1.31 -42.51 -51.82
N TYR C 274 -1.61 -41.21 -51.91
CA TYR C 274 -1.29 -40.24 -50.86
C TYR C 274 -2.55 -39.51 -50.43
N PRO C 275 -3.36 -40.14 -49.59
CA PRO C 275 -4.63 -39.54 -49.18
C PRO C 275 -4.44 -38.13 -48.66
N GLY C 276 -5.30 -37.22 -49.13
CA GLY C 276 -5.21 -35.84 -48.71
C GLY C 276 -4.29 -34.96 -49.53
N ALA C 277 -3.50 -35.56 -50.42
CA ALA C 277 -2.60 -34.76 -51.27
C ALA C 277 -3.28 -34.32 -52.57
N HIS C 278 -2.50 -33.87 -53.54
CA HIS C 278 -3.07 -33.39 -54.79
C HIS C 278 -3.94 -32.16 -54.55
N THR C 279 -3.54 -31.35 -53.57
CA THR C 279 -4.27 -30.16 -53.17
C THR C 279 -3.37 -28.93 -53.29
N ALA C 280 -3.98 -27.75 -53.35
CA ALA C 280 -3.19 -26.51 -53.41
C ALA C 280 -2.88 -25.99 -52.01
N THR C 281 -3.48 -26.60 -51.00
CA THR C 281 -3.20 -26.22 -49.61
C THR C 281 -2.87 -27.46 -48.81
N ILE C 282 -2.27 -27.26 -47.65
CA ILE C 282 -1.99 -28.37 -46.73
C ILE C 282 -2.46 -27.98 -45.33
N LYS C 283 -3.14 -28.90 -44.65
CA LYS C 283 -3.65 -28.55 -43.32
C LYS C 283 -2.48 -28.24 -42.39
N TYR C 284 -2.67 -27.28 -41.49
CA TYR C 284 -1.55 -26.88 -40.65
C TYR C 284 -0.98 -28.05 -39.84
N THR C 285 -1.84 -28.97 -39.43
CA THR C 285 -1.36 -30.15 -38.71
C THR C 285 -0.51 -31.08 -39.59
N SER C 286 -0.83 -31.15 -40.87
CA SER C 286 -0.03 -31.95 -41.80
C SER C 286 1.29 -31.25 -42.05
N ALA C 287 1.26 -29.93 -42.16
CA ALA C 287 2.50 -29.13 -42.32
C ALA C 287 3.40 -29.34 -41.11
N LEU C 288 2.82 -29.27 -39.91
CA LEU C 288 3.61 -29.52 -38.70
C LEU C 288 4.17 -30.94 -38.65
N THR C 289 3.45 -31.90 -39.23
CA THR C 289 3.91 -33.30 -39.26
C THR C 289 5.14 -33.45 -40.17
N TYR C 290 5.07 -32.87 -41.36
CA TYR C 290 6.22 -32.78 -42.26
C TYR C 290 7.39 -32.08 -41.59
N ASP C 291 7.13 -30.96 -40.92
CA ASP C 291 8.19 -30.23 -40.24
C ASP C 291 8.82 -31.08 -39.13
N ALA C 292 7.99 -31.89 -38.45
CA ALA C 292 8.49 -32.76 -37.39
C ALA C 292 9.53 -33.74 -37.94
N VAL C 293 9.32 -34.23 -39.16
CA VAL C 293 10.31 -35.12 -39.76
C VAL C 293 11.64 -34.39 -39.98
N GLN C 294 11.56 -33.14 -40.44
CA GLN C 294 12.79 -32.33 -40.55
C GLN C 294 13.48 -32.17 -39.20
N VAL C 295 12.71 -31.82 -38.17
CA VAL C 295 13.29 -31.64 -36.83
C VAL C 295 13.99 -32.92 -36.34
N MET C 296 13.30 -34.06 -36.45
CA MET C 296 13.91 -35.31 -35.98
C MET C 296 15.17 -35.63 -36.78
N THR C 297 15.11 -35.39 -38.08
CA THR C 297 16.25 -35.66 -38.95
C THR C 297 17.46 -34.81 -38.54
N GLU C 298 17.23 -33.51 -38.34
CA GLU C 298 18.32 -32.63 -37.93
C GLU C 298 18.85 -32.98 -36.53
N ALA C 299 17.95 -33.38 -35.65
CA ALA C 299 18.35 -33.72 -34.28
C ALA C 299 19.19 -35.00 -34.26
N PHE C 300 18.79 -35.99 -35.05
CA PHE C 300 19.33 -37.33 -34.90
C PHE C 300 20.54 -37.63 -35.78
N ARG C 301 20.70 -36.88 -36.87
CA ARG C 301 21.72 -37.27 -37.83
C ARG C 301 23.12 -37.26 -37.23
N CYS C 302 23.29 -36.54 -36.08
CA CYS C 302 24.61 -36.43 -35.45
C CYS C 302 24.71 -37.30 -34.23
N LEU C 303 23.65 -37.88 -33.73
CA LEU C 303 23.71 -38.73 -32.54
C LEU C 303 24.52 -40.00 -32.81
N ARG C 304 25.01 -40.61 -31.74
CA ARG C 304 25.86 -41.80 -31.84
C ARG C 304 25.20 -42.93 -32.62
N LYS C 305 25.96 -43.55 -33.52
CA LYS C 305 25.48 -44.71 -34.25
C LYS C 305 25.59 -45.96 -33.40
N GLN C 306 24.60 -46.18 -32.53
CA GLN C 306 24.58 -47.37 -31.70
C GLN C 306 24.71 -48.63 -32.56
N ARG C 307 25.28 -49.69 -31.99
CA ARG C 307 25.50 -50.93 -32.71
C ARG C 307 24.22 -51.45 -33.38
N ILE C 308 24.30 -51.70 -34.68
CA ILE C 308 23.14 -52.16 -35.46
C ILE C 308 22.45 -53.36 -34.81
N GLU C 309 21.27 -53.12 -34.26
CA GLU C 309 20.51 -54.17 -33.59
C GLU C 309 19.28 -54.56 -34.39
N ILE C 310 18.61 -55.62 -33.96
CA ILE C 310 17.39 -56.09 -34.61
C ILE C 310 16.16 -55.40 -34.02
N SER C 311 15.25 -54.96 -34.88
CA SER C 311 14.02 -54.33 -34.44
C SER C 311 12.89 -55.35 -34.36
N ARG C 312 12.28 -55.48 -33.19
CA ARG C 312 11.26 -56.49 -32.96
C ARG C 312 9.95 -55.89 -32.48
N ARG C 313 8.83 -56.44 -32.95
CA ARG C 313 7.51 -56.05 -32.48
C ARG C 313 7.53 -55.79 -30.98
N GLY C 314 6.82 -54.78 -30.54
CA GLY C 314 6.85 -54.39 -29.14
C GLY C 314 5.80 -55.07 -28.29
N ASN C 315 6.08 -55.16 -27.00
CA ASN C 315 5.14 -55.72 -26.04
C ASN C 315 4.75 -54.64 -25.03
N ALA C 316 3.49 -54.24 -25.03
CA ALA C 316 3.06 -53.14 -24.16
C ALA C 316 3.38 -53.39 -22.69
N GLY C 317 3.35 -54.66 -22.30
CA GLY C 317 3.63 -55.02 -20.91
C GLY C 317 5.01 -54.60 -20.44
N ASP C 318 5.89 -54.28 -21.38
CA ASP C 318 7.25 -53.84 -21.01
C ASP C 318 7.21 -52.51 -20.27
N CYS C 319 6.11 -51.79 -20.35
CA CYS C 319 5.98 -50.57 -19.55
C CYS C 319 6.11 -50.88 -18.07
N LEU C 320 5.71 -52.08 -17.68
CA LEU C 320 5.78 -52.46 -16.27
C LEU C 320 6.90 -53.45 -16.00
N ALA C 321 7.33 -54.16 -17.04
CA ALA C 321 8.34 -55.21 -16.90
C ALA C 321 9.76 -54.67 -16.99
N ASN C 322 9.96 -53.64 -17.81
CA ASN C 322 11.29 -53.11 -18.08
C ASN C 322 11.46 -51.78 -17.37
N PRO C 323 12.70 -51.45 -16.99
CA PRO C 323 12.95 -50.15 -16.36
C PRO C 323 12.92 -49.03 -17.38
N ALA C 324 12.74 -47.80 -16.89
CA ALA C 324 12.78 -46.62 -17.74
C ALA C 324 14.15 -46.49 -18.42
N VAL C 325 14.19 -45.82 -19.57
CA VAL C 325 15.47 -45.47 -20.17
C VAL C 325 16.24 -44.60 -19.18
N PRO C 326 17.52 -44.94 -18.91
CA PRO C 326 18.25 -44.08 -17.98
C PRO C 326 18.17 -42.62 -18.39
N TRP C 327 17.88 -41.75 -17.43
CA TRP C 327 17.61 -40.36 -17.71
C TRP C 327 18.75 -39.71 -18.51
N GLY C 328 19.99 -40.00 -18.12
CA GLY C 328 21.15 -39.46 -18.79
C GLY C 328 21.24 -39.84 -20.27
N GLN C 329 20.67 -40.99 -20.61
CA GLN C 329 20.60 -41.44 -22.00
C GLN C 329 19.48 -40.70 -22.74
N GLY C 330 18.28 -40.73 -22.19
CA GLY C 330 17.14 -40.12 -22.86
C GLY C 330 17.28 -38.61 -23.01
N VAL C 331 17.90 -37.96 -22.04
CA VAL C 331 17.99 -36.49 -22.08
C VAL C 331 18.87 -36.01 -23.24
N GLU C 332 19.80 -36.84 -23.67
CA GLU C 332 20.62 -36.45 -24.83
C GLU C 332 19.77 -36.32 -26.10
N ILE C 333 18.79 -37.20 -26.25
CA ILE C 333 17.90 -37.14 -27.42
C ILE C 333 16.94 -35.97 -27.30
N GLU C 334 16.39 -35.79 -26.10
CA GLU C 334 15.49 -34.68 -25.83
C GLU C 334 16.18 -33.35 -26.16
N ARG C 335 17.42 -33.20 -25.70
CA ARG C 335 18.13 -31.96 -25.89
C ARG C 335 18.45 -31.73 -27.35
N ALA C 336 18.77 -32.81 -28.07
CA ALA C 336 19.10 -32.71 -29.49
C ALA C 336 17.89 -32.18 -30.24
N LEU C 337 16.70 -32.69 -29.89
CA LEU C 337 15.48 -32.21 -30.53
C LEU C 337 15.25 -30.72 -30.21
N LYS C 338 15.39 -30.35 -28.94
CA LYS C 338 15.07 -28.97 -28.55
C LYS C 338 16.07 -27.94 -29.08
N GLN C 339 17.26 -28.40 -29.48
CA GLN C 339 18.29 -27.50 -29.99
C GLN C 339 18.15 -27.22 -31.49
N VAL C 340 17.24 -27.95 -32.15
CA VAL C 340 17.08 -27.77 -33.59
C VAL C 340 16.59 -26.37 -33.91
N GLN C 341 17.20 -25.77 -34.93
CA GLN C 341 16.76 -24.49 -35.48
C GLN C 341 16.70 -24.63 -36.99
N VAL C 342 15.50 -24.68 -37.53
CA VAL C 342 15.33 -24.85 -38.98
C VAL C 342 14.18 -23.99 -39.46
N GLU C 343 14.09 -23.80 -40.78
CA GLU C 343 12.91 -23.19 -41.38
C GLU C 343 12.09 -24.30 -42.01
N GLY C 344 10.78 -24.28 -41.76
CA GLY C 344 9.91 -25.31 -42.32
C GLY C 344 8.64 -24.71 -42.89
N LEU C 345 7.66 -25.56 -43.17
CA LEU C 345 6.40 -25.08 -43.71
C LEU C 345 5.71 -24.14 -42.72
N SER C 346 5.92 -24.35 -41.43
CA SER C 346 5.33 -23.51 -40.38
C SER C 346 6.24 -22.37 -39.96
N GLY C 347 7.16 -22.00 -40.85
CA GLY C 347 8.04 -20.86 -40.64
C GLY C 347 9.27 -21.18 -39.83
N ASN C 348 9.71 -20.22 -39.02
CA ASN C 348 10.89 -20.41 -38.19
C ASN C 348 10.58 -21.36 -37.05
N ILE C 349 11.36 -22.43 -36.94
CA ILE C 349 11.16 -23.44 -35.90
C ILE C 349 12.32 -23.38 -34.90
N LYS C 350 11.99 -23.07 -33.65
CA LYS C 350 12.98 -22.98 -32.58
C LYS C 350 12.19 -23.35 -31.34
N PHE C 351 12.86 -24.01 -30.39
CA PHE C 351 12.20 -24.44 -29.15
C PHE C 351 12.85 -23.84 -27.91
N ASP C 352 12.04 -23.60 -26.89
CA ASP C 352 12.61 -23.28 -25.58
C ASP C 352 12.94 -24.55 -24.81
N GLN C 353 13.42 -24.42 -23.57
CA GLN C 353 13.88 -25.58 -22.81
C GLN C 353 12.76 -26.56 -22.43
N ASN C 354 11.52 -26.15 -22.62
CA ASN C 354 10.37 -26.98 -22.33
C ASN C 354 9.70 -27.51 -23.60
N GLY C 355 10.39 -27.39 -24.72
CA GLY C 355 9.86 -27.94 -25.96
C GLY C 355 8.75 -27.12 -26.60
N LYS C 356 8.58 -25.87 -26.18
CA LYS C 356 7.56 -25.00 -26.77
C LYS C 356 8.17 -24.19 -27.93
N ARG C 357 7.42 -24.00 -29.01
CA ARG C 357 7.89 -23.15 -30.11
C ARG C 357 8.09 -21.74 -29.59
N ILE C 358 9.22 -21.15 -29.93
CA ILE C 358 9.46 -19.72 -29.69
C ILE C 358 9.96 -19.05 -30.96
N ASN C 359 9.93 -17.72 -30.97
CA ASN C 359 10.36 -16.94 -32.13
C ASN C 359 9.61 -17.29 -33.40
N TYR C 360 8.35 -17.70 -33.25
CA TYR C 360 7.52 -18.02 -34.41
C TYR C 360 6.70 -16.80 -34.80
N THR C 361 6.03 -16.86 -35.95
CA THR C 361 5.17 -15.77 -36.37
C THR C 361 3.86 -16.37 -36.82
N ILE C 362 2.75 -15.76 -36.39
CA ILE C 362 1.43 -16.17 -36.86
C ILE C 362 0.91 -15.08 -37.77
N ASN C 363 0.55 -15.43 -39.00
CA ASN C 363 -0.03 -14.45 -39.91
C ASN C 363 -1.48 -14.18 -39.55
N ILE C 364 -1.87 -12.91 -39.62
CA ILE C 364 -3.25 -12.53 -39.34
C ILE C 364 -3.95 -12.32 -40.67
N MET C 365 -5.08 -13.00 -40.86
CA MET C 365 -5.77 -13.01 -42.15
C MET C 365 -7.18 -12.46 -42.09
N GLU C 366 -7.63 -11.90 -43.21
CA GLU C 366 -9.04 -11.52 -43.37
C GLU C 366 -9.56 -12.03 -44.69
N LEU C 367 -10.85 -12.34 -44.76
CA LEU C 367 -11.42 -12.78 -46.00
C LEU C 367 -11.85 -11.55 -46.80
N LYS C 368 -11.15 -11.29 -47.91
CA LYS C 368 -11.43 -10.10 -48.71
C LYS C 368 -12.17 -10.45 -49.99
N THR C 369 -12.45 -9.42 -50.80
CA THR C 369 -13.14 -9.59 -52.07
C THR C 369 -12.52 -10.70 -52.89
N ASN C 370 -11.21 -10.61 -53.10
CA ASN C 370 -10.49 -11.56 -53.94
C ASN C 370 -10.11 -12.85 -53.23
N GLY C 371 -10.48 -12.97 -51.96
CA GLY C 371 -10.16 -14.15 -51.19
C GLY C 371 -9.39 -13.81 -49.92
N PRO C 372 -8.90 -14.83 -49.21
CA PRO C 372 -8.19 -14.57 -47.94
C PRO C 372 -6.93 -13.78 -48.19
N ARG C 373 -6.65 -12.82 -47.33
CA ARG C 373 -5.47 -11.98 -47.49
C ARG C 373 -4.77 -11.77 -46.16
N LYS C 374 -3.44 -11.72 -46.17
CA LYS C 374 -2.70 -11.45 -44.96
C LYS C 374 -2.75 -9.95 -44.71
N ILE C 375 -3.29 -9.56 -43.56
CA ILE C 375 -3.40 -8.15 -43.24
C ILE C 375 -2.34 -7.74 -42.21
N GLY C 376 -1.67 -8.72 -41.62
CA GLY C 376 -0.70 -8.42 -40.59
C GLY C 376 -0.11 -9.68 -40.01
N TYR C 377 0.60 -9.55 -38.91
CA TYR C 377 1.21 -10.70 -38.26
C TYR C 377 1.38 -10.50 -36.76
N TRP C 378 1.60 -11.61 -36.04
CA TRP C 378 1.84 -11.59 -34.60
C TRP C 378 3.11 -12.40 -34.37
N SER C 379 4.14 -11.76 -33.81
CA SER C 379 5.38 -12.49 -33.54
C SER C 379 5.45 -12.84 -32.07
N GLU C 380 5.95 -14.02 -31.78
CA GLU C 380 6.04 -14.48 -30.40
C GLU C 380 6.94 -13.61 -29.54
N VAL C 381 7.96 -13.01 -30.14
CA VAL C 381 8.87 -12.16 -29.37
C VAL C 381 8.24 -10.84 -28.93
N ASP C 382 7.36 -10.28 -29.74
CA ASP C 382 6.78 -8.96 -29.48
C ASP C 382 5.34 -9.03 -28.94
N LYS C 383 4.59 -10.04 -29.37
CA LYS C 383 3.24 -10.31 -28.86
C LYS C 383 2.21 -9.21 -29.10
N MET C 384 2.27 -8.58 -30.27
CA MET C 384 1.22 -7.66 -30.69
C MET C 384 0.91 -7.85 -32.17
N VAL C 385 -0.31 -7.47 -32.57
CA VAL C 385 -0.64 -7.51 -34.00
C VAL C 385 0.01 -6.33 -34.69
N VAL C 386 0.82 -6.61 -35.71
CA VAL C 386 1.45 -5.59 -36.54
C VAL C 386 0.75 -5.58 -37.89
N THR C 387 0.37 -4.40 -38.35
CA THR C 387 -0.38 -4.25 -39.61
C THR C 387 0.56 -4.15 -40.82
N LEU C 388 0.21 -4.85 -41.90
CA LEU C 388 1.02 -4.84 -43.14
C LEU C 388 0.35 -3.98 -44.20
N THR C 389 1.16 -3.33 -45.04
CA THR C 389 0.60 -2.61 -46.18
C THR C 389 0.21 -3.59 -47.28
N THR C 404 -26.81 20.10 -50.59
CA THR C 404 -26.94 21.21 -49.59
C THR C 404 -26.96 20.66 -48.17
N VAL C 405 -26.06 21.20 -47.36
CA VAL C 405 -25.90 20.80 -45.97
C VAL C 405 -27.09 21.23 -45.07
N VAL C 406 -27.73 20.27 -44.40
CA VAL C 406 -28.85 20.58 -43.51
C VAL C 406 -28.30 20.89 -42.13
N VAL C 407 -28.36 22.16 -41.75
CA VAL C 407 -27.85 22.57 -40.44
C VAL C 407 -28.98 22.61 -39.45
N THR C 408 -28.93 21.80 -38.39
CA THR C 408 -29.96 21.87 -37.38
C THR C 408 -29.51 22.86 -36.28
N THR C 409 -30.45 23.67 -35.82
CA THR C 409 -30.12 24.64 -34.79
C THR C 409 -31.37 24.91 -33.96
N ILE C 410 -31.20 25.70 -32.89
CA ILE C 410 -32.30 25.99 -31.98
C ILE C 410 -32.57 27.49 -31.82
N LEU C 411 -33.84 27.85 -31.61
CA LEU C 411 -34.18 29.26 -31.46
C LEU C 411 -33.88 29.69 -30.02
N GLU C 412 -32.67 30.18 -29.81
CA GLU C 412 -32.21 30.64 -28.51
C GLU C 412 -31.44 31.94 -28.71
N SER C 413 -31.86 33.01 -28.04
CA SER C 413 -31.21 34.31 -28.12
C SER C 413 -29.90 34.33 -27.31
N PRO C 414 -28.82 34.93 -27.87
CA PRO C 414 -28.76 35.59 -29.18
C PRO C 414 -28.13 34.76 -30.29
N TYR C 415 -28.14 33.44 -30.13
CA TYR C 415 -27.56 32.50 -31.10
C TYR C 415 -28.34 32.43 -32.42
N VAL C 416 -29.65 32.23 -32.33
CA VAL C 416 -30.52 32.19 -33.51
C VAL C 416 -31.85 32.83 -33.11
N MET C 417 -32.21 33.87 -33.83
CA MET C 417 -33.42 34.59 -33.52
C MET C 417 -34.13 34.89 -34.81
N MET C 418 -35.44 35.06 -34.73
CA MET C 418 -36.22 35.36 -35.91
C MET C 418 -36.06 36.84 -36.13
N LYS C 419 -35.68 37.27 -37.33
CA LYS C 419 -35.59 38.72 -37.57
C LYS C 419 -37.01 39.28 -37.38
N LYS C 420 -37.12 40.56 -37.06
CA LYS C 420 -38.41 41.19 -36.84
C LYS C 420 -39.34 41.17 -38.06
N ASN C 421 -38.76 41.20 -39.25
CA ASN C 421 -39.53 41.19 -40.47
C ASN C 421 -39.44 39.84 -41.22
N HIS C 422 -39.42 38.72 -40.46
CA HIS C 422 -39.25 37.38 -41.11
C HIS C 422 -40.29 37.09 -42.18
N GLU C 423 -41.48 37.62 -42.02
CA GLU C 423 -42.45 37.52 -43.08
C GLU C 423 -42.03 38.60 -44.10
N MET C 424 -41.37 38.10 -45.15
CA MET C 424 -40.88 38.85 -46.29
C MET C 424 -39.59 38.13 -46.69
N LEU C 425 -39.11 37.34 -45.73
CA LEU C 425 -37.92 36.59 -45.87
C LEU C 425 -38.21 35.11 -45.91
N GLU C 426 -37.33 34.46 -46.65
CA GLU C 426 -37.37 33.01 -46.83
C GLU C 426 -35.97 32.49 -46.57
N GLY C 427 -35.88 31.19 -46.32
CA GLY C 427 -34.61 30.55 -46.11
C GLY C 427 -33.82 31.05 -44.93
N ASN C 428 -32.51 31.04 -45.12
CA ASN C 428 -31.54 31.45 -44.11
C ASN C 428 -31.70 32.91 -43.65
N GLU C 429 -32.27 33.74 -44.53
CA GLU C 429 -32.51 35.16 -44.27
C GLU C 429 -33.51 35.47 -43.17
N ARG C 430 -34.36 34.51 -42.83
CA ARG C 430 -35.36 34.69 -41.76
C ARG C 430 -34.72 34.84 -40.37
N TYR C 431 -33.49 34.33 -40.22
CA TYR C 431 -32.78 34.32 -38.95
C TYR C 431 -31.53 35.19 -38.87
N GLU C 432 -31.16 35.51 -37.64
CA GLU C 432 -29.98 36.31 -37.33
C GLU C 432 -29.46 35.89 -35.94
N GLY C 433 -28.19 36.15 -35.68
CA GLY C 433 -27.64 35.79 -34.39
C GLY C 433 -26.21 35.30 -34.47
N TYR C 434 -25.62 35.04 -33.30
CA TYR C 434 -24.25 34.55 -33.20
C TYR C 434 -24.03 33.28 -34.04
N CYS C 435 -24.92 32.31 -33.91
CA CYS C 435 -24.83 31.06 -34.63
C CYS C 435 -25.15 31.12 -36.13
N VAL C 436 -25.91 32.14 -36.56
CA VAL C 436 -26.25 32.34 -37.96
C VAL C 436 -24.96 32.83 -38.63
N ASP C 437 -24.30 33.76 -37.94
CA ASP C 437 -23.05 34.30 -38.42
C ASP C 437 -22.00 33.22 -38.42
N LEU C 438 -21.92 32.44 -37.35
CA LEU C 438 -20.95 31.36 -37.23
C LEU C 438 -21.14 30.30 -38.33
N ALA C 439 -22.38 30.03 -38.70
CA ALA C 439 -22.70 29.07 -39.77
C ALA C 439 -22.18 29.56 -41.12
N ALA C 440 -22.34 30.85 -41.39
CA ALA C 440 -21.88 31.45 -42.64
C ALA C 440 -20.37 31.35 -42.72
N GLU C 441 -19.70 31.61 -41.59
CA GLU C 441 -18.24 31.53 -41.52
C GLU C 441 -17.69 30.13 -41.75
N ILE C 442 -18.26 29.12 -41.08
CA ILE C 442 -17.74 27.76 -41.27
C ILE C 442 -18.12 27.18 -42.64
N ALA C 443 -19.28 27.55 -43.18
CA ALA C 443 -19.70 27.10 -44.49
C ALA C 443 -18.71 27.63 -45.53
N LYS C 444 -18.33 28.89 -45.36
CA LYS C 444 -17.39 29.59 -46.24
C LYS C 444 -16.00 28.95 -46.16
N HIS C 445 -15.54 28.73 -44.94
CA HIS C 445 -14.23 28.15 -44.70
C HIS C 445 -14.16 26.68 -45.08
N CYS C 446 -15.31 26.00 -45.09
CA CYS C 446 -15.35 24.59 -45.46
C CYS C 446 -15.79 24.40 -46.91
N GLY C 447 -16.33 25.44 -47.51
CA GLY C 447 -16.76 25.36 -48.90
C GLY C 447 -18.00 24.53 -49.16
N PHE C 448 -19.10 24.89 -48.51
CA PHE C 448 -20.37 24.21 -48.71
C PHE C 448 -21.52 25.18 -48.61
N LYS C 449 -22.62 24.83 -49.25
CA LYS C 449 -23.86 25.60 -49.26
C LYS C 449 -24.72 24.89 -48.21
N TYR C 450 -25.55 25.62 -47.48
CA TYR C 450 -26.37 25.00 -46.43
C TYR C 450 -27.76 25.61 -46.25
N LYS C 451 -28.60 24.91 -45.47
CA LYS C 451 -29.97 25.31 -45.17
C LYS C 451 -30.18 25.23 -43.66
N LEU C 452 -30.49 26.38 -43.06
CA LEU C 452 -30.73 26.46 -41.63
C LEU C 452 -32.11 25.95 -41.28
N THR C 453 -32.19 24.98 -40.38
CA THR C 453 -33.50 24.46 -39.98
C THR C 453 -33.59 24.40 -38.48
N ILE C 454 -34.69 24.89 -37.93
CA ILE C 454 -34.88 24.87 -36.49
C ILE C 454 -35.29 23.45 -36.08
N VAL C 455 -34.69 22.96 -34.99
CA VAL C 455 -34.96 21.62 -34.52
C VAL C 455 -36.46 21.45 -34.21
N GLY C 456 -37.03 20.43 -34.84
CA GLY C 456 -38.44 20.11 -34.71
C GLY C 456 -39.00 20.11 -33.29
N ASP C 457 -38.38 19.37 -32.36
CA ASP C 457 -38.89 19.34 -30.99
C ASP C 457 -38.36 20.44 -30.07
N GLY C 458 -37.54 21.33 -30.64
CA GLY C 458 -37.01 22.45 -29.85
C GLY C 458 -36.10 22.07 -28.70
N LYS C 459 -35.52 20.87 -28.74
CA LYS C 459 -34.65 20.40 -27.69
C LYS C 459 -33.19 20.33 -28.12
N TYR C 460 -32.29 20.19 -27.13
CA TYR C 460 -30.85 20.13 -27.33
C TYR C 460 -30.38 18.72 -27.69
N GLY C 461 -30.75 17.73 -26.87
CA GLY C 461 -30.36 16.38 -27.13
C GLY C 461 -30.07 15.56 -25.90
N ALA C 462 -31.01 14.71 -25.51
CA ALA C 462 -30.88 13.82 -24.35
C ALA C 462 -31.42 12.45 -24.79
N ARG C 463 -30.95 11.39 -24.16
CA ARG C 463 -31.40 10.03 -24.49
C ARG C 463 -32.39 9.54 -23.46
N ASP C 464 -33.61 9.22 -23.89
CA ASP C 464 -34.59 8.72 -22.93
C ASP C 464 -34.02 7.45 -22.32
N ALA C 465 -34.01 7.38 -20.99
CA ALA C 465 -33.48 6.21 -20.30
C ALA C 465 -34.23 4.90 -20.62
N ASP C 466 -35.55 5.00 -20.81
CA ASP C 466 -36.40 3.86 -21.12
C ASP C 466 -36.45 3.51 -22.61
N THR C 467 -36.96 4.41 -23.46
CA THR C 467 -37.04 4.14 -24.90
C THR C 467 -35.65 4.10 -25.54
N LYS C 468 -34.66 4.63 -24.83
CA LYS C 468 -33.29 4.67 -25.31
C LYS C 468 -33.15 5.53 -26.58
N ILE C 469 -34.14 6.38 -26.86
CA ILE C 469 -34.04 7.23 -28.04
C ILE C 469 -33.60 8.68 -27.81
N TRP C 470 -32.79 9.18 -28.75
CA TRP C 470 -32.26 10.54 -28.71
C TRP C 470 -33.24 11.58 -29.24
N ASN C 471 -33.36 12.68 -28.51
CA ASN C 471 -34.21 13.78 -28.93
C ASN C 471 -33.38 15.00 -29.36
N GLY C 472 -34.06 16.11 -29.65
CA GLY C 472 -33.40 17.35 -30.02
C GLY C 472 -32.47 17.33 -31.19
N MET C 473 -31.50 18.26 -31.17
CA MET C 473 -30.52 18.35 -32.24
C MET C 473 -29.65 17.11 -32.33
N VAL C 474 -29.34 16.50 -31.19
CA VAL C 474 -28.50 15.30 -31.17
C VAL C 474 -29.26 14.18 -31.88
N GLY C 475 -30.56 14.07 -31.60
CA GLY C 475 -31.39 13.07 -32.24
C GLY C 475 -31.40 13.22 -33.75
N GLU C 476 -31.53 14.46 -34.22
CA GLU C 476 -31.52 14.75 -35.66
C GLU C 476 -30.22 14.34 -36.35
N LEU C 477 -29.09 14.36 -35.62
CA LEU C 477 -27.80 13.96 -36.21
C LEU C 477 -27.65 12.44 -36.19
N VAL C 478 -27.97 11.84 -35.04
CA VAL C 478 -27.91 10.39 -34.81
C VAL C 478 -28.81 9.60 -35.79
N TYR C 479 -29.98 10.16 -36.07
CA TYR C 479 -30.95 9.51 -36.93
C TYR C 479 -30.90 9.86 -38.40
N GLY C 480 -29.97 10.75 -38.75
CA GLY C 480 -29.77 11.15 -40.13
C GLY C 480 -30.68 12.20 -40.71
N LYS C 481 -31.39 12.95 -39.86
CA LYS C 481 -32.29 13.99 -40.34
C LYS C 481 -31.57 15.35 -40.58
N ALA C 482 -30.32 15.46 -40.11
CA ALA C 482 -29.51 16.67 -40.31
C ALA C 482 -28.06 16.24 -40.40
N ASP C 483 -27.22 17.02 -41.06
CA ASP C 483 -25.82 16.61 -41.14
C ASP C 483 -24.83 17.45 -40.33
N ILE C 484 -25.32 18.47 -39.64
CA ILE C 484 -24.48 19.34 -38.80
C ILE C 484 -25.33 20.18 -37.87
N ALA C 485 -24.85 20.39 -36.65
CA ALA C 485 -25.58 21.19 -35.68
C ALA C 485 -24.72 22.39 -35.29
N ILE C 486 -25.17 23.59 -35.65
CA ILE C 486 -24.44 24.80 -35.26
C ILE C 486 -25.36 25.53 -34.27
N ALA C 487 -25.09 25.33 -32.98
CA ALA C 487 -25.90 25.91 -31.90
C ALA C 487 -25.20 25.92 -30.54
N PRO C 488 -25.86 26.53 -29.54
CA PRO C 488 -25.25 26.54 -28.21
C PRO C 488 -25.46 25.17 -27.53
N LEU C 489 -24.81 24.15 -28.09
CA LEU C 489 -24.89 22.76 -27.62
C LEU C 489 -23.62 22.41 -26.88
N THR C 490 -23.77 22.09 -25.60
CA THR C 490 -22.64 21.74 -24.75
C THR C 490 -22.03 20.37 -25.11
N ILE C 491 -20.71 20.33 -25.11
CA ILE C 491 -19.93 19.11 -25.34
C ILE C 491 -19.97 18.31 -24.02
N THR C 492 -20.66 17.18 -24.05
CA THR C 492 -20.80 16.31 -22.88
C THR C 492 -20.38 14.90 -23.32
N LEU C 493 -19.99 14.08 -22.35
CA LEU C 493 -19.55 12.70 -22.59
C LEU C 493 -20.63 11.87 -23.27
N VAL C 494 -21.79 11.83 -22.65
CA VAL C 494 -22.93 11.08 -23.14
C VAL C 494 -23.22 11.42 -24.63
N ARG C 495 -23.15 12.69 -25.02
CA ARG C 495 -23.39 13.09 -26.41
C ARG C 495 -22.22 12.73 -27.32
N GLU C 496 -21.01 12.87 -26.80
CA GLU C 496 -19.79 12.56 -27.54
C GLU C 496 -19.67 11.10 -27.89
N GLU C 497 -20.31 10.25 -27.10
CA GLU C 497 -20.29 8.83 -27.35
C GLU C 497 -21.13 8.46 -28.59
N VAL C 498 -22.06 9.36 -28.99
CA VAL C 498 -22.94 9.14 -30.14
C VAL C 498 -22.77 10.12 -31.34
N ILE C 499 -22.19 11.29 -31.10
CA ILE C 499 -21.94 12.23 -32.20
C ILE C 499 -20.52 12.79 -32.09
N ASP C 500 -20.08 13.52 -33.12
CA ASP C 500 -18.75 14.12 -33.13
C ASP C 500 -18.89 15.61 -32.80
N PHE C 501 -17.94 16.15 -32.03
CA PHE C 501 -17.92 17.51 -31.65
C PHE C 501 -16.62 18.21 -31.98
N SER C 502 -16.71 19.42 -32.52
CA SER C 502 -15.50 20.16 -32.82
C SER C 502 -14.99 20.66 -31.46
N LYS C 503 -13.85 21.34 -31.48
CA LYS C 503 -13.31 21.94 -30.27
C LYS C 503 -14.33 23.07 -29.99
N PRO C 504 -14.49 23.47 -28.72
CA PRO C 504 -15.43 24.53 -28.30
C PRO C 504 -15.24 25.92 -28.95
N PHE C 505 -16.35 26.50 -29.41
CA PHE C 505 -16.29 27.83 -30.04
C PHE C 505 -16.60 28.90 -29.02
N MET C 506 -17.03 28.45 -27.83
CA MET C 506 -17.39 29.35 -26.74
C MET C 506 -17.38 28.60 -25.41
N SER C 507 -16.83 29.27 -24.39
CA SER C 507 -16.74 28.73 -23.03
C SER C 507 -17.89 29.21 -22.17
N LEU C 508 -18.17 28.45 -21.14
CA LEU C 508 -19.22 28.80 -20.17
C LEU C 508 -19.08 28.00 -18.87
N GLY C 509 -19.87 28.42 -17.89
CA GLY C 509 -19.88 27.76 -16.60
C GLY C 509 -21.10 28.21 -15.82
N ILE C 510 -21.40 27.50 -14.74
CA ILE C 510 -22.52 27.85 -13.89
C ILE C 510 -22.19 29.16 -13.16
N SER C 511 -23.15 30.09 -13.21
CA SER C 511 -23.02 31.41 -12.59
C SER C 511 -24.34 31.73 -11.90
N ILE C 512 -24.32 32.87 -11.19
CA ILE C 512 -25.48 33.36 -10.43
C ILE C 512 -26.15 34.61 -11.03
N MET C 513 -27.47 34.54 -11.18
CA MET C 513 -28.27 35.66 -11.66
C MET C 513 -29.11 36.19 -10.51
N ILE C 514 -28.98 37.48 -10.19
CA ILE C 514 -29.77 38.08 -9.11
C ILE C 514 -30.47 39.29 -9.71
N LYS C 515 -31.57 39.61 -9.07
CA LYS C 515 -32.28 40.83 -9.42
C LYS C 515 -31.39 41.93 -8.81
N LYS C 516 -31.06 43.01 -9.51
CA LYS C 516 -30.21 44.04 -8.93
C LYS C 516 -30.79 44.58 -7.61
N LYS C 519 -28.37 51.21 -6.30
CA LYS C 519 -27.12 51.75 -5.76
C LYS C 519 -27.25 53.20 -5.33
N SER C 520 -28.42 53.56 -4.81
CA SER C 520 -28.66 54.91 -4.30
C SER C 520 -29.56 54.85 -3.08
N LYS C 521 -29.14 55.50 -2.01
CA LYS C 521 -29.89 55.47 -0.75
C LYS C 521 -29.62 56.69 0.12
N PRO C 522 -30.43 57.75 -0.06
CA PRO C 522 -30.34 58.96 0.77
C PRO C 522 -30.83 58.73 2.19
N GLY C 523 -32.01 59.26 2.50
CA GLY C 523 -32.61 59.11 3.81
C GLY C 523 -31.83 59.80 4.90
N VAL C 524 -32.30 60.99 5.29
CA VAL C 524 -31.67 61.75 6.36
C VAL C 524 -31.67 60.95 7.66
N PHE C 525 -32.37 59.81 7.64
CA PHE C 525 -32.47 58.94 8.81
C PHE C 525 -31.21 58.11 9.05
N SER C 526 -30.20 58.31 8.22
CA SER C 526 -28.91 57.66 8.42
C SER C 526 -28.01 58.56 9.26
N PHE C 527 -28.54 59.71 9.62
CA PHE C 527 -27.84 60.69 10.44
C PHE C 527 -28.39 60.67 11.86
N LEU C 528 -29.66 60.30 11.97
CA LEU C 528 -30.33 60.22 13.27
C LEU C 528 -30.08 58.86 13.91
N ASP C 529 -29.51 57.93 13.15
CA ASP C 529 -29.24 56.59 13.64
C ASP C 529 -27.98 56.52 14.49
N PRO C 530 -26.85 57.03 13.96
CA PRO C 530 -25.58 56.99 14.69
C PRO C 530 -25.81 57.44 16.12
N LEU C 531 -26.29 58.67 16.30
CA LEU C 531 -26.63 59.11 17.62
C LEU C 531 -28.16 58.96 17.78
N ALA C 532 -28.54 58.09 18.70
CA ALA C 532 -29.91 57.69 18.93
C ALA C 532 -30.78 58.89 19.25
N TYR C 533 -32.05 58.83 18.86
CA TYR C 533 -32.99 59.90 19.15
C TYR C 533 -33.04 60.19 20.65
N GLU C 534 -32.91 59.12 21.44
CA GLU C 534 -32.95 59.24 22.89
C GLU C 534 -31.75 60.02 23.39
N ILE C 535 -30.62 59.84 22.71
CA ILE C 535 -29.38 60.51 23.10
C ILE C 535 -29.38 61.98 22.68
N TRP C 536 -29.92 62.28 21.50
CA TRP C 536 -30.05 63.66 21.06
C TRP C 536 -30.93 64.44 22.04
N MET C 537 -31.90 63.75 22.61
CA MET C 537 -32.81 64.36 23.57
C MET C 537 -32.09 64.74 24.86
N CYS C 538 -31.48 63.73 25.49
CA CYS C 538 -30.79 63.94 26.76
C CYS C 538 -29.66 64.97 26.65
N ILE C 539 -28.96 64.97 25.53
CA ILE C 539 -27.88 65.93 25.31
C ILE C 539 -28.44 67.34 25.21
N VAL C 540 -29.73 67.44 24.89
CA VAL C 540 -30.41 68.74 24.82
C VAL C 540 -30.98 69.11 26.19
N PHE C 541 -31.45 68.12 26.93
CA PHE C 541 -31.95 68.35 28.28
C PHE C 541 -30.81 68.79 29.20
N ALA C 542 -29.67 68.12 29.09
CA ALA C 542 -28.48 68.49 29.84
C ALA C 542 -27.92 69.81 29.32
N TYR C 543 -28.21 70.10 28.06
CA TYR C 543 -27.79 71.34 27.44
C TYR C 543 -28.42 72.54 28.15
N ILE C 544 -29.74 72.52 28.26
CA ILE C 544 -30.46 73.55 28.99
C ILE C 544 -30.28 73.36 30.49
N GLY C 545 -29.86 72.16 30.88
CA GLY C 545 -29.61 71.85 32.27
C GLY C 545 -28.35 72.51 32.78
N VAL C 546 -27.48 72.91 31.85
CA VAL C 546 -26.25 73.61 32.20
C VAL C 546 -26.43 75.11 32.05
N SER C 547 -27.18 75.52 31.04
CA SER C 547 -27.45 76.94 30.81
C SER C 547 -28.35 77.51 31.90
N VAL C 548 -28.98 76.63 32.68
CA VAL C 548 -29.81 77.05 33.78
C VAL C 548 -29.00 77.09 35.08
N VAL C 549 -28.04 76.18 35.19
CA VAL C 549 -27.14 76.16 36.33
C VAL C 549 -26.21 77.36 36.31
N LEU C 550 -25.71 77.68 35.12
CA LEU C 550 -24.88 78.86 34.92
C LEU C 550 -25.71 80.13 35.14
N PHE C 551 -27.00 80.05 34.78
CA PHE C 551 -27.91 81.17 34.94
C PHE C 551 -28.08 81.54 36.41
N LEU C 552 -27.90 80.57 37.29
CA LEU C 552 -28.04 80.80 38.72
C LEU C 552 -26.76 81.36 39.32
N VAL C 553 -25.67 81.33 38.55
CA VAL C 553 -24.38 81.81 39.02
C VAL C 553 -24.32 83.34 39.00
N SER C 554 -24.69 83.94 37.87
CA SER C 554 -24.67 85.39 37.74
C SER C 554 -25.66 86.05 38.68
N PRO C 603 -14.40 85.31 34.53
CA PRO C 603 -13.01 84.90 34.79
C PRO C 603 -12.93 83.55 35.50
N ARG C 604 -12.11 83.49 36.55
CA ARG C 604 -11.90 82.25 37.28
C ARG C 604 -12.91 82.03 38.40
N SER C 605 -14.18 81.98 38.04
CA SER C 605 -15.23 81.64 39.00
C SER C 605 -15.29 80.13 39.15
N LEU C 606 -14.48 79.60 40.07
CA LEU C 606 -14.32 78.15 40.25
C LEU C 606 -15.62 77.38 40.13
N SER C 607 -16.70 77.92 40.71
CA SER C 607 -18.01 77.27 40.65
C SER C 607 -18.39 76.89 39.22
N GLY C 608 -18.78 77.89 38.44
CA GLY C 608 -19.18 77.66 37.06
C GLY C 608 -18.01 77.29 36.16
N ARG C 609 -16.80 77.39 36.71
CA ARG C 609 -15.59 77.06 35.96
C ARG C 609 -15.52 75.57 35.66
N ILE C 610 -15.66 74.75 36.69
CA ILE C 610 -15.62 73.30 36.52
C ILE C 610 -16.82 72.81 35.72
N VAL C 611 -17.89 73.59 35.72
CA VAL C 611 -19.07 73.27 34.92
C VAL C 611 -18.73 73.32 33.44
N GLY C 612 -18.03 74.37 33.03
CA GLY C 612 -17.62 74.53 31.65
C GLY C 612 -16.62 73.47 31.24
N GLY C 613 -15.78 73.04 32.19
CA GLY C 613 -14.80 72.02 31.94
C GLY C 613 -15.41 70.64 31.81
N VAL C 614 -16.29 70.29 32.75
CA VAL C 614 -16.97 69.00 32.73
C VAL C 614 -17.89 68.89 31.53
N TRP C 615 -18.59 69.97 31.22
CA TRP C 615 -19.48 70.00 30.05
C TRP C 615 -18.67 69.83 28.77
N TRP C 616 -17.46 70.37 28.75
CA TRP C 616 -16.58 70.23 27.60
C TRP C 616 -16.11 68.79 27.45
N PHE C 617 -15.74 68.17 28.56
CA PHE C 617 -15.33 66.78 28.56
C PHE C 617 -16.49 65.88 28.16
N PHE C 618 -17.70 66.30 28.51
CA PHE C 618 -18.91 65.56 28.17
C PHE C 618 -19.15 65.58 26.66
N THR C 619 -19.14 66.76 26.07
CA THR C 619 -19.36 66.90 24.64
C THR C 619 -18.22 66.29 23.84
N LEU C 620 -17.03 66.30 24.42
CA LEU C 620 -15.86 65.70 23.78
C LEU C 620 -16.09 64.21 23.55
N ILE C 621 -16.56 63.52 24.59
CA ILE C 621 -16.83 62.10 24.50
C ILE C 621 -17.92 61.81 23.47
N ILE C 622 -18.98 62.60 23.49
CA ILE C 622 -20.10 62.41 22.58
C ILE C 622 -19.70 62.55 21.12
N ILE C 623 -19.04 63.68 20.78
CA ILE C 623 -18.62 63.91 19.41
C ILE C 623 -17.60 62.88 18.96
N SER C 624 -16.83 62.34 19.91
CA SER C 624 -15.88 61.28 19.62
C SER C 624 -16.63 59.99 19.33
N SER C 625 -17.68 59.73 20.11
CA SER C 625 -18.51 58.56 19.90
C SER C 625 -19.22 58.63 18.55
N TYR C 626 -19.80 59.79 18.25
CA TYR C 626 -20.47 59.99 16.97
C TYR C 626 -19.53 59.72 15.81
N THR C 627 -18.32 60.26 15.90
CA THR C 627 -17.32 60.10 14.85
C THR C 627 -16.93 58.63 14.67
N ALA C 628 -16.61 57.98 15.79
CA ALA C 628 -16.21 56.57 15.76
C ALA C 628 -17.32 55.69 15.19
N ASN C 629 -18.52 55.88 15.71
CA ASN C 629 -19.67 55.09 15.28
C ASN C 629 -19.98 55.30 13.80
N LEU C 630 -19.88 56.54 13.35
CA LEU C 630 -20.14 56.87 11.95
C LEU C 630 -19.12 56.20 11.02
N ALA C 631 -17.92 55.95 11.55
CA ALA C 631 -16.87 55.30 10.77
C ALA C 631 -17.21 53.83 10.58
N ALA C 632 -17.87 53.28 11.59
CA ALA C 632 -18.26 51.88 11.62
C ALA C 632 -19.42 51.60 10.66
N PHE C 633 -20.30 52.58 10.50
CA PHE C 633 -21.45 52.42 9.61
C PHE C 633 -21.02 52.39 8.14
N LEU C 634 -19.85 52.97 7.87
CA LEU C 634 -19.32 52.99 6.51
C LEU C 634 -18.39 51.81 6.28
N THR C 635 -17.71 51.38 7.34
CA THR C 635 -16.83 50.21 7.27
C THR C 635 -17.65 48.95 7.04
N VAL C 636 -18.73 48.80 7.81
CA VAL C 636 -19.61 47.66 7.65
C VAL C 636 -20.37 47.73 6.33
N GLU C 637 -20.65 48.96 5.87
CA GLU C 637 -21.36 49.16 4.62
C GLU C 637 -20.52 48.60 3.49
N ARG C 638 -19.21 48.58 3.69
CA ARG C 638 -18.34 48.02 2.68
C ARG C 638 -18.15 46.53 2.88
N MET C 639 -18.17 46.09 4.14
CA MET C 639 -18.06 44.68 4.46
C MET C 639 -19.09 43.84 3.72
N PRO C 642 -28.60 41.26 -1.92
CA PRO C 642 -27.32 41.20 -1.19
C PRO C 642 -26.58 39.85 -1.32
N ILE C 643 -26.31 39.47 -2.57
CA ILE C 643 -25.62 38.21 -2.90
C ILE C 643 -24.56 38.55 -3.95
N GLU C 644 -23.35 38.03 -3.75
CA GLU C 644 -22.25 38.28 -4.67
C GLU C 644 -21.51 37.00 -5.07
N SER C 645 -21.88 35.86 -4.48
CA SER C 645 -21.21 34.59 -4.79
C SER C 645 -22.02 33.38 -4.35
N ALA C 646 -21.56 32.19 -4.73
CA ALA C 646 -22.18 30.92 -4.35
C ALA C 646 -22.04 30.81 -2.84
N GLU C 647 -20.87 31.18 -2.33
CA GLU C 647 -20.64 31.13 -0.91
C GLU C 647 -21.66 31.99 -0.16
N ASP C 648 -21.98 33.17 -0.69
CA ASP C 648 -22.97 34.07 -0.06
C ASP C 648 -24.31 33.34 -0.01
N LEU C 649 -24.67 32.76 -1.14
CA LEU C 649 -25.92 32.01 -1.28
C LEU C 649 -25.97 30.87 -0.26
N SER C 650 -24.90 30.06 -0.26
CA SER C 650 -24.80 28.87 0.61
C SER C 650 -24.99 29.09 2.12
N LYS C 651 -24.68 30.30 2.53
CA LYS C 651 -24.76 30.75 3.89
C LYS C 651 -26.11 31.20 4.48
N GLN C 652 -27.11 31.31 3.62
CA GLN C 652 -28.37 31.80 4.11
C GLN C 652 -29.67 31.22 3.58
N THR C 653 -30.77 31.89 3.94
CA THR C 653 -32.11 31.45 3.48
C THR C 653 -33.20 32.54 3.42
N GLU C 654 -32.75 33.77 3.19
CA GLU C 654 -33.68 34.90 3.05
C GLU C 654 -33.99 34.94 1.56
N ILE C 655 -32.95 34.68 0.78
CA ILE C 655 -33.01 34.64 -0.66
C ILE C 655 -32.96 33.17 -1.07
N ALA C 656 -34.07 32.69 -1.64
CA ALA C 656 -34.11 31.31 -2.11
C ALA C 656 -33.33 31.22 -3.42
N TYR C 657 -32.88 30.04 -3.78
CA TYR C 657 -32.13 29.89 -5.01
C TYR C 657 -32.28 28.47 -5.52
N GLY C 658 -32.38 28.34 -6.83
CA GLY C 658 -32.53 27.04 -7.47
C GLY C 658 -31.90 26.97 -8.85
N THR C 659 -32.15 25.87 -9.54
CA THR C 659 -31.57 25.59 -10.84
C THR C 659 -32.65 24.96 -11.68
N LEU C 660 -32.35 24.73 -12.96
CA LEU C 660 -33.29 24.07 -13.88
C LEU C 660 -33.65 22.75 -13.18
N ASP C 661 -34.91 22.31 -13.29
CA ASP C 661 -35.37 21.09 -12.62
C ASP C 661 -34.77 19.76 -13.06
N SER C 662 -34.16 19.77 -14.24
CA SER C 662 -33.51 18.60 -14.80
C SER C 662 -32.39 19.17 -15.63
N GLY C 663 -31.26 18.47 -15.74
CA GLY C 663 -30.16 18.99 -16.54
C GLY C 663 -28.81 18.95 -15.83
N SER C 664 -27.77 19.41 -16.51
CA SER C 664 -26.42 19.36 -15.94
C SER C 664 -26.10 20.25 -14.73
N THR C 665 -26.84 21.35 -14.57
CA THR C 665 -26.58 22.24 -13.46
C THR C 665 -27.13 21.60 -12.21
N LYS C 666 -28.33 21.00 -12.31
CA LYS C 666 -28.92 20.33 -11.14
C LYS C 666 -28.01 19.18 -10.72
N GLU C 667 -27.60 18.36 -11.69
CA GLU C 667 -26.70 17.25 -11.44
C GLU C 667 -25.37 17.68 -10.81
N PHE C 668 -24.76 18.76 -11.33
CA PHE C 668 -23.50 19.28 -10.77
C PHE C 668 -23.57 19.36 -9.25
N PHE C 669 -24.64 19.98 -8.74
CA PHE C 669 -24.84 20.14 -7.30
C PHE C 669 -25.17 18.83 -6.60
N ARG C 670 -25.96 17.98 -7.25
CA ARG C 670 -26.32 16.69 -6.69
C ARG C 670 -25.11 15.81 -6.45
N ARG C 671 -24.19 15.80 -7.42
CA ARG C 671 -22.98 14.98 -7.36
C ARG C 671 -21.77 15.59 -6.66
N SER C 672 -21.70 16.92 -6.61
CA SER C 672 -20.56 17.61 -6.00
C SER C 672 -20.09 17.16 -4.62
N LYS C 673 -18.78 17.17 -4.43
CA LYS C 673 -18.19 16.78 -3.17
C LYS C 673 -17.52 17.99 -2.49
N ILE C 674 -17.69 19.17 -3.11
CA ILE C 674 -17.16 20.42 -2.59
C ILE C 674 -18.13 20.88 -1.51
N ALA C 675 -17.59 21.29 -0.35
CA ALA C 675 -18.43 21.71 0.77
C ALA C 675 -19.48 22.80 0.49
N VAL C 676 -19.10 23.90 -0.17
CA VAL C 676 -20.06 24.96 -0.50
C VAL C 676 -21.20 24.41 -1.37
N PHE C 677 -20.83 23.73 -2.45
CA PHE C 677 -21.81 23.16 -3.37
C PHE C 677 -22.71 22.07 -2.75
N ASP C 678 -22.16 21.27 -1.83
CA ASP C 678 -22.94 20.23 -1.15
C ASP C 678 -23.94 20.86 -0.14
N LYS C 679 -23.56 22.01 0.43
CA LYS C 679 -24.43 22.74 1.34
C LYS C 679 -25.59 23.32 0.54
N MET C 680 -25.27 23.82 -0.64
CA MET C 680 -26.27 24.38 -1.53
C MET C 680 -27.21 23.31 -2.05
N TRP C 681 -26.69 22.10 -2.20
CA TRP C 681 -27.55 21.01 -2.69
C TRP C 681 -28.52 20.55 -1.63
N THR C 682 -28.05 20.28 -0.42
CA THR C 682 -28.98 19.81 0.63
C THR C 682 -30.10 20.84 0.91
N TYR C 683 -29.79 22.13 0.72
CA TYR C 683 -30.79 23.17 0.89
C TYR C 683 -31.81 23.10 -0.24
N MET C 684 -31.30 23.14 -1.47
CA MET C 684 -32.13 23.14 -2.66
C MET C 684 -33.09 21.98 -2.79
N ARG C 685 -32.60 20.76 -2.61
CA ARG C 685 -33.43 19.57 -2.72
C ARG C 685 -34.59 19.49 -1.73
N SER C 686 -34.50 20.22 -0.62
CA SER C 686 -35.56 20.19 0.39
C SER C 686 -36.34 21.51 0.51
N ALA C 687 -35.90 22.53 -0.22
CA ALA C 687 -36.54 23.84 -0.17
C ALA C 687 -37.98 23.76 -0.58
N GLU C 688 -38.81 24.48 0.15
CA GLU C 688 -40.24 24.55 -0.10
C GLU C 688 -40.72 25.99 0.08
N PRO C 689 -41.45 26.54 -0.91
CA PRO C 689 -41.80 25.86 -2.15
C PRO C 689 -40.59 25.63 -3.08
N SER C 690 -40.74 24.67 -4.00
CA SER C 690 -39.68 24.32 -4.95
C SER C 690 -38.91 25.46 -5.58
N VAL C 691 -37.58 25.37 -5.47
CA VAL C 691 -36.70 26.35 -6.08
C VAL C 691 -36.28 25.96 -7.51
N PHE C 692 -36.71 24.78 -7.98
CA PHE C 692 -36.42 24.28 -9.33
C PHE C 692 -37.45 24.76 -10.34
N VAL C 693 -36.98 25.12 -11.53
CA VAL C 693 -37.83 25.63 -12.61
C VAL C 693 -37.87 24.68 -13.82
N ARG C 694 -39.00 24.67 -14.52
CA ARG C 694 -39.17 23.79 -15.69
C ARG C 694 -38.33 24.26 -16.89
N THR C 695 -38.26 25.58 -17.08
CA THR C 695 -37.48 26.14 -18.18
C THR C 695 -36.50 27.21 -17.69
N THR C 696 -35.57 27.56 -18.56
CA THR C 696 -34.59 28.60 -18.28
C THR C 696 -35.30 29.95 -18.25
N ALA C 697 -36.23 30.16 -19.17
CA ALA C 697 -36.99 31.40 -19.21
C ALA C 697 -37.75 31.61 -17.89
N GLU C 698 -38.20 30.51 -17.27
CA GLU C 698 -38.92 30.56 -15.99
C GLU C 698 -38.01 31.01 -14.88
N GLY C 699 -36.78 30.50 -14.90
CA GLY C 699 -35.79 30.85 -13.91
C GLY C 699 -35.42 32.32 -14.00
N VAL C 700 -35.40 32.88 -15.22
CA VAL C 700 -35.10 34.30 -15.40
C VAL C 700 -36.30 35.15 -14.95
N ALA C 701 -37.50 34.73 -15.36
CA ALA C 701 -38.73 35.41 -14.97
C ALA C 701 -38.94 35.37 -13.45
N ARG C 702 -38.54 34.27 -12.83
CA ARG C 702 -38.67 34.09 -11.38
C ARG C 702 -37.78 35.07 -10.65
N VAL C 703 -36.58 35.28 -11.18
CA VAL C 703 -35.63 36.23 -10.59
C VAL C 703 -36.26 37.63 -10.67
N ARG C 704 -36.72 37.97 -11.87
CA ARG C 704 -37.34 39.27 -12.15
C ARG C 704 -38.64 39.59 -11.42
N LYS C 705 -39.39 38.55 -11.05
CA LYS C 705 -40.68 38.72 -10.39
C LYS C 705 -40.74 38.35 -8.93
N SER C 706 -39.60 37.98 -8.34
CA SER C 706 -39.58 37.56 -6.94
C SER C 706 -39.18 38.64 -5.92
N LYS C 707 -39.12 39.89 -6.38
CA LYS C 707 -38.81 41.04 -5.52
C LYS C 707 -37.54 40.93 -4.67
N GLY C 708 -36.47 40.41 -5.29
CA GLY C 708 -35.19 40.24 -4.63
C GLY C 708 -35.04 39.00 -3.76
N LYS C 709 -36.02 38.09 -3.83
CA LYS C 709 -35.99 36.89 -2.99
C LYS C 709 -35.63 35.59 -3.70
N TYR C 710 -35.21 35.69 -4.96
CA TYR C 710 -34.80 34.53 -5.71
C TYR C 710 -33.58 34.77 -6.59
N ALA C 711 -32.64 33.85 -6.50
CA ALA C 711 -31.41 33.88 -7.30
C ALA C 711 -31.45 32.61 -8.16
N TYR C 712 -31.00 32.72 -9.41
CA TYR C 712 -31.00 31.58 -10.31
C TYR C 712 -29.59 31.16 -10.76
N LEU C 713 -29.34 29.85 -10.70
CA LEU C 713 -28.07 29.27 -11.12
C LEU C 713 -28.27 28.80 -12.57
N LEU C 714 -27.59 29.48 -13.51
CA LEU C 714 -27.69 29.14 -14.95
C LEU C 714 -26.34 29.28 -15.63
N GLU C 715 -26.28 29.01 -16.93
CA GLU C 715 -25.03 29.14 -17.69
C GLU C 715 -24.62 30.60 -17.82
N SER C 716 -23.34 30.87 -17.64
CA SER C 716 -22.76 32.22 -17.72
C SER C 716 -23.08 33.00 -18.98
N THR C 717 -23.11 32.30 -20.12
CA THR C 717 -23.38 32.92 -21.41
C THR C 717 -24.77 33.54 -21.41
N MET C 718 -25.77 32.76 -20.96
CA MET C 718 -27.14 33.24 -20.87
C MET C 718 -27.27 34.40 -19.83
N ASN C 719 -26.69 34.20 -18.64
CA ASN C 719 -26.72 35.19 -17.58
C ASN C 719 -26.18 36.54 -18.09
N GLU C 720 -25.02 36.54 -18.74
CA GLU C 720 -24.44 37.80 -19.24
C GLU C 720 -25.21 38.41 -20.41
N TYR C 721 -25.97 37.57 -21.14
CA TYR C 721 -26.77 38.10 -22.23
C TYR C 721 -28.00 38.84 -21.68
N ILE C 722 -28.71 38.23 -20.73
CA ILE C 722 -29.90 38.85 -20.11
C ILE C 722 -29.51 40.14 -19.38
N GLU C 723 -28.31 40.17 -18.84
CA GLU C 723 -27.85 41.37 -18.14
C GLU C 723 -27.78 42.58 -19.09
N GLN C 724 -27.65 42.31 -20.38
CA GLN C 724 -27.58 43.37 -21.39
C GLN C 724 -28.91 43.64 -22.07
N ARG C 725 -30.00 43.07 -21.55
CA ARG C 725 -31.34 43.24 -22.10
C ARG C 725 -32.23 44.07 -21.18
N LYS C 726 -33.11 44.87 -21.77
CA LYS C 726 -34.03 45.65 -20.96
C LYS C 726 -34.99 44.59 -20.38
N PRO C 727 -35.59 44.84 -19.22
CA PRO C 727 -35.51 46.02 -18.35
C PRO C 727 -34.20 46.31 -17.56
N CYS C 728 -33.11 45.61 -17.87
CA CYS C 728 -31.84 45.87 -17.21
C CYS C 728 -31.92 45.78 -15.69
N ASP C 729 -32.66 44.78 -15.20
CA ASP C 729 -32.86 44.56 -13.78
C ASP C 729 -32.22 43.31 -13.21
N THR C 730 -31.36 42.65 -13.99
CA THR C 730 -30.69 41.45 -13.49
C THR C 730 -29.19 41.69 -13.48
N MET C 731 -28.48 40.86 -12.73
CA MET C 731 -27.03 40.98 -12.64
C MET C 731 -26.39 39.63 -12.44
N LYS C 732 -25.23 39.47 -13.07
CA LYS C 732 -24.42 38.26 -12.98
C LYS C 732 -23.40 38.48 -11.86
N VAL C 733 -23.36 37.58 -10.88
CA VAL C 733 -22.41 37.71 -9.78
C VAL C 733 -21.57 36.45 -9.54
N GLY C 734 -20.36 36.63 -9.02
CA GLY C 734 -19.49 35.51 -8.73
C GLY C 734 -18.79 34.89 -9.95
N GLY C 735 -17.73 34.12 -9.69
CA GLY C 735 -17.05 33.49 -10.79
C GLY C 735 -17.81 32.24 -11.16
N ASN C 736 -17.53 31.71 -12.35
CA ASN C 736 -18.15 30.48 -12.82
C ASN C 736 -17.83 29.35 -11.85
N LEU C 737 -18.80 28.48 -11.63
CA LEU C 737 -18.68 27.33 -10.73
C LEU C 737 -18.01 26.13 -11.39
N ASP C 738 -18.07 26.06 -12.72
CA ASP C 738 -17.43 24.98 -13.48
C ASP C 738 -17.04 25.49 -14.85
N SER C 739 -16.54 24.60 -15.73
CA SER C 739 -16.18 24.98 -17.10
C SER C 739 -16.67 23.92 -18.09
N LYS C 740 -17.40 24.38 -19.10
CA LYS C 740 -17.96 23.55 -20.16
C LYS C 740 -17.68 24.33 -21.44
N GLY C 741 -18.12 23.79 -22.57
CA GLY C 741 -17.94 24.46 -23.83
C GLY C 741 -19.01 24.06 -24.85
N TYR C 742 -19.35 24.98 -25.76
CA TYR C 742 -20.30 24.68 -26.83
C TYR C 742 -19.44 24.21 -28.00
N GLY C 743 -19.95 23.27 -28.79
CA GLY C 743 -19.23 22.75 -29.94
C GLY C 743 -20.20 22.51 -31.08
N ILE C 744 -19.68 22.51 -32.31
CA ILE C 744 -20.49 22.21 -33.50
C ILE C 744 -20.44 20.68 -33.61
N ALA C 745 -21.61 20.06 -33.79
CA ALA C 745 -21.70 18.60 -33.88
C ALA C 745 -22.03 18.07 -35.28
N THR C 746 -21.60 16.84 -35.54
CA THR C 746 -21.85 16.15 -36.82
C THR C 746 -22.04 14.67 -36.50
N PRO C 747 -22.71 13.91 -37.40
CA PRO C 747 -22.89 12.47 -37.16
C PRO C 747 -21.50 11.83 -37.09
N LYS C 748 -21.36 10.71 -36.40
CA LYS C 748 -20.06 10.05 -36.34
C LYS C 748 -19.61 9.56 -37.72
N GLY C 749 -18.33 9.75 -38.00
CA GLY C 749 -17.78 9.35 -39.27
C GLY C 749 -18.14 10.29 -40.40
N SER C 750 -18.71 11.45 -40.09
CA SER C 750 -19.10 12.42 -41.12
C SER C 750 -17.88 12.98 -41.86
N SER C 751 -18.03 13.20 -43.18
CA SER C 751 -16.94 13.76 -43.97
C SER C 751 -16.72 15.24 -43.67
N LEU C 752 -17.65 15.86 -42.98
CA LEU C 752 -17.58 17.27 -42.61
C LEU C 752 -16.80 17.55 -41.31
N GLY C 753 -16.69 16.55 -40.44
CA GLY C 753 -16.01 16.72 -39.18
C GLY C 753 -14.61 17.32 -39.09
N THR C 754 -13.67 16.84 -39.92
CA THR C 754 -12.30 17.35 -39.88
C THR C 754 -12.21 18.82 -40.20
N PRO C 755 -12.81 19.20 -41.33
CA PRO C 755 -12.79 20.55 -41.83
C PRO C 755 -13.45 21.53 -40.90
N VAL C 756 -14.58 21.11 -40.34
CA VAL C 756 -15.33 21.97 -39.45
C VAL C 756 -14.56 22.25 -38.16
N ASN C 757 -13.84 21.26 -37.64
CA ASN C 757 -13.06 21.47 -36.44
C ASN C 757 -11.92 22.47 -36.76
N LEU C 758 -11.22 22.26 -37.87
CA LEU C 758 -10.13 23.14 -38.25
C LEU C 758 -10.63 24.56 -38.41
N ALA C 759 -11.85 24.72 -38.91
CA ALA C 759 -12.43 26.04 -39.10
C ALA C 759 -12.65 26.79 -37.79
N VAL C 760 -13.00 26.07 -36.75
CA VAL C 760 -13.24 26.67 -35.44
C VAL C 760 -11.93 27.17 -34.83
N LEU C 761 -10.85 26.39 -35.00
CA LEU C 761 -9.53 26.78 -34.49
C LEU C 761 -9.08 28.05 -35.18
N LYS C 762 -9.23 28.08 -36.49
CA LYS C 762 -8.91 29.23 -37.34
C LYS C 762 -9.70 30.50 -36.92
N LEU C 763 -11.04 30.40 -36.88
CA LEU C 763 -11.89 31.54 -36.50
C LEU C 763 -11.49 32.04 -35.12
N SER C 764 -11.18 31.12 -34.22
CA SER C 764 -10.77 31.53 -32.88
C SER C 764 -9.45 32.33 -32.93
N GLU C 765 -8.46 31.78 -33.64
CA GLU C 765 -7.16 32.40 -33.80
C GLU C 765 -7.17 33.75 -34.53
N GLN C 766 -8.08 33.92 -35.49
CA GLN C 766 -8.24 35.17 -36.24
C GLN C 766 -8.94 36.19 -35.32
N GLY C 767 -9.42 35.70 -34.18
CA GLY C 767 -10.13 36.53 -33.22
C GLY C 767 -11.58 36.73 -33.62
N VAL C 768 -12.08 35.97 -34.60
CA VAL C 768 -13.47 36.14 -35.05
C VAL C 768 -14.56 35.71 -34.05
N LEU C 769 -14.36 34.62 -33.34
CA LEU C 769 -15.36 34.19 -32.37
C LEU C 769 -15.56 35.24 -31.29
N ASP C 770 -14.48 35.92 -30.88
CA ASP C 770 -14.58 36.97 -29.86
C ASP C 770 -15.33 38.17 -30.42
N LYS C 771 -15.11 38.47 -31.71
CA LYS C 771 -15.81 39.58 -32.35
C LYS C 771 -17.29 39.34 -32.36
N LEU C 772 -17.66 38.10 -32.68
CA LEU C 772 -19.05 37.65 -32.76
C LEU C 772 -19.75 37.71 -31.41
N LYS C 773 -19.06 37.31 -30.34
CA LYS C 773 -19.68 37.37 -29.02
C LYS C 773 -19.91 38.79 -28.58
N ASN C 774 -18.93 39.66 -28.82
CA ASN C 774 -19.05 41.06 -28.45
C ASN C 774 -20.16 41.72 -29.26
N LYS C 775 -20.25 41.39 -30.53
CA LYS C 775 -21.28 41.96 -31.37
C LYS C 775 -22.68 41.65 -30.86
N TRP C 776 -22.95 40.38 -30.54
CA TRP C 776 -24.28 39.99 -30.10
C TRP C 776 -24.61 40.19 -28.63
N TRP C 777 -23.59 40.24 -27.79
CA TRP C 777 -23.81 40.44 -26.36
C TRP C 777 -23.72 41.90 -25.97
N TYR C 778 -22.66 42.60 -26.43
CA TYR C 778 -22.41 43.99 -26.03
C TYR C 778 -22.79 45.08 -27.06
N ASP C 779 -22.32 45.04 -28.30
CA ASP C 779 -22.69 46.12 -29.23
C ASP C 779 -24.19 46.28 -29.35
N LYS C 780 -24.91 45.15 -29.38
CA LYS C 780 -26.37 45.15 -29.51
C LYS C 780 -27.06 45.16 -28.12
N GLY C 781 -26.27 45.46 -27.09
CA GLY C 781 -26.76 45.53 -25.72
C GLY C 781 -27.62 46.76 -25.51
N GLU C 782 -28.54 46.65 -24.56
CA GLU C 782 -29.49 47.72 -24.23
C GLU C 782 -29.28 48.34 -22.85
N CYS C 783 -28.22 47.93 -22.15
CA CYS C 783 -27.96 48.43 -20.80
C CYS C 783 -26.62 49.16 -20.69
N THR C 794 -19.52 54.04 -8.93
CA THR C 794 -18.25 54.52 -8.37
C THR C 794 -18.16 54.51 -6.84
N SER C 795 -16.99 54.93 -6.34
CA SER C 795 -16.59 54.75 -4.94
C SER C 795 -17.38 55.50 -3.86
N ALA C 796 -16.87 56.67 -3.47
CA ALA C 796 -17.12 57.26 -2.15
C ALA C 796 -18.50 57.88 -1.82
N LEU C 797 -18.47 58.74 -0.81
CA LEU C 797 -19.66 59.26 -0.12
C LEU C 797 -20.72 59.97 -0.94
N SER C 798 -21.90 60.08 -0.33
CA SER C 798 -23.04 60.73 -0.95
C SER C 798 -23.28 62.11 -0.35
N LEU C 799 -24.18 62.86 -0.96
CA LEU C 799 -24.52 64.20 -0.50
C LEU C 799 -25.77 64.18 0.38
N SER C 800 -26.58 63.14 0.19
CA SER C 800 -27.85 63.00 0.90
C SER C 800 -27.75 63.33 2.39
N ASN C 801 -26.99 62.52 3.12
CA ASN C 801 -26.82 62.70 4.56
C ASN C 801 -26.33 64.10 4.91
N VAL C 802 -25.28 64.54 4.22
CA VAL C 802 -24.69 65.85 4.47
C VAL C 802 -25.70 66.97 4.20
N ALA C 803 -26.61 66.73 3.27
CA ALA C 803 -27.62 67.71 2.90
C ALA C 803 -28.52 68.07 4.07
N GLY C 804 -28.93 67.05 4.83
CA GLY C 804 -29.79 67.26 5.98
C GLY C 804 -29.22 68.24 6.98
N VAL C 805 -27.89 68.30 7.04
CA VAL C 805 -27.21 69.20 7.95
C VAL C 805 -27.12 70.61 7.36
N PHE C 806 -27.27 70.71 6.05
CA PHE C 806 -27.27 72.01 5.38
C PHE C 806 -28.59 72.74 5.58
N TYR C 807 -29.69 72.00 5.55
CA TYR C 807 -31.01 72.58 5.75
C TYR C 807 -31.20 73.11 7.17
N ILE C 808 -30.65 72.37 8.14
CA ILE C 808 -30.74 72.79 9.54
C ILE C 808 -29.86 74.01 9.78
N LEU C 809 -28.87 74.21 8.92
CA LEU C 809 -28.00 75.38 9.00
C LEU C 809 -28.72 76.62 8.50
N VAL C 810 -29.23 76.55 7.28
CA VAL C 810 -29.98 77.66 6.69
C VAL C 810 -31.18 78.01 7.57
N GLY C 811 -31.77 76.99 8.19
CA GLY C 811 -32.88 77.20 9.10
C GLY C 811 -32.45 78.00 10.31
N GLY C 812 -31.23 77.75 10.78
CA GLY C 812 -30.67 78.48 11.90
C GLY C 812 -30.34 79.91 11.52
N LEU C 813 -29.85 80.08 10.29
CA LEU C 813 -29.55 81.42 9.77
C LEU C 813 -30.82 82.24 9.65
N GLY C 814 -31.88 81.60 9.16
CA GLY C 814 -33.17 82.27 9.02
C GLY C 814 -33.75 82.65 10.36
N LEU C 815 -33.60 81.76 11.34
CA LEU C 815 -34.07 82.03 12.70
C LEU C 815 -33.35 83.24 13.28
N ALA C 816 -32.07 83.35 12.97
CA ALA C 816 -31.26 84.47 13.44
C ALA C 816 -31.65 85.77 12.74
N MET C 817 -31.89 85.67 11.43
CA MET C 817 -32.32 86.82 10.64
C MET C 817 -33.67 87.33 11.15
N LEU C 818 -34.40 86.45 11.83
CA LEU C 818 -35.69 86.82 12.41
C LEU C 818 -35.50 87.46 13.78
N VAL C 819 -34.59 86.89 14.56
CA VAL C 819 -34.29 87.43 15.89
C VAL C 819 -33.59 88.79 15.77
N ALA C 820 -32.88 88.98 14.68
CA ALA C 820 -32.19 90.24 14.43
C ALA C 820 -33.19 91.36 14.19
N LEU C 821 -34.13 91.12 13.28
CA LEU C 821 -35.13 92.13 12.92
C LEU C 821 -35.91 92.62 14.14
N ILE C 822 -36.35 91.69 14.98
CA ILE C 822 -37.13 92.05 16.16
C ILE C 822 -36.34 92.89 17.15
N GLU C 823 -35.04 92.60 17.28
CA GLU C 823 -34.18 93.35 18.18
C GLU C 823 -34.09 94.82 17.79
N PHE C 824 -33.91 95.08 16.50
CA PHE C 824 -33.84 96.44 15.98
C PHE C 824 -35.18 97.16 16.13
N CYS C 825 -36.26 96.38 16.15
CA CYS C 825 -37.60 96.94 16.30
C CYS C 825 -37.86 97.42 17.72
N TYR C 826 -37.52 96.59 18.69
CA TYR C 826 -37.70 96.96 20.10
C TYR C 826 -36.86 98.18 20.46
N LYS C 827 -35.64 98.23 19.93
CA LYS C 827 -34.74 99.35 20.19
C LYS C 827 -35.24 100.62 19.52
N ASN D 12 -17.50 -66.10 -1.02
CA ASN D 12 -16.47 -66.54 -0.06
C ASN D 12 -15.59 -65.38 0.42
N THR D 13 -14.54 -65.08 -0.35
CA THR D 13 -13.80 -63.83 -0.19
C THR D 13 -13.89 -62.96 -1.46
N ILE D 14 -14.36 -61.72 -1.29
CA ILE D 14 -14.41 -60.75 -2.38
C ILE D 14 -13.31 -59.70 -2.15
N SER D 15 -12.37 -59.60 -3.08
CA SER D 15 -11.31 -58.60 -2.97
C SER D 15 -11.63 -57.42 -3.85
N ILE D 16 -11.38 -56.22 -3.33
CA ILE D 16 -11.47 -55.01 -4.14
C ILE D 16 -10.14 -54.23 -4.12
N GLY D 17 -9.95 -53.34 -5.08
CA GLY D 17 -8.78 -52.47 -5.12
C GLY D 17 -9.13 -51.16 -4.46
N GLY D 18 -8.12 -50.42 -3.99
CA GLY D 18 -8.36 -49.13 -3.39
C GLY D 18 -7.28 -48.19 -3.92
N LEU D 19 -7.67 -47.21 -4.74
CA LEU D 19 -6.72 -46.26 -5.29
C LEU D 19 -6.80 -44.90 -4.61
N PHE D 20 -5.86 -44.62 -3.73
CA PHE D 20 -5.89 -43.38 -2.96
C PHE D 20 -4.88 -42.34 -3.47
N MET D 21 -5.24 -41.08 -3.31
CA MET D 21 -4.45 -39.96 -3.79
C MET D 21 -3.83 -39.17 -2.65
N ARG D 22 -3.25 -38.04 -3.03
CA ARG D 22 -2.81 -37.05 -2.06
C ARG D 22 -4.03 -36.43 -1.37
N ASN D 23 -3.87 -36.20 -0.07
CA ASN D 23 -4.91 -35.63 0.77
C ASN D 23 -6.21 -36.43 0.81
N THR D 24 -6.08 -37.76 0.87
CA THR D 24 -7.23 -38.64 1.10
C THR D 24 -7.03 -39.50 2.33
N VAL D 25 -6.25 -39.00 3.28
CA VAL D 25 -5.96 -39.76 4.49
C VAL D 25 -7.21 -40.12 5.29
N GLN D 26 -8.05 -39.13 5.57
CA GLN D 26 -9.27 -39.42 6.32
C GLN D 26 -10.17 -40.39 5.56
N GLU D 27 -10.32 -40.21 4.24
CA GLU D 27 -11.13 -41.12 3.43
C GLU D 27 -10.54 -42.56 3.46
N HIS D 28 -9.22 -42.66 3.42
CA HIS D 28 -8.56 -43.95 3.61
C HIS D 28 -8.97 -44.58 4.96
N SER D 29 -8.86 -43.82 6.03
CA SER D 29 -9.33 -44.29 7.34
C SER D 29 -10.81 -44.68 7.33
N ALA D 30 -11.67 -43.90 6.67
CA ALA D 30 -13.09 -44.22 6.61
C ALA D 30 -13.33 -45.51 5.81
N PHE D 31 -12.49 -45.73 4.79
CA PHE D 31 -12.50 -46.94 3.97
C PHE D 31 -12.16 -48.20 4.79
N ARG D 32 -11.03 -48.18 5.51
CA ARG D 32 -10.67 -49.32 6.39
C ARG D 32 -11.82 -49.59 7.33
N PHE D 33 -12.31 -48.54 7.98
CA PHE D 33 -13.31 -48.70 9.03
C PHE D 33 -14.62 -49.23 8.52
N ALA D 34 -15.10 -48.73 7.39
CA ALA D 34 -16.36 -49.25 6.83
C ALA D 34 -16.22 -50.72 6.40
N VAL D 35 -15.07 -51.08 5.82
CA VAL D 35 -14.81 -52.48 5.51
C VAL D 35 -14.76 -53.28 6.81
N GLN D 36 -14.08 -52.74 7.83
CA GLN D 36 -14.07 -53.38 9.14
C GLN D 36 -15.48 -53.63 9.69
N LEU D 37 -16.34 -52.60 9.69
CA LEU D 37 -17.75 -52.76 10.11
C LEU D 37 -18.47 -53.85 9.33
N TYR D 38 -18.24 -53.91 8.02
CA TYR D 38 -18.89 -54.93 7.21
C TYR D 38 -18.50 -56.35 7.65
N ASN D 39 -17.23 -56.54 7.96
CA ASN D 39 -16.70 -57.87 8.27
C ASN D 39 -17.01 -58.31 9.70
N THR D 40 -17.08 -57.35 10.61
CA THR D 40 -17.31 -57.67 12.02
C THR D 40 -18.81 -57.77 12.35
N ASN D 41 -19.66 -57.56 11.34
CA ASN D 41 -21.09 -57.76 11.55
C ASN D 41 -21.35 -59.20 11.94
N GLN D 42 -22.14 -59.40 13.00
CA GLN D 42 -22.44 -60.74 13.51
C GLN D 42 -23.34 -61.51 12.56
N ASN D 43 -24.50 -60.93 12.30
CA ASN D 43 -25.45 -61.40 11.32
C ASN D 43 -24.89 -61.92 10.05
N THR D 44 -24.96 -63.22 9.83
CA THR D 44 -24.33 -63.81 8.65
C THR D 44 -25.14 -63.57 7.37
N THR D 45 -26.40 -63.19 7.51
CA THR D 45 -27.22 -62.88 6.35
C THR D 45 -26.68 -61.63 5.67
N GLU D 46 -26.21 -60.69 6.50
CA GLU D 46 -25.68 -59.42 6.02
C GLU D 46 -24.21 -59.54 5.59
N LYS D 47 -23.57 -60.66 5.91
CA LYS D 47 -22.13 -60.81 5.68
C LYS D 47 -21.76 -62.17 5.11
N PRO D 48 -22.34 -62.52 3.95
CA PRO D 48 -22.17 -63.85 3.33
C PRO D 48 -20.74 -64.14 2.84
N PHE D 49 -19.98 -63.08 2.59
CA PHE D 49 -18.60 -63.21 2.13
C PHE D 49 -17.73 -62.29 2.98
N HIS D 50 -16.45 -62.59 3.01
CA HIS D 50 -15.43 -61.73 3.60
C HIS D 50 -14.95 -60.72 2.56
N LEU D 51 -14.81 -59.48 2.97
CA LEU D 51 -14.41 -58.42 2.05
C LEU D 51 -12.95 -58.03 2.27
N ASN D 52 -12.13 -58.22 1.24
CA ASN D 52 -10.70 -57.92 1.28
C ASN D 52 -10.39 -56.74 0.36
N TYR D 53 -9.31 -56.03 0.65
CA TYR D 53 -8.84 -55.00 -0.28
C TYR D 53 -7.32 -54.88 -0.29
N HIS D 54 -6.80 -54.35 -1.40
CA HIS D 54 -5.41 -53.94 -1.47
C HIS D 54 -5.35 -52.48 -1.89
N VAL D 55 -4.57 -51.70 -1.14
CA VAL D 55 -4.44 -50.26 -1.38
C VAL D 55 -3.17 -49.90 -2.12
N ASP D 56 -3.29 -49.01 -3.09
CA ASP D 56 -2.12 -48.37 -3.70
C ASP D 56 -2.26 -46.87 -3.57
N HIS D 57 -1.18 -46.19 -3.17
CA HIS D 57 -1.19 -44.73 -3.16
C HIS D 57 -0.61 -44.21 -4.45
N LEU D 58 -1.28 -43.25 -5.07
CA LEU D 58 -0.84 -42.70 -6.35
C LEU D 58 -0.68 -41.17 -6.36
N ASP D 59 0.40 -40.69 -6.97
CA ASP D 59 0.66 -39.25 -7.10
C ASP D 59 -0.33 -38.46 -7.97
N SER D 60 -0.65 -38.99 -9.15
CA SER D 60 -1.65 -38.39 -10.03
C SER D 60 -1.10 -37.27 -10.91
N SER D 61 0.09 -36.82 -10.58
CA SER D 61 0.76 -35.77 -11.33
C SER D 61 1.07 -36.36 -12.69
N ASN D 62 1.22 -37.68 -12.69
CA ASN D 62 1.62 -38.41 -13.87
C ASN D 62 0.66 -39.48 -14.38
N SER D 63 0.27 -39.36 -15.66
CA SER D 63 -0.49 -40.40 -16.37
C SER D 63 0.25 -41.77 -16.39
N PHE D 64 1.59 -41.75 -16.39
CA PHE D 64 2.38 -42.97 -16.34
C PHE D 64 2.25 -43.66 -14.98
N SER D 65 2.36 -42.86 -13.93
CA SER D 65 2.32 -43.34 -12.55
C SER D 65 0.95 -43.96 -12.29
N VAL D 66 -0.07 -43.32 -12.81
CA VAL D 66 -1.45 -43.74 -12.65
C VAL D 66 -1.73 -45.05 -13.38
N THR D 67 -1.32 -45.15 -14.63
CA THR D 67 -1.57 -46.38 -15.39
C THR D 67 -0.92 -47.59 -14.71
N ASN D 68 0.28 -47.38 -14.21
CA ASN D 68 1.02 -48.41 -13.53
C ASN D 68 0.35 -48.90 -12.24
N ALA D 69 -0.27 -47.98 -11.50
CA ALA D 69 -0.92 -48.33 -10.25
C ALA D 69 -2.21 -49.05 -10.55
N PHE D 70 -2.95 -48.58 -11.54
CA PHE D 70 -4.15 -49.29 -11.95
C PHE D 70 -3.82 -50.71 -12.44
N CYS D 71 -2.86 -50.83 -13.34
CA CYS D 71 -2.50 -52.14 -13.90
C CYS D 71 -1.99 -53.12 -12.84
N SER D 72 -1.21 -52.63 -11.89
CA SER D 72 -0.78 -53.43 -10.76
C SER D 72 -2.00 -54.04 -10.04
N GLN D 73 -2.91 -53.18 -9.58
CA GLN D 73 -4.13 -53.65 -8.91
C GLN D 73 -4.95 -54.58 -9.79
N PHE D 74 -5.00 -54.28 -11.08
CA PHE D 74 -5.73 -55.09 -12.02
C PHE D 74 -5.16 -56.51 -12.15
N SER D 75 -3.83 -56.66 -12.13
CA SER D 75 -3.26 -57.99 -12.31
C SER D 75 -3.48 -58.88 -11.09
N ARG D 76 -3.68 -58.26 -9.92
CA ARG D 76 -4.03 -59.02 -8.73
C ARG D 76 -5.43 -59.67 -8.81
N GLY D 77 -6.28 -59.20 -9.74
CA GLY D 77 -7.58 -59.82 -9.94
C GLY D 77 -8.77 -59.28 -9.15
N VAL D 78 -8.75 -57.99 -8.82
CA VAL D 78 -9.83 -57.36 -8.07
C VAL D 78 -11.22 -57.44 -8.75
N TYR D 79 -12.29 -57.50 -7.95
CA TYR D 79 -13.66 -57.53 -8.48
C TYR D 79 -14.28 -56.13 -8.71
N ALA D 80 -13.64 -55.11 -8.19
CA ALA D 80 -14.03 -53.71 -8.38
C ALA D 80 -12.95 -52.83 -7.78
N ILE D 81 -12.92 -51.55 -8.17
CA ILE D 81 -11.95 -50.62 -7.60
C ILE D 81 -12.61 -49.43 -6.90
N PHE D 82 -12.23 -49.18 -5.66
CA PHE D 82 -12.65 -47.95 -5.01
C PHE D 82 -11.53 -46.97 -5.14
N GLY D 83 -11.83 -45.72 -5.45
CA GLY D 83 -10.75 -44.78 -5.61
C GLY D 83 -11.13 -43.34 -5.95
N PHE D 84 -10.07 -42.57 -6.19
CA PHE D 84 -10.19 -41.14 -6.41
C PHE D 84 -9.51 -40.82 -7.71
N TYR D 85 -10.07 -39.87 -8.45
CA TYR D 85 -9.34 -39.23 -9.52
C TYR D 85 -9.41 -37.70 -9.40
N ASP D 86 -8.48 -37.02 -10.06
CA ASP D 86 -8.63 -35.58 -10.27
C ASP D 86 -8.71 -35.28 -11.76
N GLN D 87 -8.61 -34.00 -12.11
CA GLN D 87 -8.76 -33.55 -13.50
C GLN D 87 -7.69 -34.18 -14.40
N MET D 88 -6.47 -34.32 -13.88
CA MET D 88 -5.41 -34.95 -14.64
C MET D 88 -5.53 -36.49 -14.79
N SER D 89 -5.97 -37.18 -13.75
CA SER D 89 -5.93 -38.66 -13.77
C SER D 89 -7.23 -39.32 -14.24
N MET D 90 -8.30 -38.54 -14.30
CA MET D 90 -9.63 -39.07 -14.58
C MET D 90 -9.71 -39.88 -15.89
N ASN D 91 -9.20 -39.30 -16.98
CA ASN D 91 -9.29 -39.98 -18.26
C ASN D 91 -8.62 -41.36 -18.27
N THR D 92 -7.41 -41.42 -17.73
CA THR D 92 -6.69 -42.68 -17.59
C THR D 92 -7.52 -43.73 -16.86
N LEU D 93 -7.92 -43.41 -15.64
CA LEU D 93 -8.61 -44.37 -14.79
C LEU D 93 -9.93 -44.80 -15.41
N THR D 94 -10.74 -43.85 -15.86
CA THR D 94 -12.05 -44.24 -16.39
C THR D 94 -11.98 -44.98 -17.75
N SER D 95 -10.94 -44.67 -18.54
CA SER D 95 -10.78 -45.34 -19.85
C SER D 95 -10.31 -46.80 -19.68
N PHE D 96 -9.36 -47.01 -18.80
CA PHE D 96 -8.93 -48.36 -18.46
C PHE D 96 -10.07 -49.15 -17.80
N CYS D 97 -10.82 -48.54 -16.90
CA CYS D 97 -11.91 -49.25 -16.24
C CYS D 97 -12.95 -49.62 -17.27
N GLY D 98 -13.22 -48.69 -18.16
CA GLY D 98 -14.17 -48.93 -19.23
C GLY D 98 -13.72 -50.01 -20.20
N ALA D 99 -12.44 -50.02 -20.57
CA ALA D 99 -11.96 -51.00 -21.54
C ALA D 99 -11.91 -52.40 -20.94
N LEU D 100 -11.55 -52.49 -19.66
CA LEU D 100 -11.42 -53.79 -19.00
C LEU D 100 -12.68 -54.21 -18.23
N HIS D 101 -13.79 -53.52 -18.48
CA HIS D 101 -15.06 -53.84 -17.82
C HIS D 101 -14.91 -54.02 -16.32
N THR D 102 -14.10 -53.17 -15.70
CA THR D 102 -13.84 -53.22 -14.28
C THR D 102 -14.43 -51.99 -13.60
N SER D 103 -15.31 -52.20 -12.62
CA SER D 103 -16.08 -51.09 -12.04
C SER D 103 -15.29 -50.23 -11.06
N PHE D 104 -15.28 -48.93 -11.32
CA PHE D 104 -14.60 -47.94 -10.48
C PHE D 104 -15.67 -47.22 -9.63
N VAL D 105 -15.53 -47.25 -8.30
CA VAL D 105 -16.52 -46.66 -7.42
C VAL D 105 -15.85 -45.49 -6.71
N THR D 106 -16.36 -44.27 -6.90
CA THR D 106 -15.60 -43.08 -6.50
C THR D 106 -16.41 -41.98 -5.82
N PRO D 107 -15.81 -41.29 -4.84
CA PRO D 107 -16.38 -40.10 -4.21
C PRO D 107 -16.00 -38.82 -4.95
N SER D 108 -15.19 -38.96 -5.99
CA SER D 108 -14.71 -37.79 -6.71
C SER D 108 -15.82 -37.09 -7.52
N PHE D 109 -15.48 -35.94 -8.07
CA PHE D 109 -16.44 -35.17 -8.87
C PHE D 109 -17.04 -36.07 -9.98
N PRO D 110 -18.35 -35.99 -10.21
CA PRO D 110 -18.91 -36.84 -11.27
C PRO D 110 -18.38 -36.41 -12.64
N THR D 111 -18.17 -37.35 -13.55
CA THR D 111 -17.60 -36.99 -14.86
C THR D 111 -18.49 -36.05 -15.65
N ASP D 112 -17.88 -35.17 -16.44
CA ASP D 112 -18.64 -34.32 -17.35
C ASP D 112 -19.32 -35.19 -18.42
N ALA D 113 -18.58 -36.19 -18.94
CA ALA D 113 -19.10 -37.09 -19.97
C ALA D 113 -19.83 -38.29 -19.40
N ASP D 114 -20.66 -38.90 -20.23
CA ASP D 114 -21.37 -40.12 -19.87
C ASP D 114 -20.44 -41.30 -20.16
N VAL D 115 -19.99 -41.98 -19.10
CA VAL D 115 -19.10 -43.12 -19.27
C VAL D 115 -19.72 -44.35 -18.64
N GLN D 116 -19.16 -45.51 -18.95
CA GLN D 116 -19.58 -46.77 -18.33
C GLN D 116 -18.52 -47.20 -17.30
N PHE D 117 -18.91 -48.12 -16.42
CA PHE D 117 -18.01 -48.72 -15.41
C PHE D 117 -17.47 -47.76 -14.37
N VAL D 118 -18.14 -46.62 -14.18
CA VAL D 118 -17.80 -45.69 -13.12
C VAL D 118 -19.03 -45.39 -12.29
N ILE D 119 -19.02 -45.83 -11.05
CA ILE D 119 -20.12 -45.54 -10.15
C ILE D 119 -19.71 -44.33 -9.34
N GLN D 120 -20.41 -43.23 -9.56
CA GLN D 120 -20.04 -41.94 -8.96
C GLN D 120 -20.90 -41.62 -7.74
N MET D 121 -20.33 -41.84 -6.56
CA MET D 121 -21.04 -41.66 -5.31
C MET D 121 -21.51 -40.24 -5.04
N ARG D 122 -20.81 -39.24 -5.61
CA ARG D 122 -21.12 -37.85 -5.32
C ARG D 122 -22.14 -37.31 -6.32
N PRO D 123 -23.28 -36.82 -5.82
CA PRO D 123 -24.33 -36.19 -6.66
C PRO D 123 -23.83 -34.94 -7.39
N ALA D 124 -24.42 -34.69 -8.55
CA ALA D 124 -24.24 -33.43 -9.28
C ALA D 124 -24.75 -32.24 -8.48
N LEU D 125 -24.06 -31.11 -8.58
CA LEU D 125 -24.46 -29.93 -7.82
C LEU D 125 -25.23 -28.92 -8.65
N LYS D 126 -25.10 -29.00 -9.97
CA LYS D 126 -25.66 -27.95 -10.84
C LYS D 126 -27.17 -27.74 -10.76
N GLY D 127 -27.95 -28.82 -10.68
CA GLY D 127 -29.40 -28.67 -10.62
C GLY D 127 -29.81 -27.87 -9.39
N ALA D 128 -29.13 -28.11 -8.27
CA ALA D 128 -29.47 -27.40 -7.03
C ALA D 128 -29.06 -25.95 -7.12
N ILE D 129 -27.91 -25.69 -7.74
CA ILE D 129 -27.43 -24.33 -7.91
C ILE D 129 -28.41 -23.52 -8.77
N LEU D 130 -28.87 -24.10 -9.88
CA LEU D 130 -29.79 -23.39 -10.75
C LEU D 130 -31.12 -23.11 -10.06
N SER D 131 -31.64 -24.08 -9.32
CA SER D 131 -32.89 -23.87 -8.61
C SER D 131 -32.79 -22.73 -7.59
N LEU D 132 -31.69 -22.69 -6.84
CA LEU D 132 -31.51 -21.64 -5.83
C LEU D 132 -31.25 -20.25 -6.42
N LEU D 133 -30.60 -20.21 -7.59
CA LEU D 133 -30.44 -18.94 -8.30
C LEU D 133 -31.82 -18.41 -8.68
N SER D 134 -32.69 -19.30 -9.13
CA SER D 134 -34.06 -18.93 -9.42
C SER D 134 -34.87 -18.53 -8.16
N TYR D 135 -34.65 -19.22 -7.05
CA TYR D 135 -35.34 -18.92 -5.79
C TYR D 135 -34.98 -17.55 -5.30
N TYR D 136 -33.68 -17.22 -5.35
CA TYR D 136 -33.23 -15.88 -4.97
C TYR D 136 -33.44 -14.78 -6.03
N LYS D 137 -33.81 -15.17 -7.24
CA LYS D 137 -34.02 -14.22 -8.34
C LYS D 137 -32.73 -13.48 -8.68
N TRP D 138 -31.59 -14.16 -8.61
CA TRP D 138 -30.36 -13.56 -9.11
C TRP D 138 -30.41 -13.39 -10.62
N GLU D 139 -30.28 -12.16 -11.07
CA GLU D 139 -30.29 -11.88 -12.49
C GLU D 139 -29.02 -11.15 -12.83
N LYS D 140 -28.38 -10.64 -11.79
CA LYS D 140 -27.06 -10.04 -11.91
C LYS D 140 -26.14 -10.54 -10.79
N PHE D 141 -25.01 -11.16 -11.14
CA PHE D 141 -24.09 -11.67 -10.13
C PHE D 141 -22.70 -12.00 -10.66
N VAL D 142 -21.79 -12.21 -9.72
CA VAL D 142 -20.44 -12.60 -10.02
C VAL D 142 -20.33 -14.11 -9.88
N TYR D 143 -19.58 -14.72 -10.78
CA TYR D 143 -19.36 -16.15 -10.75
C TYR D 143 -17.86 -16.43 -10.74
N LEU D 144 -17.34 -16.86 -9.61
CA LEU D 144 -15.94 -17.18 -9.50
C LEU D 144 -15.83 -18.69 -9.50
N TYR D 145 -14.93 -19.25 -10.31
CA TYR D 145 -14.86 -20.70 -10.45
C TYR D 145 -13.46 -21.19 -10.72
N ASP D 146 -13.17 -22.40 -10.25
CA ASP D 146 -12.00 -23.14 -10.73
C ASP D 146 -12.57 -24.36 -11.46
N THR D 147 -11.72 -25.13 -12.12
CA THR D 147 -12.26 -26.27 -12.87
C THR D 147 -11.86 -27.63 -12.30
N GLU D 148 -11.48 -27.64 -11.04
CA GLU D 148 -11.06 -28.87 -10.36
C GLU D 148 -12.12 -29.96 -10.31
N ARG D 149 -13.39 -29.57 -10.36
CA ARG D 149 -14.50 -30.51 -10.32
C ARG D 149 -15.30 -30.58 -11.64
N GLY D 150 -14.67 -30.21 -12.74
CA GLY D 150 -15.28 -30.34 -14.06
C GLY D 150 -15.73 -29.01 -14.62
N PHE D 151 -16.13 -29.04 -15.88
CA PHE D 151 -16.62 -27.87 -16.60
C PHE D 151 -18.15 -27.82 -16.62
N SER D 152 -18.78 -28.81 -16.00
CA SER D 152 -20.24 -28.95 -16.06
C SER D 152 -21.03 -27.79 -15.46
N VAL D 153 -20.70 -27.38 -14.23
CA VAL D 153 -21.37 -26.26 -13.61
C VAL D 153 -21.12 -24.97 -14.39
N LEU D 154 -19.86 -24.66 -14.69
CA LEU D 154 -19.54 -23.50 -15.52
C LEU D 154 -20.39 -23.45 -16.79
N GLN D 155 -20.45 -24.57 -17.51
CA GLN D 155 -21.17 -24.59 -18.78
C GLN D 155 -22.67 -24.40 -18.55
N ALA D 156 -23.20 -24.99 -17.49
CA ALA D 156 -24.60 -24.80 -17.13
C ALA D 156 -24.97 -23.35 -16.77
N ILE D 157 -24.07 -22.66 -16.06
CA ILE D 157 -24.28 -21.27 -15.66
C ILE D 157 -24.25 -20.32 -16.88
N MET D 158 -23.22 -20.47 -17.72
CA MET D 158 -23.11 -19.70 -18.97
C MET D 158 -24.35 -19.82 -19.85
N GLU D 159 -24.86 -21.04 -20.00
CA GLU D 159 -26.00 -21.25 -20.89
C GLU D 159 -27.28 -20.72 -20.28
N ALA D 160 -27.42 -20.85 -18.96
CA ALA D 160 -28.60 -20.36 -18.27
C ALA D 160 -28.59 -18.85 -18.27
N ALA D 161 -27.39 -18.27 -18.23
CA ALA D 161 -27.28 -16.83 -18.33
C ALA D 161 -27.87 -16.35 -19.67
N VAL D 162 -27.59 -17.08 -20.76
CA VAL D 162 -28.22 -16.76 -22.05
C VAL D 162 -29.71 -16.96 -21.98
N GLN D 163 -30.16 -18.16 -21.61
CA GLN D 163 -31.57 -18.51 -21.69
C GLN D 163 -32.46 -17.64 -20.80
N ASN D 164 -31.88 -17.10 -19.73
CA ASN D 164 -32.64 -16.31 -18.76
C ASN D 164 -32.28 -14.84 -18.81
N ASN D 165 -31.46 -14.46 -19.79
CA ASN D 165 -30.90 -13.12 -19.85
C ASN D 165 -30.47 -12.61 -18.47
N TRP D 166 -29.47 -13.26 -17.90
CA TRP D 166 -28.85 -12.77 -16.68
C TRP D 166 -27.62 -11.97 -17.05
N GLN D 167 -27.17 -11.13 -16.13
CA GLN D 167 -25.87 -10.46 -16.29
C GLN D 167 -24.84 -11.08 -15.34
N VAL D 168 -24.17 -12.13 -15.81
CA VAL D 168 -23.18 -12.83 -15.00
C VAL D 168 -21.80 -12.38 -15.37
N THR D 169 -21.03 -11.94 -14.37
CA THR D 169 -19.63 -11.61 -14.59
C THR D 169 -18.78 -12.75 -14.05
N ALA D 170 -18.16 -13.48 -14.96
CA ALA D 170 -17.53 -14.76 -14.66
C ALA D 170 -16.03 -14.62 -14.72
N ARG D 171 -15.36 -15.20 -13.72
CA ARG D 171 -13.91 -15.14 -13.64
C ARG D 171 -13.33 -16.49 -13.23
N SER D 172 -12.46 -17.01 -14.08
CA SER D 172 -11.68 -18.20 -13.77
C SER D 172 -10.58 -17.80 -12.80
N VAL D 173 -10.57 -18.38 -11.60
CA VAL D 173 -9.61 -17.99 -10.59
C VAL D 173 -8.82 -19.17 -10.06
N GLY D 174 -8.86 -20.29 -10.78
CA GLY D 174 -8.18 -21.49 -10.36
C GLY D 174 -6.67 -21.42 -10.45
N ASN D 175 -6.15 -20.42 -11.16
CA ASN D 175 -4.69 -20.26 -11.31
C ASN D 175 -4.09 -19.13 -10.47
N ILE D 176 -4.93 -18.41 -9.73
CA ILE D 176 -4.48 -17.31 -8.88
C ILE D 176 -3.63 -17.77 -7.68
N LYS D 177 -2.37 -17.37 -7.65
CA LYS D 177 -1.48 -17.73 -6.54
C LYS D 177 -1.25 -16.51 -5.65
N ASP D 178 -1.50 -15.31 -6.19
CA ASP D 178 -1.31 -14.08 -5.44
C ASP D 178 -2.64 -13.48 -4.92
N VAL D 179 -2.83 -13.50 -3.61
CA VAL D 179 -4.09 -13.07 -3.00
C VAL D 179 -4.51 -11.64 -3.33
N GLN D 180 -3.54 -10.79 -3.66
CA GLN D 180 -3.83 -9.46 -4.17
C GLN D 180 -4.75 -9.55 -5.38
N GLU D 181 -4.59 -10.60 -6.17
CA GLU D 181 -5.41 -10.73 -7.36
C GLU D 181 -6.89 -10.88 -7.02
N PHE D 182 -7.17 -11.56 -5.91
CA PHE D 182 -8.57 -11.71 -5.47
C PHE D 182 -9.15 -10.36 -5.05
N ARG D 183 -8.32 -9.52 -4.43
CA ARG D 183 -8.80 -8.21 -3.98
C ARG D 183 -9.03 -7.28 -5.17
N ARG D 184 -8.18 -7.39 -6.18
CA ARG D 184 -8.35 -6.57 -7.37
C ARG D 184 -9.64 -6.95 -8.08
N ILE D 185 -9.90 -8.24 -8.18
CA ILE D 185 -11.15 -8.72 -8.78
C ILE D 185 -12.36 -8.19 -8.06
N ILE D 186 -12.35 -8.27 -6.73
CA ILE D 186 -13.48 -7.83 -5.91
C ILE D 186 -13.70 -6.33 -6.03
N GLU D 187 -12.62 -5.56 -6.08
CA GLU D 187 -12.76 -4.12 -6.25
C GLU D 187 -13.43 -3.80 -7.60
N GLU D 188 -12.97 -4.46 -8.66
CA GLU D 188 -13.60 -4.29 -9.96
C GLU D 188 -15.09 -4.66 -9.92
N MET D 189 -15.43 -5.72 -9.20
CA MET D 189 -16.84 -6.09 -9.05
C MET D 189 -17.61 -5.02 -8.23
N ASP D 190 -16.91 -4.40 -7.29
CA ASP D 190 -17.50 -3.35 -6.47
C ASP D 190 -17.94 -2.21 -7.35
N ARG D 191 -17.06 -1.79 -8.25
CA ARG D 191 -17.33 -0.72 -9.20
C ARG D 191 -18.47 -1.05 -10.16
N ARG D 192 -18.90 -2.31 -10.19
CA ARG D 192 -20.10 -2.66 -10.92
C ARG D 192 -21.31 -2.84 -10.01
N GLN D 193 -21.16 -2.52 -8.73
CA GLN D 193 -22.21 -2.71 -7.73
C GLN D 193 -22.66 -4.16 -7.57
N GLU D 194 -21.72 -5.08 -7.66
CA GLU D 194 -22.02 -6.49 -7.42
C GLU D 194 -22.18 -6.75 -5.93
N LYS D 195 -23.28 -7.40 -5.56
CA LYS D 195 -23.53 -7.75 -4.17
C LYS D 195 -23.64 -9.26 -4.00
N ARG D 196 -23.87 -9.97 -5.10
CA ARG D 196 -24.15 -11.41 -5.09
C ARG D 196 -23.08 -12.23 -5.79
N TYR D 197 -22.58 -13.24 -5.09
CA TYR D 197 -21.46 -14.06 -5.55
C TYR D 197 -21.81 -15.54 -5.51
N LEU D 198 -21.63 -16.20 -6.65
CA LEU D 198 -21.66 -17.65 -6.77
C LEU D 198 -20.21 -18.08 -6.83
N ILE D 199 -19.78 -18.91 -5.90
CA ILE D 199 -18.39 -19.34 -5.85
C ILE D 199 -18.36 -20.84 -6.02
N ASP D 200 -17.81 -21.28 -7.14
CA ASP D 200 -17.73 -22.71 -7.52
C ASP D 200 -16.24 -23.07 -7.56
N CYS D 201 -15.66 -23.24 -6.37
CA CYS D 201 -14.24 -23.48 -6.23
C CYS D 201 -13.99 -24.61 -5.23
N GLU D 202 -12.77 -25.13 -5.19
CA GLU D 202 -12.36 -26.03 -4.12
C GLU D 202 -12.48 -25.31 -2.77
N VAL D 203 -12.86 -26.03 -1.71
CA VAL D 203 -12.99 -25.47 -0.37
C VAL D 203 -11.78 -24.61 0.03
N GLU D 204 -10.59 -25.13 -0.21
CA GLU D 204 -9.36 -24.43 0.10
C GLU D 204 -9.36 -23.01 -0.51
N ARG D 205 -9.74 -22.95 -1.78
CA ARG D 205 -9.78 -21.69 -2.53
C ARG D 205 -10.96 -20.78 -2.12
N ILE D 206 -12.08 -21.38 -1.77
CA ILE D 206 -13.18 -20.62 -1.16
C ILE D 206 -12.76 -19.99 0.16
N ASN D 207 -11.96 -20.71 0.94
CA ASN D 207 -11.49 -20.20 2.21
C ASN D 207 -10.61 -18.95 2.01
N THR D 208 -9.79 -19.01 0.97
CA THR D 208 -8.87 -17.96 0.60
C THR D 208 -9.60 -16.69 0.16
N ILE D 209 -10.66 -16.88 -0.62
CA ILE D 209 -11.51 -15.81 -1.05
C ILE D 209 -12.29 -15.18 0.11
N LEU D 210 -12.88 -16.01 0.98
CA LEU D 210 -13.60 -15.47 2.12
C LEU D 210 -12.65 -14.70 3.01
N GLU D 211 -11.40 -15.17 3.13
CA GLU D 211 -10.42 -14.46 3.94
C GLU D 211 -10.10 -13.07 3.39
N GLN D 212 -9.93 -12.94 2.07
CA GLN D 212 -9.68 -11.64 1.44
C GLN D 212 -10.90 -10.76 1.65
N VAL D 213 -12.07 -11.36 1.68
CA VAL D 213 -13.28 -10.61 1.94
C VAL D 213 -13.22 -9.97 3.33
N VAL D 214 -12.62 -10.67 4.29
CA VAL D 214 -12.58 -10.20 5.67
C VAL D 214 -11.50 -9.12 5.82
N ILE D 215 -10.35 -9.35 5.19
CA ILE D 215 -9.27 -8.38 5.19
C ILE D 215 -9.74 -7.04 4.61
N LEU D 216 -10.40 -7.09 3.46
CA LEU D 216 -10.94 -5.89 2.84
C LEU D 216 -11.82 -5.08 3.78
N GLY D 217 -12.73 -5.75 4.48
CA GLY D 217 -13.76 -5.09 5.25
C GLY D 217 -14.96 -4.65 4.42
N LYS D 218 -16.06 -4.34 5.10
CA LYS D 218 -17.25 -3.84 4.42
C LYS D 218 -17.68 -4.70 3.23
N HIS D 219 -17.29 -5.97 3.22
CA HIS D 219 -17.82 -6.88 2.21
C HIS D 219 -18.68 -7.98 2.80
N SER D 220 -19.20 -7.72 4.00
CA SER D 220 -20.11 -8.66 4.64
C SER D 220 -21.59 -8.23 4.57
N ARG D 221 -21.98 -7.23 5.35
CA ARG D 221 -23.38 -6.79 5.33
C ARG D 221 -23.77 -6.29 3.94
N GLY D 222 -24.97 -6.66 3.49
CA GLY D 222 -25.41 -6.30 2.15
C GLY D 222 -24.92 -7.22 1.05
N TYR D 223 -24.02 -8.17 1.38
CA TYR D 223 -23.53 -9.16 0.41
C TYR D 223 -24.14 -10.56 0.58
N HIS D 224 -24.19 -11.32 -0.51
CA HIS D 224 -24.67 -12.70 -0.48
C HIS D 224 -23.70 -13.63 -1.23
N TYR D 225 -23.12 -14.59 -0.50
CA TYR D 225 -22.21 -15.56 -1.09
C TYR D 225 -22.91 -16.89 -1.18
N MET D 226 -23.01 -17.40 -2.39
CA MET D 226 -23.56 -18.74 -2.57
C MET D 226 -22.38 -19.66 -2.86
N LEU D 227 -22.15 -20.59 -1.94
CA LEU D 227 -20.94 -21.40 -1.98
C LEU D 227 -21.26 -22.79 -2.53
N ALA D 228 -20.91 -23.01 -3.80
CA ALA D 228 -21.28 -24.25 -4.48
C ALA D 228 -20.18 -25.28 -4.29
N ASN D 229 -20.23 -25.97 -3.15
CA ASN D 229 -19.29 -27.03 -2.84
C ASN D 229 -19.89 -27.86 -1.71
N LEU D 230 -20.02 -29.16 -1.94
CA LEU D 230 -20.65 -30.02 -0.94
C LEU D 230 -19.83 -30.12 0.35
N GLY D 231 -18.64 -29.50 0.34
CA GLY D 231 -17.78 -29.51 1.51
C GLY D 231 -18.09 -28.37 2.46
N PHE D 232 -19.37 -27.98 2.49
CA PHE D 232 -19.80 -26.85 3.29
C PHE D 232 -19.18 -26.83 4.70
N THR D 233 -19.26 -27.94 5.43
CA THR D 233 -18.78 -27.94 6.82
C THR D 233 -17.27 -27.70 6.97
N ASP D 234 -16.50 -27.76 5.89
CA ASP D 234 -15.07 -27.49 5.98
C ASP D 234 -14.69 -26.06 5.57
N ILE D 235 -15.69 -25.31 5.13
CA ILE D 235 -15.50 -23.93 4.74
C ILE D 235 -15.40 -23.08 6.01
N LEU D 236 -14.39 -22.21 6.05
CA LEU D 236 -14.16 -21.30 7.19
C LEU D 236 -14.88 -19.97 6.96
N LEU D 237 -16.11 -19.86 7.45
CA LEU D 237 -16.95 -18.72 7.09
C LEU D 237 -17.46 -17.94 8.28
N GLU D 238 -16.96 -18.25 9.46
CA GLU D 238 -17.46 -17.62 10.68
C GLU D 238 -17.22 -16.10 10.73
N ARG D 239 -16.05 -15.65 10.33
CA ARG D 239 -15.79 -14.21 10.36
C ARG D 239 -16.76 -13.47 9.44
N VAL D 240 -17.07 -14.07 8.29
CA VAL D 240 -17.99 -13.45 7.33
C VAL D 240 -19.44 -13.47 7.84
N MET D 241 -19.84 -14.55 8.49
CA MET D 241 -21.13 -14.61 9.16
C MET D 241 -21.27 -13.49 10.21
N HIS D 242 -20.21 -13.20 10.96
CA HIS D 242 -20.33 -12.21 12.03
C HIS D 242 -20.52 -10.78 11.54
N GLY D 243 -20.33 -10.55 10.26
CA GLY D 243 -20.36 -9.21 9.71
C GLY D 243 -21.66 -8.89 9.02
N GLY D 244 -22.57 -9.86 8.97
CA GLY D 244 -23.90 -9.62 8.45
C GLY D 244 -24.19 -10.10 7.03
N ALA D 245 -23.21 -10.71 6.38
CA ALA D 245 -23.38 -11.32 5.07
C ALA D 245 -24.47 -12.38 5.07
N ASN D 246 -25.10 -12.59 3.92
CA ASN D 246 -25.88 -13.81 3.69
C ASN D 246 -24.97 -14.89 3.12
N ILE D 247 -25.13 -16.11 3.61
CA ILE D 247 -24.45 -17.23 2.98
C ILE D 247 -25.41 -18.38 2.69
N THR D 248 -25.29 -18.96 1.49
CA THR D 248 -26.03 -20.19 1.18
C THR D 248 -25.08 -21.36 0.90
N GLY D 249 -25.33 -22.49 1.54
CA GLY D 249 -24.49 -23.67 1.38
C GLY D 249 -25.28 -24.92 1.08
N PHE D 250 -24.56 -26.01 0.77
CA PHE D 250 -25.17 -27.26 0.35
C PHE D 250 -24.49 -28.47 1.04
N GLN D 251 -25.30 -29.43 1.49
CA GLN D 251 -24.78 -30.63 2.13
C GLN D 251 -25.59 -31.86 1.73
N ILE D 252 -24.97 -33.02 1.77
CA ILE D 252 -25.70 -34.26 1.49
C ILE D 252 -25.64 -35.17 2.71
N VAL D 253 -25.00 -34.69 3.77
CA VAL D 253 -24.87 -35.41 5.04
C VAL D 253 -25.69 -34.70 6.14
N ASN D 254 -26.64 -35.39 6.72
CA ASN D 254 -27.42 -34.82 7.81
C ASN D 254 -26.90 -35.32 9.17
N ASN D 255 -26.33 -34.44 9.99
CA ASN D 255 -25.84 -34.92 11.28
C ASN D 255 -26.93 -35.35 12.29
N GLU D 256 -28.19 -35.09 11.97
CA GLU D 256 -29.30 -35.59 12.79
C GLU D 256 -29.73 -37.00 12.35
N ASN D 257 -29.29 -37.43 11.17
CA ASN D 257 -29.59 -38.79 10.71
C ASN D 257 -28.96 -39.82 11.67
N PRO D 258 -29.79 -40.73 12.21
CA PRO D 258 -29.28 -41.65 13.23
C PRO D 258 -28.12 -42.49 12.71
N MET D 259 -28.12 -42.78 11.41
CA MET D 259 -27.02 -43.53 10.81
C MET D 259 -25.71 -42.76 10.88
N VAL D 260 -25.75 -41.47 10.60
CA VAL D 260 -24.57 -40.64 10.69
C VAL D 260 -24.14 -40.60 12.15
N GLN D 261 -25.10 -40.35 13.04
CA GLN D 261 -24.83 -40.29 14.47
C GLN D 261 -24.09 -41.54 14.96
N GLN D 262 -24.58 -42.70 14.57
CA GLN D 262 -24.01 -43.96 15.03
C GLN D 262 -22.60 -44.17 14.50
N PHE D 263 -22.40 -43.86 13.23
CA PHE D 263 -21.06 -43.94 12.66
C PHE D 263 -20.10 -43.05 13.45
N ILE D 264 -20.48 -41.79 13.61
CA ILE D 264 -19.62 -40.79 14.25
C ILE D 264 -19.18 -41.19 15.66
N GLN D 265 -20.10 -41.76 16.43
CA GLN D 265 -19.83 -42.08 17.83
C GLN D 265 -18.79 -43.19 17.89
N ARG D 266 -18.85 -44.13 16.96
CA ARG D 266 -17.83 -45.16 16.88
C ARG D 266 -16.56 -44.56 16.31
N TRP D 267 -16.72 -43.75 15.28
CA TRP D 267 -15.60 -43.19 14.54
C TRP D 267 -14.62 -42.40 15.42
N VAL D 268 -15.16 -41.59 16.33
CA VAL D 268 -14.29 -40.74 17.16
C VAL D 268 -13.67 -41.52 18.31
N ARG D 269 -14.06 -42.79 18.46
CA ARG D 269 -13.44 -43.65 19.46
C ARG D 269 -12.28 -44.49 18.90
N LEU D 270 -12.10 -44.49 17.57
CA LEU D 270 -10.97 -45.19 16.95
C LEU D 270 -9.62 -44.52 17.28
N ASP D 271 -8.57 -45.30 17.47
CA ASP D 271 -7.26 -44.73 17.84
C ASP D 271 -6.50 -44.16 16.63
N GLU D 272 -5.83 -43.04 16.85
CA GLU D 272 -5.24 -42.25 15.76
C GLU D 272 -4.17 -43.02 14.96
N CYS D 273 -3.71 -44.14 15.51
CA CYS D 273 -2.69 -44.96 14.85
C CYS D 273 -3.27 -45.79 13.70
N GLU D 274 -4.31 -46.55 14.00
CA GLU D 274 -4.94 -47.36 12.97
C GLU D 274 -5.79 -46.49 12.05
N PHE D 275 -6.25 -45.35 12.57
CA PHE D 275 -7.23 -44.53 11.86
C PHE D 275 -6.94 -43.02 11.89
N PRO D 276 -5.86 -42.59 11.22
CA PRO D 276 -5.50 -41.17 11.20
C PRO D 276 -6.63 -40.27 10.65
N GLU D 277 -6.76 -39.08 11.23
CA GLU D 277 -7.74 -38.07 10.84
C GLU D 277 -9.15 -38.32 11.38
N ALA D 278 -9.29 -39.23 12.33
CA ALA D 278 -10.61 -39.48 12.88
C ALA D 278 -10.91 -38.61 14.10
N LYS D 279 -9.86 -38.08 14.74
CA LYS D 279 -10.04 -37.34 16.00
C LYS D 279 -9.53 -35.90 15.95
N ASN D 280 -8.68 -35.58 14.98
CA ASN D 280 -8.16 -34.22 14.87
C ASN D 280 -8.78 -33.46 13.70
N ALA D 281 -9.89 -33.97 13.17
CA ALA D 281 -10.55 -33.34 12.02
C ALA D 281 -12.01 -33.75 11.92
N PRO D 282 -12.89 -32.76 11.71
CA PRO D 282 -14.29 -33.13 11.52
C PRO D 282 -14.41 -34.02 10.29
N LEU D 283 -15.47 -34.79 10.20
CA LEU D 283 -15.62 -35.74 9.12
C LEU D 283 -15.90 -35.02 7.79
N LYS D 284 -15.06 -35.25 6.78
CA LYS D 284 -15.32 -34.69 5.45
C LYS D 284 -16.46 -35.46 4.76
N TYR D 285 -17.25 -34.77 3.94
CA TYR D 285 -18.39 -35.44 3.29
C TYR D 285 -17.89 -36.54 2.34
N THR D 286 -16.67 -36.42 1.84
CA THR D 286 -16.12 -37.44 0.97
C THR D 286 -15.77 -38.72 1.73
N SER D 287 -15.52 -38.56 3.04
CA SER D 287 -15.35 -39.72 3.91
C SER D 287 -16.70 -40.42 4.14
N ALA D 288 -17.76 -39.66 4.32
CA ALA D 288 -19.11 -40.26 4.39
C ALA D 288 -19.45 -41.02 3.08
N LEU D 289 -19.17 -40.42 1.92
CA LEU D 289 -19.28 -41.08 0.61
C LEU D 289 -18.40 -42.34 0.46
N THR D 290 -17.22 -42.33 1.10
CA THR D 290 -16.32 -43.50 1.10
C THR D 290 -16.97 -44.66 1.89
N HIS D 291 -17.52 -44.33 3.05
CA HIS D 291 -18.33 -45.28 3.80
C HIS D 291 -19.51 -45.78 2.97
N ASP D 292 -20.20 -44.89 2.28
CA ASP D 292 -21.38 -45.29 1.53
C ASP D 292 -21.01 -46.16 0.34
N ALA D 293 -19.80 -45.93 -0.18
CA ALA D 293 -19.31 -46.72 -1.30
C ALA D 293 -19.15 -48.20 -0.89
N ILE D 294 -18.72 -48.43 0.35
CA ILE D 294 -18.58 -49.79 0.87
C ILE D 294 -19.98 -50.45 1.08
N LEU D 295 -20.95 -49.64 1.52
CA LEU D 295 -22.35 -50.10 1.60
C LEU D 295 -22.87 -50.55 0.23
N VAL D 296 -22.56 -49.79 -0.82
CA VAL D 296 -22.99 -50.10 -2.18
C VAL D 296 -22.29 -51.32 -2.77
N ILE D 297 -21.00 -51.47 -2.50
CA ILE D 297 -20.26 -52.63 -2.97
C ILE D 297 -20.75 -53.90 -2.23
N ALA D 298 -20.89 -53.81 -0.91
CA ALA D 298 -21.40 -54.94 -0.15
C ALA D 298 -22.77 -55.37 -0.68
N GLU D 299 -23.69 -54.42 -0.83
CA GLU D 299 -25.02 -54.74 -1.33
C GLU D 299 -25.00 -55.40 -2.71
N ALA D 300 -24.19 -54.88 -3.63
CA ALA D 300 -24.09 -55.44 -4.98
C ALA D 300 -23.63 -56.90 -4.98
N PHE D 301 -22.63 -57.22 -4.16
CA PHE D 301 -22.16 -58.61 -4.12
C PHE D 301 -23.08 -59.55 -3.34
N ARG D 302 -23.78 -59.02 -2.33
CA ARG D 302 -24.81 -59.78 -1.64
C ARG D 302 -25.93 -60.14 -2.62
N TYR D 303 -26.23 -59.22 -3.52
CA TYR D 303 -27.21 -59.45 -4.57
C TYR D 303 -26.71 -60.50 -5.58
N LEU D 304 -25.51 -60.34 -6.11
CA LEU D 304 -24.97 -61.34 -7.05
C LEU D 304 -24.93 -62.77 -6.47
N ARG D 305 -24.67 -62.88 -5.18
CA ARG D 305 -24.65 -64.16 -4.49
C ARG D 305 -26.07 -64.74 -4.44
N ARG D 306 -26.97 -63.97 -3.85
CA ARG D 306 -28.39 -64.28 -3.82
C ARG D 306 -28.87 -64.85 -5.15
N GLN D 307 -28.43 -64.22 -6.24
CA GLN D 307 -28.85 -64.59 -7.58
C GLN D 307 -27.98 -65.69 -8.17
N ARG D 308 -27.10 -66.25 -7.35
CA ARG D 308 -26.29 -67.38 -7.80
C ARG D 308 -25.51 -67.08 -9.10
N VAL D 309 -25.33 -65.79 -9.39
CA VAL D 309 -24.42 -65.36 -10.45
C VAL D 309 -22.98 -65.54 -9.95
N ASP D 310 -22.12 -66.15 -10.76
CA ASP D 310 -20.73 -66.34 -10.33
C ASP D 310 -19.81 -65.26 -10.92
N VAL D 311 -18.57 -65.22 -10.45
CA VAL D 311 -17.59 -64.23 -10.90
C VAL D 311 -16.15 -64.73 -10.59
N SER D 312 -15.34 -64.96 -11.62
CA SER D 312 -14.00 -65.56 -11.41
C SER D 312 -12.80 -64.67 -11.78
N ARG D 313 -12.80 -64.19 -13.03
CA ARG D 313 -11.73 -63.35 -13.61
C ARG D 313 -11.27 -63.95 -14.95
N SER D 316 -5.26 -65.47 -13.11
CA SER D 316 -6.34 -64.94 -13.93
C SER D 316 -6.47 -63.41 -13.78
N ALA D 317 -7.07 -62.79 -14.79
CA ALA D 317 -7.11 -61.33 -14.92
C ALA D 317 -5.98 -60.93 -15.84
N GLY D 318 -4.75 -61.04 -15.35
CA GLY D 318 -3.57 -60.91 -16.18
C GLY D 318 -3.09 -59.51 -16.49
N ASP D 319 -2.72 -59.31 -17.75
CA ASP D 319 -2.04 -58.11 -18.21
C ASP D 319 -3.08 -57.10 -18.67
N CYS D 320 -3.05 -55.89 -18.12
CA CYS D 320 -4.05 -54.88 -18.48
C CYS D 320 -3.93 -54.42 -19.93
N LEU D 321 -2.72 -54.50 -20.48
CA LEU D 321 -2.53 -54.19 -21.90
C LEU D 321 -2.51 -55.43 -22.80
N ALA D 322 -3.00 -56.57 -22.28
CA ALA D 322 -3.12 -57.74 -23.13
C ALA D 322 -3.89 -57.36 -24.38
N ASN D 323 -3.38 -57.73 -25.54
CA ASN D 323 -4.02 -57.40 -26.80
C ASN D 323 -4.26 -58.63 -27.66
N PRO D 324 -5.54 -58.96 -27.88
CA PRO D 324 -6.63 -58.24 -27.20
C PRO D 324 -6.76 -58.81 -25.79
N ALA D 325 -7.34 -58.11 -24.82
CA ALA D 325 -8.14 -56.91 -24.98
C ALA D 325 -9.60 -57.35 -24.84
N VAL D 326 -9.78 -58.56 -24.32
CA VAL D 326 -11.11 -59.10 -24.04
C VAL D 326 -11.45 -59.07 -22.55
N PRO D 327 -12.44 -58.24 -22.18
CA PRO D 327 -12.85 -58.07 -20.78
C PRO D 327 -13.66 -59.27 -20.31
N TRP D 328 -13.61 -59.57 -19.02
CA TRP D 328 -14.37 -60.70 -18.49
C TRP D 328 -15.86 -60.43 -18.58
N SER D 329 -16.62 -61.49 -18.80
CA SER D 329 -18.06 -61.40 -18.96
C SER D 329 -18.80 -61.11 -17.65
N GLN D 330 -18.18 -61.39 -16.51
CA GLN D 330 -18.84 -61.07 -15.25
C GLN D 330 -18.84 -59.56 -15.04
N GLY D 331 -17.92 -58.87 -15.72
CA GLY D 331 -17.76 -57.44 -15.60
C GLY D 331 -19.08 -56.69 -15.67
N ILE D 332 -19.82 -56.94 -16.75
CA ILE D 332 -21.14 -56.37 -16.98
C ILE D 332 -22.09 -56.62 -15.81
N ASP D 333 -22.11 -57.83 -15.27
CA ASP D 333 -23.03 -58.16 -14.17
C ASP D 333 -22.69 -57.42 -12.89
N ILE D 334 -21.40 -57.29 -12.60
CA ILE D 334 -20.97 -56.52 -11.44
C ILE D 334 -21.42 -55.05 -11.57
N GLU D 335 -21.08 -54.43 -12.70
CA GLU D 335 -21.53 -53.06 -12.97
C GLU D 335 -23.04 -52.91 -12.79
N ARG D 336 -23.79 -53.76 -13.48
CA ARG D 336 -25.23 -53.82 -13.32
C ARG D 336 -25.64 -53.97 -11.84
N ALA D 337 -24.95 -54.86 -11.12
CA ALA D 337 -25.29 -55.04 -9.70
C ALA D 337 -25.03 -53.76 -8.90
N LEU D 338 -23.93 -53.09 -9.22
CA LEU D 338 -23.58 -51.83 -8.55
C LEU D 338 -24.58 -50.71 -8.81
N LYS D 339 -25.00 -50.58 -10.07
CA LYS D 339 -25.87 -49.47 -10.48
C LYS D 339 -27.34 -49.66 -10.10
N MET D 340 -27.76 -50.88 -9.80
CA MET D 340 -29.16 -51.10 -9.46
C MET D 340 -29.45 -50.90 -7.97
N VAL D 341 -28.43 -50.81 -7.12
CA VAL D 341 -28.72 -50.77 -5.68
C VAL D 341 -29.59 -49.59 -5.28
N GLN D 342 -30.35 -49.81 -4.23
CA GLN D 342 -31.01 -48.74 -3.51
C GLN D 342 -30.79 -48.96 -2.03
N VAL D 343 -29.84 -48.24 -1.45
CA VAL D 343 -29.55 -48.37 -0.02
C VAL D 343 -29.61 -47.02 0.67
N GLN D 344 -29.82 -47.02 1.98
CA GLN D 344 -29.77 -45.80 2.77
C GLN D 344 -28.41 -45.72 3.42
N GLY D 345 -27.74 -44.58 3.28
CA GLY D 345 -26.41 -44.43 3.84
C GLY D 345 -26.25 -43.10 4.54
N MET D 346 -25.03 -42.74 4.88
CA MET D 346 -24.76 -41.47 5.48
C MET D 346 -25.17 -40.30 4.56
N THR D 347 -25.18 -40.53 3.26
CA THR D 347 -25.57 -39.46 2.35
C THR D 347 -27.01 -39.64 1.85
N GLY D 348 -27.86 -40.19 2.72
CA GLY D 348 -29.27 -40.39 2.41
C GLY D 348 -29.55 -41.55 1.45
N ASN D 349 -30.60 -41.41 0.67
CA ASN D 349 -30.96 -42.44 -0.29
C ASN D 349 -29.95 -42.51 -1.43
N ILE D 350 -29.42 -43.71 -1.67
CA ILE D 350 -28.39 -43.91 -2.67
C ILE D 350 -28.94 -44.76 -3.81
N GLN D 351 -28.99 -44.18 -5.01
CA GLN D 351 -29.42 -44.89 -6.21
C GLN D 351 -28.65 -44.30 -7.36
N PHE D 352 -28.62 -45.02 -8.47
CA PHE D 352 -27.80 -44.68 -9.62
C PHE D 352 -28.58 -44.87 -10.93
N ASP D 353 -28.27 -44.05 -11.95
CA ASP D 353 -28.77 -44.24 -13.30
C ASP D 353 -27.78 -45.03 -14.15
N THR D 354 -28.05 -45.17 -15.45
CA THR D 354 -27.26 -46.04 -16.33
C THR D 354 -25.82 -45.56 -16.53
N TYR D 355 -25.56 -44.30 -16.19
CA TYR D 355 -24.22 -43.74 -16.29
C TYR D 355 -23.50 -43.67 -14.94
N GLY D 356 -24.02 -44.39 -13.96
CA GLY D 356 -23.39 -44.45 -12.64
C GLY D 356 -23.54 -43.17 -11.85
N ARG D 357 -24.50 -42.34 -12.23
CA ARG D 357 -24.71 -41.09 -11.50
C ARG D 357 -25.77 -41.22 -10.44
N ARG D 358 -25.52 -40.63 -9.27
CA ARG D 358 -26.55 -40.58 -8.23
C ARG D 358 -27.85 -40.08 -8.84
N THR D 359 -28.93 -40.78 -8.51
CA THR D 359 -30.26 -40.33 -8.90
C THR D 359 -31.14 -40.43 -7.66
N ASN D 360 -32.19 -39.64 -7.59
CA ASN D 360 -33.07 -39.63 -6.44
C ASN D 360 -32.31 -39.42 -5.15
N TYR D 361 -31.36 -38.48 -5.21
CA TYR D 361 -30.62 -38.03 -4.04
C TYR D 361 -31.24 -36.74 -3.51
N THR D 362 -30.88 -36.38 -2.28
CA THR D 362 -31.37 -35.15 -1.67
C THR D 362 -30.20 -34.25 -1.31
N ILE D 363 -30.28 -32.97 -1.68
CA ILE D 363 -29.31 -31.98 -1.21
C ILE D 363 -29.92 -31.01 -0.18
N ASP D 364 -29.40 -30.97 1.05
CA ASP D 364 -29.92 -30.03 2.06
C ASP D 364 -29.37 -28.64 1.81
N VAL D 365 -30.23 -27.63 1.89
CA VAL D 365 -29.85 -26.25 1.60
C VAL D 365 -29.73 -25.45 2.90
N TYR D 366 -28.58 -24.82 3.12
CA TYR D 366 -28.33 -24.08 4.35
C TYR D 366 -28.24 -22.59 4.12
N GLU D 367 -28.83 -21.83 5.03
CA GLU D 367 -28.78 -20.39 4.97
C GLU D 367 -28.19 -19.79 6.23
N MET D 368 -27.17 -18.97 6.04
CA MET D 368 -26.61 -18.18 7.13
C MET D 368 -26.89 -16.71 6.93
N LYS D 369 -27.54 -16.12 7.92
CA LYS D 369 -27.94 -14.72 7.89
C LYS D 369 -27.59 -14.07 9.24
N VAL D 370 -27.77 -12.77 9.35
CA VAL D 370 -27.47 -12.10 10.60
C VAL D 370 -28.44 -12.58 11.69
N SER D 371 -29.63 -13.04 11.29
CA SER D 371 -30.60 -13.64 12.22
C SER D 371 -30.33 -15.10 12.65
N GLY D 372 -29.27 -15.70 12.10
CA GLY D 372 -28.89 -17.05 12.51
C GLY D 372 -28.65 -18.00 11.34
N SER D 373 -28.41 -19.27 11.68
CA SER D 373 -28.10 -20.30 10.70
C SER D 373 -29.11 -21.41 10.80
N ARG D 374 -29.51 -21.94 9.65
CA ARG D 374 -30.49 -23.01 9.64
C ARG D 374 -30.53 -23.70 8.29
N LYS D 375 -31.01 -24.94 8.30
CA LYS D 375 -31.37 -25.63 7.09
C LYS D 375 -32.62 -24.92 6.55
N ALA D 376 -32.52 -24.36 5.35
CA ALA D 376 -33.56 -23.53 4.78
C ALA D 376 -34.49 -24.35 3.90
N GLY D 377 -34.08 -25.58 3.60
CA GLY D 377 -34.88 -26.46 2.79
C GLY D 377 -34.06 -27.56 2.15
N TYR D 378 -34.66 -28.28 1.21
CA TYR D 378 -33.96 -29.36 0.52
C TYR D 378 -34.21 -29.30 -0.99
N TRP D 379 -33.39 -30.02 -1.75
CA TRP D 379 -33.51 -30.08 -3.21
C TRP D 379 -33.40 -31.54 -3.61
N ASN D 380 -34.33 -32.00 -4.43
CA ASN D 380 -34.17 -33.25 -5.16
C ASN D 380 -34.64 -33.05 -6.59
N GLU D 381 -34.35 -34.02 -7.47
CA GLU D 381 -34.65 -33.93 -8.91
C GLU D 381 -36.14 -33.76 -9.21
N TYR D 382 -36.98 -34.33 -8.37
CA TYR D 382 -38.41 -34.32 -8.62
C TYR D 382 -39.06 -33.00 -8.21
N GLU D 383 -38.93 -32.63 -6.94
CA GLU D 383 -39.60 -31.42 -6.47
C GLU D 383 -38.76 -30.17 -6.53
N ARG D 384 -37.50 -30.31 -6.97
CA ARG D 384 -36.56 -29.19 -7.01
C ARG D 384 -36.46 -28.52 -5.63
N PHE D 385 -36.33 -27.20 -5.57
CA PHE D 385 -36.14 -26.54 -4.27
C PHE D 385 -37.43 -26.37 -3.50
N VAL D 386 -37.45 -26.93 -2.30
CA VAL D 386 -38.58 -26.83 -1.39
C VAL D 386 -38.12 -26.13 -0.10
N PRO D 387 -38.50 -24.87 0.08
CA PRO D 387 -38.11 -24.22 1.33
C PRO D 387 -39.08 -24.58 2.46
N PHE D 388 -38.60 -24.62 3.70
CA PHE D 388 -39.51 -24.71 4.84
C PHE D 388 -39.20 -23.66 5.91
N THR D 404 -33.43 -14.02 23.59
CA THR D 404 -33.55 -12.54 23.46
C THR D 404 -32.94 -11.85 24.68
N ILE D 405 -32.02 -10.91 24.43
CA ILE D 405 -31.41 -10.09 25.48
C ILE D 405 -32.36 -9.02 25.96
N VAL D 406 -32.59 -8.95 27.25
CA VAL D 406 -33.38 -7.87 27.82
C VAL D 406 -32.49 -6.67 28.10
N VAL D 407 -32.75 -5.58 27.38
CA VAL D 407 -31.99 -4.34 27.51
C VAL D 407 -32.76 -3.36 28.38
N THR D 408 -32.21 -2.99 29.52
CA THR D 408 -32.83 -1.95 30.34
C THR D 408 -32.33 -0.59 29.90
N THR D 409 -33.23 0.37 29.81
CA THR D 409 -32.85 1.72 29.45
C THR D 409 -33.81 2.70 30.13
N ILE D 410 -33.69 3.98 29.79
CA ILE D 410 -34.39 5.03 30.52
C ILE D 410 -34.85 6.10 29.53
N LEU D 411 -36.05 6.64 29.76
CA LEU D 411 -36.59 7.70 28.91
C LEU D 411 -35.93 9.02 29.29
N GLU D 412 -35.05 9.49 28.42
CA GLU D 412 -34.23 10.66 28.67
C GLU D 412 -33.78 11.19 27.33
N SER D 413 -34.20 12.39 26.97
CA SER D 413 -33.84 12.95 25.67
C SER D 413 -32.38 13.44 25.65
N PRO D 414 -31.68 13.25 24.52
CA PRO D 414 -32.10 12.61 23.28
C PRO D 414 -31.67 11.14 23.20
N TYR D 415 -31.48 10.46 24.34
CA TYR D 415 -30.98 9.08 24.34
C TYR D 415 -32.08 8.07 23.99
N VAL D 416 -33.22 8.20 24.65
CA VAL D 416 -34.38 7.36 24.38
C VAL D 416 -35.62 8.24 24.53
N MET D 417 -36.43 8.28 23.49
CA MET D 417 -37.64 9.10 23.46
C MET D 417 -38.76 8.29 22.81
N TYR D 418 -40.02 8.59 23.15
CA TYR D 418 -41.15 7.94 22.48
C TYR D 418 -41.25 8.47 21.05
N LYS D 419 -41.31 7.56 20.08
CA LYS D 419 -41.44 7.93 18.67
C LYS D 419 -42.78 8.58 18.38
N LYS D 420 -42.79 9.41 17.34
CA LYS D 420 -44.01 9.87 16.76
C LYS D 420 -44.84 8.64 16.39
N ASN D 421 -46.09 8.62 16.84
CA ASN D 421 -47.04 7.54 16.56
C ASN D 421 -46.70 6.17 17.19
N HIS D 422 -45.96 6.21 18.29
CA HIS D 422 -45.57 5.00 19.05
C HIS D 422 -46.75 4.11 19.44
N GLU D 423 -47.92 4.70 19.70
CA GLU D 423 -49.12 3.92 20.08
C GLU D 423 -49.58 2.93 19.01
N GLN D 424 -49.19 3.17 17.74
CA GLN D 424 -49.49 2.27 16.63
C GLN D 424 -48.30 1.39 16.31
N LEU D 425 -47.23 1.48 17.08
CA LEU D 425 -46.04 0.64 16.90
C LEU D 425 -45.90 -0.32 18.08
N GLU D 426 -45.02 -1.30 17.93
CA GLU D 426 -44.83 -2.33 18.95
C GLU D 426 -43.37 -2.61 19.21
N GLY D 427 -43.07 -3.05 20.44
CA GLY D 427 -41.74 -3.49 20.80
C GLY D 427 -40.71 -2.38 20.64
N ASN D 428 -39.57 -2.73 20.07
CA ASN D 428 -38.44 -1.79 19.94
C ASN D 428 -38.74 -0.58 19.07
N GLU D 429 -39.71 -0.75 18.19
CA GLU D 429 -40.12 0.30 17.26
C GLU D 429 -40.82 1.49 17.91
N ARG D 430 -41.19 1.37 19.18
CA ARG D 430 -41.83 2.47 19.90
C ARG D 430 -40.87 3.61 20.25
N TYR D 431 -39.57 3.34 20.23
CA TYR D 431 -38.58 4.24 20.78
C TYR D 431 -37.61 4.72 19.72
N GLU D 432 -37.04 5.91 19.93
CA GLU D 432 -35.95 6.42 19.11
C GLU D 432 -34.96 7.21 19.94
N GLY D 433 -33.78 7.44 19.38
CA GLY D 433 -32.79 8.27 20.03
C GLY D 433 -31.39 7.69 19.93
N TYR D 434 -30.44 8.39 20.53
CA TYR D 434 -29.03 8.01 20.49
C TYR D 434 -28.80 6.58 21.00
N CYS D 435 -29.38 6.24 22.14
CA CYS D 435 -29.16 4.90 22.73
C CYS D 435 -29.96 3.79 22.03
N VAL D 436 -31.05 4.14 21.37
CA VAL D 436 -31.82 3.19 20.55
C VAL D 436 -31.00 2.78 19.33
N ASP D 437 -30.38 3.77 18.69
CA ASP D 437 -29.43 3.56 17.59
C ASP D 437 -28.20 2.77 18.08
N LEU D 438 -27.67 3.13 19.24
CA LEU D 438 -26.52 2.43 19.80
C LEU D 438 -26.86 0.97 20.11
N ALA D 439 -28.03 0.73 20.70
CA ALA D 439 -28.45 -0.64 21.01
C ALA D 439 -28.49 -1.49 19.74
N TYR D 440 -29.03 -0.96 18.66
CA TYR D 440 -29.09 -1.68 17.39
C TYR D 440 -27.69 -2.02 16.87
N GLU D 441 -26.75 -1.09 16.97
CA GLU D 441 -25.35 -1.31 16.53
C GLU D 441 -24.65 -2.37 17.37
N ILE D 442 -24.80 -2.29 18.71
CA ILE D 442 -24.17 -3.27 19.59
C ILE D 442 -24.74 -4.66 19.32
N ALA D 443 -26.05 -4.75 19.20
CA ALA D 443 -26.72 -6.04 18.97
C ALA D 443 -26.23 -6.68 17.67
N LYS D 444 -26.11 -5.86 16.63
CA LYS D 444 -25.61 -6.30 15.34
C LYS D 444 -24.19 -6.85 15.43
N HIS D 445 -23.31 -6.11 16.09
CA HIS D 445 -21.91 -6.51 16.20
C HIS D 445 -21.70 -7.73 17.09
N VAL D 446 -22.52 -7.87 18.18
CA VAL D 446 -22.39 -9.02 19.07
C VAL D 446 -23.21 -10.18 18.57
N GLY D 447 -24.18 -9.95 17.72
CA GLY D 447 -24.96 -11.02 17.11
C GLY D 447 -26.14 -11.51 17.93
N ILE D 448 -26.85 -10.60 18.67
CA ILE D 448 -27.99 -11.07 19.45
C ILE D 448 -29.24 -10.28 19.12
N LYS D 449 -30.38 -10.98 19.42
CA LYS D 449 -31.71 -10.39 19.40
C LYS D 449 -31.97 -9.75 20.75
N TYR D 450 -32.76 -8.68 20.78
CA TYR D 450 -32.97 -7.93 22.03
C TYR D 450 -34.33 -7.23 22.13
N LYS D 451 -34.71 -6.94 23.37
CA LYS D 451 -35.95 -6.26 23.70
C LYS D 451 -35.63 -5.06 24.60
N LEU D 452 -35.92 -3.85 24.12
CA LEU D 452 -35.76 -2.63 24.92
C LEU D 452 -36.86 -2.56 25.97
N SER D 453 -36.47 -2.45 27.26
CA SER D 453 -37.41 -2.28 28.36
C SER D 453 -37.06 -1.05 29.17
N ILE D 454 -37.99 -0.12 29.27
CA ILE D 454 -37.79 1.10 30.06
C ILE D 454 -37.84 0.76 31.55
N VAL D 455 -36.80 1.16 32.29
CA VAL D 455 -36.72 0.92 33.72
C VAL D 455 -37.96 1.49 34.43
N GLY D 456 -38.56 0.69 35.30
CA GLY D 456 -39.86 1.03 35.88
C GLY D 456 -39.87 2.29 36.74
N ASP D 457 -38.86 2.44 37.60
CA ASP D 457 -38.79 3.58 38.49
C ASP D 457 -38.17 4.86 37.88
N GLY D 458 -37.70 4.78 36.64
CA GLY D 458 -37.13 5.93 35.94
C GLY D 458 -35.83 6.44 36.54
N LYS D 459 -35.06 5.56 37.16
CA LYS D 459 -33.84 5.96 37.86
C LYS D 459 -32.59 5.34 37.24
N TYR D 460 -31.45 5.98 37.46
CA TYR D 460 -30.19 5.52 36.92
C TYR D 460 -29.66 4.37 37.76
N GLY D 461 -29.48 4.61 39.05
CA GLY D 461 -29.08 3.52 39.93
C GLY D 461 -28.23 3.97 41.09
N ALA D 462 -28.80 3.85 42.27
CA ALA D 462 -28.16 4.23 43.52
C ALA D 462 -28.63 3.27 44.61
N ARG D 463 -27.82 3.09 45.66
CA ARG D 463 -28.24 2.27 46.80
C ARG D 463 -29.17 3.07 47.71
N ASP D 464 -30.31 2.48 48.05
CA ASP D 464 -31.22 3.10 49.00
C ASP D 464 -30.48 3.29 50.32
N PRO D 465 -30.61 4.47 50.91
CA PRO D 465 -29.93 4.78 52.16
C PRO D 465 -30.30 3.81 53.28
N GLU D 466 -31.61 3.43 53.37
CA GLU D 466 -32.12 2.62 54.48
C GLU D 466 -31.81 1.16 54.26
N THR D 467 -32.16 0.65 53.09
CA THR D 467 -32.09 -0.80 52.85
C THR D 467 -30.82 -1.24 52.15
N LYS D 468 -30.08 -0.30 51.57
CA LYS D 468 -28.91 -0.56 50.74
C LYS D 468 -29.23 -1.35 49.46
N ILE D 469 -30.51 -1.43 49.11
CA ILE D 469 -30.94 -2.05 47.87
C ILE D 469 -30.78 -1.07 46.70
N TRP D 470 -30.29 -1.59 45.58
CA TRP D 470 -30.11 -0.78 44.38
C TRP D 470 -31.42 -0.51 43.67
N ASN D 471 -31.63 0.73 43.26
CA ASN D 471 -32.76 1.10 42.41
C ASN D 471 -32.34 1.24 40.95
N GLY D 472 -33.27 1.67 40.12
CA GLY D 472 -32.94 2.03 38.73
C GLY D 472 -32.42 0.89 37.87
N MET D 473 -31.67 1.28 36.85
CA MET D 473 -31.13 0.33 35.88
C MET D 473 -30.09 -0.57 36.52
N VAL D 474 -29.28 -0.04 37.43
CA VAL D 474 -28.32 -0.86 38.16
C VAL D 474 -29.07 -1.98 38.92
N GLY D 475 -30.15 -1.62 39.59
CA GLY D 475 -31.03 -2.61 40.24
C GLY D 475 -31.51 -3.72 39.31
N GLU D 476 -31.96 -3.34 38.12
CA GLU D 476 -32.45 -4.32 37.16
C GLU D 476 -31.34 -5.32 36.81
N LEU D 477 -30.09 -4.87 36.76
CA LEU D 477 -28.97 -5.76 36.44
C LEU D 477 -28.58 -6.64 37.64
N VAL D 478 -28.45 -6.04 38.81
CA VAL D 478 -27.90 -6.78 39.97
C VAL D 478 -28.92 -7.78 40.53
N TYR D 479 -30.22 -7.55 40.30
CA TYR D 479 -31.28 -8.46 40.76
C TYR D 479 -31.92 -9.29 39.65
N GLY D 480 -31.20 -9.46 38.54
CA GLY D 480 -31.51 -10.47 37.55
C GLY D 480 -32.69 -10.21 36.62
N ARG D 481 -33.04 -8.92 36.41
CA ARG D 481 -34.22 -8.56 35.62
C ARG D 481 -33.85 -8.18 34.21
N ALA D 482 -32.63 -7.78 33.97
CA ALA D 482 -32.19 -7.36 32.64
C ALA D 482 -30.79 -7.89 32.40
N ASP D 483 -30.44 -8.05 31.13
CA ASP D 483 -29.16 -8.63 30.74
C ASP D 483 -28.09 -7.56 30.49
N ILE D 484 -28.52 -6.33 30.21
CA ILE D 484 -27.61 -5.27 29.81
C ILE D 484 -28.33 -3.92 29.93
N ALA D 485 -27.59 -2.86 30.26
CA ALA D 485 -28.11 -1.50 30.31
C ALA D 485 -27.41 -0.68 29.24
N VAL D 486 -28.18 -0.14 28.31
CA VAL D 486 -27.70 0.79 27.30
C VAL D 486 -28.37 2.14 27.44
N ALA D 487 -27.67 3.04 28.09
CA ALA D 487 -28.25 4.29 28.59
C ALA D 487 -27.09 5.22 28.96
N PRO D 488 -27.39 6.51 29.18
CA PRO D 488 -26.35 7.43 29.66
C PRO D 488 -26.04 7.20 31.15
N LEU D 489 -25.44 6.05 31.44
CA LEU D 489 -25.15 5.61 32.80
C LEU D 489 -23.68 5.87 33.07
N THR D 490 -23.40 6.75 34.02
CA THR D 490 -22.04 7.18 34.30
C THR D 490 -21.24 6.07 34.96
N ILE D 491 -20.02 5.90 34.46
CA ILE D 491 -19.05 4.97 35.04
C ILE D 491 -18.57 5.51 36.40
N THR D 492 -18.98 4.86 37.49
CA THR D 492 -18.62 5.31 38.85
C THR D 492 -18.11 4.15 39.69
N LEU D 493 -17.28 4.47 40.68
CA LEU D 493 -16.73 3.45 41.59
C LEU D 493 -17.82 2.62 42.24
N VAL D 494 -18.82 3.28 42.82
CA VAL D 494 -19.86 2.57 43.56
C VAL D 494 -20.61 1.56 42.68
N ARG D 495 -20.78 1.90 41.40
CA ARG D 495 -21.41 0.99 40.46
C ARG D 495 -20.47 -0.10 39.93
N GLU D 496 -19.20 0.24 39.66
CA GLU D 496 -18.22 -0.73 39.15
C GLU D 496 -17.93 -1.85 40.16
N GLU D 497 -18.22 -1.60 41.43
CA GLU D 497 -18.11 -2.63 42.44
C GLU D 497 -19.14 -3.75 42.30
N VAL D 498 -20.28 -3.47 41.63
CA VAL D 498 -21.40 -4.42 41.54
C VAL D 498 -21.82 -4.84 40.12
N ILE D 499 -21.47 -4.04 39.11
CA ILE D 499 -21.69 -4.40 37.70
C ILE D 499 -20.42 -4.10 36.90
N ASP D 500 -20.34 -4.57 35.66
CA ASP D 500 -19.20 -4.32 34.80
C ASP D 500 -19.59 -3.25 33.76
N PHE D 501 -18.72 -2.27 33.53
CA PHE D 501 -18.95 -1.27 32.48
C PHE D 501 -18.03 -1.52 31.28
N SER D 502 -18.58 -1.33 30.08
CA SER D 502 -17.75 -1.17 28.88
C SER D 502 -16.87 0.08 29.03
N LYS D 503 -15.87 0.22 28.17
CA LYS D 503 -15.18 1.50 28.02
C LYS D 503 -16.21 2.55 27.63
N PRO D 504 -15.94 3.85 27.89
CA PRO D 504 -16.97 4.85 27.63
C PRO D 504 -17.40 4.88 26.16
N PHE D 505 -18.70 4.99 25.92
CA PHE D 505 -19.20 5.23 24.56
C PHE D 505 -19.40 6.72 24.30
N MET D 506 -19.40 7.52 25.38
CA MET D 506 -19.53 8.97 25.32
C MET D 506 -18.73 9.57 26.48
N SER D 507 -17.91 10.58 26.18
CA SER D 507 -17.18 11.29 27.20
C SER D 507 -17.94 12.57 27.51
N LEU D 508 -17.78 13.06 28.72
CA LEU D 508 -18.44 14.28 29.13
C LEU D 508 -17.74 14.83 30.35
N GLY D 509 -18.09 16.06 30.72
CA GLY D 509 -17.49 16.67 31.89
C GLY D 509 -18.36 17.75 32.46
N ILE D 510 -17.96 18.25 33.63
CA ILE D 510 -18.64 19.38 34.23
C ILE D 510 -18.41 20.61 33.35
N SER D 511 -19.46 21.40 33.17
CA SER D 511 -19.43 22.52 32.24
C SER D 511 -20.30 23.65 32.77
N ILE D 512 -20.06 24.85 32.24
CA ILE D 512 -20.76 26.06 32.66
C ILE D 512 -21.88 26.40 31.68
N MET D 513 -23.09 26.58 32.20
CA MET D 513 -24.23 27.07 31.43
C MET D 513 -24.54 28.49 31.84
N ILE D 514 -24.66 29.39 30.86
CA ILE D 514 -25.08 30.77 31.09
C ILE D 514 -26.24 31.15 30.16
N LYS D 515 -27.03 32.15 30.53
CA LYS D 515 -27.94 32.78 29.59
C LYS D 515 -27.06 33.57 28.59
N PRO D 522 -25.83 46.90 28.30
CA PRO D 522 -25.20 48.20 28.53
C PRO D 522 -23.78 48.05 29.07
N GLY D 523 -23.65 48.16 30.38
CA GLY D 523 -22.37 48.10 31.04
C GLY D 523 -21.52 49.32 30.73
N VAL D 524 -21.49 50.26 31.67
CA VAL D 524 -20.69 51.47 31.52
C VAL D 524 -19.21 51.09 31.38
N PHE D 525 -18.90 49.82 31.57
CA PHE D 525 -17.53 49.33 31.48
C PHE D 525 -17.05 49.17 30.04
N SER D 526 -17.89 49.54 29.08
CA SER D 526 -17.50 49.54 27.68
C SER D 526 -16.95 50.90 27.31
N PHE D 527 -16.94 51.81 28.29
CA PHE D 527 -16.43 53.16 28.11
C PHE D 527 -15.08 53.28 28.80
N LEU D 528 -14.87 52.47 29.83
CA LEU D 528 -13.61 52.47 30.57
C LEU D 528 -12.60 51.54 29.91
N ASP D 529 -13.06 50.77 28.94
CA ASP D 529 -12.20 49.82 28.22
C ASP D 529 -11.36 50.50 27.15
N PRO D 530 -12.00 51.26 26.24
CA PRO D 530 -11.27 51.94 25.18
C PRO D 530 -10.03 52.61 25.74
N LEU D 531 -10.22 53.54 26.66
CA LEU D 531 -9.08 54.13 27.33
C LEU D 531 -8.92 53.43 28.67
N ALA D 532 -7.79 52.75 28.80
CA ALA D 532 -7.46 51.89 29.94
C ALA D 532 -7.52 52.68 31.23
N TYR D 533 -7.87 52.01 32.31
CA TYR D 533 -7.91 52.65 33.62
C TYR D 533 -6.56 53.26 33.97
N GLU D 534 -5.50 52.59 33.54
CA GLU D 534 -4.14 53.04 33.81
C GLU D 534 -3.87 54.35 33.07
N ILE D 535 -4.47 54.48 31.89
CA ILE D 535 -4.28 55.67 31.07
C ILE D 535 -5.10 56.85 31.59
N TRP D 536 -6.33 56.59 32.03
CA TRP D 536 -7.15 57.63 32.64
C TRP D 536 -6.44 58.21 33.84
N MET D 537 -5.70 57.36 34.55
CA MET D 537 -4.98 57.78 35.74
C MET D 537 -3.84 58.73 35.38
N CYS D 538 -2.95 58.27 34.52
CA CYS D 538 -1.78 59.07 34.14
C CYS D 538 -2.18 60.39 33.49
N ILE D 539 -3.24 60.37 32.70
CA ILE D 539 -3.71 61.60 32.06
C ILE D 539 -4.23 62.59 33.11
N VAL D 540 -4.59 62.07 34.28
CA VAL D 540 -5.02 62.90 35.39
C VAL D 540 -3.82 63.37 36.23
N PHE D 541 -2.83 62.49 36.36
CA PHE D 541 -1.61 62.84 37.08
C PHE D 541 -0.84 63.93 36.32
N ALA D 542 -0.76 63.78 35.00
CA ALA D 542 -0.12 64.78 34.17
C ALA D 542 -0.99 66.04 34.11
N TYR D 543 -2.29 65.84 34.31
CA TYR D 543 -3.25 66.94 34.33
C TYR D 543 -2.91 67.91 35.45
N ILE D 544 -2.81 67.39 36.67
CA ILE D 544 -2.42 68.20 37.82
C ILE D 544 -0.93 68.49 37.76
N GLY D 545 -0.21 67.71 36.97
CA GLY D 545 1.22 67.90 36.80
C GLY D 545 1.53 69.13 35.96
N VAL D 546 0.53 69.59 35.21
CA VAL D 546 0.68 70.78 34.40
C VAL D 546 0.10 71.99 35.12
N SER D 547 -0.99 71.78 35.84
CA SER D 547 -1.63 72.85 36.60
C SER D 547 -0.75 73.28 37.78
N VAL D 548 0.23 72.45 38.11
CA VAL D 548 1.16 72.77 39.18
C VAL D 548 2.40 73.46 38.62
N VAL D 549 2.77 73.10 37.40
CA VAL D 549 3.89 73.73 36.71
C VAL D 549 3.52 75.16 36.33
N LEU D 550 2.30 75.34 35.85
CA LEU D 550 1.77 76.65 35.52
C LEU D 550 1.62 77.48 36.79
N PHE D 551 1.28 76.80 37.88
CA PHE D 551 1.09 77.45 39.17
C PHE D 551 2.39 78.09 39.67
N LEU D 552 3.52 77.54 39.23
CA LEU D 552 4.83 78.06 39.63
C LEU D 552 5.25 79.23 38.74
N VAL D 553 4.53 79.43 37.65
CA VAL D 553 4.85 80.50 36.71
C VAL D 553 4.40 81.86 37.23
N SER D 554 3.14 81.95 37.66
CA SER D 554 2.59 83.19 38.19
C SER D 554 3.30 83.61 39.47
N PRO D 605 -0.35 86.51 28.64
CA PRO D 605 0.02 86.81 27.26
C PRO D 605 1.10 85.86 26.73
N ARG D 606 2.12 86.42 26.09
CA ARG D 606 3.17 85.61 25.49
C ARG D 606 4.31 85.30 26.46
N SER D 607 3.98 84.63 27.56
CA SER D 607 4.99 84.16 28.49
C SER D 607 5.59 82.85 27.97
N LEU D 608 6.61 82.97 27.13
CA LEU D 608 7.21 81.83 26.44
C LEU D 608 7.33 80.58 27.31
N SER D 609 7.72 80.75 28.56
CA SER D 609 7.85 79.64 29.49
C SER D 609 6.59 78.77 29.51
N GLY D 610 5.55 79.27 30.17
CA GLY D 610 4.30 78.54 30.27
C GLY D 610 3.55 78.46 28.96
N ARG D 611 4.04 79.19 27.95
CA ARG D 611 3.42 79.21 26.64
C ARG D 611 3.57 77.87 25.94
N ILE D 612 4.80 77.36 25.87
CA ILE D 612 5.06 76.08 25.24
C ILE D 612 4.44 74.94 26.03
N VAL D 613 4.20 75.18 27.32
CA VAL D 613 3.53 74.20 28.17
C VAL D 613 2.10 73.99 27.70
N GLY D 614 1.40 75.09 27.43
CA GLY D 614 0.03 75.02 26.94
C GLY D 614 -0.05 74.40 25.56
N GLY D 615 0.99 74.64 24.75
CA GLY D 615 1.05 74.09 23.42
C GLY D 615 1.32 72.60 23.41
N VAL D 616 2.32 72.19 24.19
CA VAL D 616 2.69 70.78 24.29
C VAL D 616 1.56 69.97 24.95
N TRP D 617 0.94 70.54 25.97
CA TRP D 617 -0.18 69.89 26.64
C TRP D 617 -1.35 69.73 25.69
N TRP D 618 -1.52 70.70 24.80
CA TRP D 618 -2.58 70.65 23.80
C TRP D 618 -2.31 69.56 22.78
N PHE D 619 -1.06 69.46 22.34
CA PHE D 619 -0.66 68.42 21.40
C PHE D 619 -0.79 67.05 22.05
N PHE D 620 -0.57 67.00 23.37
CA PHE D 620 -0.68 65.77 24.13
C PHE D 620 -2.13 65.28 24.18
N THR D 621 -3.03 66.16 24.57
CA THR D 621 -4.46 65.81 24.65
C THR D 621 -5.03 65.54 23.27
N LEU D 622 -4.48 66.20 22.26
CA LEU D 622 -4.92 65.99 20.88
C LEU D 622 -4.71 64.54 20.47
N ILE D 623 -3.52 64.03 20.76
CA ILE D 623 -3.18 62.65 20.43
C ILE D 623 -4.09 61.67 21.18
N ILE D 624 -4.29 61.92 22.46
CA ILE D 624 -5.12 61.05 23.29
C ILE D 624 -6.56 60.95 22.80
N ILE D 625 -7.20 62.11 22.61
CA ILE D 625 -8.59 62.14 22.14
C ILE D 625 -8.71 61.53 20.75
N SER D 626 -7.64 61.65 19.96
CA SER D 626 -7.61 61.04 18.63
C SER D 626 -7.52 59.53 18.77
N SER D 627 -6.70 59.07 19.72
CA SER D 627 -6.56 57.65 19.99
C SER D 627 -7.86 57.05 20.49
N TYR D 628 -8.49 57.75 21.44
CA TYR D 628 -9.77 57.29 21.98
C TYR D 628 -10.82 57.15 20.87
N THR D 629 -10.88 58.15 19.99
CA THR D 629 -11.83 58.14 18.90
C THR D 629 -11.57 56.99 17.93
N ALA D 630 -10.32 56.85 17.51
CA ALA D 630 -9.93 55.78 16.59
C ALA D 630 -10.22 54.41 17.18
N ASN D 631 -9.77 54.20 18.42
CA ASN D 631 -9.98 52.92 19.10
C ASN D 631 -11.44 52.59 19.27
N LEU D 632 -12.24 53.58 19.62
CA LEU D 632 -13.68 53.39 19.81
C LEU D 632 -14.35 52.99 18.51
N ALA D 633 -13.77 53.41 17.39
CA ALA D 633 -14.31 53.09 16.07
C ALA D 633 -14.06 51.64 15.71
N ALA D 634 -12.84 51.20 15.95
CA ALA D 634 -12.51 49.79 15.87
C ALA D 634 -13.54 49.00 16.67
N PHE D 635 -13.80 49.42 17.90
CA PHE D 635 -14.74 48.73 18.77
C PHE D 635 -16.13 48.66 18.15
N LEU D 636 -16.53 49.74 17.49
CA LEU D 636 -17.86 49.83 16.90
C LEU D 636 -17.96 49.11 15.57
N THR D 637 -16.82 48.68 15.05
CA THR D 637 -16.78 47.94 13.79
C THR D 637 -16.84 46.44 14.01
N VAL D 638 -15.82 45.91 14.70
CA VAL D 638 -15.77 44.48 14.99
C VAL D 638 -16.77 44.10 16.07
N GLU D 639 -16.64 44.72 17.23
CA GLU D 639 -17.57 44.50 18.34
C GLU D 639 -17.70 43.04 18.74
N ARG D 640 -16.59 42.43 19.14
CA ARG D 640 -16.60 41.06 19.64
C ARG D 640 -16.87 41.04 21.14
N MET D 641 -17.71 40.12 21.57
CA MET D 641 -18.12 40.05 22.97
C MET D 641 -17.11 39.31 23.85
N PRO D 644 -21.78 38.08 30.76
CA PRO D 644 -20.37 38.37 30.52
C PRO D 644 -19.42 37.42 31.24
N ILE D 645 -19.47 36.14 30.89
CA ILE D 645 -18.65 35.10 31.50
C ILE D 645 -18.19 34.14 30.39
N GLU D 646 -16.89 33.89 30.30
CA GLU D 646 -16.34 33.01 29.26
C GLU D 646 -15.53 31.81 29.79
N SER D 647 -15.31 31.74 31.10
CA SER D 647 -14.47 30.69 31.67
C SER D 647 -14.77 30.47 33.13
N ALA D 648 -14.35 29.33 33.67
CA ALA D 648 -14.43 29.08 35.10
C ALA D 648 -13.57 30.11 35.85
N GLU D 649 -12.42 30.44 35.27
CA GLU D 649 -11.54 31.46 35.84
C GLU D 649 -12.30 32.77 36.04
N ASP D 650 -12.96 33.26 34.99
CA ASP D 650 -13.82 34.44 35.11
C ASP D 650 -14.81 34.33 36.25
N LEU D 651 -15.59 33.24 36.28
CA LEU D 651 -16.58 33.05 37.36
C LEU D 651 -15.93 33.15 38.74
N ALA D 652 -14.76 32.49 38.90
CA ALA D 652 -14.12 32.37 40.21
C ALA D 652 -13.71 33.72 40.74
N LYS D 653 -13.39 34.67 39.87
CA LYS D 653 -12.83 35.95 40.30
C LYS D 653 -13.88 36.98 40.72
N GLN D 654 -15.17 36.63 40.60
CA GLN D 654 -16.23 37.61 40.83
C GLN D 654 -17.37 36.99 41.64
N THR D 655 -18.27 37.85 42.11
CA THR D 655 -19.44 37.38 42.86
C THR D 655 -20.78 37.98 42.39
N GLU D 656 -20.77 38.93 41.47
CA GLU D 656 -22.02 39.53 41.01
C GLU D 656 -22.89 38.52 40.27
N ILE D 657 -22.26 37.63 39.53
CA ILE D 657 -22.95 36.52 38.90
C ILE D 657 -22.75 35.31 39.80
N ALA D 658 -23.83 34.87 40.44
CA ALA D 658 -23.78 33.70 41.30
C ALA D 658 -23.74 32.46 40.44
N TYR D 659 -23.28 31.36 41.02
CA TYR D 659 -23.18 30.10 40.30
C TYR D 659 -23.20 28.91 41.26
N GLY D 660 -23.81 27.82 40.81
CA GLY D 660 -23.95 26.66 41.65
C GLY D 660 -24.25 25.38 40.88
N THR D 661 -24.66 24.36 41.64
CA THR D 661 -24.82 23.00 41.14
C THR D 661 -26.06 22.38 41.76
N LEU D 662 -26.40 21.17 41.31
CA LEU D 662 -27.34 20.31 42.03
C LEU D 662 -26.88 20.19 43.48
N ASP D 663 -27.82 20.14 44.41
CA ASP D 663 -27.51 20.14 45.85
C ASP D 663 -26.91 18.83 46.36
N SER D 664 -26.97 17.78 45.55
CA SER D 664 -26.24 16.55 45.86
C SER D 664 -25.79 15.92 44.56
N GLY D 665 -24.86 14.98 44.66
CA GLY D 665 -24.38 14.28 43.49
C GLY D 665 -22.98 14.70 43.12
N SER D 666 -22.51 14.11 42.02
CA SER D 666 -21.09 14.15 41.63
C SER D 666 -20.53 15.53 41.32
N THR D 667 -21.37 16.43 40.82
CA THR D 667 -20.87 17.76 40.43
C THR D 667 -20.46 18.55 41.67
N LYS D 668 -21.31 18.57 42.68
CA LYS D 668 -20.99 19.18 43.96
C LYS D 668 -19.75 18.54 44.58
N GLU D 669 -19.72 17.20 44.59
CA GLU D 669 -18.57 16.46 45.13
C GLU D 669 -17.25 16.76 44.43
N PHE D 670 -17.27 16.98 43.11
CA PHE D 670 -16.06 17.36 42.37
C PHE D 670 -15.42 18.61 42.99
N PHE D 671 -16.24 19.63 43.19
CA PHE D 671 -15.76 20.89 43.75
C PHE D 671 -15.32 20.72 45.19
N ARG D 672 -16.10 19.99 45.97
CA ARG D 672 -15.74 19.76 47.38
C ARG D 672 -14.37 19.08 47.51
N ARG D 673 -14.06 18.17 46.59
CA ARG D 673 -12.84 17.37 46.68
C ARG D 673 -11.62 17.94 45.97
N SER D 674 -11.84 18.93 45.10
CA SER D 674 -10.76 19.38 44.20
C SER D 674 -9.65 20.09 44.95
N LYS D 675 -8.42 19.78 44.55
CA LYS D 675 -7.21 20.44 45.03
C LYS D 675 -6.68 21.43 43.99
N ILE D 676 -7.42 21.63 42.90
CA ILE D 676 -7.01 22.58 41.88
C ILE D 676 -7.46 23.96 42.35
N ALA D 677 -6.55 24.95 42.26
CA ALA D 677 -6.78 26.26 42.88
C ALA D 677 -8.09 26.89 42.45
N VAL D 678 -8.37 26.92 41.15
CA VAL D 678 -9.57 27.60 40.65
C VAL D 678 -10.84 26.94 41.18
N TYR D 679 -10.86 25.57 41.21
CA TYR D 679 -12.07 24.88 41.65
C TYR D 679 -12.19 24.92 43.15
N GLU D 680 -11.06 24.95 43.87
CA GLU D 680 -11.15 25.12 45.32
C GLU D 680 -11.71 26.48 45.66
N LYS D 681 -11.33 27.52 44.91
CA LYS D 681 -11.88 28.88 45.11
C LYS D 681 -13.37 28.91 44.85
N MET D 682 -13.78 28.26 43.76
CA MET D 682 -15.20 28.11 43.43
C MET D 682 -15.98 27.39 44.53
N TRP D 683 -15.43 26.31 45.08
CA TRP D 683 -16.10 25.56 46.14
C TRP D 683 -16.27 26.40 47.41
N SER D 684 -15.20 27.16 47.77
CA SER D 684 -15.24 28.03 48.94
C SER D 684 -16.37 29.04 48.83
N TYR D 685 -16.53 29.64 47.65
CA TYR D 685 -17.65 30.55 47.38
C TYR D 685 -19.01 29.85 47.45
N MET D 686 -19.18 28.78 46.66
CA MET D 686 -20.48 28.14 46.53
C MET D 686 -21.03 27.63 47.86
N LYS D 687 -20.15 27.01 48.71
CA LYS D 687 -20.67 26.40 49.93
C LYS D 687 -21.14 27.44 50.91
N SER D 688 -20.66 28.66 50.85
CA SER D 688 -21.05 29.73 51.78
C SER D 688 -22.07 30.74 51.23
N ALA D 689 -22.35 30.68 49.93
CA ALA D 689 -23.19 31.70 49.28
C ALA D 689 -24.63 31.71 49.80
N GLU D 690 -25.19 32.91 49.91
CA GLU D 690 -26.53 33.13 50.40
C GLU D 690 -27.15 34.18 49.48
N PRO D 691 -28.36 33.95 48.96
CA PRO D 691 -29.16 32.74 49.11
C PRO D 691 -28.47 31.54 48.48
N SER D 692 -28.90 30.34 48.83
CA SER D 692 -28.24 29.12 48.35
C SER D 692 -28.12 29.12 46.83
N VAL D 693 -26.94 28.75 46.34
CA VAL D 693 -26.73 28.60 44.89
C VAL D 693 -27.03 27.17 44.41
N PHE D 694 -27.46 26.29 45.31
CA PHE D 694 -27.74 24.90 44.96
C PHE D 694 -29.20 24.73 44.60
N THR D 695 -29.48 23.79 43.65
CA THR D 695 -30.84 23.51 43.22
C THR D 695 -31.15 22.03 43.37
N LYS D 696 -32.48 21.68 43.30
CA LYS D 696 -32.90 20.31 43.55
C LYS D 696 -32.89 19.49 42.27
N THR D 697 -33.11 20.12 41.13
CA THR D 697 -33.23 19.44 39.85
C THR D 697 -32.57 20.24 38.73
N THR D 698 -32.20 19.56 37.66
CA THR D 698 -31.68 20.22 36.47
C THR D 698 -32.64 21.30 35.96
N ALA D 699 -33.92 20.96 35.88
CA ALA D 699 -34.96 21.93 35.45
C ALA D 699 -34.92 23.21 36.27
N ASP D 700 -34.76 23.09 37.61
CA ASP D 700 -34.66 24.24 38.50
C ASP D 700 -33.44 25.07 38.18
N GLY D 701 -32.31 24.39 38.01
CA GLY D 701 -31.06 25.07 37.66
C GLY D 701 -31.14 25.85 36.35
N VAL D 702 -31.69 25.20 35.32
CA VAL D 702 -31.83 25.79 33.99
C VAL D 702 -32.83 26.96 34.01
N ALA D 703 -33.95 26.78 34.69
CA ALA D 703 -34.91 27.87 34.89
C ALA D 703 -34.26 29.07 35.57
N ARG D 704 -33.45 28.77 36.60
CA ARG D 704 -32.76 29.83 37.34
C ARG D 704 -31.80 30.63 36.44
N VAL D 705 -31.08 29.94 35.55
CA VAL D 705 -30.26 30.61 34.56
C VAL D 705 -31.10 31.53 33.68
N ARG D 706 -32.26 31.03 33.26
CA ARG D 706 -33.08 31.75 32.28
C ARG D 706 -33.79 32.98 32.86
N LYS D 707 -34.13 32.95 34.14
CA LYS D 707 -35.01 33.96 34.71
C LYS D 707 -34.37 34.89 35.76
N SER D 708 -33.06 34.77 36.00
CA SER D 708 -32.42 35.56 37.06
C SER D 708 -31.62 36.77 36.53
N LYS D 709 -32.03 37.31 35.40
CA LYS D 709 -31.45 38.54 34.87
C LYS D 709 -29.93 38.47 34.78
N GLY D 710 -29.42 37.34 34.29
CA GLY D 710 -27.99 37.16 34.07
C GLY D 710 -27.17 37.06 35.34
N LYS D 711 -27.83 36.82 36.47
CA LYS D 711 -27.13 36.76 37.75
C LYS D 711 -26.92 35.32 38.23
N PHE D 712 -27.14 34.30 37.36
CA PHE D 712 -26.85 32.92 37.76
C PHE D 712 -26.30 32.12 36.60
N ALA D 713 -25.21 31.39 36.89
CA ALA D 713 -24.66 30.40 35.98
C ALA D 713 -24.81 29.04 36.64
N PHE D 714 -25.08 28.01 35.84
CA PHE D 714 -25.33 26.66 36.37
C PHE D 714 -24.27 25.70 35.90
N LEU D 715 -23.75 24.91 36.81
CA LEU D 715 -22.70 23.95 36.50
C LEU D 715 -23.31 22.56 36.39
N LEU D 716 -23.16 21.94 35.23
CA LEU D 716 -23.75 20.63 34.95
C LEU D 716 -22.99 19.87 33.88
N GLU D 717 -23.41 18.64 33.66
CA GLU D 717 -22.79 17.78 32.66
C GLU D 717 -22.88 18.35 31.24
N SER D 718 -21.78 18.24 30.51
CA SER D 718 -21.64 18.88 29.21
C SER D 718 -22.67 18.41 28.18
N THR D 719 -23.01 17.13 28.23
CA THR D 719 -23.98 16.53 27.30
C THR D 719 -25.35 17.19 27.39
N MET D 720 -25.82 17.35 28.62
CA MET D 720 -27.09 18.01 28.88
C MET D 720 -27.00 19.50 28.52
N ASN D 721 -25.91 20.17 28.91
CA ASN D 721 -25.67 21.59 28.58
C ASN D 721 -25.73 21.81 27.05
N GLU D 722 -24.99 20.96 26.32
CA GLU D 722 -24.98 20.98 24.85
C GLU D 722 -26.33 20.71 24.24
N TYR D 723 -27.08 19.79 24.81
CA TYR D 723 -28.42 19.47 24.32
C TYR D 723 -29.38 20.66 24.47
N ILE D 724 -29.38 21.27 25.65
CA ILE D 724 -30.25 22.40 25.94
C ILE D 724 -29.91 23.63 25.08
N GLU D 725 -28.61 23.82 24.81
CA GLU D 725 -28.12 24.85 23.89
C GLU D 725 -28.71 24.70 22.48
N GLN D 726 -29.05 23.48 22.07
CA GLN D 726 -29.63 23.22 20.75
C GLN D 726 -31.17 23.05 20.75
N ARG D 727 -31.84 23.38 21.86
CA ARG D 727 -33.31 23.39 21.89
C ARG D 727 -33.83 24.81 22.09
N LYS D 728 -35.04 25.05 21.57
CA LYS D 728 -35.77 26.26 21.89
C LYS D 728 -35.94 26.38 23.40
N PRO D 729 -35.90 27.61 23.96
CA PRO D 729 -35.85 28.92 23.32
C PRO D 729 -34.46 29.45 22.89
N CYS D 730 -33.46 28.59 22.79
CA CYS D 730 -32.14 28.99 22.23
C CYS D 730 -31.55 30.19 22.94
N ASP D 731 -31.63 30.20 24.27
CA ASP D 731 -31.17 31.34 25.05
C ASP D 731 -30.06 31.02 26.05
N THR D 732 -29.58 29.77 26.03
CA THR D 732 -28.47 29.37 26.89
C THR D 732 -27.31 28.91 26.03
N MET D 733 -26.14 28.80 26.64
CA MET D 733 -25.00 28.23 25.96
C MET D 733 -23.96 27.73 26.94
N LYS D 734 -23.15 26.79 26.45
CA LYS D 734 -22.04 26.26 27.19
C LYS D 734 -20.84 27.19 26.99
N VAL D 735 -20.16 27.53 28.08
CA VAL D 735 -18.94 28.34 27.98
C VAL D 735 -17.76 27.64 28.64
N GLY D 736 -16.58 27.82 28.05
CA GLY D 736 -15.37 27.20 28.53
C GLY D 736 -15.34 25.75 28.08
N GLY D 737 -14.23 25.08 28.35
CA GLY D 737 -14.15 23.66 28.08
C GLY D 737 -14.78 22.92 29.22
N ASN D 738 -14.68 21.60 29.18
CA ASN D 738 -15.10 20.78 30.30
C ASN D 738 -14.09 20.95 31.43
N LEU D 739 -14.59 20.91 32.66
CA LEU D 739 -13.78 21.10 33.86
C LEU D 739 -13.19 19.78 34.40
N ASP D 740 -13.78 18.67 33.98
CA ASP D 740 -13.27 17.35 34.33
C ASP D 740 -13.68 16.38 33.23
N SER D 741 -13.42 15.09 33.44
CA SER D 741 -13.72 14.08 32.45
C SER D 741 -14.35 12.89 33.15
N LYS D 742 -15.46 12.43 32.61
CA LYS D 742 -16.04 11.15 32.99
C LYS D 742 -16.70 10.55 31.73
N GLY D 743 -17.26 9.35 31.87
CA GLY D 743 -17.83 8.66 30.72
C GLY D 743 -19.12 7.92 31.03
N TYR D 744 -19.95 7.80 30.00
CA TYR D 744 -21.08 6.87 30.03
C TYR D 744 -20.61 5.54 29.46
N GLY D 745 -21.04 4.44 30.09
CA GLY D 745 -20.69 3.10 29.63
C GLY D 745 -21.91 2.18 29.57
N VAL D 746 -21.78 1.13 28.74
CA VAL D 746 -22.74 0.02 28.78
C VAL D 746 -22.44 -0.92 29.93
N ALA D 747 -23.46 -1.29 30.67
CA ALA D 747 -23.29 -2.07 31.88
C ALA D 747 -23.86 -3.48 31.70
N THR D 748 -23.12 -4.46 32.19
CA THR D 748 -23.56 -5.85 32.21
C THR D 748 -23.42 -6.41 33.63
N PRO D 749 -24.30 -7.36 34.00
CA PRO D 749 -24.17 -7.99 35.31
C PRO D 749 -22.88 -8.79 35.40
N LYS D 750 -22.31 -8.89 36.60
CA LYS D 750 -21.14 -9.70 36.82
C LYS D 750 -21.38 -11.12 36.32
N GLY D 751 -20.39 -11.65 35.60
CA GLY D 751 -20.47 -12.98 35.03
C GLY D 751 -21.15 -13.12 33.68
N SER D 752 -21.64 -12.01 33.12
CA SER D 752 -22.30 -12.01 31.81
C SER D 752 -21.37 -12.51 30.71
N ALA D 753 -21.87 -13.39 29.81
CA ALA D 753 -21.08 -13.82 28.66
C ALA D 753 -20.99 -12.72 27.63
N LEU D 754 -21.74 -11.64 27.78
CA LEU D 754 -21.73 -10.50 26.85
C LEU D 754 -20.61 -9.48 27.10
N GLY D 755 -19.98 -9.56 28.27
CA GLY D 755 -19.07 -8.51 28.72
C GLY D 755 -18.01 -8.16 27.67
N THR D 756 -17.25 -9.16 27.24
CA THR D 756 -16.14 -8.93 26.32
C THR D 756 -16.60 -8.37 24.98
N PRO D 757 -17.58 -9.03 24.36
CA PRO D 757 -18.05 -8.64 23.03
C PRO D 757 -18.59 -7.20 23.04
N VAL D 758 -19.34 -6.87 24.09
CA VAL D 758 -19.89 -5.52 24.23
C VAL D 758 -18.78 -4.46 24.31
N ASN D 759 -17.75 -4.74 25.11
CA ASN D 759 -16.62 -3.82 25.25
C ASN D 759 -15.89 -3.58 23.91
N LEU D 760 -15.61 -4.67 23.20
CA LEU D 760 -14.94 -4.57 21.91
C LEU D 760 -15.81 -3.85 20.87
N ALA D 761 -17.12 -4.06 20.94
CA ALA D 761 -18.07 -3.38 20.05
C ALA D 761 -18.00 -1.88 20.25
N VAL D 762 -17.98 -1.44 21.51
CA VAL D 762 -17.92 -0.03 21.81
C VAL D 762 -16.63 0.61 21.28
N LEU D 763 -15.50 -0.06 21.49
CA LEU D 763 -14.22 0.46 21.01
C LEU D 763 -14.18 0.52 19.48
N LYS D 764 -14.79 -0.48 18.82
CA LYS D 764 -14.85 -0.49 17.35
C LYS D 764 -15.68 0.69 16.82
N LEU D 765 -16.87 0.88 17.37
CA LEU D 765 -17.76 1.97 16.95
C LEU D 765 -17.12 3.34 17.17
N SER D 766 -16.42 3.48 18.29
CA SER D 766 -15.67 4.69 18.57
C SER D 766 -14.59 4.94 17.50
N GLU D 767 -13.74 3.95 17.28
CA GLU D 767 -12.61 4.10 16.35
C GLU D 767 -13.03 4.25 14.88
N GLN D 768 -14.20 3.72 14.55
CA GLN D 768 -14.75 3.88 13.20
C GLN D 768 -15.43 5.23 12.98
N GLY D 769 -15.63 6.01 14.04
CA GLY D 769 -16.23 7.33 13.92
C GLY D 769 -17.75 7.34 13.98
N ILE D 770 -18.36 6.17 14.23
CA ILE D 770 -19.81 6.00 14.29
C ILE D 770 -20.38 6.73 15.48
N LEU D 771 -19.76 6.65 16.64
CA LEU D 771 -20.31 7.31 17.84
C LEU D 771 -20.28 8.84 17.71
N ASP D 772 -19.22 9.41 17.11
CA ASP D 772 -19.17 10.86 16.86
C ASP D 772 -20.32 11.29 15.97
N LYS D 773 -20.54 10.52 14.91
CA LYS D 773 -21.59 10.82 13.93
C LYS D 773 -22.95 10.74 14.60
N LEU D 774 -23.13 9.73 15.44
CA LEU D 774 -24.38 9.52 16.15
C LEU D 774 -24.67 10.68 17.12
N LYS D 775 -23.65 11.14 17.82
CA LYS D 775 -23.82 12.31 18.70
C LYS D 775 -24.22 13.54 17.88
N ASN D 776 -23.54 13.74 16.76
CA ASN D 776 -23.85 14.87 15.89
C ASN D 776 -25.31 14.82 15.40
N LYS D 777 -25.76 13.62 15.07
CA LYS D 777 -27.13 13.41 14.62
C LYS D 777 -28.14 13.91 15.66
N TRP D 778 -28.03 13.39 16.88
CA TRP D 778 -29.08 13.61 17.88
C TRP D 778 -29.00 14.96 18.59
N TRP D 779 -27.81 15.55 18.63
CA TRP D 779 -27.61 16.88 19.24
C TRP D 779 -27.76 18.02 18.24
N TYR D 780 -27.14 17.88 17.07
CA TYR D 780 -27.02 18.99 16.09
C TYR D 780 -27.90 18.84 14.85
N ASP D 781 -27.88 17.68 14.19
CA ASP D 781 -28.79 17.46 13.06
C ASP D 781 -30.26 17.63 13.45
N LYS D 782 -30.61 17.17 14.65
CA LYS D 782 -31.98 17.32 15.16
C LYS D 782 -32.16 18.59 15.99
N GLY D 783 -31.16 19.45 16.02
CA GLY D 783 -31.18 20.69 16.83
C GLY D 783 -32.18 21.71 16.31
N GLU D 784 -32.45 22.73 17.13
CA GLU D 784 -33.48 23.74 16.84
C GLU D 784 -32.92 25.16 16.77
N CYS D 785 -31.63 25.32 17.01
CA CYS D 785 -31.04 26.66 17.14
C CYS D 785 -29.99 26.90 16.07
N LYS D 795 -23.02 42.43 9.20
CA LYS D 795 -24.04 43.38 8.80
C LYS D 795 -25.02 43.66 9.93
N THR D 796 -24.51 44.26 11.00
CA THR D 796 -25.34 44.61 12.15
C THR D 796 -24.71 45.76 12.93
N SER D 797 -25.35 46.93 12.89
CA SER D 797 -24.82 48.10 13.58
C SER D 797 -25.91 49.12 13.89
N ALA D 798 -26.02 49.48 15.16
CA ALA D 798 -26.98 50.48 15.61
C ALA D 798 -26.60 50.95 17.02
N LEU D 799 -26.22 52.21 17.13
CA LEU D 799 -25.68 52.72 18.39
C LEU D 799 -26.69 52.66 19.55
N SER D 800 -26.15 52.61 20.77
CA SER D 800 -26.93 52.47 21.99
C SER D 800 -26.77 53.70 22.87
N LEU D 801 -27.57 53.75 23.95
CA LEU D 801 -27.52 54.86 24.90
C LEU D 801 -26.65 54.51 26.10
N SER D 802 -26.49 53.22 26.34
CA SER D 802 -25.73 52.72 27.49
C SER D 802 -24.42 53.45 27.71
N ASN D 803 -23.50 53.32 26.76
CA ASN D 803 -22.18 53.95 26.86
C ASN D 803 -22.28 55.46 27.07
N VAL D 804 -23.10 56.11 26.26
CA VAL D 804 -23.28 57.56 26.35
C VAL D 804 -23.83 57.97 27.70
N ALA D 805 -24.63 57.09 28.30
CA ALA D 805 -25.25 57.37 29.59
C ALA D 805 -24.21 57.58 30.68
N GLY D 806 -23.18 56.75 30.68
CA GLY D 806 -22.12 56.84 31.68
C GLY D 806 -21.48 58.21 31.72
N VAL D 807 -21.47 58.89 30.57
CA VAL D 807 -20.89 60.22 30.46
C VAL D 807 -21.87 61.29 30.95
N PHE D 808 -23.15 60.93 30.97
CA PHE D 808 -24.18 61.84 31.46
C PHE D 808 -24.17 61.92 32.98
N TYR D 809 -23.95 60.78 33.63
CA TYR D 809 -23.90 60.73 35.09
C TYR D 809 -22.70 61.48 35.65
N ILE D 810 -21.57 61.39 34.95
CA ILE D 810 -20.36 62.08 35.37
C ILE D 810 -20.52 63.58 35.16
N LEU D 811 -21.43 63.97 34.26
CA LEU D 811 -21.72 65.37 34.01
C LEU D 811 -22.55 65.95 35.15
N VAL D 812 -23.68 65.32 35.44
CA VAL D 812 -24.55 65.75 36.53
C VAL D 812 -23.79 65.74 37.85
N GLY D 813 -22.88 64.79 37.99
CA GLY D 813 -22.04 64.71 39.17
C GLY D 813 -21.14 65.93 39.28
N GLY D 814 -20.65 66.39 38.14
CA GLY D 814 -19.81 67.58 38.10
C GLY D 814 -20.62 68.84 38.39
N LEU D 815 -21.85 68.86 37.90
CA LEU D 815 -22.75 69.98 38.16
C LEU D 815 -23.08 70.06 39.64
N GLY D 816 -23.34 68.91 40.25
CA GLY D 816 -23.63 68.84 41.66
C GLY D 816 -22.44 69.28 42.51
N LEU D 817 -21.25 68.87 42.09
CA LEU D 817 -20.03 69.25 42.78
C LEU D 817 -19.86 70.77 42.74
N ALA D 818 -20.22 71.37 41.62
CA ALA D 818 -20.13 72.81 41.45
C ALA D 818 -21.17 73.52 42.29
N MET D 819 -22.39 72.98 42.31
CA MET D 819 -23.47 73.52 43.11
C MET D 819 -23.10 73.48 44.59
N MET D 820 -22.16 72.59 44.94
CA MET D 820 -21.68 72.49 46.32
C MET D 820 -20.59 73.50 46.58
N VAL D 821 -19.69 73.65 45.62
CA VAL D 821 -18.59 74.61 45.73
C VAL D 821 -19.14 76.03 45.70
N ALA D 822 -20.26 76.22 45.02
CA ALA D 822 -20.89 77.54 44.95
C ALA D 822 -21.43 77.97 46.30
N LEU D 823 -22.19 77.08 46.93
CA LEU D 823 -22.81 77.36 48.22
C LEU D 823 -21.78 77.76 49.27
N ILE D 824 -20.68 77.01 49.34
CA ILE D 824 -19.65 77.28 50.33
C ILE D 824 -18.98 78.64 50.11
N GLU D 825 -18.80 79.02 48.85
CA GLU D 825 -18.19 80.30 48.51
C GLU D 825 -19.02 81.48 49.04
N PHE D 826 -20.32 81.41 48.84
CA PHE D 826 -21.22 82.46 49.33
C PHE D 826 -21.26 82.49 50.85
N CYS D 827 -20.99 81.34 51.47
CA CYS D 827 -20.97 81.25 52.93
C CYS D 827 -19.76 81.94 53.53
N TYR D 828 -18.58 81.66 52.97
CA TYR D 828 -17.35 82.27 53.45
C TYR D 828 -17.39 83.79 53.29
N LYS D 829 -17.95 84.25 52.17
CA LYS D 829 -18.06 85.67 51.89
C LYS D 829 -19.07 86.34 52.83
#